data_9L2G
#
_entry.id   9L2G
#
_cell.length_a   1.00
_cell.length_b   1.00
_cell.length_c   1.00
_cell.angle_alpha   90.00
_cell.angle_beta   90.00
_cell.angle_gamma   90.00
#
_symmetry.space_group_name_H-M   'P 1'
#
loop_
_entity.id
_entity.type
_entity.pdbx_description
1 polymer 'NAD(+) hydrolase SARM1'
2 non-polymer '[(2~{R},3~{S},4~{R},5~{R})-3,4-bis(oxidanyl)-5-(3-sulfanylpyridin-1-yl)oxolan-2-yl]methyl dihydrogen phosphate'
#
_entity_poly.entity_id   1
_entity_poly.type   'polypeptide(L)'
_entity_poly.pdbx_seq_one_letter_code
;MVLTLLLSAYKLCRFFAMSGPRPGAERLAVPGPDGGGGTGPWWAAGGRGPREVSPGAGTEVQDALERALPELQQALSALK
QAGGARAVGAGLAEVFQLVEEAWLLPAVGREVAQGLCDAIRLDGGLDLLLRLLQAPELETRVQAARLLEQILVAENRDRV
ARIGLGVILNLAKEREPVELARSVAGILEHMFKHSEETCQRLVAAGGLDAVLYWCRRTDPALLRHCALALGNCALHGGQA
VQRRMVEKRAAEWLFPLAFSKEDELLRLHACLAVAVLATNKEVEREVERSGTLALVEPLVASLDPGRFARCLVDASDTSQ
GRGPDDLQRLVPLLDSNRLEAQCIGAFYLCAEAAIKSLQGKTKVFSDIGAIQSLKRLVCYSTNGTKSALAKRALRLLGEE
VPRPILPSVPSWKEAEVQTWLQCIGFSKYCESFREQQVDGDLLLRLTEEELQTDLGMKSGITRKRFFRELTELKTFANYS
TCDRSNLADWLGSLDPRFRQYTYGLVSCGLDRSLLHRVSEQQLLEDCGIHLGVHRARILTAAREMLHSPLPCTGGKPSGD
TPDVFISYRRNSGSQLASLLKVHLQLHGFSVFIDVEKLEAGKFEDKLIQSVMGARNFVLVLSPGALDKCMQDHDCKDWVH
KEIVTALSCGKNIVPIIDGFEWPEPQVLPEDMQAVLTFNGIKWSHEYQEATIEKIIRFLQGRSSRDSSAGSDTSLEGAAP
MGPTYPYDVPDYATRGTSRDYKDHDGDYKDHDIDYKDDDDK
;
_entity_poly.pdbx_strand_id   A,B,C,D,E,F,G,H
#
loop_
_chem_comp.id
_chem_comp.type
_chem_comp.name
_chem_comp.formula
A1EIV non-polymer '[(2~{R},3~{S},4~{R},5~{R})-3,4-bis(oxidanyl)-5-(3-sulfanylpyridin-1-yl)oxolan-2-yl]methyl dihydrogen phosphate' 'C10 H15 N O7 P S 1'
#
# COMPACT_ATOMS: atom_id res chain seq x y z
N VAL A 61 -46.74 61.35 19.42
CA VAL A 61 -45.56 61.36 18.56
C VAL A 61 -45.98 61.42 17.10
N GLN A 62 -47.27 61.15 16.84
CA GLN A 62 -47.79 61.16 15.48
C GLN A 62 -49.07 61.98 15.38
N ASP A 63 -49.20 63.01 16.21
CA ASP A 63 -50.34 63.91 16.10
C ASP A 63 -50.32 64.66 14.77
N ALA A 64 -49.12 64.90 14.24
CA ALA A 64 -48.99 65.50 12.91
C ALA A 64 -49.67 64.62 11.86
N LEU A 65 -49.39 63.32 11.89
CA LEU A 65 -50.11 62.41 11.01
C LEU A 65 -51.60 62.41 11.32
N GLU A 66 -51.95 62.52 12.61
CA GLU A 66 -53.36 62.47 13.01
C GLU A 66 -54.16 63.58 12.35
N ARG A 67 -53.63 64.80 12.32
CA ARG A 67 -54.39 65.87 11.67
C ARG A 67 -53.98 66.09 10.21
N ALA A 68 -53.01 65.32 9.69
CA ALA A 68 -52.64 65.47 8.29
C ALA A 68 -53.33 64.44 7.40
N LEU A 69 -53.65 63.26 7.93
CA LEU A 69 -54.36 62.27 7.14
C LEU A 69 -55.72 62.76 6.65
N PRO A 70 -56.57 63.40 7.47
CA PRO A 70 -57.78 64.00 6.88
C PRO A 70 -57.47 64.99 5.78
N GLU A 71 -56.42 65.80 5.95
CA GLU A 71 -56.03 66.75 4.92
C GLU A 71 -55.69 66.03 3.63
N LEU A 72 -55.00 64.89 3.74
CA LEU A 72 -54.80 64.04 2.57
C LEU A 72 -56.13 63.64 1.95
N GLN A 73 -57.10 63.29 2.80
CA GLN A 73 -58.39 62.84 2.29
C GLN A 73 -59.08 63.92 1.47
N GLN A 74 -59.19 65.14 2.02
CA GLN A 74 -59.85 66.19 1.22
C GLN A 74 -59.01 66.55 0.00
N ALA A 75 -57.68 66.54 0.11
CA ALA A 75 -56.85 66.88 -1.04
C ALA A 75 -57.07 65.91 -2.18
N LEU A 76 -57.04 64.60 -1.89
CA LEU A 76 -57.25 63.61 -2.94
C LEU A 76 -58.69 63.62 -3.46
N SER A 77 -59.67 63.86 -2.57
CA SER A 77 -61.04 63.94 -3.03
C SER A 77 -61.25 65.11 -3.99
N ALA A 78 -60.68 66.27 -3.67
CA ALA A 78 -60.78 67.42 -4.56
C ALA A 78 -60.02 67.18 -5.86
N LEU A 79 -58.85 66.54 -5.77
CA LEU A 79 -58.06 66.27 -6.98
C LEU A 79 -58.80 65.32 -7.92
N LYS A 80 -59.41 64.27 -7.37
CA LYS A 80 -60.18 63.35 -8.19
C LYS A 80 -61.43 64.02 -8.75
N GLN A 81 -62.15 64.78 -7.92
CA GLN A 81 -63.37 65.45 -8.36
C GLN A 81 -63.08 66.52 -9.39
N ALA A 82 -61.88 67.10 -9.37
CA ALA A 82 -61.51 68.12 -10.34
C ALA A 82 -61.51 67.56 -11.74
N GLY A 83 -62.15 68.26 -12.66
CA GLY A 83 -62.19 67.85 -14.05
C GLY A 83 -61.34 68.73 -14.93
N GLY A 84 -61.22 70.01 -14.57
CA GLY A 84 -60.38 70.91 -15.32
C GLY A 84 -58.90 70.63 -15.10
N ALA A 85 -58.10 70.96 -16.11
CA ALA A 85 -56.67 70.73 -16.02
C ALA A 85 -56.04 71.56 -14.91
N ARG A 86 -56.44 72.84 -14.81
CA ARG A 86 -55.86 73.72 -13.79
C ARG A 86 -56.23 73.29 -12.38
N ALA A 87 -57.47 72.85 -12.16
CA ALA A 87 -57.86 72.38 -10.83
C ALA A 87 -57.10 71.13 -10.44
N VAL A 88 -56.93 70.20 -11.38
CA VAL A 88 -56.15 68.99 -11.10
C VAL A 88 -54.70 69.34 -10.80
N GLY A 89 -54.13 70.28 -11.56
CA GLY A 89 -52.78 70.71 -11.27
C GLY A 89 -52.64 71.36 -9.91
N ALA A 90 -53.63 72.18 -9.53
CA ALA A 90 -53.60 72.80 -8.21
C ALA A 90 -53.69 71.76 -7.10
N GLY A 91 -54.56 70.76 -7.26
CA GLY A 91 -54.64 69.70 -6.27
C GLY A 91 -53.34 68.91 -6.16
N LEU A 92 -52.73 68.59 -7.30
CA LEU A 92 -51.45 67.88 -7.29
C LEU A 92 -50.38 68.73 -6.62
N ALA A 93 -50.37 70.03 -6.88
CA ALA A 93 -49.42 70.93 -6.22
C ALA A 93 -49.64 70.95 -4.72
N GLU A 94 -50.90 70.97 -4.28
CA GLU A 94 -51.20 70.95 -2.85
C GLU A 94 -50.67 69.67 -2.21
N VAL A 95 -50.92 68.53 -2.84
CA VAL A 95 -50.44 67.26 -2.30
C VAL A 95 -48.91 67.24 -2.26
N PHE A 96 -48.27 67.73 -3.31
CA PHE A 96 -46.81 67.74 -3.36
C PHE A 96 -46.22 68.64 -2.28
N GLN A 97 -46.83 69.82 -2.07
CA GLN A 97 -46.36 70.71 -1.01
C GLN A 97 -46.55 70.08 0.36
N LEU A 98 -47.69 69.41 0.59
CA LEU A 98 -47.89 68.73 1.86
C LEU A 98 -46.85 67.64 2.08
N VAL A 99 -46.54 66.88 1.02
CA VAL A 99 -45.53 65.84 1.12
C VAL A 99 -44.17 66.45 1.44
N GLU A 100 -43.83 67.56 0.79
CA GLU A 100 -42.56 68.23 1.07
C GLU A 100 -42.49 68.71 2.50
N GLU A 101 -43.57 69.32 3.01
CA GLU A 101 -43.58 69.80 4.39
C GLU A 101 -43.43 68.63 5.36
N ALA A 102 -44.09 67.51 5.08
CA ALA A 102 -43.93 66.33 5.92
C ALA A 102 -42.49 65.82 5.88
N TRP A 103 -41.86 65.84 4.70
CA TRP A 103 -40.47 65.41 4.58
C TRP A 103 -39.54 66.33 5.36
N LEU A 104 -39.84 67.63 5.41
CA LEU A 104 -38.98 68.57 6.12
C LEU A 104 -38.94 68.32 7.62
N LEU A 105 -39.91 67.59 8.17
CA LEU A 105 -39.95 67.31 9.59
C LEU A 105 -38.80 66.40 10.00
N GLY A 109 -40.03 64.30 7.95
CA GLY A 109 -40.48 63.14 8.70
C GLY A 109 -40.57 61.89 7.86
N ARG A 110 -39.68 60.93 8.12
CA ARG A 110 -39.69 59.68 7.37
C ARG A 110 -40.98 58.91 7.61
N GLU A 111 -41.37 58.73 8.87
CA GLU A 111 -42.60 58.02 9.18
C GLU A 111 -43.82 58.78 8.71
N VAL A 112 -43.76 60.12 8.74
CA VAL A 112 -44.89 60.92 8.27
C VAL A 112 -45.10 60.70 6.78
N ALA A 113 -44.02 60.72 6.01
CA ALA A 113 -44.11 60.49 4.57
C ALA A 113 -44.53 59.06 4.27
N GLN A 114 -44.07 58.11 5.10
CA GLN A 114 -44.52 56.72 4.94
C GLN A 114 -46.02 56.61 5.13
N GLY A 115 -46.55 57.26 6.17
CA GLY A 115 -47.99 57.27 6.37
C GLY A 115 -48.74 57.96 5.25
N LEU A 116 -48.14 59.03 4.69
CA LEU A 116 -48.74 59.71 3.55
C LEU A 116 -48.87 58.74 2.37
N CYS A 117 -47.77 58.09 2.00
CA CYS A 117 -47.76 57.23 0.84
C CYS A 117 -48.59 55.98 1.05
N ASP A 118 -48.70 55.49 2.28
CA ASP A 118 -49.58 54.36 2.55
C ASP A 118 -51.03 54.71 2.24
N ALA A 119 -51.48 55.90 2.68
CA ALA A 119 -52.83 56.33 2.37
C ALA A 119 -53.02 56.55 0.88
N ILE A 120 -52.01 57.13 0.21
CA ILE A 120 -52.10 57.35 -1.23
C ILE A 120 -52.25 56.02 -1.96
N ARG A 121 -51.47 55.02 -1.58
CA ARG A 121 -51.55 53.71 -2.22
C ARG A 121 -52.89 53.04 -1.92
N LEU A 122 -53.37 53.12 -0.67
CA LEU A 122 -54.64 52.51 -0.32
C LEU A 122 -55.80 53.12 -1.09
N ASP A 123 -55.79 54.43 -1.26
CA ASP A 123 -56.86 55.11 -1.99
C ASP A 123 -56.67 55.06 -3.50
N GLY A 124 -55.65 54.35 -3.99
CA GLY A 124 -55.43 54.25 -5.42
C GLY A 124 -54.98 55.53 -6.07
N GLY A 125 -54.30 56.42 -5.32
CA GLY A 125 -53.87 57.68 -5.90
C GLY A 125 -52.86 57.51 -7.00
N LEU A 126 -51.98 56.50 -6.89
CA LEU A 126 -50.95 56.31 -7.90
C LEU A 126 -51.54 55.88 -9.23
N ASP A 127 -52.65 55.13 -9.22
CA ASP A 127 -53.34 54.82 -10.47
C ASP A 127 -53.87 56.10 -11.13
N LEU A 128 -54.41 57.01 -10.31
CA LEU A 128 -54.88 58.28 -10.85
C LEU A 128 -53.72 59.10 -11.42
N LEU A 129 -52.58 59.08 -10.75
CA LEU A 129 -51.39 59.73 -11.29
C LEU A 129 -50.96 59.09 -12.60
N LEU A 130 -51.05 57.76 -12.71
CA LEU A 130 -50.69 57.08 -13.94
C LEU A 130 -51.60 57.52 -15.09
N ARG A 131 -52.92 57.55 -14.85
CA ARG A 131 -53.81 57.97 -15.93
C ARG A 131 -53.74 59.47 -16.21
N LEU A 132 -53.23 60.26 -15.26
CA LEU A 132 -52.91 61.65 -15.57
C LEU A 132 -51.63 61.77 -16.40
N LEU A 133 -50.66 60.89 -16.15
CA LEU A 133 -49.52 60.76 -17.05
C LEU A 133 -49.98 60.38 -18.45
N GLN A 134 -51.04 59.57 -18.55
CA GLN A 134 -51.63 59.22 -19.83
C GLN A 134 -52.48 60.36 -20.41
N ALA A 135 -52.81 61.37 -19.63
CA ALA A 135 -53.64 62.46 -20.11
C ALA A 135 -52.89 63.30 -21.14
N PRO A 136 -53.59 63.83 -22.15
CA PRO A 136 -52.91 64.64 -23.17
C PRO A 136 -52.34 65.95 -22.63
N GLU A 137 -52.92 66.50 -21.56
CA GLU A 137 -52.46 67.79 -21.05
C GLU A 137 -51.05 67.67 -20.48
N LEU A 138 -50.17 68.57 -20.89
CA LEU A 138 -48.77 68.50 -20.47
C LEU A 138 -48.60 68.94 -19.03
N GLU A 139 -49.27 70.02 -18.62
CA GLU A 139 -49.05 70.55 -17.26
C GLU A 139 -49.62 69.60 -16.21
N THR A 140 -50.77 68.99 -16.49
CA THR A 140 -51.27 67.95 -15.58
C THR A 140 -50.22 66.85 -15.41
N ARG A 141 -49.56 66.49 -16.51
CA ARG A 141 -48.49 65.50 -16.44
C ARG A 141 -47.34 65.99 -15.58
N VAL A 142 -46.99 67.28 -15.67
CA VAL A 142 -45.83 67.75 -14.90
C VAL A 142 -46.14 67.75 -13.42
N GLN A 143 -47.36 68.16 -13.02
CA GLN A 143 -47.69 68.09 -11.60
C GLN A 143 -47.81 66.65 -11.12
N ALA A 144 -48.38 65.77 -11.94
CA ALA A 144 -48.50 64.37 -11.55
C ALA A 144 -47.11 63.75 -11.37
N ALA A 145 -46.18 64.05 -12.26
CA ALA A 145 -44.83 63.51 -12.12
C ALA A 145 -44.08 64.16 -10.97
N ARG A 146 -44.37 65.43 -10.66
CA ARG A 146 -43.80 66.05 -9.47
C ARG A 146 -44.22 65.31 -8.21
N LEU A 147 -45.50 64.93 -8.14
CA LEU A 147 -45.95 64.09 -7.04
C LEU A 147 -45.29 62.72 -7.08
N LEU A 148 -45.14 62.16 -8.30
CA LEU A 148 -44.63 60.80 -8.46
C LEU A 148 -43.20 60.68 -7.95
N GLU A 149 -42.36 61.69 -8.23
CA GLU A 149 -40.98 61.63 -7.75
C GLU A 149 -40.89 61.47 -6.24
N GLN A 150 -41.82 62.08 -5.50
CA GLN A 150 -41.75 62.11 -4.05
C GLN A 150 -42.66 61.08 -3.38
N ILE A 151 -43.50 60.38 -4.14
CA ILE A 151 -44.32 59.33 -3.56
C ILE A 151 -43.83 57.93 -3.90
N LEU A 152 -42.61 57.79 -4.45
CA LEU A 152 -42.10 56.49 -4.86
C LEU A 152 -41.33 55.84 -3.69
N VAL A 153 -42.10 55.48 -2.66
CA VAL A 153 -41.58 54.72 -1.53
C VAL A 153 -41.57 53.24 -1.90
N ALA A 154 -40.95 52.42 -1.05
CA ALA A 154 -40.72 51.01 -1.39
C ALA A 154 -42.01 50.29 -1.78
N GLU A 155 -43.08 50.46 -0.99
CA GLU A 155 -44.34 49.81 -1.31
C GLU A 155 -44.94 50.39 -2.59
N ASN A 156 -44.95 51.72 -2.72
CA ASN A 156 -45.40 52.33 -3.96
C ASN A 156 -44.48 51.95 -5.12
N ARG A 157 -43.19 51.74 -4.84
CA ARG A 157 -42.29 51.27 -5.88
C ARG A 157 -42.67 49.88 -6.35
N ASP A 158 -43.05 49.00 -5.43
CA ASP A 158 -43.54 47.67 -5.80
C ASP A 158 -44.81 47.78 -6.63
N ARG A 159 -45.71 48.67 -6.23
CA ARG A 159 -46.95 48.84 -6.98
C ARG A 159 -46.69 49.34 -8.40
N VAL A 160 -45.79 50.31 -8.55
CA VAL A 160 -45.44 50.80 -9.87
C VAL A 160 -44.75 49.72 -10.69
N ALA A 161 -43.91 48.90 -10.05
CA ALA A 161 -43.28 47.80 -10.75
C ALA A 161 -44.32 46.81 -11.26
N ARG A 162 -45.32 46.49 -10.44
CA ARG A 162 -46.27 45.45 -10.84
C ARG A 162 -47.26 45.95 -11.89
N ILE A 163 -47.79 47.18 -11.75
CA ILE A 163 -48.83 47.61 -12.68
C ILE A 163 -48.50 48.93 -13.36
N GLY A 164 -47.72 49.79 -12.68
CA GLY A 164 -47.47 51.11 -13.20
C GLY A 164 -46.40 51.18 -14.27
N LEU A 165 -45.61 50.12 -14.43
CA LEU A 165 -44.55 50.13 -15.44
C LEU A 165 -45.15 50.12 -16.84
N GLY A 166 -44.37 50.63 -17.80
CA GLY A 166 -44.83 50.76 -19.16
C GLY A 166 -45.32 52.17 -19.46
N VAL A 167 -46.02 52.77 -18.50
CA VAL A 167 -46.44 54.16 -18.64
C VAL A 167 -45.22 55.09 -18.57
N ILE A 168 -44.25 54.76 -17.73
CA ILE A 168 -43.06 55.60 -17.59
C ILE A 168 -42.24 55.58 -18.87
N LEU A 169 -42.28 54.49 -19.63
CA LEU A 169 -41.57 54.44 -20.91
C LEU A 169 -42.14 55.46 -21.88
N ASN A 170 -43.45 55.69 -21.85
CA ASN A 170 -44.04 56.71 -22.70
C ASN A 170 -43.50 58.09 -22.36
N LEU A 171 -43.30 58.37 -21.06
CA LEU A 171 -42.64 59.61 -20.67
C LEU A 171 -41.20 59.64 -21.16
N ALA A 172 -40.49 58.51 -21.06
CA ALA A 172 -39.12 58.44 -21.54
C ALA A 172 -39.04 58.71 -23.04
N LYS A 173 -40.12 58.44 -23.77
CA LYS A 173 -40.17 58.82 -25.17
C LYS A 173 -40.11 60.34 -25.32
N GLU A 174 -40.80 61.07 -24.45
CA GLU A 174 -40.68 62.52 -24.43
C GLU A 174 -39.29 62.91 -23.94
N ARG A 175 -38.68 63.89 -24.62
CA ARG A 175 -37.29 64.24 -24.34
C ARG A 175 -37.09 65.73 -24.18
N GLU A 176 -37.98 66.53 -24.80
CA GLU A 176 -37.70 67.97 -24.92
C GLU A 176 -37.89 68.73 -23.61
N PRO A 177 -39.04 68.68 -22.94
CA PRO A 177 -39.24 69.54 -21.76
C PRO A 177 -38.24 69.22 -20.66
N VAL A 178 -37.76 70.28 -20.00
CA VAL A 178 -36.82 70.11 -18.89
C VAL A 178 -37.52 69.54 -17.68
N GLU A 179 -38.74 70.02 -17.39
CA GLU A 179 -39.48 69.54 -16.22
C GLU A 179 -39.79 68.05 -16.35
N LEU A 180 -40.25 67.63 -17.53
CA LEU A 180 -40.48 66.20 -17.76
C LEU A 180 -39.18 65.41 -17.62
N ALA A 181 -38.09 65.95 -18.15
CA ALA A 181 -36.80 65.28 -18.04
C ALA A 181 -36.44 65.03 -16.57
N ARG A 182 -36.52 66.07 -15.75
CA ARG A 182 -36.19 65.94 -14.34
C ARG A 182 -37.11 64.95 -13.64
N SER A 183 -38.42 65.06 -13.90
CA SER A 183 -39.38 64.21 -13.20
C SER A 183 -39.19 62.74 -13.56
N VAL A 184 -39.08 62.44 -14.85
CA VAL A 184 -38.90 61.06 -15.27
C VAL A 184 -37.54 60.54 -14.86
N ALA A 185 -36.52 61.41 -14.79
CA ALA A 185 -35.23 60.97 -14.26
C ALA A 185 -35.34 60.54 -12.81
N GLY A 186 -36.05 61.31 -11.99
CA GLY A 186 -36.25 60.90 -10.61
C GLY A 186 -37.05 59.61 -10.50
N ILE A 187 -38.11 59.49 -11.29
CA ILE A 187 -38.94 58.29 -11.27
C ILE A 187 -38.12 57.07 -11.69
N LEU A 188 -37.30 57.21 -12.73
CA LEU A 188 -36.44 56.12 -13.17
C LEU A 188 -35.41 55.77 -12.11
N GLU A 189 -34.89 56.77 -11.41
CA GLU A 189 -33.98 56.50 -10.29
C GLU A 189 -34.64 55.61 -9.26
N HIS A 190 -35.83 56.00 -8.81
CA HIS A 190 -36.51 55.22 -7.79
C HIS A 190 -36.85 53.81 -8.31
N MET A 191 -37.28 53.71 -9.57
CA MET A 191 -37.60 52.41 -10.14
C MET A 191 -36.36 51.52 -10.24
N PHE A 192 -35.22 52.12 -10.57
CA PHE A 192 -33.97 51.36 -10.60
C PHE A 192 -33.54 50.93 -9.21
N LYS A 193 -33.96 51.66 -8.18
CA LYS A 193 -33.69 51.23 -6.81
C LYS A 193 -34.60 50.11 -6.35
N HIS A 194 -35.54 49.66 -7.19
CA HIS A 194 -36.55 48.70 -6.75
C HIS A 194 -36.01 47.27 -6.73
N SER A 195 -35.66 46.73 -7.89
CA SER A 195 -35.26 45.32 -7.98
C SER A 195 -34.55 45.08 -9.30
N GLU A 196 -33.95 43.89 -9.41
CA GLU A 196 -33.17 43.55 -10.59
C GLU A 196 -34.04 43.38 -11.83
N GLU A 197 -35.22 42.76 -11.67
CA GLU A 197 -36.08 42.52 -12.82
C GLU A 197 -36.55 43.84 -13.43
N THR A 198 -36.93 44.81 -12.60
CA THR A 198 -37.34 46.10 -13.11
C THR A 198 -36.19 46.82 -13.80
N CYS A 199 -34.98 46.69 -13.24
CA CYS A 199 -33.82 47.28 -13.90
C CYS A 199 -33.58 46.67 -15.27
N GLN A 200 -33.69 45.34 -15.37
CA GLN A 200 -33.51 44.69 -16.67
C GLN A 200 -34.58 45.11 -17.65
N ARG A 201 -35.84 45.21 -17.20
CA ARG A 201 -36.91 45.64 -18.09
C ARG A 201 -36.71 47.07 -18.57
N LEU A 202 -36.28 47.97 -17.67
CA LEU A 202 -36.04 49.35 -18.07
C LEU A 202 -34.86 49.45 -19.03
N VAL A 203 -33.81 48.66 -18.79
CA VAL A 203 -32.67 48.65 -19.71
C VAL A 203 -33.11 48.15 -21.08
N ALA A 204 -33.93 47.11 -21.12
CA ALA A 204 -34.47 46.63 -22.40
C ALA A 204 -35.31 47.72 -23.08
N ALA A 205 -35.97 48.56 -22.30
CA ALA A 205 -36.72 49.69 -22.86
C ALA A 205 -35.76 50.86 -23.08
N GLY A 206 -36.32 52.04 -23.32
CA GLY A 206 -35.54 53.24 -23.57
C GLY A 206 -35.19 54.05 -22.34
N GLY A 207 -35.34 53.49 -21.14
CA GLY A 207 -35.04 54.24 -19.93
C GLY A 207 -33.57 54.63 -19.84
N LEU A 208 -32.67 53.69 -20.15
CA LEU A 208 -31.24 54.00 -20.11
C LEU A 208 -30.87 55.04 -21.17
N ASP A 209 -31.45 54.92 -22.36
CA ASP A 209 -31.22 55.92 -23.41
C ASP A 209 -31.73 57.28 -22.98
N ALA A 210 -32.88 57.33 -22.32
CA ALA A 210 -33.40 58.59 -21.80
C ALA A 210 -32.46 59.17 -20.76
N VAL A 211 -31.91 58.32 -19.88
CA VAL A 211 -30.96 58.80 -18.88
C VAL A 211 -29.72 59.38 -19.55
N LEU A 212 -29.21 58.71 -20.58
CA LEU A 212 -28.05 59.22 -21.31
C LEU A 212 -28.36 60.56 -21.97
N TYR A 213 -29.53 60.67 -22.60
CA TYR A 213 -29.90 61.92 -23.26
C TYR A 213 -30.01 63.06 -22.24
N TRP A 214 -30.60 62.77 -21.08
CA TRP A 214 -30.69 63.80 -20.05
C TRP A 214 -29.32 64.12 -19.46
N CYS A 215 -28.40 63.16 -19.48
CA CYS A 215 -27.02 63.45 -19.12
C CYS A 215 -26.37 64.38 -20.14
N ARG A 216 -26.77 64.28 -21.41
CA ARG A 216 -26.32 65.23 -22.41
C ARG A 216 -26.78 66.65 -22.09
N ARG A 217 -27.87 66.79 -21.33
CA ARG A 217 -28.41 68.10 -21.00
C ARG A 217 -27.56 68.80 -19.96
N THR A 218 -28.07 69.93 -19.47
CA THR A 218 -27.29 70.85 -18.65
C THR A 218 -27.92 71.13 -17.28
N ASP A 219 -29.21 70.85 -17.11
CA ASP A 219 -29.90 71.24 -15.88
C ASP A 219 -29.25 70.58 -14.67
N PRO A 220 -29.00 71.33 -13.59
CA PRO A 220 -28.33 70.73 -12.42
C PRO A 220 -29.13 69.62 -11.76
N ALA A 221 -30.40 69.88 -11.43
CA ALA A 221 -31.21 68.86 -10.76
C ALA A 221 -31.40 67.64 -11.65
N LEU A 222 -31.60 67.85 -12.95
CA LEU A 222 -31.74 66.72 -13.86
C LEU A 222 -30.48 65.87 -13.87
N LEU A 223 -29.31 66.50 -13.91
CA LEU A 223 -28.06 65.75 -13.89
C LEU A 223 -27.88 65.01 -12.58
N ARG A 224 -28.28 65.62 -11.46
CA ARG A 224 -28.18 64.96 -10.17
C ARG A 224 -29.06 63.71 -10.13
N HIS A 225 -30.31 63.83 -10.57
CA HIS A 225 -31.19 62.67 -10.60
C HIS A 225 -30.69 61.60 -11.55
N CYS A 226 -30.12 62.00 -12.70
CA CYS A 226 -29.59 61.01 -13.63
C CYS A 226 -28.39 60.27 -13.04
N ALA A 227 -27.50 61.00 -12.35
CA ALA A 227 -26.35 60.36 -11.71
C ALA A 227 -26.81 59.38 -10.64
N LEU A 228 -27.77 59.80 -9.81
CA LEU A 228 -28.25 58.90 -8.77
C LEU A 228 -28.99 57.71 -9.37
N ALA A 229 -29.69 57.90 -10.49
CA ALA A 229 -30.34 56.79 -11.17
C ALA A 229 -29.33 55.79 -11.69
N LEU A 230 -28.25 56.27 -12.31
CA LEU A 230 -27.22 55.37 -12.80
C LEU A 230 -26.55 54.62 -11.65
N GLY A 231 -26.29 55.32 -10.55
CA GLY A 231 -25.72 54.64 -9.39
C GLY A 231 -26.63 53.56 -8.84
N ASN A 232 -27.92 53.88 -8.71
CA ASN A 232 -28.88 52.92 -8.18
C ASN A 232 -29.02 51.71 -9.09
N CYS A 233 -29.07 51.93 -10.41
CA CYS A 233 -29.22 50.82 -11.33
C CYS A 233 -27.96 49.97 -11.38
N ALA A 234 -26.79 50.59 -11.27
CA ALA A 234 -25.55 49.82 -11.20
C ALA A 234 -25.51 48.98 -9.93
N LEU A 235 -26.00 49.53 -8.81
CA LEU A 235 -25.97 48.80 -7.55
C LEU A 235 -26.96 47.64 -7.56
N HIS A 236 -28.16 47.85 -8.13
CA HIS A 236 -29.24 46.88 -8.02
C HIS A 236 -29.56 46.17 -9.34
N GLY A 237 -28.65 46.20 -10.31
CA GLY A 237 -28.93 45.60 -11.60
C GLY A 237 -28.48 44.17 -11.77
N GLY A 238 -27.21 43.90 -11.49
CA GLY A 238 -26.63 42.59 -11.72
C GLY A 238 -25.64 42.63 -12.88
N GLN A 239 -25.15 41.43 -13.22
CA GLN A 239 -24.14 41.31 -14.26
C GLN A 239 -24.68 41.78 -15.61
N ALA A 240 -25.87 41.31 -15.99
CA ALA A 240 -26.41 41.63 -17.31
C ALA A 240 -26.69 43.12 -17.44
N VAL A 241 -27.23 43.74 -16.38
CA VAL A 241 -27.55 45.16 -16.44
C VAL A 241 -26.28 45.99 -16.64
N GLN A 242 -25.23 45.66 -15.89
CA GLN A 242 -23.96 46.39 -16.03
C GLN A 242 -23.35 46.16 -17.41
N ARG A 243 -23.42 44.93 -17.92
CA ARG A 243 -22.90 44.66 -19.26
C ARG A 243 -23.65 45.49 -20.31
N ARG A 244 -24.97 45.55 -20.20
CA ARG A 244 -25.76 46.34 -21.15
C ARG A 244 -25.45 47.83 -21.01
N MET A 245 -25.23 48.29 -19.77
CA MET A 245 -24.86 49.69 -19.56
C MET A 245 -23.55 50.02 -20.27
N VAL A 246 -22.53 49.18 -20.08
CA VAL A 246 -21.24 49.46 -20.71
C VAL A 246 -21.34 49.35 -22.22
N GLU A 247 -22.14 48.39 -22.72
CA GLU A 247 -22.37 48.30 -24.15
C GLU A 247 -23.00 49.57 -24.70
N LYS A 248 -23.74 50.29 -23.87
CA LYS A 248 -24.31 51.58 -24.24
C LYS A 248 -23.42 52.74 -23.81
N ARG A 249 -22.18 52.47 -23.39
CA ARG A 249 -21.20 53.48 -23.01
C ARG A 249 -21.70 54.32 -21.83
N ALA A 250 -21.95 53.62 -20.72
CA ALA A 250 -22.44 54.30 -19.52
C ALA A 250 -21.37 55.16 -18.88
N ALA A 251 -20.12 54.68 -18.82
CA ALA A 251 -19.06 55.43 -18.16
C ALA A 251 -18.73 56.71 -18.91
N GLU A 252 -18.75 56.66 -20.24
CA GLU A 252 -18.45 57.85 -21.02
C GLU A 252 -19.47 58.95 -20.75
N TRP A 253 -20.75 58.61 -20.67
CA TRP A 253 -21.76 59.61 -20.32
C TRP A 253 -21.75 59.94 -18.85
N LEU A 254 -21.17 59.10 -18.00
CA LEU A 254 -21.00 59.44 -16.60
C LEU A 254 -19.88 60.46 -16.42
N PHE A 255 -18.92 60.47 -17.33
CA PHE A 255 -17.76 61.38 -17.21
C PHE A 255 -18.15 62.84 -17.09
N PRO A 256 -19.00 63.42 -17.95
CA PRO A 256 -19.31 64.86 -17.79
C PRO A 256 -19.95 65.20 -16.46
N LEU A 257 -20.75 64.29 -15.91
CA LEU A 257 -21.39 64.55 -14.62
C LEU A 257 -20.37 64.68 -13.51
N ALA A 258 -19.32 63.84 -13.54
CA ALA A 258 -18.26 63.95 -12.55
C ALA A 258 -17.34 65.14 -12.84
N PHE A 259 -17.19 65.50 -14.12
CA PHE A 259 -16.27 66.58 -14.48
C PHE A 259 -16.84 67.96 -14.18
N SER A 260 -18.17 68.07 -14.09
CA SER A 260 -18.80 69.38 -13.91
C SER A 260 -18.47 69.96 -12.55
N LYS A 261 -17.78 71.11 -12.54
CA LYS A 261 -17.38 71.76 -11.30
C LYS A 261 -18.50 72.54 -10.63
N GLU A 262 -19.66 72.64 -11.26
CA GLU A 262 -20.73 73.47 -10.73
C GLU A 262 -21.25 72.92 -9.39
N ASP A 263 -21.50 71.62 -9.32
CA ASP A 263 -22.06 71.00 -8.13
C ASP A 263 -21.17 69.85 -7.69
N GLU A 264 -20.89 69.79 -6.38
CA GLU A 264 -20.05 68.72 -5.83
C GLU A 264 -20.81 67.41 -5.72
N LEU A 265 -22.10 67.48 -5.37
CA LEU A 265 -22.89 66.26 -5.20
C LEU A 265 -23.05 65.51 -6.52
N LEU A 266 -23.16 66.23 -7.64
CA LEU A 266 -23.27 65.56 -8.93
C LEU A 266 -22.01 64.76 -9.23
N ARG A 267 -20.83 65.35 -9.01
CA ARG A 267 -19.59 64.62 -9.21
C ARG A 267 -19.48 63.45 -8.25
N LEU A 268 -19.92 63.64 -7.00
CA LEU A 268 -19.84 62.58 -6.01
C LEU A 268 -20.69 61.38 -6.42
N HIS A 269 -21.91 61.65 -6.90
CA HIS A 269 -22.79 60.56 -7.35
C HIS A 269 -22.24 59.90 -8.61
N ALA A 270 -21.71 60.69 -9.54
CA ALA A 270 -21.14 60.10 -10.76
C ALA A 270 -19.95 59.22 -10.43
N CYS A 271 -19.09 59.66 -9.50
CA CYS A 271 -17.96 58.85 -9.09
C CYS A 271 -18.41 57.59 -8.35
N LEU A 272 -19.48 57.68 -7.57
CA LEU A 272 -20.02 56.47 -6.95
C LEU A 272 -20.48 55.48 -8.00
N ALA A 273 -21.17 55.97 -9.03
CA ALA A 273 -21.63 55.08 -10.11
C ALA A 273 -20.44 54.47 -10.85
N VAL A 274 -19.42 55.26 -11.12
CA VAL A 274 -18.24 54.74 -11.81
C VAL A 274 -17.54 53.69 -10.96
N ALA A 275 -17.43 53.93 -9.65
CA ALA A 275 -16.80 52.96 -8.76
C ALA A 275 -17.61 51.66 -8.70
N VAL A 276 -18.94 51.76 -8.66
CA VAL A 276 -19.78 50.57 -8.64
C VAL A 276 -19.61 49.79 -9.93
N LEU A 277 -19.53 50.49 -11.07
CA LEU A 277 -19.24 49.81 -12.33
C LEU A 277 -17.88 49.15 -12.30
N ALA A 278 -16.89 49.81 -11.68
CA ALA A 278 -15.54 49.26 -11.63
C ALA A 278 -15.45 48.04 -10.73
N THR A 279 -16.31 47.95 -9.71
CA THR A 279 -16.33 46.75 -8.87
C THR A 279 -16.63 45.51 -9.70
N ASN A 280 -17.44 45.64 -10.75
CA ASN A 280 -17.59 44.60 -11.75
C ASN A 280 -16.31 44.53 -12.56
N LYS A 281 -15.43 43.59 -12.21
CA LYS A 281 -14.09 43.59 -12.76
C LYS A 281 -13.96 42.85 -14.08
N GLU A 282 -15.07 42.32 -14.61
CA GLU A 282 -15.02 41.72 -15.94
C GLU A 282 -15.11 42.77 -17.04
N VAL A 283 -15.39 44.02 -16.68
CA VAL A 283 -15.51 45.12 -17.64
C VAL A 283 -14.63 46.30 -17.24
N GLU A 284 -13.74 46.11 -16.26
CA GLU A 284 -12.82 47.16 -15.86
C GLU A 284 -11.98 47.65 -17.02
N ARG A 285 -11.70 46.79 -18.00
CA ARG A 285 -10.91 47.21 -19.16
C ARG A 285 -11.62 48.32 -19.92
N GLU A 286 -12.90 48.11 -20.26
CA GLU A 286 -13.65 49.16 -20.96
C GLU A 286 -13.91 50.35 -20.06
N VAL A 287 -14.10 50.13 -18.76
CA VAL A 287 -14.30 51.25 -17.85
C VAL A 287 -13.07 52.16 -17.85
N GLU A 288 -11.87 51.57 -17.83
CA GLU A 288 -10.64 52.34 -17.94
C GLU A 288 -10.52 52.99 -19.32
N ARG A 289 -10.92 52.27 -20.37
CA ARG A 289 -10.92 52.88 -21.71
C ARG A 289 -11.77 54.14 -21.75
N SER A 290 -12.84 54.17 -20.97
CA SER A 290 -13.62 55.40 -20.85
C SER A 290 -12.80 56.51 -20.20
N GLY A 291 -11.99 56.18 -19.20
CA GLY A 291 -11.13 57.15 -18.57
C GLY A 291 -11.76 57.96 -17.46
N THR A 292 -13.02 57.68 -17.11
CA THR A 292 -13.69 58.44 -16.05
C THR A 292 -13.21 58.05 -14.66
N LEU A 293 -12.52 56.92 -14.52
CA LEU A 293 -12.01 56.51 -13.22
C LEU A 293 -10.92 57.42 -12.69
N ALA A 294 -10.26 58.18 -13.57
CA ALA A 294 -9.12 58.99 -13.15
C ALA A 294 -9.53 60.08 -12.16
N LEU A 295 -10.68 60.73 -12.42
CA LEU A 295 -11.10 61.85 -11.60
C LEU A 295 -11.61 61.45 -10.21
N VAL A 296 -11.77 60.15 -9.96
CA VAL A 296 -12.36 59.71 -8.69
C VAL A 296 -11.47 60.09 -7.52
N GLU A 297 -10.17 59.76 -7.61
CA GLU A 297 -9.28 60.02 -6.48
C GLU A 297 -9.10 61.51 -6.20
N PRO A 298 -8.80 62.38 -7.19
CA PRO A 298 -8.68 63.81 -6.86
C PRO A 298 -9.94 64.42 -6.28
N LEU A 299 -11.12 64.02 -6.78
CA LEU A 299 -12.36 64.54 -6.24
C LEU A 299 -12.57 64.10 -4.80
N VAL A 300 -12.28 62.84 -4.50
CA VAL A 300 -12.40 62.35 -3.13
C VAL A 300 -11.44 63.09 -2.21
N ALA A 301 -10.21 63.33 -2.68
CA ALA A 301 -9.25 64.08 -1.88
C ALA A 301 -9.72 65.50 -1.63
N SER A 302 -10.29 66.15 -2.65
CA SER A 302 -10.71 67.54 -2.50
C SER A 302 -11.93 67.68 -1.60
N LEU A 303 -12.92 66.82 -1.77
CA LEU A 303 -14.16 66.94 -1.01
C LEU A 303 -13.94 66.57 0.45
N ASP A 304 -14.82 67.09 1.30
CA ASP A 304 -14.78 66.85 2.74
C ASP A 304 -16.02 66.08 3.17
N PRO A 305 -15.87 64.99 3.94
CA PRO A 305 -17.04 64.23 4.36
C PRO A 305 -18.03 65.03 5.20
N GLY A 306 -17.54 65.96 6.02
CA GLY A 306 -18.40 66.64 6.96
C GLY A 306 -19.48 67.49 6.30
N ARG A 307 -19.12 68.20 5.23
CA ARG A 307 -20.07 69.10 4.58
C ARG A 307 -21.26 68.33 4.03
N PHE A 308 -20.99 67.25 3.29
CA PHE A 308 -22.08 66.47 2.70
C PHE A 308 -22.79 65.62 3.75
N ALA A 309 -22.10 65.23 4.81
CA ALA A 309 -22.77 64.53 5.91
C ALA A 309 -23.78 65.45 6.59
N ARG A 310 -23.42 66.72 6.80
CA ARG A 310 -24.35 67.67 7.40
C ARG A 310 -25.47 68.03 6.45
N CYS A 311 -25.17 68.14 5.17
CA CYS A 311 -26.17 68.51 4.16
C CYS A 311 -27.14 67.36 3.89
N PRO A 324 -29.79 50.66 5.73
CA PRO A 324 -28.92 49.50 6.00
C PRO A 324 -28.54 48.73 4.74
N ASP A 325 -29.49 48.58 3.81
CA ASP A 325 -29.19 47.91 2.55
C ASP A 325 -28.17 48.69 1.74
N ASP A 326 -28.26 50.03 1.77
CA ASP A 326 -27.27 50.84 1.08
C ASP A 326 -25.87 50.61 1.63
N LEU A 327 -25.74 50.52 2.95
CA LEU A 327 -24.45 50.23 3.55
C LEU A 327 -23.97 48.83 3.18
N GLN A 328 -24.89 47.86 3.16
CA GLN A 328 -24.52 46.50 2.78
C GLN A 328 -24.08 46.43 1.33
N ARG A 329 -24.55 47.34 0.48
CA ARG A 329 -24.09 47.39 -0.90
C ARG A 329 -22.82 48.19 -1.05
N LEU A 330 -22.58 49.16 -0.15
CA LEU A 330 -21.35 49.93 -0.18
C LEU A 330 -20.16 49.13 0.35
N VAL A 331 -20.42 48.17 1.24
CA VAL A 331 -19.32 47.36 1.79
C VAL A 331 -18.50 46.67 0.70
N PRO A 332 -19.09 46.08 -0.35
CA PRO A 332 -18.25 45.52 -1.43
C PRO A 332 -17.29 46.53 -2.04
N LEU A 333 -17.67 47.81 -2.11
CA LEU A 333 -16.74 48.83 -2.58
C LEU A 333 -15.53 48.93 -1.67
N LEU A 334 -15.75 48.80 -0.36
CA LEU A 334 -14.62 48.76 0.58
C LEU A 334 -13.73 47.57 0.31
N ASP A 335 -14.32 46.40 0.06
CA ASP A 335 -13.57 45.18 -0.22
C ASP A 335 -13.36 44.95 -1.71
N SER A 336 -13.44 46.01 -2.53
CA SER A 336 -13.34 45.85 -3.97
C SER A 336 -11.90 45.67 -4.45
N ASN A 337 -10.91 46.01 -3.62
CA ASN A 337 -9.50 45.98 -3.96
C ASN A 337 -9.15 46.88 -5.15
N ARG A 338 -10.05 47.80 -5.51
CA ARG A 338 -9.78 48.80 -6.54
C ARG A 338 -9.72 50.16 -5.87
N LEU A 339 -8.63 50.91 -6.13
CA LEU A 339 -8.33 52.10 -5.34
C LEU A 339 -9.46 53.12 -5.40
N GLU A 340 -9.99 53.37 -6.60
CA GLU A 340 -11.09 54.32 -6.73
C GLU A 340 -12.33 53.84 -6.00
N ALA A 341 -12.67 52.54 -6.16
CA ALA A 341 -13.83 51.99 -5.48
C ALA A 341 -13.64 52.00 -3.97
N GLN A 342 -12.43 51.66 -3.50
CA GLN A 342 -12.17 51.69 -2.07
C GLN A 342 -12.28 53.10 -1.51
N CYS A 343 -11.77 54.09 -2.24
CA CYS A 343 -11.88 55.47 -1.78
C CYS A 343 -13.34 55.93 -1.73
N ILE A 344 -14.12 55.60 -2.76
CA ILE A 344 -15.53 55.99 -2.76
C ILE A 344 -16.27 55.33 -1.61
N GLY A 345 -16.04 54.03 -1.39
CA GLY A 345 -16.67 53.34 -0.29
C GLY A 345 -16.27 53.92 1.06
N ALA A 346 -14.99 54.25 1.22
CA ALA A 346 -14.54 54.84 2.47
C ALA A 346 -15.19 56.20 2.71
N PHE A 347 -15.30 57.03 1.67
CA PHE A 347 -15.94 58.33 1.81
C PHE A 347 -17.40 58.17 2.22
N TYR A 348 -18.13 57.30 1.50
CA TYR A 348 -19.53 57.08 1.82
C TYR A 348 -19.72 56.53 3.22
N LEU A 349 -18.89 55.57 3.62
CA LEU A 349 -19.03 54.98 4.95
C LEU A 349 -18.66 55.97 6.04
N CYS A 350 -17.67 56.83 5.80
CA CYS A 350 -17.34 57.86 6.78
C CYS A 350 -18.49 58.84 6.95
N ALA A 351 -19.10 59.27 5.84
CA ALA A 351 -20.24 60.17 5.94
C ALA A 351 -21.40 59.51 6.68
N GLU A 352 -21.69 58.25 6.36
CA GLU A 352 -22.78 57.54 7.02
C GLU A 352 -22.48 57.31 8.49
N ALA A 353 -21.22 57.02 8.83
CA ALA A 353 -20.84 56.84 10.22
C ALA A 353 -21.00 58.14 11.00
N ALA A 354 -20.62 59.27 10.40
CA ALA A 354 -20.84 60.56 11.05
C ALA A 354 -22.32 60.81 11.28
N ILE A 355 -23.15 60.51 10.27
CA ILE A 355 -24.59 60.73 10.41
C ILE A 355 -25.16 59.84 11.51
N LYS A 356 -24.75 58.58 11.54
CA LYS A 356 -25.26 57.66 12.55
C LYS A 356 -24.80 58.05 13.95
N SER A 357 -23.53 58.43 14.10
CA SER A 357 -23.01 58.85 15.39
C SER A 357 -23.63 60.17 15.85
N LEU A 358 -24.14 60.98 14.92
CA LEU A 358 -24.92 62.13 15.32
C LEU A 358 -26.15 61.69 16.12
N GLN A 359 -26.71 60.53 15.79
CA GLN A 359 -27.76 59.91 16.57
C GLN A 359 -27.14 58.87 17.50
N GLY A 360 -27.98 58.06 18.14
CA GLY A 360 -27.50 57.04 19.05
C GLY A 360 -27.31 55.68 18.42
N LYS A 361 -27.85 55.49 17.22
CA LYS A 361 -27.81 54.20 16.53
C LYS A 361 -26.51 54.09 15.75
N THR A 362 -25.59 53.24 16.21
CA THR A 362 -24.32 53.03 15.53
C THR A 362 -23.98 51.54 15.38
N LYS A 363 -24.91 50.65 15.71
CA LYS A 363 -24.65 49.21 15.64
C LYS A 363 -24.83 48.63 14.25
N VAL A 364 -25.29 49.41 13.29
CA VAL A 364 -25.52 48.90 11.94
C VAL A 364 -24.21 48.43 11.31
N PHE A 365 -23.15 49.25 11.45
CA PHE A 365 -21.86 48.89 10.87
C PHE A 365 -21.30 47.62 11.51
N SER A 366 -21.45 47.50 12.83
CA SER A 366 -21.01 46.28 13.52
C SER A 366 -21.79 45.07 13.04
N ASP A 367 -23.10 45.22 12.85
CA ASP A 367 -23.92 44.11 12.39
C ASP A 367 -23.52 43.69 10.97
N ILE A 368 -23.29 44.65 10.09
CA ILE A 368 -22.86 44.32 8.73
C ILE A 368 -21.44 43.75 8.73
N GLY A 369 -20.57 44.29 9.59
CA GLY A 369 -19.18 43.86 9.61
C GLY A 369 -18.23 44.79 8.89
N ALA A 370 -18.65 46.03 8.60
CA ALA A 370 -17.78 46.97 7.92
C ALA A 370 -16.63 47.43 8.79
N ILE A 371 -16.70 47.23 10.11
CA ILE A 371 -15.61 47.62 10.99
C ILE A 371 -14.36 46.80 10.68
N GLN A 372 -14.54 45.49 10.48
CA GLN A 372 -13.41 44.64 10.12
C GLN A 372 -12.83 45.05 8.77
N SER A 373 -13.69 45.39 7.82
CA SER A 373 -13.21 45.85 6.52
C SER A 373 -12.42 47.15 6.64
N LEU A 374 -12.89 48.07 7.49
CA LEU A 374 -12.16 49.31 7.70
C LEU A 374 -10.80 49.06 8.35
N LYS A 375 -10.76 48.15 9.33
CA LYS A 375 -9.49 47.83 9.98
C LYS A 375 -8.50 47.21 8.99
N ARG A 376 -8.98 46.29 8.15
CA ARG A 376 -8.13 45.70 7.14
C ARG A 376 -7.67 46.75 6.13
N LEU A 377 -8.54 47.70 5.80
CA LEU A 377 -8.18 48.78 4.89
C LEU A 377 -7.07 49.64 5.49
N VAL A 378 -7.18 49.96 6.78
CA VAL A 378 -6.17 50.78 7.44
C VAL A 378 -4.83 50.06 7.50
N CYS A 379 -4.84 48.78 7.87
CA CYS A 379 -3.59 48.04 8.02
C CYS A 379 -2.83 47.95 6.70
N TYR A 380 -3.53 47.64 5.61
CA TYR A 380 -2.91 47.45 4.31
C TYR A 380 -3.08 48.66 3.41
N SER A 381 -3.29 49.84 3.99
CA SER A 381 -3.51 51.04 3.20
C SER A 381 -2.24 51.44 2.46
N THR A 382 -2.39 51.81 1.19
CA THR A 382 -1.30 52.34 0.39
C THR A 382 -1.53 53.77 -0.08
N ASN A 383 -2.75 54.28 0.02
CA ASN A 383 -3.08 55.63 -0.40
C ASN A 383 -3.35 56.49 0.82
N GLY A 384 -2.82 57.73 0.79
CA GLY A 384 -3.01 58.62 1.92
C GLY A 384 -4.46 59.02 2.13
N THR A 385 -5.16 59.33 1.04
CA THR A 385 -6.56 59.75 1.15
C THR A 385 -7.44 58.63 1.69
N LYS A 386 -7.28 57.42 1.13
CA LYS A 386 -8.09 56.30 1.59
C LYS A 386 -7.79 55.97 3.05
N SER A 387 -6.52 55.98 3.44
CA SER A 387 -6.16 55.71 4.82
C SER A 387 -6.73 56.76 5.75
N ALA A 388 -6.66 58.03 5.36
CA ALA A 388 -7.21 59.10 6.18
C ALA A 388 -8.73 58.95 6.35
N LEU A 389 -9.43 58.65 5.25
CA LEU A 389 -10.87 58.47 5.34
C LEU A 389 -11.24 57.29 6.23
N ALA A 390 -10.51 56.17 6.09
CA ALA A 390 -10.80 55.01 6.91
C ALA A 390 -10.51 55.29 8.39
N LYS A 391 -9.41 55.99 8.67
CA LYS A 391 -9.09 56.35 10.05
C LYS A 391 -10.16 57.26 10.64
N ARG A 392 -10.62 58.24 9.86
CA ARG A 392 -11.67 59.13 10.35
C ARG A 392 -12.96 58.37 10.62
N ALA A 393 -13.32 57.45 9.71
CA ALA A 393 -14.54 56.66 9.90
C ALA A 393 -14.44 55.79 11.15
N LEU A 394 -13.28 55.16 11.37
CA LEU A 394 -13.11 54.33 12.56
C LEU A 394 -13.13 55.18 13.83
N ARG A 395 -12.49 56.35 13.79
CA ARG A 395 -12.46 57.21 14.97
C ARG A 395 -13.84 57.78 15.29
N LEU A 396 -14.68 57.97 14.27
CA LEU A 396 -16.05 58.41 14.52
C LEU A 396 -16.81 57.39 15.34
N LEU A 397 -16.53 56.11 15.13
CA LEU A 397 -17.12 55.04 15.92
C LEU A 397 -16.23 54.73 17.12
N GLY A 398 -16.66 53.78 17.95
CA GLY A 398 -15.89 53.38 19.12
C GLY A 398 -14.95 52.23 18.84
N GLU A 399 -14.07 52.40 17.85
CA GLU A 399 -13.11 51.37 17.46
C GLU A 399 -11.71 51.95 17.45
N GLU A 400 -10.76 51.20 17.99
CA GLU A 400 -9.36 51.62 17.99
C GLU A 400 -8.79 51.52 16.58
N VAL A 401 -8.13 52.58 16.14
CA VAL A 401 -7.51 52.57 14.80
C VAL A 401 -6.30 51.64 14.84
N PRO A 402 -6.12 50.78 13.83
CA PRO A 402 -4.95 49.90 13.81
C PRO A 402 -3.74 50.61 13.21
N ARG A 403 -2.59 50.43 13.84
CA ARG A 403 -1.36 51.01 13.31
C ARG A 403 -0.95 50.29 12.03
N PRO A 404 -0.59 51.00 10.97
CA PRO A 404 -0.24 50.34 9.72
C PRO A 404 0.95 49.40 9.89
N ILE A 405 0.89 48.27 9.18
CA ILE A 405 1.90 47.22 9.29
C ILE A 405 3.10 47.58 8.43
N LEU A 406 4.28 47.18 8.88
CA LEU A 406 5.49 47.40 8.10
C LEU A 406 5.54 46.41 6.95
N PRO A 407 5.69 46.86 5.70
CA PRO A 407 5.64 45.93 4.56
C PRO A 407 6.76 44.89 4.56
N SER A 408 7.85 45.13 5.28
CA SER A 408 8.99 44.21 5.29
C SER A 408 8.65 43.02 6.20
N VAL A 409 7.75 42.17 5.70
CA VAL A 409 7.33 40.99 6.47
C VAL A 409 8.49 40.06 6.79
N PRO A 410 9.42 39.76 5.86
CA PRO A 410 10.54 38.88 6.24
C PRO A 410 11.36 39.38 7.42
N SER A 411 11.43 40.69 7.62
CA SER A 411 12.18 41.28 8.72
C SER A 411 11.33 41.48 9.97
N TRP A 412 10.09 40.99 9.97
CA TRP A 412 9.22 41.18 11.13
C TRP A 412 9.76 40.44 12.35
N LYS A 413 9.60 41.06 13.51
CA LYS A 413 9.88 40.41 14.77
C LYS A 413 8.58 39.86 15.35
N GLU A 414 8.62 39.40 16.61
CA GLU A 414 7.43 38.83 17.22
C GLU A 414 6.34 39.88 17.40
N ALA A 415 6.71 41.11 17.76
CA ALA A 415 5.72 42.15 18.00
C ALA A 415 4.94 42.48 16.74
N GLU A 416 5.61 42.52 15.59
CA GLU A 416 4.91 42.79 14.34
C GLU A 416 3.91 41.69 14.02
N VAL A 417 4.29 40.44 14.25
CA VAL A 417 3.37 39.32 14.05
C VAL A 417 2.17 39.45 14.97
N GLN A 418 2.40 39.79 16.24
CA GLN A 418 1.29 40.00 17.15
C GLN A 418 0.36 41.09 16.64
N THR A 419 0.91 42.23 16.23
CA THR A 419 0.10 43.35 15.78
C THR A 419 -0.72 42.98 14.56
N TRP A 420 -0.12 42.25 13.61
CA TRP A 420 -0.88 41.74 12.47
C TRP A 420 -2.00 40.82 12.94
N LEU A 421 -1.75 40.05 13.99
CA LEU A 421 -2.78 39.15 14.51
C LEU A 421 -3.97 39.92 15.08
N GLN A 422 -3.72 40.98 15.86
CA GLN A 422 -4.89 41.75 16.32
C GLN A 422 -5.55 42.48 15.16
N CYS A 423 -4.79 42.88 14.14
CA CYS A 423 -5.41 43.53 12.99
C CYS A 423 -6.37 42.58 12.26
N ILE A 424 -5.96 41.32 12.09
CA ILE A 424 -6.78 40.37 11.33
C ILE A 424 -7.80 39.70 12.24
N GLY A 425 -7.91 40.19 13.47
CA GLY A 425 -8.91 39.68 14.40
C GLY A 425 -8.70 38.26 14.86
N PHE A 426 -7.45 37.87 15.08
CA PHE A 426 -7.14 36.56 15.65
C PHE A 426 -6.49 36.71 17.01
N SER A 427 -7.03 37.61 17.84
CA SER A 427 -6.46 37.86 19.17
C SER A 427 -6.51 36.63 20.06
N LYS A 428 -7.36 35.66 19.75
CA LYS A 428 -7.41 34.42 20.53
C LYS A 428 -6.11 33.64 20.41
N TYR A 429 -5.50 33.65 19.23
CA TYR A 429 -4.27 32.90 18.97
C TYR A 429 -3.01 33.70 19.21
N CYS A 430 -3.12 34.93 19.71
CA CYS A 430 -1.93 35.75 19.95
C CYS A 430 -1.02 35.10 20.98
N GLU A 431 -1.59 34.57 22.07
CA GLU A 431 -0.78 33.93 23.09
C GLU A 431 -0.11 32.67 22.55
N SER A 432 -0.83 31.89 21.75
CA SER A 432 -0.25 30.69 21.16
C SER A 432 0.90 31.04 20.23
N PHE A 433 0.73 32.10 19.43
CA PHE A 433 1.82 32.55 18.57
C PHE A 433 3.01 33.04 19.39
N ARG A 434 2.74 33.72 20.50
CA ARG A 434 3.81 34.21 21.36
C ARG A 434 4.61 33.07 21.96
N GLU A 435 3.93 32.01 22.41
CA GLU A 435 4.63 30.87 23.01
C GLU A 435 5.54 30.20 22.00
N GLN A 436 5.08 30.03 20.76
CA GLN A 436 5.92 29.47 19.71
C GLN A 436 6.97 30.45 19.22
N GLN A 437 6.90 31.72 19.62
CA GLN A 437 7.86 32.74 19.22
C GLN A 437 7.93 32.86 17.70
N VAL A 438 6.75 32.94 17.06
CA VAL A 438 6.68 33.07 15.62
C VAL A 438 7.13 34.48 15.22
N ASP A 439 7.96 34.55 14.19
CA ASP A 439 8.46 35.80 13.65
C ASP A 439 8.15 35.87 12.16
N GLY A 440 8.75 36.84 11.48
CA GLY A 440 8.42 37.08 10.08
C GLY A 440 8.63 35.86 9.20
N ASP A 441 9.79 35.20 9.36
CA ASP A 441 10.10 34.06 8.51
C ASP A 441 9.19 32.87 8.80
N LEU A 442 9.02 32.54 10.08
CA LEU A 442 8.16 31.41 10.45
C LEU A 442 6.71 31.65 10.04
N LEU A 443 6.22 32.87 10.25
CA LEU A 443 4.87 33.21 9.82
C LEU A 443 4.74 33.12 8.30
N LEU A 444 5.74 33.63 7.58
CA LEU A 444 5.68 33.65 6.13
C LEU A 444 5.87 32.27 5.51
N ARG A 445 6.40 31.31 6.27
CA ARG A 445 6.53 29.93 5.81
C ARG A 445 5.64 28.97 6.62
N LEU A 446 4.58 29.49 7.24
CA LEU A 446 3.71 28.66 8.05
C LEU A 446 2.96 27.65 7.18
N THR A 447 2.76 26.46 7.72
CA THR A 447 2.12 25.36 6.99
C THR A 447 0.82 24.96 7.68
N GLU A 448 0.09 24.07 7.02
CA GLU A 448 -1.21 23.63 7.54
C GLU A 448 -1.04 22.82 8.84
N GLU A 449 -0.10 21.88 8.84
CA GLU A 449 0.04 21.00 10.00
C GLU A 449 0.57 21.76 11.21
N GLU A 450 1.43 22.76 11.00
CA GLU A 450 1.91 23.57 12.11
C GLU A 450 0.76 24.32 12.77
N LEU A 451 -0.14 24.89 11.97
CA LEU A 451 -1.33 25.53 12.51
C LEU A 451 -2.22 24.53 13.23
N GLN A 452 -2.39 23.34 12.64
CA GLN A 452 -3.30 22.35 13.22
C GLN A 452 -2.80 21.86 14.57
N THR A 453 -1.51 21.56 14.69
CA THR A 453 -0.97 20.94 15.89
C THR A 453 -0.32 21.95 16.84
N ASP A 454 0.68 22.69 16.36
CA ASP A 454 1.48 23.52 17.24
C ASP A 454 0.68 24.73 17.76
N LEU A 455 -0.03 25.41 16.87
CA LEU A 455 -0.73 26.63 17.24
C LEU A 455 -2.17 26.39 17.70
N GLY A 456 -2.63 25.14 17.69
CA GLY A 456 -3.95 24.83 18.20
C GLY A 456 -5.08 25.42 17.39
N MET A 457 -4.94 25.49 16.07
CA MET A 457 -6.02 25.96 15.19
C MET A 457 -6.72 24.72 14.64
N LYS A 458 -7.57 24.14 15.49
CA LYS A 458 -8.22 22.87 15.15
C LYS A 458 -9.15 23.00 13.95
N SER A 459 -9.92 24.09 13.89
CA SER A 459 -10.95 24.21 12.87
C SER A 459 -10.31 24.40 11.50
N GLY A 460 -10.73 23.57 10.54
CA GLY A 460 -10.26 23.72 9.18
C GLY A 460 -10.73 24.99 8.52
N ILE A 461 -11.96 25.43 8.85
CA ILE A 461 -12.46 26.70 8.34
C ILE A 461 -11.63 27.85 8.87
N THR A 462 -11.29 27.81 10.16
CA THR A 462 -10.43 28.85 10.74
C THR A 462 -9.05 28.83 10.09
N ARG A 463 -8.52 27.64 9.82
CA ARG A 463 -7.22 27.56 9.15
C ARG A 463 -7.29 28.12 7.74
N LYS A 464 -8.38 27.86 7.03
CA LYS A 464 -8.53 28.42 5.68
C LYS A 464 -8.64 29.94 5.73
N ARG A 465 -9.36 30.47 6.72
CA ARG A 465 -9.45 31.92 6.87
C ARG A 465 -8.08 32.51 7.19
N PHE A 466 -7.31 31.86 8.06
CA PHE A 466 -5.97 32.34 8.38
C PHE A 466 -5.08 32.31 7.15
N PHE A 467 -5.19 31.26 6.33
CA PHE A 467 -4.38 31.18 5.13
C PHE A 467 -4.80 32.21 4.09
N ARG A 468 -6.10 32.55 4.03
CA ARG A 468 -6.52 33.65 3.17
C ARG A 468 -5.91 34.97 3.62
N GLU A 469 -5.92 35.21 4.94
CA GLU A 469 -5.30 36.41 5.47
C GLU A 469 -3.80 36.43 5.19
N LEU A 470 -3.15 35.28 5.32
CA LEU A 470 -1.72 35.18 5.06
C LEU A 470 -1.41 35.43 3.59
N THR A 471 -2.26 34.93 2.69
CA THR A 471 -2.10 35.22 1.27
C THR A 471 -2.25 36.71 1.00
N GLU A 472 -3.24 37.34 1.63
CA GLU A 472 -3.39 38.78 1.48
C GLU A 472 -2.16 39.53 1.97
N LEU A 473 -1.58 39.07 3.09
CA LEU A 473 -0.35 39.68 3.59
C LEU A 473 0.82 39.47 2.63
N LYS A 474 0.96 38.25 2.10
CA LYS A 474 2.08 37.96 1.20
C LYS A 474 1.96 38.73 -0.11
N THR A 475 0.74 39.05 -0.54
CA THR A 475 0.58 39.89 -1.71
C THR A 475 1.16 41.28 -1.48
N PHE A 476 0.92 41.85 -0.29
CA PHE A 476 1.46 43.15 0.08
C PHE A 476 2.61 42.94 1.06
N ALA A 477 3.80 42.71 0.49
CA ALA A 477 4.99 42.47 1.29
C ALA A 477 6.21 43.02 0.58
N ASN A 478 7.22 43.39 1.36
CA ASN A 478 8.48 43.90 0.84
C ASN A 478 9.51 42.77 0.90
N TYR A 479 9.80 42.16 -0.24
CA TYR A 479 10.71 41.04 -0.34
C TYR A 479 12.12 41.47 -0.74
N SER A 480 12.40 42.77 -0.75
CA SER A 480 13.71 43.26 -1.19
C SER A 480 14.84 42.71 -0.35
N THR A 481 14.59 42.48 0.95
CA THR A 481 15.61 41.90 1.81
C THR A 481 15.98 40.48 1.42
N CYS A 482 15.09 39.77 0.73
CA CYS A 482 15.34 38.39 0.33
C CYS A 482 15.34 38.17 -1.17
N ASP A 483 14.57 38.94 -1.94
CA ASP A 483 14.52 38.78 -3.39
C ASP A 483 15.76 39.41 -4.01
N ARG A 484 16.45 38.64 -4.85
CA ARG A 484 17.64 39.12 -5.53
C ARG A 484 17.39 39.45 -6.99
N SER A 485 16.58 38.65 -7.67
CA SER A 485 16.29 38.83 -9.09
C SER A 485 14.96 39.53 -9.34
N ASN A 486 14.38 40.14 -8.32
CA ASN A 486 13.06 40.78 -8.44
C ASN A 486 12.02 39.80 -8.95
N LEU A 487 12.06 38.58 -8.40
CA LEU A 487 11.14 37.53 -8.83
C LEU A 487 9.70 37.85 -8.48
N ALA A 488 9.47 38.70 -7.49
CA ALA A 488 8.12 39.12 -7.16
C ALA A 488 7.48 39.85 -8.33
N ASP A 489 8.25 40.70 -9.01
CA ASP A 489 7.72 41.40 -10.18
C ASP A 489 7.33 40.43 -11.29
N TRP A 490 8.16 39.40 -11.52
CA TRP A 490 7.83 38.40 -12.53
C TRP A 490 6.56 37.63 -12.17
N LEU A 491 6.45 37.22 -10.90
CA LEU A 491 5.26 36.50 -10.47
C LEU A 491 4.01 37.37 -10.59
N GLY A 492 4.12 38.64 -10.22
CA GLY A 492 2.99 39.54 -10.37
C GLY A 492 2.62 39.78 -11.83
N SER A 493 3.63 39.84 -12.71
CA SER A 493 3.36 39.95 -14.14
C SER A 493 2.61 38.74 -14.65
N LEU A 494 2.96 37.55 -14.16
CA LEU A 494 2.19 36.36 -14.51
C LEU A 494 0.75 36.49 -14.02
N ASP A 495 0.57 36.86 -12.77
CA ASP A 495 -0.73 37.00 -12.13
C ASP A 495 -0.55 37.75 -10.82
N PRO A 496 -1.39 38.75 -10.53
CA PRO A 496 -1.26 39.46 -9.24
C PRO A 496 -1.35 38.55 -8.03
N ARG A 497 -2.11 37.46 -8.13
CA ARG A 497 -2.21 36.52 -7.01
C ARG A 497 -1.03 35.56 -6.93
N PHE A 498 -0.17 35.53 -7.95
CA PHE A 498 0.99 34.65 -7.93
C PHE A 498 2.13 35.19 -7.07
N ARG A 499 2.07 36.45 -6.66
CA ARG A 499 3.16 37.05 -5.90
C ARG A 499 3.31 36.43 -4.51
N GLN A 500 2.28 35.75 -4.00
CA GLN A 500 2.34 35.16 -2.68
C GLN A 500 3.41 34.07 -2.56
N TYR A 501 3.82 33.48 -3.67
CA TYR A 501 4.80 32.40 -3.67
C TYR A 501 6.23 32.92 -3.76
N THR A 502 6.43 34.23 -3.75
CA THR A 502 7.77 34.79 -3.90
C THR A 502 8.68 34.37 -2.75
N TYR A 503 8.18 34.44 -1.52
CA TYR A 503 9.03 34.07 -0.38
C TYR A 503 9.37 32.59 -0.41
N GLY A 504 8.42 31.74 -0.79
CA GLY A 504 8.72 30.33 -0.91
C GLY A 504 9.80 30.07 -1.96
N LEU A 505 9.66 30.71 -3.13
CA LEU A 505 10.63 30.51 -4.19
C LEU A 505 12.01 31.02 -3.80
N VAL A 506 12.05 32.13 -3.05
CA VAL A 506 13.34 32.67 -2.60
C VAL A 506 13.97 31.76 -1.55
N SER A 507 13.18 31.32 -0.57
CA SER A 507 13.71 30.45 0.47
C SER A 507 14.18 29.13 -0.10
N CYS A 508 13.62 28.71 -1.23
CA CYS A 508 14.15 27.54 -1.94
C CYS A 508 15.47 27.85 -2.65
N GLY A 509 15.88 29.10 -2.69
CA GLY A 509 17.09 29.49 -3.38
C GLY A 509 16.90 29.80 -4.85
N LEU A 510 15.67 29.78 -5.35
CA LEU A 510 15.41 30.00 -6.76
C LEU A 510 15.45 31.48 -7.11
N ASP A 511 15.82 31.76 -8.36
CA ASP A 511 15.74 33.11 -8.91
C ASP A 511 15.25 33.05 -10.35
N ARG A 512 15.40 34.15 -11.10
CA ARG A 512 14.95 34.15 -12.48
C ARG A 512 15.70 33.13 -13.32
N SER A 513 17.02 33.04 -13.13
CA SER A 513 17.82 32.12 -13.93
C SER A 513 17.52 30.66 -13.59
N LEU A 514 17.20 30.38 -12.33
CA LEU A 514 17.05 29.00 -11.89
C LEU A 514 15.68 28.41 -12.21
N LEU A 515 14.70 29.24 -12.57
CA LEU A 515 13.34 28.75 -12.78
C LEU A 515 13.19 27.92 -14.06
N HIS A 516 14.17 27.98 -14.97
CA HIS A 516 14.04 27.22 -16.21
C HIS A 516 14.19 25.73 -15.99
N ARG A 517 14.82 25.31 -14.89
CA ARG A 517 15.07 23.90 -14.62
C ARG A 517 14.20 23.35 -13.50
N VAL A 518 13.26 24.13 -12.97
CA VAL A 518 12.44 23.68 -11.86
C VAL A 518 11.40 22.68 -12.35
N SER A 519 11.09 21.70 -11.50
CA SER A 519 10.11 20.67 -11.80
C SER A 519 8.87 20.84 -10.94
N GLU A 520 7.80 20.16 -11.34
CA GLU A 520 6.52 20.25 -10.63
C GLU A 520 6.65 19.72 -9.20
N GLN A 521 7.30 18.58 -9.03
CA GLN A 521 7.43 17.97 -7.71
C GLN A 521 8.22 18.87 -6.77
N GLN A 522 9.30 19.48 -7.28
CA GLN A 522 10.09 20.40 -6.46
C GLN A 522 9.25 21.58 -6.01
N LEU A 523 8.47 22.16 -6.93
CA LEU A 523 7.59 23.26 -6.57
C LEU A 523 6.63 22.84 -5.46
N LEU A 524 5.93 21.73 -5.65
CA LEU A 524 4.92 21.30 -4.68
C LEU A 524 5.54 21.02 -3.32
N GLU A 525 6.67 20.33 -3.29
CA GLU A 525 7.25 19.92 -2.02
C GLU A 525 7.91 21.08 -1.29
N ASP A 526 8.66 21.93 -2.00
CA ASP A 526 9.47 22.95 -1.34
C ASP A 526 8.84 24.34 -1.36
N CYS A 527 8.37 24.79 -2.52
CA CYS A 527 7.87 26.16 -2.64
C CYS A 527 6.48 26.33 -2.04
N GLY A 528 5.81 25.25 -1.67
CA GLY A 528 4.51 25.37 -1.03
C GLY A 528 3.38 25.79 -1.93
N ILE A 529 3.53 25.62 -3.24
CA ILE A 529 2.45 25.97 -4.17
C ILE A 529 1.51 24.77 -4.27
N HIS A 530 0.52 24.72 -3.38
CA HIS A 530 -0.33 23.54 -3.29
C HIS A 530 -1.23 23.40 -4.52
N LEU A 531 -1.73 24.51 -5.06
CA LEU A 531 -2.61 24.45 -6.21
C LEU A 531 -1.85 24.02 -7.45
N GLY A 532 -2.31 22.92 -8.07
CA GLY A 532 -1.64 22.40 -9.25
C GLY A 532 -1.71 23.34 -10.44
N VAL A 533 -2.81 24.08 -10.57
CA VAL A 533 -2.95 25.02 -11.69
C VAL A 533 -1.87 26.09 -11.61
N HIS A 534 -1.63 26.63 -10.41
CA HIS A 534 -0.60 27.64 -10.25
C HIS A 534 0.78 27.08 -10.58
N ARG A 535 1.06 25.85 -10.14
CA ARG A 535 2.34 25.23 -10.44
C ARG A 535 2.53 25.06 -11.94
N ALA A 536 1.50 24.57 -12.63
CA ALA A 536 1.60 24.37 -14.07
C ALA A 536 1.80 25.70 -14.80
N ARG A 537 1.04 26.73 -14.39
CA ARG A 537 1.19 28.04 -15.02
C ARG A 537 2.59 28.59 -14.82
N ILE A 538 3.11 28.49 -13.58
CA ILE A 538 4.44 29.02 -13.30
C ILE A 538 5.49 28.28 -14.11
N LEU A 539 5.40 26.95 -14.16
CA LEU A 539 6.38 26.18 -14.92
C LEU A 539 6.35 26.52 -16.40
N THR A 540 5.14 26.54 -16.99
CA THR A 540 5.03 26.82 -18.42
C THR A 540 5.52 28.22 -18.74
N ALA A 541 5.11 29.21 -17.93
CA ALA A 541 5.52 30.58 -18.20
C ALA A 541 7.03 30.75 -18.05
N ALA A 542 7.62 30.13 -17.02
CA ALA A 542 9.07 30.22 -16.85
C ALA A 542 9.79 29.60 -18.03
N ARG A 543 9.36 28.41 -18.46
CA ARG A 543 10.03 27.76 -19.58
C ARG A 543 9.88 28.55 -20.87
N GLU A 544 8.74 29.21 -21.05
CA GLU A 544 8.52 29.96 -22.29
C GLU A 544 9.27 31.29 -22.26
N MET A 545 9.38 31.93 -21.09
CA MET A 545 9.94 33.28 -21.03
C MET A 545 11.46 33.25 -20.90
N LEU A 546 11.98 32.42 -20.00
CA LEU A 546 13.43 32.42 -19.75
C LEU A 546 14.21 31.92 -20.96
N HIS A 547 13.57 31.14 -21.83
CA HIS A 547 14.22 30.65 -23.04
C HIS A 547 13.26 30.69 -24.23
N THR A 561 42.88 48.45 -13.70
CA THR A 561 43.45 49.48 -14.55
C THR A 561 42.55 50.71 -14.59
N PRO A 562 42.64 51.57 -13.56
CA PRO A 562 41.82 52.77 -13.54
C PRO A 562 42.17 53.71 -14.68
N ASP A 563 41.14 54.40 -15.20
CA ASP A 563 41.38 55.38 -16.25
C ASP A 563 42.03 56.63 -15.71
N VAL A 564 41.62 57.08 -14.52
CA VAL A 564 42.12 58.30 -13.91
C VAL A 564 42.54 57.99 -12.48
N PHE A 565 43.65 58.58 -12.05
CA PHE A 565 44.10 58.52 -10.66
C PHE A 565 44.05 59.92 -10.06
N ILE A 566 43.75 59.98 -8.77
CA ILE A 566 43.53 61.24 -8.08
C ILE A 566 44.62 61.44 -7.03
N SER A 567 45.25 62.61 -7.06
CA SER A 567 46.23 63.02 -6.06
C SER A 567 45.66 64.23 -5.32
N TYR A 568 45.38 64.06 -4.03
CA TYR A 568 44.67 65.05 -3.25
C TYR A 568 45.27 65.19 -1.87
N ARG A 569 45.01 66.34 -1.24
CA ARG A 569 45.44 66.60 0.12
C ARG A 569 44.46 65.99 1.12
N ARG A 570 44.90 65.90 2.38
CA ARG A 570 44.10 65.24 3.40
C ARG A 570 42.78 65.95 3.64
N ASN A 571 42.81 67.29 3.75
CA ASN A 571 41.64 68.06 4.09
C ASN A 571 41.15 68.94 2.94
N SER A 572 42.04 69.77 2.38
CA SER A 572 41.60 70.71 1.34
C SER A 572 41.15 70.00 0.08
N GLY A 573 41.86 68.94 -0.33
CA GLY A 573 41.55 68.30 -1.60
C GLY A 573 40.49 67.22 -1.54
N SER A 574 39.99 66.89 -0.35
CA SER A 574 39.08 65.76 -0.21
C SER A 574 37.77 66.00 -0.96
N GLN A 575 37.14 67.15 -0.74
CA GLN A 575 35.87 67.45 -1.39
C GLN A 575 36.02 67.48 -2.90
N LEU A 576 37.04 68.17 -3.40
CA LEU A 576 37.23 68.28 -4.84
C LEU A 576 37.54 66.92 -5.45
N ALA A 577 38.34 66.10 -4.78
CA ALA A 577 38.64 64.77 -5.28
C ALA A 577 37.39 63.90 -5.34
N SER A 578 36.55 63.96 -4.29
CA SER A 578 35.33 63.19 -4.30
C SER A 578 34.41 63.62 -5.44
N LEU A 579 34.24 64.92 -5.61
CA LEU A 579 33.38 65.42 -6.70
C LEU A 579 33.94 65.01 -8.06
N LEU A 580 35.25 65.13 -8.25
CA LEU A 580 35.85 64.76 -9.53
C LEU A 580 35.64 63.28 -9.83
N LYS A 581 35.91 62.41 -8.84
CA LYS A 581 35.78 60.98 -9.09
C LYS A 581 34.33 60.60 -9.37
N VAL A 582 33.40 61.17 -8.58
CA VAL A 582 31.98 60.83 -8.76
C VAL A 582 31.49 61.31 -10.13
N HIS A 583 31.87 62.53 -10.51
CA HIS A 583 31.47 63.05 -11.82
C HIS A 583 32.04 62.21 -12.96
N LEU A 584 33.30 61.81 -12.84
CA LEU A 584 33.91 61.00 -13.89
C LEU A 584 33.26 59.62 -13.97
N GLN A 585 32.92 59.03 -12.82
CA GLN A 585 32.22 57.75 -12.83
C GLN A 585 30.83 57.88 -13.43
N LEU A 586 30.15 59.00 -13.18
CA LEU A 586 28.83 59.21 -13.78
C LEU A 586 28.91 59.26 -15.29
N HIS A 587 30.03 59.74 -15.83
CA HIS A 587 30.21 59.86 -17.27
C HIS A 587 30.87 58.64 -17.90
N GLY A 588 31.12 57.59 -17.12
CA GLY A 588 31.69 56.36 -17.63
C GLY A 588 33.19 56.23 -17.51
N PHE A 589 33.84 57.08 -16.72
CA PHE A 589 35.28 57.04 -16.54
C PHE A 589 35.59 56.35 -15.21
N SER A 590 36.32 55.24 -15.27
CA SER A 590 36.70 54.50 -14.08
C SER A 590 37.86 55.19 -13.38
N VAL A 591 37.65 55.60 -12.13
CA VAL A 591 38.64 56.34 -11.36
C VAL A 591 38.86 55.61 -10.04
N PHE A 592 40.12 55.41 -9.68
CA PHE A 592 40.50 54.78 -8.42
C PHE A 592 41.11 55.83 -7.51
N ILE A 593 40.43 56.13 -6.41
CA ILE A 593 40.93 57.04 -5.38
C ILE A 593 41.19 56.23 -4.12
N ASP A 594 42.38 56.37 -3.55
CA ASP A 594 42.80 55.57 -2.41
C ASP A 594 42.21 56.14 -1.12
N VAL A 595 41.34 55.36 -0.48
CA VAL A 595 40.71 55.72 0.78
C VAL A 595 40.03 57.08 0.70
N GLU A 604 53.22 52.57 0.08
CA GLU A 604 54.29 53.04 -0.80
C GLU A 604 54.51 52.07 -1.95
N ASP A 605 54.67 50.79 -1.62
CA ASP A 605 54.82 49.76 -2.65
C ASP A 605 53.55 49.66 -3.49
N LYS A 606 52.38 49.69 -2.84
CA LYS A 606 51.13 49.71 -3.57
C LYS A 606 50.91 51.03 -4.29
N LEU A 607 51.54 52.10 -3.80
CA LEU A 607 51.38 53.41 -4.42
C LEU A 607 51.95 53.43 -5.84
N ILE A 608 53.12 52.83 -6.04
CA ILE A 608 53.75 52.83 -7.35
C ILE A 608 52.89 52.06 -8.35
N GLN A 609 52.39 50.89 -7.95
CA GLN A 609 51.58 50.08 -8.85
C GLN A 609 50.25 50.77 -9.17
N SER A 610 49.68 51.48 -8.18
CA SER A 610 48.43 52.18 -8.42
C SER A 610 48.60 53.27 -9.48
N VAL A 611 49.70 54.02 -9.41
CA VAL A 611 49.96 55.06 -10.41
C VAL A 611 50.29 54.44 -11.75
N MET A 612 51.05 53.34 -11.75
CA MET A 612 51.41 52.68 -13.00
C MET A 612 50.18 52.16 -13.73
N GLY A 613 49.24 51.58 -12.99
CA GLY A 613 48.03 51.06 -13.60
C GLY A 613 47.05 52.12 -14.05
N ALA A 614 47.25 53.37 -13.62
CA ALA A 614 46.36 54.45 -14.01
C ALA A 614 46.58 54.83 -15.46
N ARG A 615 45.51 54.80 -16.26
CA ARG A 615 45.61 55.19 -17.67
C ARG A 615 45.99 56.66 -17.80
N ASN A 616 45.37 57.52 -16.99
CA ASN A 616 45.68 58.95 -16.96
C ASN A 616 45.87 59.38 -15.52
N PHE A 617 46.74 60.36 -15.30
CA PHE A 617 46.99 60.90 -13.97
C PHE A 617 46.47 62.33 -13.92
N VAL A 618 45.53 62.58 -13.02
CA VAL A 618 44.96 63.91 -12.83
C VAL A 618 45.16 64.26 -11.36
N LEU A 619 46.15 65.12 -11.08
CA LEU A 619 46.41 65.56 -9.72
C LEU A 619 45.50 66.74 -9.38
N VAL A 620 44.94 66.72 -8.18
CA VAL A 620 44.05 67.78 -7.73
C VAL A 620 44.89 68.90 -7.14
N LEU A 621 44.95 70.04 -7.84
CA LEU A 621 45.68 71.20 -7.37
C LEU A 621 44.72 72.03 -6.52
N SER A 622 44.46 71.52 -5.32
CA SER A 622 43.61 72.19 -4.35
C SER A 622 44.37 73.35 -3.72
N PRO A 623 43.67 74.27 -3.04
CA PRO A 623 44.37 75.36 -2.34
C PRO A 623 45.45 74.85 -1.41
N GLY A 624 46.70 75.17 -1.72
CA GLY A 624 47.82 74.66 -0.95
C GLY A 624 48.02 73.16 -1.06
N ALA A 625 47.80 72.60 -2.25
CA ALA A 625 47.97 71.16 -2.43
C ALA A 625 49.44 70.77 -2.46
N LEU A 626 50.27 71.56 -3.13
CA LEU A 626 51.69 71.27 -3.28
C LEU A 626 52.54 71.95 -2.21
N ASP A 627 51.90 72.53 -1.18
CA ASP A 627 52.65 73.15 -0.10
C ASP A 627 53.53 72.13 0.63
N LYS A 628 52.97 70.94 0.90
CA LYS A 628 53.77 69.88 1.49
C LYS A 628 54.79 69.33 0.49
N CYS A 629 54.38 69.21 -0.78
CA CYS A 629 55.28 68.73 -1.82
C CYS A 629 56.29 69.78 -2.25
N MET A 630 56.16 71.02 -1.79
CA MET A 630 57.15 72.05 -2.10
C MET A 630 58.49 71.69 -1.48
N GLN A 631 59.57 71.94 -2.23
CA GLN A 631 60.95 71.65 -1.83
C GLN A 631 61.08 70.25 -1.22
N ASP A 632 60.29 69.31 -1.70
CA ASP A 632 60.31 67.93 -1.19
C ASP A 632 61.26 67.09 -2.02
N HIS A 633 62.56 67.42 -1.89
CA HIS A 633 63.59 66.68 -2.59
C HIS A 633 63.89 65.32 -1.96
N ASP A 634 63.48 65.11 -0.72
CA ASP A 634 63.68 63.85 -0.03
C ASP A 634 62.61 62.81 -0.34
N CYS A 635 61.58 63.19 -1.11
CA CYS A 635 60.49 62.29 -1.49
C CYS A 635 59.80 61.71 -0.24
N LYS A 636 59.65 62.54 0.79
CA LYS A 636 59.00 62.07 2.01
C LYS A 636 57.50 61.92 1.84
N ASP A 637 56.86 62.87 1.16
CA ASP A 637 55.42 62.84 1.00
C ASP A 637 55.00 61.72 0.05
N TRP A 638 53.91 61.03 0.40
CA TRP A 638 53.35 60.03 -0.50
C TRP A 638 52.78 60.67 -1.76
N VAL A 639 52.22 61.87 -1.65
CA VAL A 639 51.77 62.60 -2.82
C VAL A 639 52.96 62.91 -3.73
N HIS A 640 54.10 63.24 -3.14
CA HIS A 640 55.32 63.42 -3.92
C HIS A 640 55.68 62.15 -4.65
N LYS A 641 55.55 61.00 -3.99
CA LYS A 641 55.80 59.72 -4.65
C LYS A 641 54.86 59.51 -5.82
N GLU A 642 53.57 59.83 -5.64
CA GLU A 642 52.62 59.70 -6.74
C GLU A 642 53.00 60.58 -7.92
N ILE A 643 53.39 61.83 -7.65
CA ILE A 643 53.75 62.74 -8.72
C ILE A 643 54.99 62.23 -9.47
N VAL A 644 55.99 61.76 -8.72
CA VAL A 644 57.21 61.27 -9.35
C VAL A 644 56.92 60.03 -10.17
N THR A 645 56.09 59.11 -9.65
CA THR A 645 55.75 57.91 -10.40
C THR A 645 54.98 58.24 -11.67
N ALA A 646 54.05 59.20 -11.59
CA ALA A 646 53.31 59.61 -12.78
C ALA A 646 54.24 60.23 -13.81
N LEU A 647 55.20 61.05 -13.36
CA LEU A 647 56.16 61.64 -14.28
C LEU A 647 57.02 60.57 -14.95
N SER A 648 57.45 59.56 -14.18
CA SER A 648 58.21 58.46 -14.74
C SER A 648 57.39 57.69 -15.77
N CYS A 649 56.11 57.46 -15.48
CA CYS A 649 55.24 56.78 -16.43
C CYS A 649 54.84 57.68 -17.59
N GLY A 650 54.78 58.99 -17.37
CA GLY A 650 54.40 59.92 -18.41
C GLY A 650 52.98 59.79 -18.90
N LYS A 651 52.04 59.58 -17.98
CA LYS A 651 50.64 59.48 -18.35
C LYS A 651 50.07 60.86 -18.68
N ASN A 652 48.86 60.86 -19.25
CA ASN A 652 48.18 62.11 -19.58
C ASN A 652 47.87 62.88 -18.30
N ILE A 653 48.40 64.10 -18.20
CA ILE A 653 48.28 64.92 -17.00
C ILE A 653 47.44 66.14 -17.33
N VAL A 654 46.30 66.26 -16.65
CA VAL A 654 45.40 67.40 -16.81
C VAL A 654 45.10 67.97 -15.43
N PRO A 655 45.97 68.82 -14.88
CA PRO A 655 45.72 69.36 -13.54
C PRO A 655 44.50 70.27 -13.53
N ILE A 656 43.86 70.34 -12.36
CA ILE A 656 42.69 71.18 -12.14
C ILE A 656 43.06 72.29 -11.18
N ILE A 657 42.84 73.54 -11.59
CA ILE A 657 43.30 74.70 -10.84
C ILE A 657 42.20 75.16 -9.89
N ASP A 658 42.56 75.35 -8.62
CA ASP A 658 41.62 75.88 -7.64
C ASP A 658 42.40 76.42 -6.46
N GLY A 659 42.34 77.74 -6.25
CA GLY A 659 42.88 78.36 -5.06
C GLY A 659 44.38 78.21 -4.83
N PHE A 660 45.12 77.89 -5.89
CA PHE A 660 46.56 77.73 -5.78
C PHE A 660 47.19 77.97 -7.13
N GLU A 661 48.47 78.37 -7.11
CA GLU A 661 49.23 78.69 -8.31
C GLU A 661 50.34 77.67 -8.52
N TRP A 662 50.98 77.78 -9.68
CA TRP A 662 52.07 76.88 -10.02
C TRP A 662 53.30 77.22 -9.18
N PRO A 663 53.87 76.27 -8.44
CA PRO A 663 55.07 76.56 -7.66
C PRO A 663 56.26 76.85 -8.55
N GLU A 664 57.21 77.60 -8.02
CA GLU A 664 58.40 77.96 -8.77
C GLU A 664 59.24 76.73 -9.06
N PRO A 665 59.68 76.52 -10.30
CA PRO A 665 60.47 75.32 -10.61
C PRO A 665 61.78 75.23 -9.83
N GLN A 666 62.43 76.36 -9.56
CA GLN A 666 63.76 76.32 -8.95
C GLN A 666 63.73 75.69 -7.57
N VAL A 667 62.70 75.98 -6.77
CA VAL A 667 62.59 75.36 -5.46
C VAL A 667 62.12 73.91 -5.54
N LEU A 668 61.66 73.47 -6.70
CA LEU A 668 61.15 72.12 -6.89
C LEU A 668 62.19 71.24 -7.56
N PRO A 669 62.13 69.92 -7.33
CA PRO A 669 63.01 69.00 -8.07
C PRO A 669 62.66 68.98 -9.55
N GLU A 670 63.65 68.60 -10.35
CA GLU A 670 63.52 68.66 -11.81
C GLU A 670 62.36 67.80 -12.31
N ASP A 671 62.08 66.68 -11.64
CA ASP A 671 60.98 65.82 -12.07
C ASP A 671 59.67 66.58 -12.10
N MET A 672 59.31 67.26 -11.01
CA MET A 672 58.13 68.10 -10.98
C MET A 672 58.37 69.47 -11.62
N GLN A 673 59.61 69.82 -11.93
CA GLN A 673 59.85 70.95 -12.82
C GLN A 673 59.28 70.66 -14.21
N ALA A 674 59.39 69.41 -14.65
CA ALA A 674 58.87 69.03 -15.97
C ALA A 674 57.35 69.20 -16.03
N VAL A 675 56.64 68.82 -14.97
CA VAL A 675 55.18 68.77 -15.03
C VAL A 675 54.55 70.16 -14.95
N LEU A 676 55.28 71.17 -14.48
CA LEU A 676 54.69 72.49 -14.27
C LEU A 676 54.27 73.16 -15.57
N THR A 677 54.72 72.66 -16.72
CA THR A 677 54.39 73.28 -18.00
C THR A 677 52.99 72.90 -18.49
N PHE A 678 52.36 71.90 -17.89
CA PHE A 678 51.04 71.46 -18.35
C PHE A 678 49.97 72.48 -18.00
N ASN A 679 48.99 72.60 -18.89
CA ASN A 679 47.88 73.53 -18.68
C ASN A 679 46.92 72.98 -17.64
N GLY A 680 46.32 73.89 -16.87
CA GLY A 680 45.36 73.52 -15.84
C GLY A 680 43.98 74.09 -16.15
N ILE A 681 42.97 73.46 -15.56
CA ILE A 681 41.57 73.84 -15.77
C ILE A 681 41.02 74.37 -14.45
N LYS A 682 40.45 75.57 -14.49
CA LYS A 682 39.87 76.17 -13.29
C LYS A 682 38.61 75.42 -12.87
N TRP A 683 38.47 75.20 -11.56
CA TRP A 683 37.29 74.55 -11.01
C TRP A 683 36.29 75.61 -10.54
N SER A 684 35.04 75.47 -10.99
CA SER A 684 33.97 76.40 -10.66
C SER A 684 32.94 75.69 -9.81
N HIS A 685 32.66 76.25 -8.62
CA HIS A 685 31.61 75.70 -7.78
C HIS A 685 30.23 76.01 -8.35
N GLU A 686 30.07 77.16 -9.00
CA GLU A 686 28.80 77.48 -9.63
C GLU A 686 28.48 76.51 -10.76
N TYR A 687 29.48 76.16 -11.56
CA TYR A 687 29.32 75.19 -12.65
C TYR A 687 30.32 74.06 -12.43
N GLN A 688 29.90 73.07 -11.64
CA GLN A 688 30.76 71.91 -11.41
C GLN A 688 30.62 70.90 -12.56
N GLU A 689 29.38 70.61 -12.97
CA GLU A 689 29.17 69.67 -14.06
C GLU A 689 29.74 70.21 -15.37
N ALA A 690 29.63 71.52 -15.59
CA ALA A 690 30.22 72.12 -16.78
C ALA A 690 31.74 72.00 -16.77
N THR A 691 32.36 72.21 -15.60
CA THR A 691 33.80 72.05 -15.50
C THR A 691 34.20 70.60 -15.77
N ILE A 692 33.43 69.64 -15.24
CA ILE A 692 33.72 68.23 -15.50
C ILE A 692 33.57 67.91 -16.98
N GLU A 693 32.56 68.50 -17.62
CA GLU A 693 32.37 68.29 -19.06
C GLU A 693 33.56 68.85 -19.85
N LYS A 694 34.06 70.02 -19.45
CA LYS A 694 35.24 70.57 -20.10
C LYS A 694 36.46 69.67 -19.91
N ILE A 695 36.63 69.13 -18.70
CA ILE A 695 37.75 68.23 -18.43
C ILE A 695 37.65 66.99 -19.31
N ILE A 696 36.44 66.42 -19.43
CA ILE A 696 36.25 65.25 -20.27
C ILE A 696 36.51 65.60 -21.73
N ARG A 697 36.09 66.79 -22.16
CA ARG A 697 36.35 67.22 -23.53
C ARG A 697 37.84 67.30 -23.80
N PHE A 698 38.62 67.82 -22.84
CA PHE A 698 40.07 67.81 -22.99
C PHE A 698 40.68 66.43 -22.79
N LEU A 699 39.93 65.50 -22.20
CA LEU A 699 40.41 64.14 -22.00
C LEU A 699 40.01 63.25 -23.17
N GLN A 700 40.44 61.99 -23.10
CA GLN A 700 40.13 61.02 -24.14
C GLN A 700 39.04 60.05 -23.68
N VAL B 61 4.19 71.14 35.27
CA VAL B 61 5.17 70.53 34.37
C VAL B 61 5.08 71.16 32.99
N GLN B 62 3.99 71.88 32.73
CA GLN B 62 3.78 72.52 31.44
C GLN B 62 3.42 73.99 31.59
N ASP B 63 3.90 74.63 32.65
CA ASP B 63 3.68 76.07 32.80
C ASP B 63 4.35 76.85 31.69
N ALA B 64 5.47 76.31 31.17
CA ALA B 64 6.12 76.92 30.02
C ALA B 64 5.18 76.97 28.82
N LEU B 65 4.50 75.86 28.53
CA LEU B 65 3.48 75.88 27.49
C LEU B 65 2.34 76.83 27.86
N GLU B 66 2.00 76.88 29.16
CA GLU B 66 0.88 77.72 29.60
C GLU B 66 1.12 79.18 29.25
N ARG B 67 2.33 79.69 29.50
CA ARG B 67 2.57 81.09 29.14
C ARG B 67 3.20 81.27 27.76
N ALA B 68 3.46 80.17 27.04
CA ALA B 68 4.00 80.30 25.69
C ALA B 68 2.92 80.23 24.61
N LEU B 69 1.84 79.50 24.87
CA LEU B 69 0.75 79.44 23.90
C LEU B 69 0.15 80.81 23.60
N PRO B 70 -0.15 81.68 24.58
CA PRO B 70 -0.57 83.04 24.21
C PRO B 70 0.46 83.75 23.36
N GLU B 71 1.75 83.58 23.67
CA GLU B 71 2.79 84.19 22.86
C GLU B 71 2.73 83.71 21.43
N LEU B 72 2.46 82.42 21.24
CA LEU B 72 2.19 81.91 19.89
C LEU B 72 1.02 82.65 19.27
N GLN B 73 -0.04 82.89 20.05
CA GLN B 73 -1.22 83.55 19.50
C GLN B 73 -0.90 84.95 18.99
N GLN B 74 -0.24 85.77 19.82
CA GLN B 74 0.08 87.12 19.31
C GLN B 74 1.10 87.06 18.18
N ALA B 75 2.05 86.13 18.22
CA ALA B 75 3.03 86.04 17.15
C ALA B 75 2.35 85.72 15.82
N LEU B 76 1.47 84.73 15.79
CA LEU B 76 0.79 84.38 14.55
C LEU B 76 -0.19 85.47 14.12
N SER B 77 -0.86 86.12 15.08
CA SER B 77 -1.77 87.20 14.72
C SER B 77 -1.02 88.36 14.06
N ALA B 78 0.14 88.74 14.63
CA ALA B 78 0.95 89.79 14.03
C ALA B 78 1.49 89.37 12.68
N LEU B 79 1.92 88.11 12.56
CA LEU B 79 2.48 87.62 11.29
C LEU B 79 1.42 87.65 10.19
N LYS B 80 0.20 87.20 10.50
CA LYS B 80 -0.88 87.25 9.53
C LYS B 80 -1.28 88.68 9.20
N GLN B 81 -1.40 89.54 10.22
CA GLN B 81 -1.80 90.92 10.00
C GLN B 81 -0.73 91.70 9.23
N ALA B 82 0.53 91.28 9.34
CA ALA B 82 1.59 91.95 8.62
C ALA B 82 1.40 91.84 7.11
N GLY B 83 1.53 92.96 6.42
CA GLY B 83 1.39 92.96 4.97
C GLY B 83 2.72 93.19 4.28
N GLY B 84 3.60 93.95 4.93
CA GLY B 84 4.92 94.16 4.38
C GLY B 84 5.78 92.92 4.46
N ALA B 85 6.72 92.81 3.52
CA ALA B 85 7.61 91.65 3.48
C ALA B 85 8.49 91.60 4.72
N ARG B 86 9.04 92.75 5.14
CA ARG B 86 9.91 92.78 6.30
C ARG B 86 9.18 92.44 7.59
N ALA B 87 7.95 92.92 7.76
CA ALA B 87 7.18 92.59 8.96
C ALA B 87 6.86 91.11 9.01
N VAL B 88 6.48 90.52 7.87
CA VAL B 88 6.21 89.08 7.82
C VAL B 88 7.47 88.30 8.15
N GLY B 89 8.60 88.72 7.59
CA GLY B 89 9.86 88.04 7.91
C GLY B 89 10.22 88.15 9.37
N ALA B 90 9.99 89.31 9.98
CA ALA B 90 10.26 89.47 11.41
C ALA B 90 9.36 88.57 12.25
N GLY B 91 8.08 88.48 11.90
CA GLY B 91 7.19 87.59 12.62
C GLY B 91 7.59 86.13 12.48
N LEU B 92 7.97 85.72 11.27
CA LEU B 92 8.44 84.35 11.06
C LEU B 92 9.71 84.08 11.86
N ALA B 93 10.62 85.06 11.92
CA ALA B 93 11.83 84.91 12.71
C ALA B 93 11.50 84.77 14.19
N GLU B 94 10.53 85.56 14.68
CA GLU B 94 10.12 85.45 16.08
C GLU B 94 9.58 84.06 16.38
N VAL B 95 8.71 83.54 15.50
CA VAL B 95 8.15 82.22 15.71
C VAL B 95 9.24 81.16 15.68
N PHE B 96 10.18 81.28 14.73
CA PHE B 96 11.26 80.30 14.63
C PHE B 96 12.16 80.33 15.86
N GLN B 97 12.47 81.53 16.37
CA GLN B 97 13.28 81.63 17.58
C GLN B 97 12.55 81.04 18.78
N LEU B 98 11.24 81.29 18.89
CA LEU B 98 10.48 80.69 19.98
C LEU B 98 10.47 79.17 19.89
N VAL B 99 10.33 78.64 18.67
CA VAL B 99 10.37 77.19 18.48
C VAL B 99 11.73 76.64 18.86
N GLU B 100 12.81 77.33 18.48
CA GLU B 100 14.15 76.88 18.84
C GLU B 100 14.34 76.88 20.36
N GLU B 101 13.90 77.95 21.03
CA GLU B 101 14.03 78.01 22.48
C GLU B 101 13.24 76.90 23.16
N ALA B 102 12.05 76.60 22.64
CA ALA B 102 11.27 75.48 23.18
C ALA B 102 11.99 74.16 22.96
N TRP B 103 12.61 73.98 21.78
CA TRP B 103 13.36 72.77 21.51
C TRP B 103 14.56 72.62 22.44
N LEU B 104 15.20 73.73 22.81
CA LEU B 104 16.37 73.67 23.67
C LEU B 104 16.05 73.18 25.07
N LEU B 105 14.79 73.21 25.47
CA LEU B 105 14.38 72.74 26.80
C LEU B 105 14.57 71.23 26.93
N GLY B 109 12.52 70.99 24.50
CA GLY B 109 11.33 70.33 24.98
C GLY B 109 10.53 69.68 23.87
N ARG B 110 10.51 68.34 23.86
CA ARG B 110 9.76 67.61 22.85
C ARG B 110 8.26 67.90 22.96
N GLU B 111 7.71 67.77 24.16
CA GLU B 111 6.29 68.05 24.35
C GLU B 111 5.96 69.52 24.14
N VAL B 112 6.90 70.41 24.47
CA VAL B 112 6.66 71.84 24.25
C VAL B 112 6.54 72.13 22.76
N ALA B 113 7.46 71.56 21.97
CA ALA B 113 7.40 71.76 20.52
C ALA B 113 6.18 71.08 19.91
N GLN B 114 5.78 69.93 20.47
CA GLN B 114 4.55 69.29 20.01
C GLN B 114 3.35 70.19 20.24
N GLY B 115 3.27 70.80 21.43
CA GLY B 115 2.19 71.74 21.69
C GLY B 115 2.24 72.96 20.80
N LEU B 116 3.45 73.43 20.48
CA LEU B 116 3.61 74.54 19.55
C LEU B 116 3.02 74.20 18.20
N CYS B 117 3.44 73.05 17.64
CA CYS B 117 3.02 72.68 16.30
C CYS B 117 1.55 72.31 16.25
N ASP B 118 0.98 71.79 17.35
CA ASP B 118 -0.45 71.54 17.38
C ASP B 118 -1.24 72.83 17.23
N ALA B 119 -0.83 73.88 17.95
CA ALA B 119 -1.50 75.17 17.81
C ALA B 119 -1.30 75.75 16.42
N ILE B 120 -0.09 75.61 15.87
CA ILE B 120 0.17 76.12 14.52
C ILE B 120 -0.73 75.43 13.50
N ARG B 121 -0.87 74.11 13.61
CA ARG B 121 -1.74 73.37 12.69
C ARG B 121 -3.20 73.74 12.88
N LEU B 122 -3.64 73.88 14.14
CA LEU B 122 -5.04 74.22 14.40
C LEU B 122 -5.38 75.60 13.84
N ASP B 123 -4.48 76.57 13.98
CA ASP B 123 -4.71 77.92 13.48
C ASP B 123 -4.43 78.05 11.99
N GLY B 124 -4.09 76.96 11.31
CA GLY B 124 -3.81 77.02 9.89
C GLY B 124 -2.54 77.76 9.53
N GLY B 125 -1.56 77.78 10.43
CA GLY B 125 -0.32 78.50 10.15
C GLY B 125 0.44 77.91 8.98
N LEU B 126 0.40 76.58 8.83
CA LEU B 126 1.16 75.95 7.75
C LEU B 126 0.60 76.31 6.37
N ASP B 127 -0.71 76.53 6.26
CA ASP B 127 -1.26 77.04 5.02
C ASP B 127 -0.72 78.43 4.70
N LEU B 128 -0.61 79.28 5.72
CA LEU B 128 -0.04 80.61 5.52
C LEU B 128 1.43 80.51 5.11
N LEU B 129 2.17 79.59 5.70
CA LEU B 129 3.55 79.35 5.26
C LEU B 129 3.60 78.86 3.83
N LEU B 130 2.65 78.02 3.42
CA LEU B 130 2.62 77.54 2.05
C LEU B 130 2.38 78.69 1.07
N ARG B 131 1.42 79.56 1.37
CA ARG B 131 1.17 80.68 0.46
C ARG B 131 2.26 81.75 0.54
N LEU B 132 3.05 81.77 1.62
CA LEU B 132 4.25 82.60 1.63
C LEU B 132 5.37 81.99 0.79
N LEU B 133 5.46 80.66 0.79
CA LEU B 133 6.32 79.98 -0.18
C LEU B 133 5.91 80.30 -1.61
N GLN B 134 4.60 80.46 -1.83
CA GLN B 134 4.10 80.88 -3.13
C GLN B 134 4.31 82.37 -3.39
N ALA B 135 4.65 83.15 -2.38
CA ALA B 135 4.82 84.58 -2.56
C ALA B 135 6.06 84.88 -3.39
N PRO B 136 6.03 85.93 -4.23
CA PRO B 136 7.20 86.25 -5.06
C PRO B 136 8.42 86.68 -4.25
N GLU B 137 8.23 87.24 -3.06
CA GLU B 137 9.36 87.74 -2.29
C GLU B 137 10.24 86.58 -1.83
N LEU B 138 11.56 86.71 -2.05
CA LEU B 138 12.47 85.63 -1.73
C LEU B 138 12.72 85.53 -0.23
N GLU B 139 12.90 86.67 0.45
CA GLU B 139 13.23 86.62 1.88
C GLU B 139 12.06 86.12 2.70
N THR B 140 10.83 86.52 2.35
CA THR B 140 9.67 85.94 3.01
C THR B 140 9.67 84.43 2.87
N ARG B 141 10.05 83.95 1.69
CA ARG B 141 10.17 82.50 1.47
C ARG B 141 11.24 81.89 2.37
N VAL B 142 12.36 82.59 2.57
CA VAL B 142 13.43 81.98 3.37
C VAL B 142 13.01 81.90 4.84
N GLN B 143 12.35 82.93 5.37
CA GLN B 143 11.88 82.81 6.76
C GLN B 143 10.77 81.77 6.88
N ALA B 144 9.86 81.71 5.91
CA ALA B 144 8.80 80.72 5.96
C ALA B 144 9.37 79.30 5.94
N ALA B 145 10.37 79.07 5.10
CA ALA B 145 10.99 77.75 5.03
C ALA B 145 11.83 77.46 6.27
N ARG B 146 12.42 78.49 6.88
CA ARG B 146 13.11 78.30 8.15
C ARG B 146 12.14 77.81 9.23
N LEU B 147 10.95 78.40 9.27
CA LEU B 147 9.92 77.88 10.17
C LEU B 147 9.48 76.47 9.76
N LEU B 148 9.37 76.23 8.46
CA LEU B 148 8.87 74.96 7.97
C LEU B 148 9.77 73.79 8.36
N GLU B 149 11.09 74.00 8.28
CA GLU B 149 12.01 72.92 8.67
C GLU B 149 11.78 72.46 10.09
N GLN B 150 11.41 73.36 11.00
CA GLN B 150 11.30 73.03 12.41
C GLN B 150 9.87 72.80 12.87
N ILE B 151 8.87 73.01 12.00
CA ILE B 151 7.48 72.71 12.36
C ILE B 151 6.96 71.45 11.67
N LEU B 152 7.83 70.65 11.06
CA LEU B 152 7.40 69.46 10.34
C LEU B 152 7.38 68.25 11.28
N VAL B 153 6.45 68.31 12.23
CA VAL B 153 6.17 67.18 13.13
C VAL B 153 5.24 66.21 12.43
N ALA B 154 5.04 65.04 13.02
CA ALA B 154 4.31 63.95 12.36
C ALA B 154 2.94 64.40 11.88
N GLU B 155 2.17 65.09 12.73
CA GLU B 155 0.84 65.54 12.33
C GLU B 155 0.94 66.61 11.25
N ASN B 156 1.85 67.59 11.44
CA ASN B 156 2.08 68.58 10.39
C ASN B 156 2.65 67.93 9.14
N ARG B 157 3.42 66.84 9.30
CA ARG B 157 3.90 66.11 8.14
C ARG B 157 2.74 65.48 7.37
N ASP B 158 1.76 64.92 8.09
CA ASP B 158 0.57 64.39 7.43
C ASP B 158 -0.19 65.50 6.71
N ARG B 159 -0.31 66.67 7.35
CA ARG B 159 -1.01 67.77 6.72
C ARG B 159 -0.31 68.24 5.44
N VAL B 160 1.03 68.34 5.48
CA VAL B 160 1.77 68.72 4.29
C VAL B 160 1.66 67.65 3.22
N ALA B 161 1.65 66.37 3.61
CA ALA B 161 1.47 65.31 2.64
C ALA B 161 0.11 65.41 1.95
N ARG B 162 -0.95 65.70 2.72
CA ARG B 162 -2.29 65.69 2.15
C ARG B 162 -2.55 66.94 1.30
N ILE B 163 -2.14 68.12 1.73
CA ILE B 163 -2.50 69.32 0.98
C ILE B 163 -1.28 70.17 0.62
N GLY B 164 -0.23 70.11 1.43
CA GLY B 164 0.91 70.98 1.23
C GLY B 164 1.87 70.53 0.15
N LEU B 165 1.77 69.27 -0.29
CA LEU B 165 2.67 68.76 -1.31
C LEU B 165 2.40 69.44 -2.65
N GLY B 166 3.43 69.47 -3.50
CA GLY B 166 3.35 70.15 -4.77
C GLY B 166 3.97 71.53 -4.70
N VAL B 167 3.74 72.23 -3.59
CA VAL B 167 4.38 73.54 -3.40
C VAL B 167 5.88 73.36 -3.17
N ILE B 168 6.27 72.29 -2.47
CA ILE B 168 7.69 72.05 -2.20
C ILE B 168 8.44 71.75 -3.49
N LEU B 169 7.77 71.15 -4.47
CA LEU B 169 8.42 70.89 -5.75
C LEU B 169 8.82 72.19 -6.44
N ASN B 170 8.00 73.24 -6.29
CA ASN B 170 8.35 74.54 -6.86
C ASN B 170 9.64 75.07 -6.22
N LEU B 171 9.79 74.88 -4.91
CA LEU B 171 11.06 75.23 -4.27
C LEU B 171 12.20 74.37 -4.82
N ALA B 172 11.94 73.08 -5.00
CA ALA B 172 12.97 72.19 -5.55
C ALA B 172 13.40 72.63 -6.94
N LYS B 173 12.51 73.31 -7.67
CA LYS B 173 12.91 73.91 -8.95
C LYS B 173 13.99 74.96 -8.74
N GLU B 174 13.86 75.77 -7.70
CA GLU B 174 14.91 76.71 -7.34
C GLU B 174 16.14 75.96 -6.84
N ARG B 175 17.31 76.36 -7.30
CA ARG B 175 18.52 75.61 -7.01
C ARG B 175 19.66 76.51 -6.51
N GLU B 176 19.62 77.79 -6.88
CA GLU B 176 20.79 78.64 -6.68
C GLU B 176 21.00 79.05 -5.23
N PRO B 177 20.03 79.65 -4.53
CA PRO B 177 20.32 80.16 -3.18
C PRO B 177 20.70 79.04 -2.23
N VAL B 178 21.68 79.32 -1.36
CA VAL B 178 22.12 78.35 -0.38
C VAL B 178 21.07 78.18 0.71
N GLU B 179 20.47 79.28 1.16
CA GLU B 179 19.45 79.20 2.21
C GLU B 179 18.25 78.39 1.76
N LEU B 180 17.77 78.64 0.53
CA LEU B 180 16.68 77.84 0.00
C LEU B 180 17.09 76.37 -0.12
N ALA B 181 18.32 76.11 -0.56
CA ALA B 181 18.79 74.74 -0.67
C ALA B 181 18.71 74.03 0.68
N ARG B 182 19.25 74.66 1.73
CA ARG B 182 19.23 74.05 3.06
C ARG B 182 17.80 73.83 3.55
N SER B 183 16.95 74.85 3.38
CA SER B 183 15.59 74.76 3.90
C SER B 183 14.79 73.67 3.20
N VAL B 184 14.84 73.64 1.87
CA VAL B 184 14.09 72.63 1.14
C VAL B 184 14.70 71.25 1.35
N ALA B 185 16.01 71.17 1.59
CA ALA B 185 16.61 69.87 1.92
C ALA B 185 16.04 69.35 3.23
N GLY B 186 15.95 70.21 4.25
CA GLY B 186 15.35 69.77 5.51
C GLY B 186 13.89 69.38 5.35
N ILE B 187 13.13 70.18 4.60
CA ILE B 187 11.71 69.88 4.38
C ILE B 187 11.56 68.55 3.66
N LEU B 188 12.38 68.31 2.63
CA LEU B 188 12.33 67.04 1.91
C LEU B 188 12.73 65.88 2.81
N GLU B 189 13.70 66.10 3.70
CA GLU B 189 14.04 65.06 4.68
C GLU B 189 12.83 64.68 5.52
N HIS B 190 12.16 65.67 6.10
CA HIS B 190 11.00 65.37 6.93
C HIS B 190 9.89 64.71 6.11
N MET B 191 9.66 65.19 4.89
CA MET B 191 8.63 64.59 4.04
C MET B 191 8.96 63.15 3.68
N PHE B 192 10.24 62.86 3.45
CA PHE B 192 10.65 61.49 3.19
C PHE B 192 10.52 60.61 4.42
N LYS B 193 10.56 61.21 5.61
CA LYS B 193 10.30 60.44 6.82
C LYS B 193 8.82 60.17 7.05
N HIS B 194 7.94 60.66 6.18
CA HIS B 194 6.50 60.58 6.42
C HIS B 194 5.94 59.20 6.09
N SER B 195 5.98 58.81 4.82
CA SER B 195 5.34 57.57 4.39
C SER B 195 5.87 57.17 3.02
N GLU B 196 5.53 55.95 2.61
CA GLU B 196 6.02 55.41 1.34
C GLU B 196 5.42 56.14 0.14
N GLU B 197 4.13 56.46 0.20
CA GLU B 197 3.48 57.12 -0.93
C GLU B 197 4.09 58.49 -1.20
N THR B 198 4.35 59.26 -0.14
CA THR B 198 4.98 60.57 -0.32
C THR B 198 6.39 60.42 -0.88
N CYS B 199 7.13 59.40 -0.43
CA CYS B 199 8.46 59.16 -0.98
C CYS B 199 8.39 58.85 -2.47
N GLN B 200 7.43 58.01 -2.86
CA GLN B 200 7.30 57.68 -4.27
C GLN B 200 6.91 58.91 -5.10
N ARG B 201 6.01 59.73 -4.57
CA ARG B 201 5.61 60.94 -5.28
C ARG B 201 6.78 61.91 -5.44
N LEU B 202 7.57 62.08 -4.37
CA LEU B 202 8.73 62.97 -4.44
C LEU B 202 9.77 62.44 -5.40
N VAL B 203 9.99 61.12 -5.41
CA VAL B 203 10.94 60.53 -6.36
C VAL B 203 10.46 60.75 -7.79
N ALA B 204 9.15 60.57 -8.03
CA ALA B 204 8.60 60.87 -9.35
C ALA B 204 8.80 62.33 -9.72
N ALA B 205 8.78 63.22 -8.75
CA ALA B 205 9.06 64.64 -8.98
C ALA B 205 10.56 64.86 -8.97
N GLY B 206 10.98 66.13 -8.91
CA GLY B 206 12.38 66.48 -8.90
C GLY B 206 13.03 66.57 -7.54
N GLY B 207 12.39 66.04 -6.50
CA GLY B 207 12.97 66.13 -5.17
C GLY B 207 14.29 65.39 -5.05
N LEU B 208 14.36 64.18 -5.60
CA LEU B 208 15.61 63.42 -5.57
C LEU B 208 16.70 64.12 -6.37
N ASP B 209 16.35 64.67 -7.53
CA ASP B 209 17.32 65.42 -8.32
C ASP B 209 17.80 66.65 -7.57
N ALA B 210 16.89 67.33 -6.86
CA ALA B 210 17.30 68.46 -6.03
C ALA B 210 18.25 68.04 -4.93
N VAL B 211 17.98 66.88 -4.30
CA VAL B 211 18.86 66.37 -3.27
C VAL B 211 20.24 66.08 -3.84
N LEU B 212 20.30 65.47 -5.03
CA LEU B 212 21.59 65.19 -5.66
C LEU B 212 22.34 66.48 -5.97
N TYR B 213 21.64 67.48 -6.51
CA TYR B 213 22.28 68.75 -6.83
C TYR B 213 22.82 69.42 -5.58
N TRP B 214 22.06 69.39 -4.49
CA TRP B 214 22.54 69.97 -3.24
C TRP B 214 23.70 69.15 -2.66
N CYS B 215 23.73 67.85 -2.95
CA CYS B 215 24.90 67.04 -2.58
C CYS B 215 26.12 67.47 -3.40
N ARG B 216 25.91 67.92 -4.63
CA ARG B 216 27.01 68.48 -5.40
C ARG B 216 27.58 69.73 -4.75
N ARG B 217 26.78 70.42 -3.93
CA ARG B 217 27.20 71.65 -3.28
C ARG B 217 28.18 71.36 -2.13
N THR B 218 28.50 72.41 -1.38
CA THR B 218 29.57 72.36 -0.39
C THR B 218 29.13 72.71 1.02
N ASP B 219 27.98 73.35 1.18
CA ASP B 219 27.57 73.85 2.50
C ASP B 219 27.46 72.69 3.49
N PRO B 220 28.00 72.84 4.70
CA PRO B 220 27.95 71.72 5.66
C PRO B 220 26.54 71.34 6.09
N ALA B 221 25.75 72.32 6.52
CA ALA B 221 24.39 72.03 6.97
C ALA B 221 23.54 71.47 5.85
N LEU B 222 23.70 72.01 4.64
CA LEU B 222 22.95 71.50 3.49
C LEU B 222 23.31 70.03 3.23
N LEU B 223 24.60 69.70 3.28
CA LEU B 223 25.01 68.32 3.07
C LEU B 223 24.47 67.41 4.17
N ARG B 224 24.46 67.89 5.41
CA ARG B 224 23.92 67.09 6.50
C ARG B 224 22.44 66.78 6.30
N HIS B 225 21.66 67.82 5.94
CA HIS B 225 20.24 67.60 5.69
C HIS B 225 20.02 66.69 4.49
N CYS B 226 20.84 66.83 3.45
CA CYS B 226 20.68 65.94 2.29
C CYS B 226 21.01 64.49 2.64
N ALA B 227 22.05 64.27 3.43
CA ALA B 227 22.39 62.91 3.85
C ALA B 227 21.27 62.31 4.69
N LEU B 228 20.74 63.09 5.63
CA LEU B 228 19.65 62.57 6.46
C LEU B 228 18.39 62.35 5.63
N ALA B 229 18.15 63.19 4.62
CA ALA B 229 17.01 62.99 3.73
C ALA B 229 17.15 61.68 2.95
N LEU B 230 18.34 61.43 2.41
CA LEU B 230 18.56 60.19 1.67
C LEU B 230 18.41 58.98 2.58
N GLY B 231 18.93 59.06 3.81
CA GLY B 231 18.75 57.97 4.75
C GLY B 231 17.28 57.72 5.07
N ASN B 232 16.54 58.79 5.33
CA ASN B 232 15.11 58.65 5.66
C ASN B 232 14.33 58.07 4.50
N CYS B 233 14.60 58.54 3.28
CA CYS B 233 13.86 58.03 2.13
C CYS B 233 14.23 56.59 1.82
N ALA B 234 15.50 56.21 2.02
CA ALA B 234 15.87 54.81 1.86
C ALA B 234 15.19 53.94 2.90
N LEU B 235 15.06 54.43 4.12
CA LEU B 235 14.43 53.64 5.17
C LEU B 235 12.92 53.50 4.95
N HIS B 236 12.26 54.57 4.50
CA HIS B 236 10.81 54.60 4.43
C HIS B 236 10.27 54.56 3.01
N GLY B 237 11.07 54.17 2.03
CA GLY B 237 10.64 54.20 0.65
C GLY B 237 10.02 52.92 0.13
N GLY B 238 10.74 51.81 0.27
CA GLY B 238 10.32 50.54 -0.28
C GLY B 238 11.22 50.12 -1.44
N GLN B 239 10.82 49.01 -2.08
CA GLN B 239 11.62 48.46 -3.17
C GLN B 239 11.70 49.42 -4.34
N ALA B 240 10.57 49.97 -4.76
CA ALA B 240 10.54 50.83 -5.94
C ALA B 240 11.34 52.11 -5.71
N VAL B 241 11.23 52.69 -4.52
CA VAL B 241 11.96 53.93 -4.22
C VAL B 241 13.46 53.69 -4.28
N GLN B 242 13.92 52.60 -3.68
CA GLN B 242 15.35 52.29 -3.71
C GLN B 242 15.83 51.98 -5.12
N ARG B 243 15.02 51.26 -5.90
CA ARG B 243 15.37 50.99 -7.30
C ARG B 243 15.52 52.29 -8.08
N ARG B 244 14.58 53.22 -7.90
CA ARG B 244 14.65 54.49 -8.61
C ARG B 244 15.84 55.31 -8.14
N MET B 245 16.16 55.24 -6.84
CA MET B 245 17.33 55.93 -6.33
C MET B 245 18.61 55.42 -6.99
N VAL B 246 18.78 54.10 -7.06
CA VAL B 246 19.99 53.55 -7.66
C VAL B 246 20.03 53.85 -9.15
N GLU B 247 18.87 53.82 -9.82
CA GLU B 247 18.82 54.19 -11.23
C GLU B 247 19.27 55.63 -11.43
N LYS B 248 19.10 56.48 -10.42
CA LYS B 248 19.60 57.85 -10.45
C LYS B 248 20.98 57.97 -9.81
N ARG B 249 21.64 56.86 -9.53
CA ARG B 249 22.99 56.83 -8.97
C ARG B 249 23.04 57.52 -7.60
N ALA B 250 22.24 56.98 -6.67
CA ALA B 250 22.19 57.55 -5.33
C ALA B 250 23.48 57.30 -4.55
N ALA B 251 24.06 56.10 -4.66
CA ALA B 251 25.26 55.78 -3.89
C ALA B 251 26.45 56.61 -4.35
N GLU B 252 26.57 56.86 -5.65
CA GLU B 252 27.68 57.66 -6.15
C GLU B 252 27.64 59.07 -5.57
N TRP B 253 26.46 59.68 -5.51
CA TRP B 253 26.34 61.00 -4.91
C TRP B 253 26.38 60.94 -3.39
N LEU B 254 26.14 59.77 -2.79
CA LEU B 254 26.32 59.62 -1.35
C LEU B 254 27.80 59.55 -0.99
N PHE B 255 28.63 59.08 -1.93
CA PHE B 255 30.06 58.91 -1.65
C PHE B 255 30.75 60.19 -1.17
N PRO B 256 30.61 61.36 -1.83
CA PRO B 256 31.32 62.55 -1.33
C PRO B 256 30.91 62.95 0.07
N LEU B 257 29.65 62.74 0.44
CA LEU B 257 29.20 63.10 1.77
C LEU B 257 29.88 62.26 2.84
N ALA B 258 30.10 60.97 2.56
CA ALA B 258 30.83 60.13 3.50
C ALA B 258 32.33 60.42 3.45
N PHE B 259 32.85 60.82 2.30
CA PHE B 259 34.28 61.03 2.15
C PHE B 259 34.75 62.34 2.78
N SER B 260 33.85 63.29 2.96
CA SER B 260 34.23 64.61 3.46
C SER B 260 34.69 64.52 4.91
N LYS B 261 35.96 64.87 5.15
CA LYS B 261 36.53 64.80 6.49
C LYS B 261 36.15 65.97 7.38
N GLU B 262 35.44 66.96 6.83
CA GLU B 262 35.14 68.18 7.60
C GLU B 262 34.23 67.87 8.79
N ASP B 263 33.17 67.11 8.58
CA ASP B 263 32.19 66.80 9.61
C ASP B 263 32.03 65.29 9.73
N GLU B 264 32.03 64.80 10.98
CA GLU B 264 31.86 63.37 11.22
C GLU B 264 30.41 62.94 11.06
N LEU B 265 29.47 63.79 11.48
CA LEU B 265 28.05 63.42 11.39
C LEU B 265 27.60 63.26 9.95
N LEU B 266 28.14 64.07 9.03
CA LEU B 266 27.78 63.94 7.62
C LEU B 266 28.20 62.57 7.09
N ARG B 267 29.44 62.15 7.38
CA ARG B 267 29.88 60.83 6.96
C ARG B 267 29.06 59.73 7.62
N LEU B 268 28.72 59.92 8.90
CA LEU B 268 27.94 58.91 9.61
C LEU B 268 26.57 58.72 8.96
N HIS B 269 25.90 59.84 8.63
CA HIS B 269 24.60 59.75 7.97
C HIS B 269 24.71 59.16 6.57
N ALA B 270 25.75 59.56 5.82
CA ALA B 270 25.92 59.01 4.49
C ALA B 270 26.17 57.50 4.53
N CYS B 271 26.97 57.05 5.50
CA CYS B 271 27.20 55.62 5.67
C CYS B 271 25.95 54.89 6.10
N LEU B 272 25.12 55.52 6.94
CA LEU B 272 23.84 54.91 7.28
C LEU B 272 22.97 54.73 6.04
N ALA B 273 22.92 55.75 5.19
CA ALA B 273 22.13 55.66 3.96
C ALA B 273 22.68 54.56 3.05
N VAL B 274 24.01 54.48 2.92
CA VAL B 274 24.61 53.46 2.07
C VAL B 274 24.31 52.06 2.62
N ALA B 275 24.38 51.90 3.95
CA ALA B 275 24.08 50.61 4.56
C ALA B 275 22.62 50.23 4.35
N VAL B 276 21.71 51.19 4.48
CA VAL B 276 20.29 50.91 4.26
C VAL B 276 20.05 50.50 2.80
N LEU B 277 20.72 51.18 1.87
CA LEU B 277 20.64 50.76 0.46
C LEU B 277 21.20 49.35 0.27
N ALA B 278 22.28 49.02 0.98
CA ALA B 278 22.91 47.71 0.85
C ALA B 278 22.04 46.60 1.43
N THR B 279 21.22 46.93 2.44
CA THR B 279 20.30 45.92 2.97
C THR B 279 19.36 45.41 1.90
N ASN B 280 18.99 46.26 0.95
CA ASN B 280 18.29 45.84 -0.26
C ASN B 280 19.30 45.09 -1.12
N LYS B 281 19.28 43.75 -1.04
CA LYS B 281 20.33 42.95 -1.64
C LYS B 281 20.09 42.61 -3.11
N GLU B 282 18.99 43.09 -3.70
CA GLU B 282 18.79 42.90 -5.13
C GLU B 282 19.56 43.93 -5.94
N VAL B 283 20.15 44.94 -5.29
CA VAL B 283 20.91 45.98 -5.95
C VAL B 283 22.29 46.14 -5.33
N GLU B 284 22.70 45.20 -4.47
CA GLU B 284 24.03 45.25 -3.87
C GLU B 284 25.12 45.26 -4.93
N ARG B 285 24.87 44.65 -6.09
CA ARG B 285 25.86 44.65 -7.16
C ARG B 285 26.19 46.07 -7.60
N GLU B 286 25.15 46.86 -7.92
CA GLU B 286 25.39 48.24 -8.32
C GLU B 286 25.88 49.09 -7.16
N VAL B 287 25.43 48.79 -5.94
CA VAL B 287 25.93 49.54 -4.78
C VAL B 287 27.43 49.35 -4.64
N GLU B 288 27.91 48.11 -4.80
CA GLU B 288 29.34 47.85 -4.79
C GLU B 288 30.04 48.50 -5.99
N ARG B 289 29.40 48.48 -7.17
CA ARG B 289 29.97 49.17 -8.32
C ARG B 289 30.19 50.64 -8.02
N SER B 290 29.33 51.25 -7.21
CA SER B 290 29.57 52.62 -6.77
C SER B 290 30.84 52.72 -5.92
N GLY B 291 31.08 51.73 -5.06
CA GLY B 291 32.28 51.70 -4.25
C GLY B 291 32.21 52.48 -2.96
N THR B 292 31.06 53.07 -2.63
CA THR B 292 30.95 53.84 -1.40
C THR B 292 30.87 52.96 -0.16
N LEU B 293 30.60 51.66 -0.32
CA LEU B 293 30.53 50.78 0.83
C LEU B 293 31.88 50.57 1.51
N ALA B 294 32.97 50.83 0.79
CA ALA B 294 34.30 50.55 1.34
C ALA B 294 34.60 51.40 2.57
N LEU B 295 34.23 52.68 2.53
CA LEU B 295 34.56 53.60 3.61
C LEU B 295 33.75 53.38 4.88
N VAL B 296 32.73 52.52 4.84
CA VAL B 296 31.84 52.36 5.99
C VAL B 296 32.61 51.79 7.18
N GLU B 297 33.34 50.69 6.96
CA GLU B 297 34.04 50.05 8.07
C GLU B 297 35.13 50.93 8.68
N PRO B 298 36.04 51.53 7.91
CA PRO B 298 37.06 52.39 8.55
C PRO B 298 36.46 53.56 9.31
N LEU B 299 35.39 54.18 8.79
CA LEU B 299 34.77 55.29 9.49
C LEU B 299 34.14 54.81 10.80
N VAL B 300 33.48 53.67 10.79
CA VAL B 300 32.88 53.12 12.00
C VAL B 300 33.97 52.81 13.02
N ALA B 301 35.09 52.24 12.57
CA ALA B 301 36.19 51.96 13.47
C ALA B 301 36.77 53.25 14.08
N SER B 302 36.91 54.30 13.26
CA SER B 302 37.52 55.53 13.75
C SER B 302 36.60 56.26 14.72
N LEU B 303 35.31 56.37 14.39
CA LEU B 303 34.39 57.14 15.21
C LEU B 303 34.11 56.44 16.54
N ASP B 304 33.72 57.23 17.53
CA ASP B 304 33.40 56.73 18.87
C ASP B 304 31.93 56.95 19.16
N PRO B 305 31.22 55.93 19.65
CA PRO B 305 29.79 56.09 19.93
C PRO B 305 29.50 57.15 20.99
N GLY B 306 30.38 57.33 21.97
CA GLY B 306 30.08 58.20 23.08
C GLY B 306 29.95 59.66 22.70
N ARG B 307 30.82 60.14 21.80
CA ARG B 307 30.80 61.55 21.42
C ARG B 307 29.48 61.92 20.76
N PHE B 308 29.05 61.12 19.78
CA PHE B 308 27.81 61.43 19.08
C PHE B 308 26.58 61.10 19.93
N ALA B 309 26.70 60.14 20.84
CA ALA B 309 25.60 59.89 21.77
C ALA B 309 25.38 61.08 22.70
N ARG B 310 26.47 61.68 23.18
CA ARG B 310 26.35 62.85 24.03
C ARG B 310 25.88 64.07 23.25
N CYS B 311 26.32 64.19 21.99
CA CYS B 311 25.91 65.30 21.14
C CYS B 311 24.41 65.26 20.87
N PRO B 324 11.21 54.86 18.68
CA PRO B 324 11.04 53.40 18.65
C PRO B 324 10.96 52.85 17.22
N ASP B 325 10.28 53.58 16.33
CA ASP B 325 10.20 53.15 14.94
C ASP B 325 11.58 53.18 14.29
N ASP B 326 12.40 54.17 14.63
CA ASP B 326 13.76 54.22 14.10
C ASP B 326 14.57 53.01 14.52
N LEU B 327 14.43 52.58 15.78
CA LEU B 327 15.11 51.38 16.23
C LEU B 327 14.58 50.14 15.53
N GLN B 328 13.26 50.08 15.32
CA GLN B 328 12.66 48.95 14.62
C GLN B 328 13.13 48.88 13.17
N ARG B 329 13.49 50.03 12.59
CA ARG B 329 14.02 50.03 11.23
C ARG B 329 15.52 49.77 11.21
N LEU B 330 16.22 50.10 12.29
CA LEU B 330 17.65 49.81 12.39
C LEU B 330 17.92 48.34 12.67
N VAL B 331 16.97 47.65 13.31
CA VAL B 331 17.18 46.23 13.62
C VAL B 331 17.45 45.41 12.36
N PRO B 332 16.75 45.60 11.23
CA PRO B 332 17.13 44.85 10.02
C PRO B 332 18.59 45.04 9.61
N LEU B 333 19.17 46.21 9.86
CA LEU B 333 20.59 46.40 9.59
C LEU B 333 21.44 45.48 10.44
N LEU B 334 21.03 45.25 11.70
CA LEU B 334 21.72 44.28 12.54
C LEU B 334 21.61 42.88 11.97
N ASP B 335 20.42 42.52 11.48
CA ASP B 335 20.19 41.20 10.89
C ASP B 335 20.39 41.19 9.38
N SER B 336 21.13 42.16 8.84
CA SER B 336 21.28 42.26 7.40
C SER B 336 22.28 41.26 6.82
N ASN B 337 23.13 40.67 7.67
CA ASN B 337 24.19 39.75 7.25
C ASN B 337 25.19 40.39 6.30
N ARG B 338 25.19 41.73 6.20
CA ARG B 338 26.18 42.47 5.42
C ARG B 338 27.06 43.25 6.39
N LEU B 339 28.38 43.09 6.25
CA LEU B 339 29.30 43.57 7.28
C LEU B 339 29.16 45.07 7.52
N GLU B 340 29.09 45.85 6.43
CA GLU B 340 28.93 47.29 6.58
C GLU B 340 27.60 47.64 7.24
N ALA B 341 26.52 47.00 6.79
CA ALA B 341 25.21 47.24 7.38
C ALA B 341 25.16 46.82 8.84
N GLN B 342 25.76 45.67 9.16
CA GLN B 342 25.80 45.21 10.54
C GLN B 342 26.59 46.18 11.42
N CYS B 343 27.71 46.69 10.92
CA CYS B 343 28.50 47.65 11.69
C CYS B 343 27.73 48.95 11.91
N ILE B 344 27.06 49.44 10.88
CA ILE B 344 26.29 50.68 11.02
C ILE B 344 25.16 50.48 12.03
N GLY B 345 24.45 49.36 11.93
CA GLY B 345 23.38 49.08 12.87
C GLY B 345 23.89 48.95 14.29
N ALA B 346 25.03 48.28 14.47
CA ALA B 346 25.61 48.14 15.81
C ALA B 346 26.00 49.49 16.38
N PHE B 347 26.60 50.36 15.56
CA PHE B 347 26.97 51.68 16.04
C PHE B 347 25.75 52.49 16.46
N TYR B 348 24.72 52.50 15.60
CA TYR B 348 23.50 53.24 15.92
C TYR B 348 22.83 52.69 17.16
N LEU B 349 22.75 51.37 17.28
CA LEU B 349 22.09 50.78 18.44
C LEU B 349 22.88 51.01 19.71
N CYS B 350 24.22 50.99 19.64
CA CYS B 350 25.03 51.30 20.82
C CYS B 350 24.81 52.75 21.27
N ALA B 351 24.79 53.68 20.31
CA ALA B 351 24.54 55.08 20.67
C ALA B 351 23.15 55.23 21.30
N GLU B 352 22.14 54.61 20.69
CA GLU B 352 20.78 54.72 21.23
C GLU B 352 20.66 54.06 22.59
N ALA B 353 21.35 52.94 22.79
CA ALA B 353 21.33 52.27 24.09
C ALA B 353 22.00 53.13 25.15
N ALA B 354 23.10 53.79 24.81
CA ALA B 354 23.72 54.71 25.76
C ALA B 354 22.77 55.86 26.11
N ILE B 355 22.10 56.42 25.09
CA ILE B 355 21.17 57.51 25.34
C ILE B 355 20.01 57.05 26.24
N LYS B 356 19.46 55.87 25.96
CA LYS B 356 18.35 55.36 26.74
C LYS B 356 18.77 55.05 28.17
N SER B 357 19.94 54.43 28.34
CA SER B 357 20.44 54.11 29.67
C SER B 357 20.80 55.36 30.46
N LEU B 358 21.09 56.47 29.76
CA LEU B 358 21.24 57.74 30.46
C LEU B 358 19.95 58.10 31.20
N GLN B 359 18.80 57.73 30.62
CA GLN B 359 17.51 57.84 31.28
C GLN B 359 17.15 56.50 31.91
N GLY B 360 15.92 56.37 32.40
CA GLY B 360 15.48 55.14 33.02
C GLY B 360 14.78 54.17 32.07
N LYS B 361 14.41 54.65 30.89
CA LYS B 361 13.67 53.85 29.92
C LYS B 361 14.65 53.05 29.07
N THR B 362 14.69 51.73 29.29
CA THR B 362 15.57 50.85 28.51
C THR B 362 14.85 49.60 28.00
N LYS B 363 13.52 49.53 28.15
CA LYS B 363 12.77 48.35 27.75
C LYS B 363 12.42 48.34 26.27
N VAL B 364 12.73 49.42 25.53
CA VAL B 364 12.38 49.47 24.12
C VAL B 364 13.12 48.39 23.34
N PHE B 365 14.42 48.21 23.61
CA PHE B 365 15.20 47.20 22.91
C PHE B 365 14.68 45.80 23.22
N SER B 366 14.33 45.54 24.48
CA SER B 366 13.76 44.24 24.83
C SER B 366 12.43 44.01 24.12
N ASP B 367 11.59 45.05 24.04
CA ASP B 367 10.31 44.91 23.36
C ASP B 367 10.49 44.62 21.88
N ILE B 368 11.42 45.33 21.22
CA ILE B 368 11.68 45.08 19.81
C ILE B 368 12.34 43.71 19.62
N GLY B 369 13.23 43.33 20.54
CA GLY B 369 13.96 42.09 20.39
C GLY B 369 15.37 42.24 19.88
N ALA B 370 15.92 43.45 19.89
CA ALA B 370 17.28 43.67 19.41
C ALA B 370 18.33 43.04 20.31
N ILE B 371 17.97 42.69 21.55
CA ILE B 371 18.93 42.04 22.44
C ILE B 371 19.33 40.67 21.90
N GLN B 372 18.35 39.91 21.41
CA GLN B 372 18.66 38.62 20.80
C GLN B 372 19.53 38.78 19.57
N SER B 373 19.24 39.80 18.75
CA SER B 373 20.06 40.06 17.57
C SER B 373 21.49 40.42 17.97
N LEU B 374 21.66 41.22 19.02
CA LEU B 374 23.00 41.56 19.48
C LEU B 374 23.74 40.33 19.99
N LYS B 375 23.05 39.46 20.73
CA LYS B 375 23.68 38.24 21.23
C LYS B 375 24.12 37.34 20.08
N ARG B 376 23.25 37.19 19.07
CA ARG B 376 23.62 36.39 17.90
C ARG B 376 24.78 37.03 17.15
N LEU B 377 24.81 38.36 17.09
CA LEU B 377 25.92 39.06 16.45
C LEU B 377 27.22 38.80 17.18
N VAL B 378 27.19 38.83 18.51
CA VAL B 378 28.41 38.60 19.29
C VAL B 378 28.90 37.16 19.12
N CYS B 379 27.98 36.19 19.19
CA CYS B 379 28.40 34.79 19.11
C CYS B 379 29.06 34.48 17.76
N TYR B 380 28.48 34.96 16.67
CA TYR B 380 28.96 34.66 15.33
C TYR B 380 29.77 35.82 14.73
N SER B 381 30.32 36.67 15.59
CA SER B 381 31.07 37.83 15.12
C SER B 381 32.35 37.39 14.43
N THR B 382 32.66 38.03 13.29
CA THR B 382 33.90 37.82 12.58
C THR B 382 34.75 39.08 12.47
N ASN B 383 34.19 40.24 12.74
CA ASN B 383 34.89 41.51 12.66
C ASN B 383 35.12 42.06 14.06
N GLY B 384 36.33 42.58 14.30
CA GLY B 384 36.64 43.11 15.62
C GLY B 384 35.82 44.33 15.97
N THR B 385 35.65 45.25 15.02
CA THR B 385 34.91 46.47 15.29
C THR B 385 33.44 46.17 15.59
N LYS B 386 32.81 45.32 14.77
CA LYS B 386 31.42 44.97 14.99
C LYS B 386 31.22 44.24 16.31
N SER B 387 32.13 43.31 16.63
CA SER B 387 32.03 42.59 17.90
C SER B 387 32.19 43.55 19.08
N ALA B 388 33.15 44.48 18.98
CA ALA B 388 33.35 45.44 20.07
C ALA B 388 32.13 46.33 20.25
N LEU B 389 31.54 46.81 19.15
CA LEU B 389 30.35 47.64 19.26
C LEU B 389 29.19 46.87 19.87
N ALA B 390 28.99 45.62 19.43
CA ALA B 390 27.90 44.82 19.99
C ALA B 390 28.11 44.53 21.46
N LYS B 391 29.36 44.23 21.86
CA LYS B 391 29.65 43.98 23.26
C LYS B 391 29.41 45.23 24.09
N ARG B 392 29.82 46.40 23.59
CA ARG B 392 29.58 47.64 24.32
C ARG B 392 28.09 47.92 24.45
N ALA B 393 27.32 47.69 23.38
CA ALA B 393 25.89 47.92 23.44
C ALA B 393 25.22 46.99 24.44
N LEU B 394 25.61 45.71 24.45
CA LEU B 394 25.04 44.78 25.42
C LEU B 394 25.43 45.13 26.85
N ARG B 395 26.69 45.53 27.06
CA ARG B 395 27.14 45.89 28.40
C ARG B 395 26.46 47.15 28.91
N LEU B 396 26.11 48.07 27.99
CA LEU B 396 25.36 49.26 28.40
C LEU B 396 24.02 48.88 29.00
N LEU B 397 23.39 47.82 28.48
CA LEU B 397 22.15 47.31 29.04
C LEU B 397 22.45 46.24 30.08
N GLY B 398 21.40 45.71 30.68
CA GLY B 398 21.55 44.67 31.69
C GLY B 398 21.51 43.27 31.11
N GLU B 399 22.39 43.00 30.14
CA GLU B 399 22.45 41.70 29.49
C GLU B 399 23.87 41.16 29.55
N GLU B 400 23.99 39.87 29.86
CA GLU B 400 25.29 39.22 29.88
C GLU B 400 25.83 39.05 28.46
N VAL B 401 27.08 39.45 28.26
CA VAL B 401 27.69 39.28 26.93
C VAL B 401 27.95 37.80 26.68
N PRO B 402 27.64 37.27 25.50
CA PRO B 402 27.92 35.85 25.22
C PRO B 402 29.35 35.66 24.75
N ARG B 403 30.00 34.63 25.25
CA ARG B 403 31.35 34.31 24.84
C ARG B 403 31.33 33.78 23.41
N PRO B 404 32.21 34.26 22.53
CA PRO B 404 32.17 33.80 21.12
C PRO B 404 32.40 32.30 21.02
N ILE B 405 31.69 31.68 20.08
CA ILE B 405 31.72 30.23 19.89
C ILE B 405 32.95 29.86 19.09
N LEU B 406 33.49 28.67 19.37
CA LEU B 406 34.62 28.17 18.62
C LEU B 406 34.14 27.66 17.26
N PRO B 407 34.71 28.13 16.15
CA PRO B 407 34.19 27.73 14.83
C PRO B 407 34.33 26.25 14.53
N SER B 408 35.20 25.53 15.22
CA SER B 408 35.41 24.10 14.97
C SER B 408 34.26 23.31 15.59
N VAL B 409 33.08 23.43 14.96
CA VAL B 409 31.89 22.72 15.45
C VAL B 409 32.09 21.21 15.48
N PRO B 410 32.68 20.55 14.48
CA PRO B 410 32.87 19.09 14.57
C PRO B 410 33.66 18.66 15.81
N SER B 411 34.56 19.50 16.30
CA SER B 411 35.36 19.18 17.48
C SER B 411 34.71 19.64 18.78
N TRP B 412 33.48 20.15 18.73
CA TRP B 412 32.82 20.63 19.93
C TRP B 412 32.57 19.50 20.92
N LYS B 413 32.73 19.81 22.20
CA LYS B 413 32.34 18.90 23.26
C LYS B 413 30.94 19.28 23.75
N GLU B 414 30.51 18.68 24.85
CA GLU B 414 29.17 18.95 25.39
C GLU B 414 29.06 20.40 25.85
N ALA B 415 30.11 20.95 26.47
CA ALA B 415 30.05 22.30 26.99
C ALA B 415 29.85 23.32 25.88
N GLU B 416 30.51 23.13 24.74
CA GLU B 416 30.33 24.05 23.62
C GLU B 416 28.90 24.00 23.09
N VAL B 417 28.32 22.81 23.02
CA VAL B 417 26.93 22.69 22.60
C VAL B 417 26.02 23.41 23.59
N GLN B 418 26.27 23.24 24.89
CA GLN B 418 25.46 23.96 25.87
C GLN B 418 25.57 25.46 25.67
N THR B 419 26.79 25.97 25.52
CA THR B 419 27.00 27.41 25.37
C THR B 419 26.30 27.94 24.14
N TRP B 420 26.39 27.22 23.02
CA TRP B 420 25.62 27.60 21.84
C TRP B 420 24.13 27.61 22.12
N LEU B 421 23.66 26.69 22.96
CA LEU B 421 22.24 26.65 23.30
C LEU B 421 21.82 27.88 24.08
N GLN B 422 22.59 28.30 25.08
CA GLN B 422 22.20 29.55 25.76
C GLN B 422 22.35 30.75 24.83
N CYS B 423 23.31 30.72 23.90
CA CYS B 423 23.42 31.82 22.96
C CYS B 423 22.17 31.95 22.08
N ILE B 424 21.66 30.83 21.59
CA ILE B 424 20.52 30.86 20.67
C ILE B 424 19.21 30.89 21.45
N GLY B 425 19.31 31.07 22.77
CA GLY B 425 18.11 31.21 23.60
C GLY B 425 17.26 29.96 23.71
N PHE B 426 17.88 28.78 23.77
CA PHE B 426 17.17 27.54 24.00
C PHE B 426 17.58 26.93 25.34
N SER B 427 17.68 27.77 26.38
CA SER B 427 18.10 27.29 27.68
C SER B 427 17.13 26.27 28.27
N LYS B 428 15.89 26.23 27.78
CA LYS B 428 14.94 25.23 28.27
C LYS B 428 15.38 23.82 27.90
N TYR B 429 15.99 23.65 26.72
CA TYR B 429 16.40 22.34 26.24
C TYR B 429 17.85 22.01 26.60
N CYS B 430 18.52 22.85 27.38
CA CYS B 430 19.91 22.56 27.75
C CYS B 430 20.02 21.28 28.56
N GLU B 431 19.12 21.08 29.53
CA GLU B 431 19.15 19.86 30.33
C GLU B 431 18.87 18.63 29.48
N SER B 432 17.92 18.73 28.56
CA SER B 432 17.61 17.61 27.67
C SER B 432 18.81 17.27 26.79
N PHE B 433 19.50 18.29 26.27
CA PHE B 433 20.71 18.05 25.49
C PHE B 433 21.79 17.42 26.35
N ARG B 434 21.91 17.86 27.61
CA ARG B 434 22.93 17.30 28.50
C ARG B 434 22.66 15.83 28.77
N GLU B 435 21.40 15.46 29.00
CA GLU B 435 21.09 14.06 29.28
C GLU B 435 21.44 13.16 28.11
N GLN B 436 21.14 13.61 26.88
CA GLN B 436 21.51 12.86 25.70
C GLN B 436 23.00 12.93 25.39
N GLN B 437 23.74 13.81 26.09
CA GLN B 437 25.18 13.96 25.89
C GLN B 437 25.50 14.30 24.43
N VAL B 438 24.76 15.27 23.89
CA VAL B 438 24.98 15.72 22.52
C VAL B 438 26.30 16.47 22.44
N ASP B 439 27.09 16.17 21.42
CA ASP B 439 28.36 16.83 21.17
C ASP B 439 28.36 17.39 19.74
N GLY B 440 29.54 17.81 19.29
CA GLY B 440 29.63 18.48 18.00
C GLY B 440 29.08 17.65 16.86
N ASP B 441 29.47 16.38 16.79
CA ASP B 441 29.04 15.52 15.69
C ASP B 441 27.54 15.25 15.74
N LEU B 442 27.04 14.87 16.91
CA LEU B 442 25.61 14.58 17.04
C LEU B 442 24.77 15.81 16.77
N LEU B 443 25.19 16.97 17.28
CA LEU B 443 24.48 18.21 17.00
C LEU B 443 24.52 18.55 15.52
N LEU B 444 25.67 18.36 14.88
CA LEU B 444 25.82 18.72 13.48
C LEU B 444 25.12 17.73 12.55
N ARG B 445 24.78 16.54 13.04
CA ARG B 445 24.00 15.58 12.27
C ARG B 445 22.62 15.33 12.87
N LEU B 446 22.10 16.29 13.64
CA LEU B 446 20.81 16.13 14.27
C LEU B 446 19.69 16.11 13.23
N THR B 447 18.68 15.29 13.48
CA THR B 447 17.57 15.09 12.56
C THR B 447 16.26 15.54 13.19
N GLU B 448 15.21 15.55 12.38
CA GLU B 448 13.90 16.01 12.84
C GLU B 448 13.32 15.07 13.90
N GLU B 449 13.38 13.77 13.64
CA GLU B 449 12.76 12.81 14.57
C GLU B 449 13.50 12.74 15.89
N GLU B 450 14.83 12.91 15.87
CA GLU B 450 15.58 12.94 17.12
C GLU B 450 15.16 14.11 17.99
N LEU B 451 14.98 15.28 17.38
CA LEU B 451 14.46 16.43 18.12
C LEU B 451 13.05 16.18 18.63
N GLN B 452 12.20 15.58 17.79
CA GLN B 452 10.81 15.38 18.15
C GLN B 452 10.67 14.43 19.34
N THR B 453 11.40 13.32 19.32
CA THR B 453 11.24 12.27 20.31
C THR B 453 12.26 12.34 21.44
N ASP B 454 13.56 12.29 21.10
CA ASP B 454 14.58 12.17 22.12
C ASP B 454 14.74 13.44 22.93
N LEU B 455 14.79 14.59 22.27
CA LEU B 455 15.04 15.86 22.94
C LEU B 455 13.77 16.57 23.39
N GLY B 456 12.61 16.00 23.12
CA GLY B 456 11.36 16.57 23.59
C GLY B 456 11.02 17.92 23.00
N MET B 457 11.34 18.14 21.73
CA MET B 457 10.98 19.37 21.03
C MET B 457 9.70 19.10 20.25
N LYS B 458 8.58 19.09 20.97
CA LYS B 458 7.30 18.69 20.38
C LYS B 458 6.85 19.66 19.29
N SER B 459 7.01 20.96 19.52
CA SER B 459 6.49 21.96 18.60
C SER B 459 7.24 21.93 17.28
N GLY B 460 6.50 21.81 16.18
CA GLY B 460 7.11 21.88 14.86
C GLY B 460 7.70 23.24 14.55
N ILE B 461 7.05 24.31 15.02
CA ILE B 461 7.60 25.65 14.84
C ILE B 461 8.92 25.80 15.59
N THR B 462 8.97 25.28 16.83
CA THR B 462 10.22 25.31 17.58
C THR B 462 11.31 24.50 16.89
N ARG B 463 10.94 23.34 16.33
CA ARG B 463 11.91 22.55 15.60
C ARG B 463 12.42 23.27 14.36
N LYS B 464 11.54 23.97 13.65
CA LYS B 464 11.97 24.74 12.49
C LYS B 464 12.89 25.88 12.90
N ARG B 465 12.59 26.54 14.01
CA ARG B 465 13.48 27.60 14.50
C ARG B 465 14.84 27.02 14.88
N PHE B 466 14.85 25.86 15.55
CA PHE B 466 16.12 25.23 15.91
C PHE B 466 16.91 24.85 14.66
N PHE B 467 16.23 24.35 13.62
CA PHE B 467 16.93 23.99 12.40
C PHE B 467 17.44 25.22 11.65
N ARG B 468 16.72 26.34 11.72
CA ARG B 468 17.24 27.58 11.17
C ARG B 468 18.52 28.01 11.89
N GLU B 469 18.50 27.92 13.23
CA GLU B 469 19.70 28.24 14.00
C GLU B 469 20.84 27.29 13.66
N LEU B 470 20.53 26.00 13.48
CA LEU B 470 21.56 25.03 13.14
C LEU B 470 22.13 25.29 11.76
N THR B 471 21.28 25.69 10.81
CA THR B 471 21.78 26.07 9.49
C THR B 471 22.70 27.29 9.57
N GLU B 472 22.32 28.27 10.39
CA GLU B 472 23.18 29.43 10.59
C GLU B 472 24.52 29.01 11.18
N LEU B 473 24.51 28.08 12.13
CA LEU B 473 25.75 27.58 12.70
C LEU B 473 26.58 26.83 11.67
N LYS B 474 25.95 25.98 10.86
CA LYS B 474 26.67 25.20 9.87
C LYS B 474 27.27 26.08 8.79
N THR B 475 26.64 27.22 8.50
CA THR B 475 27.23 28.16 7.55
C THR B 475 28.56 28.71 8.08
N PHE B 476 28.61 29.02 9.38
CA PHE B 476 29.83 29.51 10.03
C PHE B 476 30.41 28.38 10.87
N ALA B 477 31.20 27.53 10.21
CA ALA B 477 31.81 26.39 10.87
C ALA B 477 33.16 26.10 10.25
N ASN B 478 34.06 25.52 11.05
CA ASN B 478 35.39 25.13 10.61
C ASN B 478 35.37 23.62 10.36
N TYR B 479 35.33 23.23 9.08
CA TYR B 479 35.26 21.83 8.69
C TYR B 479 36.63 21.27 8.33
N SER B 480 37.72 22.00 8.62
CA SER B 480 39.04 21.55 8.24
C SER B 480 39.41 20.22 8.88
N THR B 481 38.91 19.97 10.09
CA THR B 481 39.17 18.68 10.75
C THR B 481 38.54 17.51 10.03
N CYS B 482 37.50 17.76 9.23
CA CYS B 482 36.81 16.69 8.51
C CYS B 482 36.85 16.84 7.00
N ASP B 483 36.90 18.05 6.47
CA ASP B 483 36.93 18.27 5.03
C ASP B 483 38.33 18.00 4.52
N ARG B 484 38.44 17.16 3.48
CA ARG B 484 39.72 16.83 2.88
C ARG B 484 39.94 17.52 1.55
N SER B 485 38.89 17.65 0.74
CA SER B 485 38.99 18.25 -0.58
C SER B 485 38.49 19.70 -0.61
N ASN B 486 38.35 20.33 0.56
CA ASN B 486 37.83 21.69 0.66
C ASN B 486 36.47 21.80 -0.02
N LEU B 487 35.62 20.80 0.22
CA LEU B 487 34.29 20.77 -0.40
C LEU B 487 33.41 21.91 0.09
N ALA B 488 33.69 22.46 1.27
CA ALA B 488 32.93 23.61 1.74
C ALA B 488 33.09 24.80 0.80
N ASP B 489 34.31 25.01 0.30
CA ASP B 489 34.54 26.09 -0.65
C ASP B 489 33.74 25.90 -1.93
N TRP B 490 33.69 24.67 -2.43
CA TRP B 490 32.92 24.38 -3.63
C TRP B 490 31.43 24.62 -3.40
N LEU B 491 30.91 24.15 -2.26
CA LEU B 491 29.50 24.36 -1.96
C LEU B 491 29.18 25.84 -1.81
N GLY B 492 30.06 26.60 -1.17
CA GLY B 492 29.85 28.03 -1.05
C GLY B 492 29.93 28.74 -2.39
N SER B 493 30.80 28.28 -3.28
CA SER B 493 30.88 28.83 -4.62
C SER B 493 29.58 28.59 -5.37
N LEU B 494 28.98 27.41 -5.19
CA LEU B 494 27.66 27.16 -5.77
C LEU B 494 26.63 28.13 -5.21
N ASP B 495 26.60 28.26 -3.88
CA ASP B 495 25.66 29.12 -3.18
C ASP B 495 26.11 29.26 -1.74
N PRO B 496 26.13 30.48 -1.18
CA PRO B 496 26.54 30.63 0.23
C PRO B 496 25.71 29.80 1.19
N ARG B 497 24.43 29.56 0.88
CA ARG B 497 23.59 28.75 1.75
C ARG B 497 23.82 27.25 1.55
N PHE B 498 24.55 26.85 0.52
CA PHE B 498 24.82 25.43 0.28
C PHE B 498 25.90 24.87 1.19
N ARG B 499 26.65 25.73 1.89
CA ARG B 499 27.75 25.25 2.71
C ARG B 499 27.27 24.42 3.90
N GLN B 500 26.00 24.55 4.29
CA GLN B 500 25.48 23.82 5.44
C GLN B 500 25.53 22.31 5.24
N TYR B 501 25.57 21.84 4.01
CA TYR B 501 25.59 20.40 3.71
C TYR B 501 26.98 19.81 3.68
N THR B 502 28.01 20.61 3.99
CA THR B 502 29.38 20.13 3.92
C THR B 502 29.62 18.98 4.89
N TYR B 503 29.14 19.12 6.13
CA TYR B 503 29.38 18.06 7.10
C TYR B 503 28.65 16.78 6.72
N GLY B 504 27.43 16.91 6.20
CA GLY B 504 26.73 15.72 5.72
C GLY B 504 27.46 15.03 4.60
N LEU B 505 27.95 15.81 3.63
CA LEU B 505 28.65 15.22 2.50
C LEU B 505 29.96 14.57 2.94
N VAL B 506 30.64 15.17 3.92
CA VAL B 506 31.88 14.60 4.42
C VAL B 506 31.62 13.31 5.20
N SER B 507 30.62 13.33 6.09
CA SER B 507 30.30 12.15 6.88
C SER B 507 29.82 11.02 5.99
N CYS B 508 29.27 11.32 4.82
CA CYS B 508 28.97 10.29 3.84
C CYS B 508 30.23 9.75 3.16
N GLY B 509 31.38 10.37 3.40
CA GLY B 509 32.61 9.96 2.74
C GLY B 509 32.87 10.60 1.40
N LEU B 510 32.01 11.52 0.97
CA LEU B 510 32.14 12.14 -0.34
C LEU B 510 33.21 13.23 -0.33
N ASP B 511 33.81 13.43 -1.50
CA ASP B 511 34.73 14.55 -1.72
C ASP B 511 34.51 15.13 -3.10
N ARG B 512 35.45 15.95 -3.59
CA ARG B 512 35.29 16.54 -4.90
C ARG B 512 35.27 15.47 -5.99
N SER B 513 36.16 14.48 -5.89
CA SER B 513 36.23 13.45 -6.92
C SER B 513 35.00 12.55 -6.92
N LEU B 514 34.40 12.31 -5.75
CA LEU B 514 33.31 11.35 -5.63
C LEU B 514 31.96 11.93 -6.02
N LEU B 515 31.84 13.26 -6.12
CA LEU B 515 30.54 13.87 -6.38
C LEU B 515 30.04 13.64 -7.80
N HIS B 516 30.90 13.20 -8.72
CA HIS B 516 30.47 13.01 -10.10
C HIS B 516 29.54 11.80 -10.24
N ARG B 517 29.59 10.87 -9.30
CA ARG B 517 28.81 9.65 -9.37
C ARG B 517 27.65 9.61 -8.37
N VAL B 518 27.43 10.70 -7.63
CA VAL B 518 26.38 10.72 -6.62
C VAL B 518 25.02 10.81 -7.29
N SER B 519 24.03 10.15 -6.68
CA SER B 519 22.66 10.15 -7.16
C SER B 519 21.76 10.95 -6.22
N GLU B 520 20.55 11.27 -6.72
CA GLU B 520 19.60 12.05 -5.94
C GLU B 520 19.16 11.31 -4.69
N GLN B 521 18.85 10.01 -4.83
CA GLN B 521 18.38 9.24 -3.69
C GLN B 521 19.45 9.14 -2.61
N GLN B 522 20.71 8.95 -3.01
CA GLN B 522 21.79 8.90 -2.03
C GLN B 522 21.91 10.21 -1.28
N LEU B 523 21.84 11.33 -2.01
CA LEU B 523 21.88 12.64 -1.36
C LEU B 523 20.76 12.77 -0.33
N LEU B 524 19.52 12.50 -0.75
CA LEU B 524 18.38 12.68 0.14
C LEU B 524 18.48 11.79 1.37
N GLU B 525 18.84 10.52 1.18
CA GLU B 525 18.83 9.58 2.29
C GLU B 525 20.00 9.81 3.25
N ASP B 526 21.20 10.05 2.73
CA ASP B 526 22.40 10.08 3.55
C ASP B 526 22.86 11.50 3.90
N CYS B 527 22.97 12.37 2.89
CA CYS B 527 23.53 13.70 3.12
C CYS B 527 22.55 14.65 3.81
N GLY B 528 21.29 14.26 3.94
CA GLY B 528 20.33 15.09 4.66
C GLY B 528 19.90 16.34 3.94
N ILE B 529 20.06 16.39 2.62
CA ILE B 529 19.61 17.55 1.84
C ILE B 529 18.14 17.36 1.50
N HIS B 530 17.26 17.81 2.40
CA HIS B 530 15.84 17.55 2.25
C HIS B 530 15.24 18.30 1.07
N LEU B 531 15.69 19.53 0.83
CA LEU B 531 15.15 20.32 -0.25
C LEU B 531 15.57 19.74 -1.60
N GLY B 532 14.58 19.41 -2.44
CA GLY B 532 14.88 18.82 -3.73
C GLY B 532 15.59 19.77 -4.67
N VAL B 533 15.30 21.07 -4.57
CA VAL B 533 15.97 22.05 -5.43
C VAL B 533 17.46 22.07 -5.16
N HIS B 534 17.85 22.04 -3.88
CA HIS B 534 19.27 22.03 -3.53
C HIS B 534 19.94 20.76 -4.05
N ARG B 535 19.27 19.61 -3.92
CA ARG B 535 19.83 18.36 -4.41
C ARG B 535 20.05 18.42 -5.93
N ALA B 536 19.04 18.91 -6.65
CA ALA B 536 19.16 18.99 -8.11
C ALA B 536 20.28 19.95 -8.51
N ARG B 537 20.38 21.10 -7.84
CA ARG B 537 21.43 22.05 -8.16
C ARG B 537 22.81 21.45 -7.89
N ILE B 538 22.97 20.79 -6.75
CA ILE B 538 24.25 20.20 -6.41
C ILE B 538 24.64 19.12 -7.42
N LEU B 539 23.69 18.25 -7.77
CA LEU B 539 23.99 17.19 -8.73
C LEU B 539 24.38 17.77 -10.08
N THR B 540 23.58 18.70 -10.60
CA THR B 540 23.86 19.26 -11.92
C THR B 540 25.20 20.00 -11.93
N ALA B 541 25.46 20.80 -10.90
CA ALA B 541 26.71 21.55 -10.85
C ALA B 541 27.90 20.63 -10.74
N ALA B 542 27.80 19.58 -9.92
CA ALA B 542 28.90 18.63 -9.79
C ALA B 542 29.16 17.93 -11.12
N ARG B 543 28.11 17.47 -11.79
CA ARG B 543 28.30 16.78 -13.06
C ARG B 543 28.89 17.71 -14.12
N GLU B 544 28.50 18.98 -14.10
CA GLU B 544 29.01 19.91 -15.11
C GLU B 544 30.44 20.35 -14.81
N MET B 545 30.80 20.48 -13.54
CA MET B 545 32.10 21.03 -13.18
C MET B 545 33.19 19.97 -13.13
N LEU B 546 32.90 18.84 -12.47
CA LEU B 546 33.92 17.81 -12.30
C LEU B 546 34.31 17.18 -13.62
N HIS B 547 33.44 17.23 -14.62
CA HIS B 547 33.74 16.69 -15.95
C HIS B 547 33.20 17.60 -17.04
N THR B 561 65.49 7.95 -4.04
CA THR B 561 66.70 8.48 -4.65
C THR B 561 66.87 9.97 -4.37
N PRO B 562 67.38 10.30 -3.18
CA PRO B 562 67.58 11.71 -2.83
C PRO B 562 68.61 12.37 -3.74
N ASP B 563 68.37 13.65 -4.04
CA ASP B 563 69.33 14.39 -4.84
C ASP B 563 70.58 14.73 -4.05
N VAL B 564 70.42 15.08 -2.78
CA VAL B 564 71.53 15.49 -1.92
C VAL B 564 71.46 14.69 -0.62
N PHE B 565 72.62 14.26 -0.12
CA PHE B 565 72.73 13.64 1.19
C PHE B 565 73.55 14.54 2.10
N ILE B 566 73.21 14.53 3.39
CA ILE B 566 73.80 15.43 4.37
C ILE B 566 74.60 14.63 5.38
N SER B 567 75.85 15.03 5.60
CA SER B 567 76.71 14.46 6.61
C SER B 567 77.01 15.54 7.63
N TYR B 568 76.54 15.35 8.87
CA TYR B 568 76.58 16.39 9.89
C TYR B 568 76.94 15.80 11.24
N ARG B 569 77.43 16.67 12.12
CA ARG B 569 77.76 16.28 13.49
C ARG B 569 76.50 16.31 14.36
N ARG B 570 76.61 15.69 15.55
CA ARG B 570 75.45 15.55 16.42
C ARG B 570 74.93 16.91 16.88
N ASN B 571 75.83 17.80 17.29
CA ASN B 571 75.44 19.09 17.87
C ASN B 571 75.82 20.26 16.97
N SER B 572 77.09 20.37 16.58
CA SER B 572 77.53 21.53 15.82
C SER B 572 76.88 21.59 14.44
N GLY B 573 76.75 20.45 13.76
CA GLY B 573 76.25 20.46 12.39
C GLY B 573 74.75 20.40 12.25
N SER B 574 74.02 20.27 13.36
CA SER B 574 72.57 20.06 13.27
C SER B 574 71.87 21.26 12.66
N GLN B 575 72.14 22.46 13.16
CA GLN B 575 71.48 23.67 12.66
C GLN B 575 71.80 23.89 11.19
N LEU B 576 73.08 23.79 10.82
CA LEU B 576 73.48 24.02 9.44
C LEU B 576 72.87 22.98 8.52
N ALA B 577 72.83 21.72 8.94
CA ALA B 577 72.22 20.67 8.13
C ALA B 577 70.74 20.92 7.93
N SER B 578 70.03 21.32 8.99
CA SER B 578 68.61 21.61 8.87
C SER B 578 68.36 22.76 7.90
N LEU B 579 69.13 23.85 8.05
CA LEU B 579 68.98 24.98 7.14
C LEU B 579 69.28 24.60 5.70
N LEU B 580 70.35 23.83 5.48
CA LEU B 580 70.71 23.42 4.13
C LEU B 580 69.59 22.58 3.50
N LYS B 581 69.09 21.59 4.25
CA LYS B 581 68.06 20.71 3.68
C LYS B 581 66.79 21.48 3.40
N VAL B 582 66.38 22.35 4.32
CA VAL B 582 65.14 23.11 4.13
C VAL B 582 65.27 24.06 2.94
N HIS B 583 66.41 24.74 2.83
CA HIS B 583 66.62 25.64 1.71
C HIS B 583 66.63 24.89 0.39
N LEU B 584 67.28 23.73 0.35
CA LEU B 584 67.32 22.95 -0.89
C LEU B 584 65.93 22.44 -1.26
N GLN B 585 65.14 22.01 -0.27
CA GLN B 585 63.77 21.59 -0.54
C GLN B 585 62.91 22.74 -1.03
N LEU B 586 63.12 23.95 -0.50
CA LEU B 586 62.37 25.11 -0.97
C LEU B 586 62.66 25.41 -2.43
N HIS B 587 63.86 25.08 -2.90
CA HIS B 587 64.26 25.33 -4.28
C HIS B 587 64.01 24.14 -5.20
N GLY B 588 63.38 23.09 -4.70
CA GLY B 588 63.05 21.93 -5.51
C GLY B 588 64.05 20.80 -5.49
N PHE B 589 65.00 20.80 -4.55
CA PHE B 589 66.01 19.75 -4.45
C PHE B 589 65.61 18.79 -3.34
N SER B 590 65.40 17.52 -3.69
CA SER B 590 65.04 16.51 -2.71
C SER B 590 66.27 16.07 -1.94
N VAL B 591 66.23 16.25 -0.62
CA VAL B 591 67.35 15.95 0.26
C VAL B 591 66.86 15.02 1.36
N PHE B 592 67.62 13.95 1.60
CA PHE B 592 67.31 12.98 2.66
C PHE B 592 68.34 13.13 3.77
N ILE B 593 67.91 13.58 4.94
CA ILE B 593 68.75 13.68 6.13
C ILE B 593 68.23 12.68 7.15
N ASP B 594 69.14 11.86 7.67
CA ASP B 594 68.78 10.77 8.58
C ASP B 594 68.55 11.32 9.98
N VAL B 595 67.32 11.23 10.46
CA VAL B 595 66.93 11.65 11.81
C VAL B 595 67.36 13.09 12.09
N GLU B 604 74.11 1.08 9.83
CA GLU B 604 75.31 0.88 9.03
C GLU B 604 74.97 0.27 7.67
N ASP B 605 74.19 -0.82 7.69
CA ASP B 605 73.75 -1.43 6.44
C ASP B 605 72.85 -0.47 5.66
N LYS B 606 71.93 0.21 6.36
CA LYS B 606 71.11 1.22 5.70
C LYS B 606 71.92 2.45 5.33
N LEU B 607 73.05 2.68 6.02
CA LEU B 607 73.88 3.83 5.73
C LEU B 607 74.48 3.75 4.34
N ILE B 608 74.96 2.57 3.95
CA ILE B 608 75.59 2.41 2.64
C ILE B 608 74.58 2.65 1.53
N GLN B 609 73.38 2.08 1.67
CA GLN B 609 72.36 2.25 0.65
C GLN B 609 71.89 3.69 0.56
N SER B 610 71.81 4.38 1.70
CA SER B 610 71.40 5.78 1.70
C SER B 610 72.38 6.64 0.91
N VAL B 611 73.68 6.40 1.10
CA VAL B 611 74.69 7.17 0.37
C VAL B 611 74.68 6.78 -1.10
N MET B 612 74.51 5.49 -1.39
CA MET B 612 74.49 5.03 -2.78
C MET B 612 73.33 5.64 -3.55
N GLY B 613 72.15 5.73 -2.92
CA GLY B 613 71.00 6.30 -3.58
C GLY B 613 71.05 7.81 -3.72
N ALA B 614 71.97 8.47 -3.03
CA ALA B 614 72.08 9.91 -3.11
C ALA B 614 72.69 10.33 -4.44
N ARG B 615 71.98 11.19 -5.17
CA ARG B 615 72.49 11.68 -6.45
C ARG B 615 73.77 12.49 -6.26
N ASN B 616 73.79 13.36 -5.25
CA ASN B 616 74.97 14.14 -4.90
C ASN B 616 75.20 14.04 -3.40
N PHE B 617 76.47 14.09 -3.01
CA PHE B 617 76.85 14.04 -1.61
C PHE B 617 77.42 15.39 -1.20
N VAL B 618 76.78 16.02 -0.22
CA VAL B 618 77.23 17.31 0.31
C VAL B 618 77.43 17.13 1.81
N LEU B 619 78.69 17.02 2.22
CA LEU B 619 79.01 16.87 3.64
C LEU B 619 79.09 18.25 4.29
N VAL B 620 78.51 18.36 5.48
CA VAL B 620 78.50 19.63 6.20
C VAL B 620 79.80 19.74 6.99
N LEU B 621 80.68 20.64 6.57
CA LEU B 621 81.95 20.87 7.27
C LEU B 621 81.69 21.94 8.34
N SER B 622 81.00 21.51 9.39
CA SER B 622 80.71 22.36 10.53
C SER B 622 81.96 22.54 11.38
N PRO B 623 81.98 23.54 12.28
CA PRO B 623 83.13 23.69 13.18
C PRO B 623 83.46 22.41 13.93
N GLY B 624 84.63 21.85 13.64
CA GLY B 624 85.02 20.57 14.22
C GLY B 624 84.18 19.40 13.75
N ALA B 625 83.79 19.40 12.47
CA ALA B 625 82.97 18.30 11.95
C ALA B 625 83.80 17.03 11.76
N LEU B 626 85.02 17.17 11.25
CA LEU B 626 85.88 16.03 10.98
C LEU B 626 86.82 15.72 12.14
N ASP B 627 86.61 16.35 13.30
CA ASP B 627 87.45 16.05 14.46
C ASP B 627 87.32 14.60 14.89
N LYS B 628 86.09 14.08 14.91
CA LYS B 628 85.90 12.66 15.21
C LYS B 628 86.39 11.80 14.06
N CYS B 629 86.17 12.25 12.81
CA CYS B 629 86.64 11.51 11.65
C CYS B 629 88.14 11.64 11.43
N MET B 630 88.81 12.52 12.16
CA MET B 630 90.26 12.64 12.05
C MET B 630 90.94 11.35 12.52
N GLN B 631 91.99 10.95 11.80
CA GLN B 631 92.76 9.73 12.05
C GLN B 631 91.85 8.52 12.32
N ASP B 632 90.68 8.49 11.67
CA ASP B 632 89.72 7.41 11.84
C ASP B 632 89.97 6.33 10.79
N HIS B 633 91.11 5.65 10.94
CA HIS B 633 91.47 4.58 10.03
C HIS B 633 90.70 3.29 10.32
N ASP B 634 90.10 3.17 11.50
CA ASP B 634 89.32 1.99 11.85
C ASP B 634 87.88 2.05 11.37
N CYS B 635 87.47 3.16 10.75
CA CYS B 635 86.12 3.35 10.24
C CYS B 635 85.07 3.15 11.33
N LYS B 636 85.39 3.63 12.53
CA LYS B 636 84.45 3.50 13.65
C LYS B 636 83.26 4.44 13.51
N ASP B 637 83.52 5.69 13.11
CA ASP B 637 82.45 6.67 13.00
C ASP B 637 81.52 6.35 11.84
N TRP B 638 80.22 6.55 12.08
CA TRP B 638 79.26 6.39 10.99
C TRP B 638 79.42 7.48 9.95
N VAL B 639 79.79 8.69 10.36
CA VAL B 639 80.11 9.75 9.41
C VAL B 639 81.29 9.35 8.54
N HIS B 640 82.28 8.69 9.14
CA HIS B 640 83.39 8.14 8.37
C HIS B 640 82.90 7.15 7.34
N LYS B 641 81.94 6.29 7.73
CA LYS B 641 81.36 5.35 6.78
C LYS B 641 80.67 6.08 5.63
N GLU B 642 79.93 7.14 5.94
CA GLU B 642 79.27 7.91 4.89
C GLU B 642 80.29 8.52 3.93
N ILE B 643 81.38 9.08 4.47
CA ILE B 643 82.39 9.70 3.61
C ILE B 643 83.04 8.65 2.72
N VAL B 644 83.38 7.49 3.28
CA VAL B 644 84.02 6.43 2.51
C VAL B 644 83.08 5.92 1.43
N THR B 645 81.80 5.74 1.76
CA THR B 645 80.84 5.26 0.76
C THR B 645 80.65 6.28 -0.35
N ALA B 646 80.60 7.57 -0.01
CA ALA B 646 80.48 8.60 -1.03
C ALA B 646 81.71 8.62 -1.93
N LEU B 647 82.91 8.46 -1.35
CA LEU B 647 84.12 8.41 -2.16
C LEU B 647 84.12 7.19 -3.09
N SER B 648 83.66 6.05 -2.59
CA SER B 648 83.56 4.86 -3.44
C SER B 648 82.57 5.08 -4.58
N CYS B 649 81.44 5.72 -4.29
CA CYS B 649 80.46 6.03 -5.32
C CYS B 649 80.92 7.17 -6.23
N GLY B 650 81.72 8.09 -5.70
CA GLY B 650 82.19 9.21 -6.49
C GLY B 650 81.13 10.19 -6.92
N LYS B 651 80.18 10.50 -6.03
CA LYS B 651 79.13 11.45 -6.35
C LYS B 651 79.67 12.87 -6.33
N ASN B 652 78.87 13.80 -6.83
CA ASN B 652 79.24 15.21 -6.82
C ASN B 652 79.37 15.70 -5.39
N ILE B 653 80.56 16.19 -5.03
CA ILE B 653 80.87 16.61 -3.67
C ILE B 653 81.10 18.11 -3.66
N VAL B 654 80.26 18.83 -2.92
CA VAL B 654 80.39 20.28 -2.77
C VAL B 654 80.37 20.61 -1.28
N PRO B 655 81.51 20.51 -0.59
CA PRO B 655 81.53 20.79 0.85
C PRO B 655 81.22 22.26 1.13
N ILE B 656 80.66 22.51 2.31
CA ILE B 656 80.32 23.85 2.76
C ILE B 656 81.23 24.19 3.95
N ILE B 657 81.94 25.31 3.85
CA ILE B 657 82.97 25.67 4.83
C ILE B 657 82.35 26.55 5.89
N ASP B 658 82.57 26.18 7.16
CA ASP B 658 82.12 27.00 8.29
C ASP B 658 82.92 26.61 9.52
N GLY B 659 83.71 27.53 10.03
CA GLY B 659 84.38 27.37 11.32
C GLY B 659 85.35 26.21 11.43
N PHE B 660 85.81 25.69 10.29
CA PHE B 660 86.74 24.57 10.30
C PHE B 660 87.55 24.59 9.01
N GLU B 661 88.74 23.99 9.07
CA GLU B 661 89.66 23.95 7.95
C GLU B 661 89.82 22.53 7.45
N TRP B 662 90.50 22.40 6.31
CA TRP B 662 90.76 21.09 5.72
C TRP B 662 91.78 20.33 6.57
N PRO B 663 91.47 19.13 7.04
CA PRO B 663 92.45 18.37 7.81
C PRO B 663 93.63 17.93 6.95
N GLU B 664 94.76 17.72 7.61
CA GLU B 664 95.98 17.31 6.90
C GLU B 664 95.79 15.93 6.29
N PRO B 665 96.13 15.73 5.02
CA PRO B 665 95.95 14.41 4.40
C PRO B 665 96.75 13.30 5.08
N GLN B 666 97.95 13.61 5.57
CA GLN B 666 98.83 12.56 6.09
C GLN B 666 98.21 11.85 7.29
N VAL B 667 97.54 12.60 8.18
CA VAL B 667 96.89 11.98 9.32
C VAL B 667 95.59 11.28 8.93
N LEU B 668 95.10 11.51 7.71
CA LEU B 668 93.85 10.94 7.24
C LEU B 668 94.10 9.75 6.33
N PRO B 669 93.15 8.82 6.25
CA PRO B 669 93.27 7.73 5.28
C PRO B 669 93.20 8.24 3.85
N GLU B 670 93.77 7.45 2.93
CA GLU B 670 93.89 7.88 1.54
C GLU B 670 92.53 8.16 0.91
N ASP B 671 91.49 7.43 1.32
CA ASP B 671 90.16 7.65 0.75
C ASP B 671 89.72 9.08 0.95
N MET B 672 89.77 9.57 2.19
CA MET B 672 89.46 10.98 2.46
C MET B 672 90.63 11.91 2.16
N GLN B 673 91.82 11.37 1.88
CA GLN B 673 92.86 12.20 1.26
C GLN B 673 92.42 12.65 -0.12
N ALA B 674 91.72 11.78 -0.85
CA ALA B 674 91.25 12.15 -2.19
C ALA B 674 90.26 13.30 -2.15
N VAL B 675 89.35 13.30 -1.17
CA VAL B 675 88.25 14.27 -1.17
C VAL B 675 88.71 15.67 -0.75
N LEU B 676 89.85 15.78 -0.09
CA LEU B 676 90.28 17.07 0.45
C LEU B 676 90.58 18.09 -0.63
N THR B 677 90.73 17.67 -1.89
CA THR B 677 91.04 18.59 -2.98
C THR B 677 89.83 19.36 -3.47
N PHE B 678 88.62 18.96 -3.10
CA PHE B 678 87.42 19.63 -3.59
C PHE B 678 87.27 21.02 -2.96
N ASN B 679 86.75 21.96 -3.74
CA ASN B 679 86.53 23.31 -3.27
C ASN B 679 85.32 23.36 -2.35
N GLY B 680 85.40 24.26 -1.36
CA GLY B 680 84.32 24.44 -0.40
C GLY B 680 83.72 25.84 -0.52
N ILE B 681 82.48 25.97 -0.04
CA ILE B 681 81.74 27.22 -0.07
C ILE B 681 81.52 27.71 1.35
N LYS B 682 81.91 28.95 1.62
CA LYS B 682 81.74 29.51 2.95
C LYS B 682 80.26 29.76 3.24
N TRP B 683 79.85 29.44 4.46
CA TRP B 683 78.48 29.67 4.91
C TRP B 683 78.39 30.99 5.64
N SER B 684 77.44 31.83 5.24
CA SER B 684 77.23 33.15 5.82
C SER B 684 75.90 33.18 6.54
N HIS B 685 75.92 33.52 7.83
CA HIS B 685 74.67 33.68 8.57
C HIS B 685 73.93 34.94 8.16
N GLU B 686 74.67 35.99 7.79
CA GLU B 686 74.04 37.22 7.31
C GLU B 686 73.28 36.98 6.01
N TYR B 687 73.88 36.21 5.10
CA TYR B 687 73.27 35.85 3.82
C TYR B 687 73.21 34.33 3.74
N GLN B 688 72.15 33.75 4.28
CA GLN B 688 71.96 32.31 4.20
C GLN B 688 71.34 31.92 2.86
N GLU B 689 70.29 32.63 2.46
CA GLU B 689 69.64 32.34 1.18
C GLU B 689 70.59 32.59 0.01
N ALA B 690 71.40 33.64 0.10
CA ALA B 690 72.39 33.90 -0.95
C ALA B 690 73.41 32.78 -1.03
N THR B 691 73.87 32.28 0.12
CA THR B 691 74.81 31.15 0.12
C THR B 691 74.18 29.92 -0.50
N ILE B 692 72.91 29.66 -0.18
CA ILE B 692 72.21 28.52 -0.77
C ILE B 692 72.07 28.70 -2.27
N GLU B 693 71.79 29.93 -2.72
CA GLU B 693 71.71 30.19 -4.15
C GLU B 693 73.04 29.94 -4.83
N LYS B 694 74.14 30.35 -4.20
CA LYS B 694 75.46 30.06 -4.75
C LYS B 694 75.72 28.57 -4.84
N ILE B 695 75.34 27.83 -3.79
CA ILE B 695 75.52 26.37 -3.80
C ILE B 695 74.73 25.74 -4.94
N ILE B 696 73.49 26.18 -5.12
CA ILE B 696 72.66 25.66 -6.22
C ILE B 696 73.28 26.02 -7.56
N ARG B 697 73.81 27.23 -7.68
CA ARG B 697 74.46 27.64 -8.93
C ARG B 697 75.65 26.74 -9.24
N PHE B 698 76.44 26.39 -8.22
CA PHE B 698 77.52 25.43 -8.43
C PHE B 698 77.01 24.00 -8.58
N LEU B 699 75.77 23.73 -8.19
CA LEU B 699 75.19 22.40 -8.34
C LEU B 699 74.45 22.29 -9.66
N GLN B 700 73.92 21.09 -9.92
CA GLN B 700 73.17 20.82 -11.13
C GLN B 700 71.67 20.77 -10.87
N VAL C 61 46.30 40.42 50.50
CA VAL C 61 46.72 39.50 49.45
C VAL C 61 47.24 40.28 48.24
N GLN C 62 46.96 41.59 48.22
CA GLN C 62 47.38 42.45 47.12
C GLN C 62 48.08 43.70 47.62
N ASP C 63 48.74 43.63 48.78
CA ASP C 63 49.52 44.76 49.27
C ASP C 63 50.67 45.08 48.33
N ALA C 64 51.19 44.04 47.64
CA ALA C 64 52.21 44.27 46.63
C ALA C 64 51.70 45.18 45.53
N LEU C 65 50.50 44.91 45.02
CA LEU C 65 49.88 45.83 44.07
C LEU C 65 49.64 47.19 44.70
N GLU C 66 49.26 47.20 45.99
CA GLU C 66 48.95 48.45 46.66
C GLU C 66 50.14 49.41 46.65
N ARG C 67 51.34 48.90 46.94
CA ARG C 67 52.49 49.80 46.91
C ARG C 67 53.24 49.77 45.59
N ALA C 68 52.78 48.97 44.61
CA ALA C 68 53.43 48.97 43.31
C ALA C 68 52.72 49.86 42.29
N LEU C 69 51.41 50.03 42.43
CA LEU C 69 50.69 50.92 41.53
C LEU C 69 51.19 52.36 41.59
N PRO C 70 51.43 52.98 42.76
CA PRO C 70 52.08 54.29 42.72
C PRO C 70 53.42 54.27 42.01
N GLU C 71 54.20 53.22 42.20
CA GLU C 71 55.49 53.12 41.52
C GLU C 71 55.29 53.10 40.01
N LEU C 72 54.25 52.41 39.54
CA LEU C 72 53.89 52.50 38.13
C LEU C 72 53.60 53.95 37.75
N GLN C 73 52.88 54.67 38.61
CA GLN C 73 52.51 56.05 38.30
C GLN C 73 53.75 56.92 38.11
N GLN C 74 54.69 56.91 39.07
CA GLN C 74 55.88 57.73 38.87
C GLN C 74 56.72 57.24 37.70
N ALA C 75 56.80 55.92 37.49
CA ALA C 75 57.58 55.41 36.37
C ALA C 75 57.04 55.92 35.04
N LEU C 76 55.72 55.81 34.83
CA LEU C 76 55.15 56.28 33.57
C LEU C 76 55.20 57.80 33.46
N SER C 77 55.03 58.53 34.56
CA SER C 77 55.14 59.97 34.52
C SER C 77 56.53 60.41 34.11
N ALA C 78 57.56 59.79 34.69
CA ALA C 78 58.93 60.11 34.31
C ALA C 78 59.22 59.71 32.87
N LEU C 79 58.70 58.55 32.44
CA LEU C 79 58.94 58.10 31.07
C LEU C 79 58.32 59.06 30.06
N LYS C 80 57.09 59.50 30.32
CA LYS C 80 56.44 60.45 29.44
C LYS C 80 57.14 61.81 29.47
N GLN C 81 57.50 62.28 30.67
CA GLN C 81 58.16 63.58 30.78
C GLN C 81 59.56 63.56 30.16
N ALA C 82 60.19 62.40 30.10
CA ALA C 82 61.51 62.29 29.51
C ALA C 82 61.46 62.64 28.04
N GLY C 83 62.39 63.50 27.61
CA GLY C 83 62.48 63.88 26.21
C GLY C 83 63.68 63.29 25.53
N GLY C 84 64.75 63.10 26.29
CA GLY C 84 65.94 62.47 25.73
C GLY C 84 65.74 60.98 25.49
N ALA C 85 66.46 60.47 24.50
CA ALA C 85 66.36 59.06 24.15
C ALA C 85 66.81 58.17 25.31
N ARG C 86 67.93 58.53 25.95
CA ARG C 86 68.45 57.72 27.05
C ARG C 86 67.53 57.71 28.25
N ALA C 87 66.93 58.85 28.59
CA ALA C 87 66.00 58.89 29.72
C ALA C 87 64.76 58.06 29.45
N VAL C 88 64.23 58.13 28.22
CA VAL C 88 63.08 57.30 27.86
C VAL C 88 63.44 55.83 27.93
N GLY C 89 64.62 55.47 27.43
CA GLY C 89 65.06 54.09 27.52
C GLY C 89 65.21 53.62 28.95
N ALA C 90 65.75 54.47 29.82
CA ALA C 90 65.88 54.11 31.23
C ALA C 90 64.52 53.91 31.88
N GLY C 91 63.56 54.79 31.58
CA GLY C 91 62.22 54.61 32.12
C GLY C 91 61.56 53.33 31.63
N LEU C 92 61.72 53.03 30.34
CA LEU C 92 61.18 51.79 29.81
C LEU C 92 61.83 50.58 30.46
N ALA C 93 63.14 50.64 30.68
CA ALA C 93 63.83 49.56 31.36
C ALA C 93 63.31 49.39 32.80
N GLU C 94 63.07 50.50 33.50
CA GLU C 94 62.53 50.41 34.84
C GLU C 94 61.17 49.74 34.85
N VAL C 95 60.30 50.14 33.92
CA VAL C 95 58.97 49.54 33.84
C VAL C 95 59.07 48.05 33.51
N PHE C 96 59.96 47.69 32.58
CA PHE C 96 60.11 46.29 32.20
C PHE C 96 60.64 45.46 33.36
N GLN C 97 61.61 45.99 34.12
CA GLN C 97 62.12 45.27 35.28
C GLN C 97 61.04 45.11 36.34
N LEU C 98 60.23 46.14 36.57
CA LEU C 98 59.14 46.02 37.53
C LEU C 98 58.14 44.96 37.09
N VAL C 99 57.83 44.93 35.79
CA VAL C 99 56.91 43.92 35.26
C VAL C 99 57.50 42.51 35.45
N GLU C 100 58.80 42.36 35.18
CA GLU C 100 59.45 41.07 35.36
C GLU C 100 59.40 40.62 36.83
N GLU C 101 59.70 41.54 37.75
CA GLU C 101 59.66 41.21 39.17
C GLU C 101 58.26 40.82 39.61
N ALA C 102 57.25 41.52 39.10
CA ALA C 102 55.87 41.15 39.40
C ALA C 102 55.55 39.77 38.84
N TRP C 103 56.02 39.47 37.63
CA TRP C 103 55.79 38.15 37.05
C TRP C 103 56.46 37.04 37.86
N LEU C 104 57.63 37.33 38.44
CA LEU C 104 58.35 36.31 39.21
C LEU C 104 57.61 35.90 40.48
N LEU C 105 56.65 36.70 40.93
CA LEU C 105 55.89 36.36 42.13
C LEU C 105 55.00 35.15 41.90
N GLY C 109 53.64 36.85 39.59
CA GLY C 109 52.26 37.09 39.97
C GLY C 109 51.37 37.40 38.77
N ARG C 110 50.46 36.47 38.47
CA ARG C 110 49.55 36.66 37.34
C ARG C 110 48.63 37.86 37.59
N GLU C 111 48.00 37.90 38.76
CA GLU C 111 47.11 39.01 39.08
C GLU C 111 47.87 40.32 39.22
N VAL C 112 49.11 40.26 39.70
CA VAL C 112 49.92 41.47 39.83
C VAL C 112 50.21 42.05 38.45
N ALA C 113 50.60 41.19 37.50
CA ALA C 113 50.86 41.66 36.15
C ALA C 113 49.58 42.13 35.46
N GLN C 114 48.45 41.48 35.75
CA GLN C 114 47.18 41.94 35.22
C GLN C 114 46.87 43.34 35.72
N GLY C 115 47.08 43.60 37.01
CA GLY C 115 46.87 44.95 37.53
C GLY C 115 47.84 45.95 36.95
N LEU C 116 49.08 45.52 36.68
CA LEU C 116 50.05 46.39 36.03
C LEU C 116 49.55 46.82 34.66
N CYS C 117 49.16 45.83 33.84
CA CYS C 117 48.77 46.12 32.47
C CYS C 117 47.45 46.88 32.41
N ASP C 118 46.55 46.66 33.39
CA ASP C 118 45.32 47.44 33.43
C ASP C 118 45.63 48.93 33.62
N ALA C 119 46.53 49.26 34.54
CA ALA C 119 46.93 50.64 34.74
C ALA C 119 47.62 51.20 33.51
N ILE C 120 48.49 50.39 32.88
CA ILE C 120 49.18 50.85 31.67
C ILE C 120 48.18 51.18 30.58
N ARG C 121 47.18 50.32 30.38
CA ARG C 121 46.17 50.56 29.36
C ARG C 121 45.32 51.77 29.70
N LEU C 122 44.93 51.92 30.97
CA LEU C 122 44.11 53.06 31.37
C LEU C 122 44.84 54.38 31.16
N ASP C 123 46.13 54.42 31.48
CA ASP C 123 46.92 55.63 31.31
C ASP C 123 47.40 55.84 29.89
N GLY C 124 47.00 54.98 28.95
CA GLY C 124 47.43 55.13 27.58
C GLY C 124 48.89 54.86 27.34
N GLY C 125 49.52 54.02 28.16
CA GLY C 125 50.93 53.75 27.99
C GLY C 125 51.24 53.05 26.69
N LEU C 126 50.35 52.18 26.23
CA LEU C 126 50.62 51.43 25.00
C LEU C 126 50.61 52.34 23.78
N ASP C 127 49.80 53.41 23.79
CA ASP C 127 49.89 54.39 22.71
C ASP C 127 51.25 55.07 22.70
N LEU C 128 51.79 55.40 23.88
CA LEU C 128 53.11 55.99 23.97
C LEU C 128 54.17 55.01 23.47
N LEU C 129 54.03 53.73 23.81
CA LEU C 129 54.94 52.72 23.26
C LEU C 129 54.83 52.63 21.74
N LEU C 130 53.61 52.75 21.20
CA LEU C 130 53.44 52.72 19.76
C LEU C 130 54.15 53.89 19.09
N ARG C 131 53.99 55.11 19.63
CA ARG C 131 54.66 56.24 19.02
C ARG C 131 56.16 56.24 19.28
N LEU C 132 56.63 55.52 20.30
CA LEU C 132 58.07 55.29 20.44
C LEU C 132 58.58 54.27 19.42
N LEU C 133 57.77 53.26 19.11
CA LEU C 133 58.05 52.38 17.98
C LEU C 133 58.14 53.18 16.69
N GLN C 134 57.31 54.23 16.56
CA GLN C 134 57.38 55.13 15.42
C GLN C 134 58.56 56.10 15.49
N ALA C 135 59.21 56.21 16.65
CA ALA C 135 60.31 57.15 16.79
C ALA C 135 61.53 56.69 15.99
N PRO C 136 62.29 57.62 15.43
CA PRO C 136 63.47 57.23 14.64
C PRO C 136 64.56 56.54 15.46
N GLU C 137 64.66 56.83 16.76
CA GLU C 137 65.73 56.26 17.56
C GLU C 137 65.55 54.75 17.71
N LEU C 138 66.62 54.00 17.45
CA LEU C 138 66.53 52.55 17.47
C LEU C 138 66.46 52.01 18.89
N GLU C 139 67.27 52.55 19.80
CA GLU C 139 67.31 52.01 21.16
C GLU C 139 66.02 52.28 21.91
N THR C 140 65.42 53.46 21.73
CA THR C 140 64.11 53.71 22.29
C THR C 140 63.12 52.66 21.80
N ARG C 141 63.22 52.30 20.52
CA ARG C 141 62.37 51.25 19.98
C ARG C 141 62.64 49.91 20.65
N VAL C 142 63.91 49.60 20.95
CA VAL C 142 64.19 48.29 21.54
C VAL C 142 63.65 48.21 22.97
N GLN C 143 63.79 49.29 23.75
CA GLN C 143 63.19 49.24 25.10
C GLN C 143 61.66 49.23 25.04
N ALA C 144 61.08 50.00 24.11
CA ALA C 144 59.63 50.01 23.99
C ALA C 144 59.11 48.63 23.61
N ALA C 145 59.79 47.94 22.69
CA ALA C 145 59.37 46.60 22.30
C ALA C 145 59.64 45.58 23.40
N ARG C 146 60.69 45.79 24.20
CA ARG C 146 60.92 44.93 25.36
C ARG C 146 59.75 45.02 26.33
N LEU C 147 59.26 46.24 26.57
CA LEU C 147 58.04 46.38 27.38
C LEU C 147 56.84 45.77 26.68
N LEU C 148 56.75 45.93 25.36
CA LEU C 148 55.59 45.47 24.61
C LEU C 148 55.44 43.95 24.68
N GLU C 149 56.54 43.22 24.59
CA GLU C 149 56.46 41.76 24.67
C GLU C 149 55.80 41.30 25.96
N GLN C 150 56.03 42.01 27.07
CA GLN C 150 55.55 41.57 28.37
C GLN C 150 54.28 42.28 28.83
N ILE C 151 53.81 43.28 28.09
CA ILE C 151 52.55 43.92 28.43
C ILE C 151 51.41 43.53 27.50
N LEU C 152 51.58 42.49 26.68
CA LEU C 152 50.55 42.09 25.73
C LEU C 152 49.62 41.06 26.36
N VAL C 153 48.86 41.53 27.35
CA VAL C 153 47.81 40.74 27.97
C VAL C 153 46.56 40.83 27.11
N ALA C 154 45.54 40.01 27.43
CA ALA C 154 44.37 39.87 26.57
C ALA C 154 43.72 41.21 26.27
N GLU C 155 43.50 42.04 27.30
CA GLU C 155 42.89 43.36 27.08
C GLU C 155 43.81 44.26 26.27
N ASN C 156 45.09 44.29 26.64
CA ASN C 156 46.05 45.05 25.83
C ASN C 156 46.18 44.46 24.43
N ARG C 157 46.02 43.14 24.31
CA ARG C 157 46.02 42.53 22.98
C ARG C 157 44.84 43.02 22.15
N ASP C 158 43.67 43.14 22.76
CA ASP C 158 42.51 43.70 22.06
C ASP C 158 42.77 45.15 21.66
N ARG C 159 43.39 45.93 22.55
CA ARG C 159 43.69 47.32 22.23
C ARG C 159 44.68 47.42 21.06
N VAL C 160 45.71 46.59 21.06
CA VAL C 160 46.66 46.59 19.95
C VAL C 160 45.98 46.13 18.67
N ALA C 161 45.08 45.15 18.75
CA ALA C 161 44.36 44.72 17.57
C ALA C 161 43.51 45.85 17.01
N ARG C 162 42.83 46.61 17.87
CA ARG C 162 41.92 47.63 17.37
C ARG C 162 42.66 48.85 16.84
N ILE C 163 43.69 49.33 17.52
CA ILE C 163 44.32 50.57 17.08
C ILE C 163 45.83 50.42 16.86
N GLY C 164 46.46 49.51 17.59
CA GLY C 164 47.91 49.39 17.54
C GLY C 164 48.43 48.64 16.34
N LEU C 165 47.57 47.90 15.63
CA LEU C 165 48.02 47.15 14.47
C LEU C 165 48.45 48.07 13.35
N GLY C 166 49.32 47.57 12.48
CA GLY C 166 49.87 48.37 11.40
C GLY C 166 51.24 48.91 11.75
N VAL C 167 51.41 49.34 13.00
CA VAL C 167 52.72 49.79 13.46
C VAL C 167 53.68 48.60 13.57
N ILE C 168 53.17 47.45 13.98
CA ILE C 168 54.01 46.26 14.12
C ILE C 168 54.52 45.79 12.76
N LEU C 169 53.75 46.02 11.70
CA LEU C 169 54.21 45.66 10.37
C LEU C 169 55.45 46.46 9.98
N ASN C 170 55.53 47.72 10.39
CA ASN C 170 56.73 48.51 10.13
C ASN C 170 57.95 47.90 10.80
N LEU C 171 57.78 47.39 12.03
CA LEU C 171 58.87 46.64 12.67
C LEU C 171 59.20 45.38 11.89
N ALA C 172 58.17 44.67 11.42
CA ALA C 172 58.39 43.46 10.64
C ALA C 172 59.17 43.77 9.36
N LYS C 173 59.06 44.99 8.85
CA LYS C 173 59.90 45.41 7.73
C LYS C 173 61.38 45.37 8.12
N GLU C 174 61.69 45.83 9.33
CA GLU C 174 63.05 45.72 9.85
C GLU C 174 63.39 44.25 10.10
N ARG C 175 64.58 43.83 9.69
CA ARG C 175 64.94 42.42 9.74
C ARG C 175 66.31 42.19 10.37
N GLU C 176 67.18 43.20 10.30
CA GLU C 176 68.59 42.97 10.64
C GLU C 176 68.83 42.82 12.13
N PRO C 177 68.45 43.78 13.00
CA PRO C 177 68.82 43.66 14.42
C PRO C 177 68.24 42.41 15.07
N VAL C 178 69.05 41.78 15.92
CA VAL C 178 68.61 40.59 16.64
C VAL C 178 67.58 40.96 17.70
N GLU C 179 67.82 42.06 18.42
CA GLU C 179 66.91 42.48 19.48
C GLU C 179 65.53 42.81 18.91
N LEU C 180 65.49 43.55 17.80
CA LEU C 180 64.22 43.83 17.15
C LEU C 180 63.56 42.55 16.68
N ALA C 181 64.34 41.62 16.13
CA ALA C 181 63.79 40.34 15.69
C ALA C 181 63.09 39.62 16.83
N ARG C 182 63.78 39.50 17.97
CA ARG C 182 63.19 38.81 19.13
C ARG C 182 61.95 39.53 19.61
N SER C 183 62.01 40.85 19.73
CA SER C 183 60.90 41.61 20.29
C SER C 183 59.66 41.52 19.40
N VAL C 184 59.84 41.73 18.09
CA VAL C 184 58.71 41.67 17.18
C VAL C 184 58.20 40.23 17.05
N ALA C 185 59.09 39.23 17.19
CA ALA C 185 58.62 37.85 17.19
C ALA C 185 57.69 37.59 18.37
N GLY C 186 58.07 38.06 19.56
CA GLY C 186 57.19 37.91 20.71
C GLY C 186 55.88 38.65 20.54
N ILE C 187 55.95 39.88 20.02
CA ILE C 187 54.73 40.68 19.82
C ILE C 187 53.81 39.98 18.82
N LEU C 188 54.38 39.46 17.72
CA LEU C 188 53.59 38.74 16.74
C LEU C 188 53.00 37.47 17.32
N GLU C 189 53.75 36.79 18.20
CA GLU C 189 53.19 35.63 18.89
C GLU C 189 51.94 36.00 19.67
N HIS C 190 52.04 37.04 20.50
CA HIS C 190 50.89 37.44 21.29
C HIS C 190 49.73 37.89 20.40
N MET C 191 50.03 38.63 19.33
CA MET C 191 48.97 39.08 18.43
C MET C 191 48.30 37.91 17.73
N PHE C 192 49.07 36.88 17.37
CA PHE C 192 48.49 35.69 16.78
C PHE C 192 47.66 34.91 17.79
N LYS C 193 47.94 35.06 19.08
CA LYS C 193 47.09 34.45 20.09
C LYS C 193 45.80 35.22 20.33
N HIS C 194 45.58 36.33 19.63
CA HIS C 194 44.44 37.20 19.92
C HIS C 194 43.14 36.67 19.31
N SER C 195 43.07 36.61 17.97
CA SER C 195 41.83 36.25 17.30
C SER C 195 42.13 35.90 15.86
N GLU C 196 41.10 35.35 15.19
CA GLU C 196 41.26 34.89 13.82
C GLU C 196 41.45 36.05 12.85
N GLU C 197 40.71 37.14 13.04
CA GLU C 197 40.81 38.27 12.12
C GLU C 197 42.20 38.89 12.15
N THR C 198 42.78 39.04 13.34
CA THR C 198 44.14 39.57 13.44
C THR C 198 45.14 38.63 12.79
N CYS C 199 44.96 37.33 12.96
CA CYS C 199 45.83 36.35 12.31
C CYS C 199 45.76 36.48 10.80
N GLN C 200 44.54 36.61 10.25
CA GLN C 200 44.38 36.77 8.81
C GLN C 200 45.03 38.05 8.32
N ARG C 201 44.85 39.15 9.06
CA ARG C 201 45.45 40.42 8.67
C ARG C 201 46.98 40.34 8.69
N LEU C 202 47.54 39.71 9.73
CA LEU C 202 48.99 39.58 9.81
C LEU C 202 49.53 38.68 8.70
N VAL C 203 48.81 37.60 8.37
CA VAL C 203 49.21 36.74 7.26
C VAL C 203 49.18 37.51 5.95
N ALA C 204 48.14 38.32 5.75
CA ALA C 204 48.09 39.16 4.56
C ALA C 204 49.26 40.14 4.51
N ALA C 205 49.72 40.58 5.68
CA ALA C 205 50.89 41.45 5.76
C ALA C 205 52.15 40.58 5.75
N GLY C 206 53.29 41.19 6.07
CA GLY C 206 54.56 40.49 6.10
C GLY C 206 54.94 39.85 7.41
N GLY C 207 53.98 39.69 8.34
CA GLY C 207 54.30 39.09 9.62
C GLY C 207 54.77 37.65 9.50
N LEU C 208 54.09 36.86 8.68
CA LEU C 208 54.49 35.47 8.47
C LEU C 208 55.85 35.39 7.80
N ASP C 209 56.11 36.25 6.81
CA ASP C 209 57.41 36.28 6.18
C ASP C 209 58.50 36.68 7.17
N ALA C 210 58.19 37.63 8.06
CA ALA C 210 59.15 37.99 9.09
C ALA C 210 59.43 36.81 10.03
N VAL C 211 58.39 36.07 10.39
CA VAL C 211 58.57 34.89 11.23
C VAL C 211 59.46 33.86 10.54
N LEU C 212 59.23 33.64 9.24
CA LEU C 212 60.07 32.70 8.50
C LEU C 212 61.52 33.17 8.45
N TYR C 213 61.73 34.46 8.20
CA TYR C 213 63.09 34.98 8.14
C TYR C 213 63.79 34.84 9.49
N TRP C 214 63.07 35.12 10.58
CA TRP C 214 63.67 34.94 11.89
C TRP C 214 63.90 33.47 12.22
N CYS C 215 63.09 32.58 11.64
CA CYS C 215 63.37 31.15 11.75
C CYS C 215 64.65 30.79 11.00
N ARG C 216 64.95 31.49 9.91
CA ARG C 216 66.22 31.31 9.24
C ARG C 216 67.39 31.68 10.14
N ARG C 217 67.16 32.54 11.13
CA ARG C 217 68.23 32.99 12.03
C ARG C 217 68.60 31.90 13.02
N THR C 218 69.45 32.27 13.98
CA THR C 218 70.09 31.31 14.88
C THR C 218 69.82 31.57 16.35
N ASP C 219 69.39 32.78 16.71
CA ASP C 219 69.26 33.14 18.13
C ASP C 219 68.28 32.19 18.83
N PRO C 220 68.64 31.68 20.02
CA PRO C 220 67.73 30.73 20.69
C PRO C 220 66.40 31.33 21.09
N ALA C 221 66.42 32.48 21.78
CA ALA C 221 65.16 33.09 22.22
C ALA C 221 64.30 33.51 21.03
N LEU C 222 64.93 34.03 19.98
CA LEU C 222 64.18 34.39 18.78
C LEU C 222 63.49 33.18 18.16
N LEU C 223 64.21 32.05 18.08
CA LEU C 223 63.62 30.83 17.54
C LEU C 223 62.48 30.34 18.42
N ARG C 224 62.65 30.43 19.74
CA ARG C 224 61.58 30.01 20.64
C ARG C 224 60.32 30.84 20.44
N HIS C 225 60.47 32.17 20.38
CA HIS C 225 59.31 33.02 20.15
C HIS C 225 58.69 32.77 18.79
N CYS C 226 59.51 32.52 17.76
CA CYS C 226 58.96 32.23 16.44
C CYS C 226 58.18 30.92 16.44
N ALA C 227 58.70 29.90 17.10
CA ALA C 227 57.99 28.62 17.18
C ALA C 227 56.67 28.78 17.91
N LEU C 228 56.68 29.50 19.03
CA LEU C 228 55.44 29.71 19.77
C LEU C 228 54.46 30.57 18.97
N ALA C 229 54.96 31.53 18.20
CA ALA C 229 54.10 32.34 17.34
C ALA C 229 53.43 31.48 16.28
N LEU C 230 54.20 30.60 15.63
CA LEU C 230 53.62 29.72 14.62
C LEU C 230 52.59 28.79 15.23
N GLY C 231 52.89 28.24 16.42
CA GLY C 231 51.90 27.40 17.09
C GLY C 231 50.63 28.15 17.42
N ASN C 232 50.76 29.36 17.96
CA ASN C 232 49.58 30.15 18.31
C ASN C 232 48.76 30.50 17.09
N CYS C 233 49.41 30.90 16.00
CA CYS C 233 48.68 31.28 14.79
C CYS C 233 48.02 30.06 14.15
N ALA C 234 48.68 28.91 14.20
CA ALA C 234 48.04 27.69 13.70
C ALA C 234 46.83 27.32 14.54
N LEU C 235 46.91 27.51 15.86
CA LEU C 235 45.79 27.17 16.73
C LEU C 235 44.62 28.13 16.54
N HIS C 236 44.89 29.42 16.39
CA HIS C 236 43.86 30.45 16.40
C HIS C 236 43.61 31.07 15.03
N GLY C 237 44.07 30.45 13.95
CA GLY C 237 43.92 31.05 12.64
C GLY C 237 42.69 30.65 11.86
N GLY C 238 42.45 29.36 11.71
CA GLY C 238 41.37 28.85 10.90
C GLY C 238 41.89 28.19 9.64
N GLN C 239 40.93 27.80 8.79
CA GLN C 239 41.28 27.08 7.56
C GLN C 239 42.13 27.95 6.64
N ALA C 240 41.71 29.19 6.41
CA ALA C 240 42.41 30.05 5.46
C ALA C 240 43.82 30.37 5.94
N VAL C 241 43.99 30.62 7.24
CA VAL C 241 45.30 30.94 7.78
C VAL C 241 46.26 29.77 7.59
N GLN C 242 45.80 28.56 7.90
CA GLN C 242 46.64 27.38 7.73
C GLN C 242 46.96 27.12 6.26
N ARG C 243 45.98 27.32 5.38
CA ARG C 243 46.24 27.17 3.94
C ARG C 243 47.30 28.15 3.47
N ARG C 244 47.20 29.41 3.91
CA ARG C 244 48.20 30.41 3.51
C ARG C 244 49.56 30.08 4.10
N MET C 245 49.58 29.55 5.33
CA MET C 245 50.85 29.14 5.92
C MET C 245 51.53 28.06 5.10
N VAL C 246 50.77 27.03 4.72
CA VAL C 246 51.37 25.94 3.96
C VAL C 246 51.78 26.42 2.57
N GLU C 247 50.98 27.32 1.97
CA GLU C 247 51.37 27.90 0.69
C GLU C 247 52.69 28.65 0.80
N LYS C 248 53.01 29.17 1.99
CA LYS C 248 54.29 29.80 2.25
C LYS C 248 55.31 28.83 2.83
N ARG C 249 55.02 27.54 2.82
CA ARG C 249 55.93 26.49 3.30
C ARG C 249 56.25 26.68 4.78
N ALA C 250 55.21 26.64 5.59
CA ALA C 250 55.37 26.81 7.04
C ALA C 250 56.07 25.60 7.67
N ALA C 251 55.70 24.39 7.26
CA ALA C 251 56.28 23.19 7.88
C ALA C 251 57.77 23.06 7.56
N GLU C 252 58.17 23.43 6.35
CA GLU C 252 59.59 23.34 6.00
C GLU C 252 60.43 24.25 6.88
N TRP C 253 59.95 25.48 7.13
CA TRP C 253 60.68 26.36 8.04
C TRP C 253 60.48 25.98 9.50
N LEU C 254 59.45 25.21 9.81
CA LEU C 254 59.32 24.68 11.17
C LEU C 254 60.31 23.55 11.43
N PHE C 255 60.72 22.85 10.37
CA PHE C 255 61.63 21.72 10.54
C PHE C 255 62.93 22.05 11.27
N PRO C 256 63.68 23.11 10.90
CA PRO C 256 64.94 23.37 11.62
C PRO C 256 64.74 23.64 13.09
N LEU C 257 63.62 24.28 13.47
CA LEU C 257 63.37 24.57 14.86
C LEU C 257 63.19 23.29 15.68
N ALA C 258 62.52 22.30 15.11
CA ALA C 258 62.38 21.01 15.78
C ALA C 258 63.68 20.21 15.73
N PHE C 259 64.47 20.38 14.67
CA PHE C 259 65.68 19.58 14.51
C PHE C 259 66.82 20.07 15.40
N SER C 260 66.77 21.32 15.84
CA SER C 260 67.87 21.89 16.62
C SER C 260 67.98 21.23 17.98
N LYS C 261 69.11 20.57 18.24
CA LYS C 261 69.32 19.86 19.48
C LYS C 261 69.72 20.78 20.64
N GLU C 262 69.93 22.07 20.37
CA GLU C 262 70.42 22.97 21.41
C GLU C 262 69.41 23.12 22.54
N ASP C 263 68.14 23.35 22.21
CA ASP C 263 67.09 23.58 23.19
C ASP C 263 65.95 22.60 22.97
N GLU C 264 65.48 22.00 24.07
CA GLU C 264 64.36 21.05 23.98
C GLU C 264 63.03 21.76 23.80
N LEU C 265 62.86 22.92 24.45
CA LEU C 265 61.59 23.63 24.35
C LEU C 265 61.32 24.12 22.93
N LEU C 266 62.36 24.51 22.20
CA LEU C 266 62.18 24.94 20.81
C LEU C 266 61.65 23.80 19.96
N ARG C 267 62.24 22.60 20.09
CA ARG C 267 61.73 21.45 19.35
C ARG C 267 60.32 21.10 19.79
N LEU C 268 60.04 21.20 21.08
CA LEU C 268 58.70 20.87 21.57
C LEU C 268 57.65 21.80 20.97
N HIS C 269 57.94 23.11 20.94
CA HIS C 269 57.00 24.06 20.35
C HIS C 269 56.87 23.85 18.84
N ALA C 270 57.98 23.58 18.15
CA ALA C 270 57.90 23.33 16.72
C ALA C 270 57.08 22.09 16.42
N CYS C 271 57.25 21.04 17.22
CA CYS C 271 56.45 19.83 17.03
C CYS C 271 54.99 20.07 17.35
N LEU C 272 54.69 20.90 18.35
CA LEU C 272 53.30 21.27 18.61
C LEU C 272 52.70 21.98 17.40
N ALA C 273 53.45 22.92 16.81
CA ALA C 273 52.95 23.63 15.63
C ALA C 273 52.72 22.67 14.46
N VAL C 274 53.67 21.75 14.25
CA VAL C 274 53.53 20.78 13.17
C VAL C 274 52.32 19.89 13.39
N ALA C 275 52.10 19.45 14.64
CA ALA C 275 50.94 18.62 14.95
C ALA C 275 49.64 19.37 14.73
N VAL C 276 49.60 20.65 15.12
CA VAL C 276 48.39 21.45 14.91
C VAL C 276 48.12 21.62 13.42
N LEU C 277 49.18 21.83 12.62
CA LEU C 277 49.00 21.88 11.18
C LEU C 277 48.51 20.54 10.64
N ALA C 278 48.99 19.44 11.20
CA ALA C 278 48.60 18.11 10.74
C ALA C 278 47.15 17.79 11.10
N THR C 279 46.63 18.37 12.19
CA THR C 279 45.23 18.17 12.52
C THR C 279 44.32 18.67 11.40
N ASN C 280 44.74 19.71 10.70
CA ASN C 280 44.09 20.13 9.45
C ASN C 280 44.42 19.08 8.40
N LYS C 281 43.50 18.14 8.17
CA LYS C 281 43.82 16.98 7.35
C LYS C 281 43.59 17.20 5.86
N GLU C 282 43.17 18.40 5.45
CA GLU C 282 43.08 18.68 4.03
C GLU C 282 44.44 19.07 3.44
N VAL C 283 45.45 19.24 4.27
CA VAL C 283 46.79 19.60 3.82
C VAL C 283 47.84 18.66 4.40
N GLU C 284 47.40 17.54 5.00
CA GLU C 284 48.34 16.55 5.52
C GLU C 284 49.28 16.03 4.44
N ARG C 285 48.82 16.01 3.19
CA ARG C 285 49.70 15.55 2.11
C ARG C 285 50.93 16.43 1.98
N GLU C 286 50.74 17.75 1.91
CA GLU C 286 51.88 18.65 1.82
C GLU C 286 52.66 18.69 3.12
N VAL C 287 52.00 18.54 4.27
CA VAL C 287 52.71 18.50 5.53
C VAL C 287 53.68 17.31 5.56
N GLU C 288 53.22 16.15 5.09
CA GLU C 288 54.10 14.99 4.97
C GLU C 288 55.18 15.21 3.92
N ARG C 289 54.85 15.88 2.81
CA ARG C 289 55.86 16.22 1.82
C ARG C 289 56.98 17.04 2.43
N SER C 290 56.65 17.89 3.41
CA SER C 290 57.69 18.61 4.15
C SER C 290 58.58 17.66 4.92
N GLY C 291 57.99 16.62 5.51
CA GLY C 291 58.76 15.63 6.24
C GLY C 291 59.07 15.96 7.68
N THR C 292 58.58 17.09 8.19
CA THR C 292 58.86 17.47 9.57
C THR C 292 58.06 16.66 10.58
N LEU C 293 57.02 15.94 10.13
CA LEU C 293 56.24 15.13 11.05
C LEU C 293 57.01 13.94 11.60
N ALA C 294 58.08 13.52 10.91
CA ALA C 294 58.80 12.31 11.32
C ALA C 294 59.45 12.47 12.69
N LEU C 295 60.02 13.64 12.96
CA LEU C 295 60.76 13.84 14.21
C LEU C 295 59.86 13.97 15.42
N VAL C 296 58.54 14.07 15.24
CA VAL C 296 57.64 14.32 16.36
C VAL C 296 57.68 13.16 17.36
N GLU C 297 57.52 11.93 16.85
CA GLU C 297 57.46 10.77 17.75
C GLU C 297 58.77 10.54 18.49
N PRO C 298 59.94 10.51 17.83
CA PRO C 298 61.18 10.30 18.61
C PRO C 298 61.43 11.38 19.65
N LEU C 299 61.12 12.64 19.33
CA LEU C 299 61.31 13.70 20.30
C LEU C 299 60.39 13.53 21.50
N VAL C 300 59.13 13.17 21.25
CA VAL C 300 58.18 12.94 22.34
C VAL C 300 58.65 11.78 23.21
N ALA C 301 59.16 10.72 22.58
CA ALA C 301 59.66 9.58 23.34
C ALA C 301 60.87 9.98 24.19
N SER C 302 61.77 10.80 23.63
CA SER C 302 62.99 11.17 24.36
C SER C 302 62.68 12.11 25.52
N LEU C 303 61.85 13.12 25.28
CA LEU C 303 61.59 14.13 26.31
C LEU C 303 60.75 13.54 27.45
N ASP C 304 60.87 14.17 28.61
CA ASP C 304 60.15 13.77 29.81
C ASP C 304 59.17 14.86 30.23
N PRO C 305 57.91 14.51 30.49
CA PRO C 305 56.93 15.54 30.89
C PRO C 305 57.29 16.28 32.16
N GLY C 306 57.94 15.60 33.11
CA GLY C 306 58.17 16.20 34.42
C GLY C 306 59.09 17.41 34.37
N ARG C 307 60.16 17.34 33.58
CA ARG C 307 61.13 18.42 33.54
C ARG C 307 60.49 19.71 33.04
N PHE C 308 59.76 19.64 31.92
CA PHE C 308 59.14 20.83 31.37
C PHE C 308 57.92 21.26 32.18
N ALA C 309 57.25 20.32 32.85
CA ALA C 309 56.16 20.68 33.74
C ALA C 309 56.68 21.49 34.92
N ARG C 310 57.83 21.09 35.48
CA ARG C 310 58.42 21.84 36.59
C ARG C 310 58.98 23.17 36.13
N CYS C 311 59.56 23.21 34.92
CA CYS C 311 60.16 24.42 34.39
C CYS C 311 59.09 25.43 33.96
N PRO C 324 42.60 27.48 30.30
CA PRO C 324 41.52 26.58 29.92
C PRO C 324 41.26 26.53 28.42
N ASP C 325 41.35 27.68 27.76
CA ASP C 325 41.18 27.72 26.30
C ASP C 325 42.29 26.93 25.61
N ASP C 326 43.51 27.01 26.13
CA ASP C 326 44.61 26.24 25.56
C ASP C 326 44.33 24.74 25.65
N LEU C 327 43.81 24.28 26.78
CA LEU C 327 43.45 22.87 26.91
C LEU C 327 42.32 22.51 25.97
N GLN C 328 41.33 23.39 25.82
CA GLN C 328 40.22 23.13 24.90
C GLN C 328 40.69 23.07 23.46
N ARG C 329 41.79 23.76 23.13
CA ARG C 329 42.35 23.66 21.79
C ARG C 329 43.28 22.46 21.64
N LEU C 330 43.90 22.01 22.74
CA LEU C 330 44.75 20.82 22.70
C LEU C 330 43.93 19.54 22.61
N VAL C 331 42.69 19.56 23.13
CA VAL C 331 41.84 18.36 23.08
C VAL C 331 41.66 17.84 21.67
N PRO C 332 41.40 18.67 20.64
CA PRO C 332 41.34 18.13 19.27
C PRO C 332 42.58 17.37 18.85
N LEU C 333 43.76 17.76 19.34
CA LEU C 333 44.97 16.98 19.04
C LEU C 333 44.86 15.57 19.62
N LEU C 334 44.27 15.45 20.81
CA LEU C 334 44.02 14.12 21.37
C LEU C 334 43.07 13.32 20.49
N ASP C 335 42.01 13.96 20.00
CA ASP C 335 41.04 13.30 19.13
C ASP C 335 41.36 13.47 17.65
N SER C 336 42.62 13.76 17.31
CA SER C 336 42.97 14.03 15.93
C SER C 336 43.10 12.76 15.09
N ASN C 337 43.23 11.60 15.73
CA ASN C 337 43.45 10.31 15.07
C ASN C 337 44.73 10.28 14.24
N ARG C 338 45.63 11.24 14.45
CA ARG C 338 46.95 11.25 13.82
C ARG C 338 47.99 11.02 14.89
N LEU C 339 48.88 10.04 14.66
CA LEU C 339 49.75 9.54 15.73
C LEU C 339 50.62 10.66 16.30
N GLU C 340 51.22 11.49 15.44
CA GLU C 340 52.04 12.58 15.92
C GLU C 340 51.22 13.59 16.70
N ALA C 341 50.05 13.95 16.18
CA ALA C 341 49.18 14.91 16.86
C ALA C 341 48.69 14.34 18.19
N GLN C 342 48.31 13.05 18.20
CA GLN C 342 47.88 12.43 19.45
C GLN C 342 48.99 12.41 20.48
N CYS C 343 50.22 12.10 20.06
CA CYS C 343 51.35 12.09 20.99
C CYS C 343 51.62 13.49 21.54
N ILE C 344 51.59 14.50 20.68
CA ILE C 344 51.83 15.87 21.14
C ILE C 344 50.74 16.29 22.14
N GLY C 345 49.48 16.01 21.81
CA GLY C 345 48.40 16.34 22.72
C GLY C 345 48.50 15.61 24.04
N ALA C 346 48.88 14.32 24.00
CA ALA C 346 49.05 13.57 25.24
C ALA C 346 50.17 14.15 26.09
N PHE C 347 51.30 14.52 25.46
CA PHE C 347 52.40 15.10 26.22
C PHE C 347 51.98 16.42 26.87
N TYR C 348 51.34 17.30 26.09
CA TYR C 348 50.91 18.58 26.64
C TYR C 348 49.89 18.40 27.75
N LEU C 349 48.93 17.49 27.56
CA LEU C 349 47.91 17.30 28.58
C LEU C 349 48.49 16.66 29.84
N CYS C 350 49.47 15.76 29.69
CA CYS C 350 50.13 15.19 30.87
C CYS C 350 50.88 16.27 31.65
N ALA C 351 51.61 17.14 30.94
CA ALA C 351 52.30 18.22 31.62
C ALA C 351 51.32 19.15 32.33
N GLU C 352 50.23 19.51 31.66
CA GLU C 352 49.25 20.40 32.26
C GLU C 352 48.54 19.74 33.44
N ALA C 353 48.28 18.43 33.34
CA ALA C 353 47.67 17.71 34.45
C ALA C 353 48.60 17.66 35.65
N ALA C 354 49.90 17.45 35.42
CA ALA C 354 50.85 17.49 36.51
C ALA C 354 50.86 18.88 37.17
N ILE C 355 50.87 19.93 36.34
CA ILE C 355 50.89 21.29 36.88
C ILE C 355 49.63 21.56 37.70
N LYS C 356 48.46 21.16 37.18
CA LYS C 356 47.21 21.40 37.89
C LYS C 356 47.13 20.59 39.18
N SER C 357 47.56 19.32 39.15
CA SER C 357 47.56 18.50 40.34
C SER C 357 48.57 18.98 41.38
N LEU C 358 49.60 19.71 40.95
CA LEU C 358 50.47 20.37 41.91
C LEU C 358 49.67 21.35 42.77
N GLN C 359 48.66 21.97 42.17
CA GLN C 359 47.70 22.79 42.91
C GLN C 359 46.46 21.95 43.24
N GLY C 360 45.42 22.59 43.73
CA GLY C 360 44.19 21.90 44.07
C GLY C 360 43.15 21.87 42.97
N LYS C 361 43.34 22.71 41.95
CA LYS C 361 42.38 22.83 40.87
C LYS C 361 42.67 21.78 39.80
N THR C 362 41.79 20.77 39.70
CA THR C 362 41.94 19.71 38.71
C THR C 362 40.65 19.42 37.97
N LYS C 363 39.61 20.23 38.16
CA LYS C 363 38.31 19.99 37.53
C LYS C 363 38.23 20.52 36.11
N VAL C 364 39.26 21.22 35.62
CA VAL C 364 39.22 21.78 34.27
C VAL C 364 39.13 20.66 33.23
N PHE C 365 39.93 19.62 33.39
CA PHE C 365 39.92 18.51 32.44
C PHE C 365 38.57 17.80 32.45
N SER C 366 37.98 17.61 33.62
CA SER C 366 36.65 17.00 33.69
C SER C 366 35.60 17.87 33.01
N ASP C 367 35.69 19.20 33.22
CA ASP C 367 34.74 20.11 32.59
C ASP C 367 34.86 20.08 31.07
N ILE C 368 36.10 20.08 30.56
CA ILE C 368 36.29 20.01 29.11
C ILE C 368 35.89 18.63 28.58
N GLY C 369 36.17 17.57 29.33
CA GLY C 369 35.90 16.23 28.88
C GLY C 369 37.10 15.49 28.34
N ALA C 370 38.31 15.98 28.61
CA ALA C 370 39.52 15.31 28.13
C ALA C 370 39.75 13.97 28.80
N ILE C 371 39.11 13.71 29.94
CA ILE C 371 39.27 12.42 30.62
C ILE C 371 38.73 11.30 29.75
N GLN C 372 37.56 11.52 29.14
CA GLN C 372 36.99 10.52 28.24
C GLN C 372 37.89 10.29 27.03
N SER C 373 38.45 11.37 26.49
CA SER C 373 39.38 11.25 25.37
C SER C 373 40.61 10.45 25.76
N LEU C 374 41.14 10.69 26.97
CA LEU C 374 42.30 9.92 27.43
C LEU C 374 41.96 8.45 27.60
N LYS C 375 40.78 8.16 28.15
CA LYS C 375 40.38 6.76 28.33
C LYS C 375 40.24 6.06 26.98
N ARG C 376 39.61 6.73 26.01
CA ARG C 376 39.49 6.17 24.67
C ARG C 376 40.87 5.98 24.03
N LEU C 377 41.78 6.92 24.28
CA LEU C 377 43.14 6.80 23.76
C LEU C 377 43.84 5.57 24.35
N VAL C 378 43.69 5.35 25.65
CA VAL C 378 44.32 4.22 26.30
C VAL C 378 43.75 2.90 25.77
N CYS C 379 42.42 2.81 25.67
CA CYS C 379 41.80 1.56 25.23
C CYS C 379 42.24 1.16 23.83
N TYR C 380 42.26 2.11 22.90
CA TYR C 380 42.58 1.85 21.50
C TYR C 380 44.01 2.24 21.16
N SER C 381 44.89 2.30 22.16
CA SER C 381 46.27 2.71 21.94
C SER C 381 47.01 1.67 21.10
N THR C 382 47.79 2.15 20.12
CA THR C 382 48.65 1.30 19.33
C THR C 382 50.14 1.64 19.46
N ASN C 383 50.46 2.79 20.03
CA ASN C 383 51.83 3.22 20.21
C ASN C 383 52.20 3.18 21.69
N GLY C 384 53.40 2.68 21.98
CA GLY C 384 53.83 2.57 23.36
C GLY C 384 54.01 3.92 24.03
N THR C 385 54.60 4.89 23.32
CA THR C 385 54.84 6.20 23.90
C THR C 385 53.52 6.92 24.20
N LYS C 386 52.59 6.91 23.24
CA LYS C 386 51.30 7.56 23.44
C LYS C 386 50.53 6.91 24.56
N SER C 387 50.53 5.57 24.61
CA SER C 387 49.83 4.87 25.68
C SER C 387 50.44 5.19 27.04
N ALA C 388 51.77 5.24 27.11
CA ALA C 388 52.42 5.56 28.38
C ALA C 388 52.09 6.97 28.83
N LEU C 389 52.12 7.93 27.90
CA LEU C 389 51.79 9.31 28.25
C LEU C 389 50.34 9.43 28.73
N ALA C 390 49.42 8.77 28.02
CA ALA C 390 48.01 8.82 28.43
C ALA C 390 47.80 8.18 29.79
N LYS C 391 48.46 7.04 30.03
CA LYS C 391 48.35 6.38 31.34
C LYS C 391 48.90 7.26 32.44
N ARG C 392 50.04 7.92 32.20
CA ARG C 392 50.61 8.81 33.20
C ARG C 392 49.68 9.98 33.48
N ALA C 393 49.10 10.57 32.42
CA ALA C 393 48.19 11.69 32.60
C ALA C 393 46.95 11.28 33.39
N LEU C 394 46.39 10.10 33.10
CA LEU C 394 45.23 9.63 33.83
C LEU C 394 45.58 9.32 35.29
N ARG C 395 46.75 8.72 35.53
CA ARG C 395 47.15 8.39 36.89
C ARG C 395 47.44 9.65 37.70
N LEU C 396 47.90 10.73 37.05
CA LEU C 396 48.09 11.98 37.76
C LEU C 396 46.78 12.51 38.32
N LEU C 397 45.69 12.28 37.60
CA LEU C 397 44.36 12.65 38.08
C LEU C 397 43.74 11.48 38.84
N GLY C 398 42.53 11.69 39.35
CA GLY C 398 41.83 10.65 40.08
C GLY C 398 40.94 9.80 39.19
N GLU C 399 41.52 9.21 38.16
CA GLU C 399 40.78 8.38 37.21
C GLU C 399 41.46 7.02 37.07
N GLU C 400 40.65 5.97 37.07
CA GLU C 400 41.17 4.62 36.88
C GLU C 400 41.62 4.42 35.44
N VAL C 401 42.82 3.90 35.27
CA VAL C 401 43.32 3.64 33.92
C VAL C 401 42.57 2.45 33.32
N PRO C 402 42.12 2.54 32.07
CA PRO C 402 41.42 1.40 31.46
C PRO C 402 42.40 0.40 30.88
N ARG C 403 42.12 -0.88 31.10
CA ARG C 403 42.96 -1.93 30.55
C ARG C 403 42.76 -2.00 29.04
N PRO C 404 43.83 -2.08 28.25
CA PRO C 404 43.67 -2.10 26.79
C PRO C 404 42.84 -3.30 26.34
N ILE C 405 42.03 -3.06 25.31
CA ILE C 405 41.11 -4.07 24.80
C ILE C 405 41.85 -5.01 23.86
N LEU C 406 41.43 -6.27 23.85
CA LEU C 406 42.01 -7.24 22.93
C LEU C 406 41.48 -7.00 21.52
N PRO C 407 42.36 -6.83 20.53
CA PRO C 407 41.87 -6.50 19.18
C PRO C 407 41.01 -7.57 18.54
N SER C 408 41.08 -8.82 19.01
CA SER C 408 40.31 -9.92 18.43
C SER C 408 38.87 -9.83 18.89
N VAL C 409 38.16 -8.82 18.36
CA VAL C 409 36.76 -8.62 18.74
C VAL C 409 35.88 -9.83 18.41
N PRO C 410 36.00 -10.49 17.25
CA PRO C 410 35.16 -11.68 17.01
C PRO C 410 35.30 -12.76 18.07
N SER C 411 36.46 -12.87 18.70
CA SER C 411 36.70 -13.88 19.73
C SER C 411 36.37 -13.38 21.13
N TRP C 412 35.81 -12.18 21.25
CA TRP C 412 35.50 -11.63 22.57
C TRP C 412 34.44 -12.46 23.28
N LYS C 413 34.61 -12.61 24.58
CA LYS C 413 33.59 -13.20 25.43
C LYS C 413 32.75 -12.09 26.06
N GLU C 414 31.90 -12.45 27.02
CA GLU C 414 31.04 -11.45 27.66
C GLU C 414 31.86 -10.44 28.46
N ALA C 415 32.93 -10.90 29.12
CA ALA C 415 33.73 -10.00 29.96
C ALA C 415 34.39 -8.91 29.11
N GLU C 416 34.89 -9.27 27.93
CA GLU C 416 35.51 -8.27 27.06
C GLU C 416 34.50 -7.23 26.61
N VAL C 417 33.27 -7.67 26.29
CA VAL C 417 32.22 -6.73 25.92
C VAL C 417 31.91 -5.79 27.09
N GLN C 418 31.82 -6.35 28.30
CA GLN C 418 31.59 -5.49 29.47
C GLN C 418 32.70 -4.47 29.62
N THR C 419 33.96 -4.90 29.52
CA THR C 419 35.09 -3.99 29.70
C THR C 419 35.08 -2.89 28.66
N TRP C 420 34.79 -3.24 27.41
CA TRP C 420 34.63 -2.21 26.37
C TRP C 420 33.51 -1.25 26.74
N LEU C 421 32.44 -1.76 27.35
CA LEU C 421 31.33 -0.90 27.74
C LEU C 421 31.74 0.11 28.81
N GLN C 422 32.48 -0.32 29.85
CA GLN C 422 32.94 0.69 30.80
C GLN C 422 33.96 1.63 30.18
N CYS C 423 34.75 1.15 29.21
CA CYS C 423 35.70 2.05 28.55
C CYS C 423 34.97 3.15 27.79
N ILE C 424 33.89 2.81 27.07
CA ILE C 424 33.20 3.78 26.25
C ILE C 424 32.16 4.54 27.07
N GLY C 425 32.18 4.34 28.38
CA GLY C 425 31.30 5.07 29.28
C GLY C 425 29.83 4.74 29.14
N PHE C 426 29.50 3.47 28.91
CA PHE C 426 28.11 3.03 28.88
C PHE C 426 27.85 2.05 30.01
N SER C 427 28.35 2.36 31.21
CA SER C 427 28.18 1.48 32.36
C SER C 427 26.72 1.29 32.74
N LYS C 428 25.84 2.20 32.32
CA LYS C 428 24.42 2.04 32.60
C LYS C 428 23.85 0.81 31.90
N TYR C 429 24.33 0.52 30.69
CA TYR C 429 23.82 -0.59 29.90
C TYR C 429 24.61 -1.88 30.10
N CYS C 430 25.57 -1.89 31.03
CA CYS C 430 26.35 -3.10 31.25
C CYS C 430 25.49 -4.25 31.73
N GLU C 431 24.57 -3.98 32.66
CA GLU C 431 23.68 -5.02 33.16
C GLU C 431 22.76 -5.54 32.06
N SER C 432 22.23 -4.63 31.24
CA SER C 432 21.37 -5.04 30.14
C SER C 432 22.13 -5.92 29.15
N PHE C 433 23.38 -5.56 28.85
CA PHE C 433 24.20 -6.40 27.97
C PHE C 433 24.48 -7.75 28.61
N ARG C 434 24.71 -7.77 29.92
CA ARG C 434 24.97 -9.02 30.61
C ARG C 434 23.76 -9.95 30.56
N GLU C 435 22.56 -9.40 30.75
CA GLU C 435 21.36 -10.23 30.72
C GLU C 435 21.16 -10.87 29.35
N GLN C 436 21.38 -10.10 28.28
CA GLN C 436 21.30 -10.65 26.93
C GLN C 436 22.48 -11.54 26.58
N GLN C 437 23.53 -11.57 27.42
CA GLN C 437 24.71 -12.40 27.20
C GLN C 437 25.36 -12.07 25.85
N VAL C 438 25.52 -10.77 25.58
CA VAL C 438 26.15 -10.34 24.33
C VAL C 438 27.63 -10.66 24.37
N ASP C 439 28.14 -11.22 23.27
CA ASP C 439 29.54 -11.56 23.11
C ASP C 439 30.09 -10.87 21.86
N GLY C 440 31.29 -11.28 21.45
CA GLY C 440 31.95 -10.61 20.36
C GLY C 440 31.13 -10.60 19.07
N ASP C 441 30.58 -11.75 18.71
CA ASP C 441 29.83 -11.85 17.45
C ASP C 441 28.54 -11.03 17.52
N LEU C 442 27.77 -11.19 18.59
CA LEU C 442 26.51 -10.46 18.71
C LEU C 442 26.75 -8.96 18.78
N LEU C 443 27.77 -8.53 19.53
CA LEU C 443 28.11 -7.11 19.58
C LEU C 443 28.53 -6.60 18.20
N LEU C 444 29.35 -7.38 17.49
CA LEU C 444 29.86 -6.95 16.20
C LEU C 444 28.80 -6.99 15.10
N ARG C 445 27.70 -7.69 15.32
CA ARG C 445 26.57 -7.70 14.39
C ARG C 445 25.33 -7.06 14.99
N LEU C 446 25.49 -6.19 15.98
CA LEU C 446 24.36 -5.55 16.62
C LEU C 446 23.65 -4.60 15.66
N THR C 447 22.33 -4.55 15.77
CA THR C 447 21.49 -3.76 14.87
C THR C 447 20.76 -2.68 15.66
N GLU C 448 20.09 -1.80 14.92
CA GLU C 448 19.37 -0.68 15.53
C GLU C 448 18.20 -1.17 16.37
N GLU C 449 17.39 -2.08 15.83
CA GLU C 449 16.19 -2.52 16.53
C GLU C 449 16.53 -3.33 17.77
N GLU C 450 17.62 -4.11 17.73
CA GLU C 450 18.03 -4.85 18.90
C GLU C 450 18.40 -3.91 20.04
N LEU C 451 19.13 -2.83 19.73
CA LEU C 451 19.43 -1.83 20.74
C LEU C 451 18.16 -1.15 21.24
N GLN C 452 17.25 -0.83 20.33
CA GLN C 452 16.04 -0.11 20.71
C GLN C 452 15.15 -0.93 21.64
N THR C 453 14.96 -2.21 21.34
CA THR C 453 14.01 -3.03 22.07
C THR C 453 14.68 -3.90 23.13
N ASP C 454 15.64 -4.74 22.73
CA ASP C 454 16.18 -5.74 23.64
C ASP C 454 17.05 -5.10 24.71
N LEU C 455 17.93 -4.18 24.34
CA LEU C 455 18.89 -3.60 25.26
C LEU C 455 18.38 -2.32 25.93
N GLY C 456 17.16 -1.89 25.59
CA GLY C 456 16.57 -0.73 26.24
C GLY C 456 17.29 0.57 26.00
N MET C 457 17.83 0.77 24.79
CA MET C 457 18.47 2.02 24.42
C MET C 457 17.45 2.85 23.65
N LYS C 458 16.53 3.47 24.40
CA LYS C 458 15.40 4.16 23.80
C LYS C 458 15.85 5.37 22.99
N SER C 459 16.81 6.14 23.51
CA SER C 459 17.19 7.39 22.87
C SER C 459 17.90 7.13 21.54
N GLY C 460 17.40 7.77 20.48
CA GLY C 460 18.05 7.66 19.19
C GLY C 460 19.43 8.30 19.17
N ILE C 461 19.61 9.40 19.91
CA ILE C 461 20.93 10.01 20.01
C ILE C 461 21.90 9.07 20.71
N THR C 462 21.45 8.42 21.78
CA THR C 462 22.29 7.44 22.48
C THR C 462 22.63 6.27 21.56
N ARG C 463 21.66 5.82 20.75
CA ARG C 463 21.94 4.74 19.82
C ARG C 463 22.95 5.16 18.76
N LYS C 464 22.85 6.40 18.27
CA LYS C 464 23.82 6.89 17.30
C LYS C 464 25.20 6.99 17.91
N ARG C 465 25.29 7.44 19.16
CA ARG C 465 26.59 7.48 19.85
C ARG C 465 27.17 6.08 20.02
N PHE C 466 26.32 5.12 20.39
CA PHE C 466 26.78 3.74 20.53
C PHE C 466 27.25 3.19 19.20
N PHE C 467 26.55 3.51 18.11
CA PHE C 467 26.97 3.02 16.80
C PHE C 467 28.26 3.69 16.33
N ARG C 468 28.47 4.96 16.69
CA ARG C 468 29.75 5.60 16.41
C ARG C 468 30.87 4.90 17.15
N GLU C 469 30.65 4.58 18.43
CA GLU C 469 31.65 3.83 19.19
C GLU C 469 31.90 2.46 18.58
N LEU C 470 30.83 1.79 18.14
CA LEU C 470 30.98 0.47 17.54
C LEU C 470 31.74 0.55 16.22
N THR C 471 31.51 1.60 15.43
CA THR C 471 32.28 1.80 14.21
C THR C 471 33.75 2.02 14.53
N GLU C 472 34.03 2.82 15.57
CA GLU C 472 35.41 3.01 15.98
C GLU C 472 36.06 1.69 16.40
N LEU C 473 35.30 0.85 17.11
CA LEU C 473 35.82 -0.47 17.48
C LEU C 473 36.05 -1.35 16.26
N LYS C 474 35.11 -1.36 15.32
CA LYS C 474 35.24 -2.21 14.14
C LYS C 474 36.40 -1.77 13.26
N THR C 475 36.74 -0.47 13.28
CA THR C 475 37.92 -0.02 12.55
C THR C 475 39.19 -0.63 13.13
N PHE C 476 39.28 -0.71 14.46
CA PHE C 476 40.43 -1.32 15.13
C PHE C 476 40.00 -2.68 15.66
N ALA C 477 40.09 -3.69 14.79
CA ALA C 477 39.70 -5.05 15.14
C ALA C 477 40.58 -6.04 14.39
N ASN C 478 40.75 -7.21 15.01
CA ASN C 478 41.52 -8.30 14.41
C ASN C 478 40.54 -9.31 13.83
N TYR C 479 40.39 -9.30 12.51
CA TYR C 479 39.46 -10.17 11.80
C TYR C 479 40.12 -11.42 11.26
N SER C 480 41.37 -11.69 11.65
CA SER C 480 42.09 -12.83 11.11
C SER C 480 41.40 -14.15 11.41
N THR C 481 40.71 -14.24 12.56
CA THR C 481 39.98 -15.45 12.89
C THR C 481 38.81 -15.71 11.94
N CYS C 482 38.31 -14.67 11.28
CA CYS C 482 37.18 -14.81 10.36
C CYS C 482 37.49 -14.44 8.93
N ASP C 483 38.40 -13.50 8.70
CA ASP C 483 38.75 -13.07 7.34
C ASP C 483 39.66 -14.12 6.70
N ARG C 484 39.30 -14.57 5.51
CA ARG C 484 40.09 -15.55 4.79
C ARG C 484 40.88 -14.93 3.64
N SER C 485 40.29 -13.97 2.93
CA SER C 485 40.93 -13.34 1.78
C SER C 485 41.54 -11.99 2.12
N ASN C 486 41.71 -11.67 3.40
CA ASN C 486 42.23 -10.38 3.84
C ASN C 486 41.38 -9.24 3.27
N LEU C 487 40.06 -9.43 3.31
CA LEU C 487 39.14 -8.43 2.77
C LEU C 487 39.19 -7.12 3.54
N ALA C 488 39.61 -7.15 4.80
CA ALA C 488 39.78 -5.92 5.57
C ALA C 488 40.80 -5.00 4.92
N ASP C 489 41.90 -5.58 4.42
CA ASP C 489 42.90 -4.77 3.74
C ASP C 489 42.33 -4.11 2.49
N TRP C 490 41.54 -4.85 1.72
CA TRP C 490 40.93 -4.29 0.52
C TRP C 490 39.97 -3.15 0.89
N LEU C 491 39.13 -3.36 1.90
CA LEU C 491 38.19 -2.32 2.31
C LEU C 491 38.93 -1.09 2.81
N GLY C 492 40.01 -1.28 3.57
CA GLY C 492 40.80 -0.15 4.02
C GLY C 492 41.48 0.57 2.88
N SER C 493 41.92 -0.17 1.87
CA SER C 493 42.51 0.45 0.69
C SER C 493 41.49 1.31 -0.03
N LEU C 494 40.24 0.84 -0.10
CA LEU C 494 39.18 1.67 -0.66
C LEU C 494 38.99 2.94 0.17
N ASP C 495 38.90 2.79 1.48
CA ASP C 495 38.69 3.89 2.41
C ASP C 495 38.96 3.39 3.82
N PRO C 496 39.70 4.13 4.64
CA PRO C 496 39.93 3.68 6.02
C PRO C 496 38.65 3.46 6.81
N ARG C 497 37.60 4.21 6.52
CA ARG C 497 36.34 4.03 7.22
C ARG C 497 35.52 2.86 6.67
N PHE C 498 35.92 2.28 5.53
CA PHE C 498 35.20 1.15 4.96
C PHE C 498 35.51 -0.17 5.66
N ARG C 499 36.54 -0.21 6.51
CA ARG C 499 36.94 -1.47 7.14
C ARG C 499 35.90 -1.96 8.14
N GLN C 500 34.99 -1.09 8.60
CA GLN C 500 33.99 -1.49 9.58
C GLN C 500 33.03 -2.55 9.04
N TYR C 501 32.90 -2.67 7.72
CA TYR C 501 31.99 -3.62 7.11
C TYR C 501 32.64 -4.98 6.87
N THR C 502 33.88 -5.17 7.30
CA THR C 502 34.58 -6.43 7.06
C THR C 502 33.87 -7.60 7.72
N TYR C 503 33.46 -7.43 8.99
CA TYR C 503 32.81 -8.53 9.68
C TYR C 503 31.46 -8.87 9.04
N GLY C 504 30.71 -7.85 8.62
CA GLY C 504 29.46 -8.12 7.93
C GLY C 504 29.68 -8.89 6.64
N LEU C 505 30.66 -8.46 5.84
CA LEU C 505 30.93 -9.13 4.58
C LEU C 505 31.41 -10.57 4.80
N VAL C 506 32.19 -10.80 5.85
CA VAL C 506 32.67 -12.14 6.16
C VAL C 506 31.52 -13.03 6.62
N SER C 507 30.69 -12.51 7.55
CA SER C 507 29.56 -13.29 8.05
C SER C 507 28.57 -13.61 6.95
N CYS C 508 28.51 -12.78 5.91
CA CYS C 508 27.72 -13.11 4.74
C CYS C 508 28.37 -14.20 3.89
N GLY C 509 29.59 -14.59 4.20
CA GLY C 509 30.31 -15.58 3.41
C GLY C 509 31.08 -15.03 2.24
N LEU C 510 31.12 -13.71 2.08
CA LEU C 510 31.79 -13.10 0.94
C LEU C 510 33.30 -13.05 1.15
N ASP C 511 34.02 -13.08 0.04
CA ASP C 511 35.46 -12.87 0.04
C ASP C 511 35.86 -12.03 -1.17
N ARG C 512 37.15 -11.98 -1.49
CA ARG C 512 37.59 -11.18 -2.63
C ARG C 512 37.00 -11.71 -3.93
N SER C 513 36.97 -13.03 -4.11
CA SER C 513 36.46 -13.60 -5.34
C SER C 513 34.95 -13.40 -5.49
N LEU C 514 34.23 -13.41 -4.38
CA LEU C 514 32.76 -13.37 -4.43
C LEU C 514 32.20 -11.97 -4.61
N LEU C 515 33.01 -10.93 -4.39
CA LEU C 515 32.49 -9.57 -4.45
C LEU C 515 32.15 -9.10 -5.86
N HIS C 516 32.60 -9.82 -6.89
CA HIS C 516 32.32 -9.38 -8.26
C HIS C 516 30.85 -9.58 -8.62
N ARG C 517 30.15 -10.47 -7.93
CA ARG C 517 28.76 -10.79 -8.25
C ARG C 517 27.78 -10.23 -7.23
N VAL C 518 28.25 -9.45 -6.25
CA VAL C 518 27.36 -8.94 -5.21
C VAL C 518 26.50 -7.82 -5.77
N SER C 519 25.26 -7.73 -5.27
CA SER C 519 24.31 -6.71 -5.68
C SER C 519 24.07 -5.73 -4.54
N GLU C 520 23.47 -4.59 -4.89
CA GLU C 520 23.19 -3.55 -3.92
C GLU C 520 22.22 -4.02 -2.84
N GLN C 521 21.15 -4.71 -3.25
CA GLN C 521 20.15 -5.17 -2.31
C GLN C 521 20.73 -6.18 -1.33
N GLN C 522 21.57 -7.09 -1.83
CA GLN C 522 22.22 -8.05 -0.95
C GLN C 522 23.09 -7.35 0.09
N LEU C 523 23.88 -6.36 -0.36
CA LEU C 523 24.69 -5.60 0.57
C LEU C 523 23.84 -4.95 1.65
N LEU C 524 22.79 -4.23 1.25
CA LEU C 524 21.98 -3.50 2.22
C LEU C 524 21.30 -4.45 3.20
N GLU C 525 20.74 -5.55 2.70
CA GLU C 525 19.98 -6.44 3.57
C GLU C 525 20.88 -7.27 4.49
N ASP C 526 21.99 -7.79 3.98
CA ASP C 526 22.79 -8.75 4.74
C ASP C 526 24.03 -8.13 5.36
N CYS C 527 24.81 -7.38 4.58
CA CYS C 527 26.08 -6.86 5.09
C CYS C 527 25.91 -5.68 6.03
N GLY C 528 24.70 -5.12 6.13
CA GLY C 528 24.47 -4.03 7.05
C GLY C 528 25.08 -2.71 6.66
N ILE C 529 25.39 -2.51 5.39
CA ILE C 529 25.93 -1.24 4.91
C ILE C 529 24.76 -0.31 4.62
N HIS C 530 24.31 0.43 5.65
CA HIS C 530 23.10 1.24 5.51
C HIS C 530 23.31 2.41 4.55
N LEU C 531 24.49 3.02 4.59
CA LEU C 531 24.75 4.18 3.74
C LEU C 531 24.83 3.76 2.27
N GLY C 532 23.98 4.35 1.44
CA GLY C 532 23.96 4.00 0.03
C GLY C 532 25.24 4.37 -0.70
N VAL C 533 25.88 5.47 -0.30
CA VAL C 533 27.12 5.89 -0.93
C VAL C 533 28.20 4.84 -0.73
N HIS C 534 28.31 4.30 0.48
CA HIS C 534 29.30 3.25 0.75
C HIS C 534 29.01 2.01 -0.08
N ARG C 535 27.75 1.63 -0.18
CA ARG C 535 27.38 0.46 -0.98
C ARG C 535 27.76 0.66 -2.45
N ALA C 536 27.44 1.83 -3.00
CA ALA C 536 27.76 2.10 -4.39
C ALA C 536 29.27 2.10 -4.62
N ARG C 537 30.03 2.72 -3.71
CA ARG C 537 31.48 2.75 -3.86
C ARG C 537 32.05 1.34 -3.80
N ILE C 538 31.59 0.52 -2.84
CA ILE C 538 32.10 -0.83 -2.72
C ILE C 538 31.79 -1.64 -3.96
N LEU C 539 30.55 -1.55 -4.46
CA LEU C 539 30.19 -2.30 -5.65
C LEU C 539 31.01 -1.89 -6.86
N THR C 540 31.12 -0.58 -7.10
CA THR C 540 31.86 -0.10 -8.26
C THR C 540 33.33 -0.49 -8.17
N ALA C 541 33.94 -0.30 -7.00
CA ALA C 541 35.35 -0.63 -6.84
C ALA C 541 35.60 -2.12 -6.99
N ALA C 542 34.72 -2.96 -6.44
CA ALA C 542 34.88 -4.40 -6.59
C ALA C 542 34.78 -4.81 -8.05
N ARG C 543 33.77 -4.29 -8.76
CA ARG C 543 33.60 -4.65 -10.17
C ARG C 543 34.78 -4.18 -11.01
N GLU C 544 35.34 -3.01 -10.67
CA GLU C 544 36.46 -2.49 -11.46
C GLU C 544 37.77 -3.22 -11.15
N MET C 545 37.96 -3.63 -9.89
CA MET C 545 39.25 -4.18 -9.49
C MET C 545 39.33 -5.68 -9.73
N LEU C 546 38.28 -6.42 -9.34
CA LEU C 546 38.33 -7.87 -9.46
C LEU C 546 38.35 -8.32 -10.91
N HIS C 547 37.87 -7.49 -11.83
CA HIS C 547 37.89 -7.81 -13.25
C HIS C 547 38.24 -6.58 -14.09
N THR C 561 53.95 -37.87 -5.24
CA THR C 561 55.27 -38.19 -5.78
C THR C 561 56.35 -37.32 -5.16
N PRO C 562 56.80 -37.66 -3.96
CA PRO C 562 57.85 -36.87 -3.31
C PRO C 562 59.14 -36.91 -4.09
N ASP C 563 59.88 -35.79 -4.07
CA ASP C 563 61.17 -35.74 -4.74
C ASP C 563 62.22 -36.52 -3.94
N VAL C 564 62.18 -36.41 -2.62
CA VAL C 564 63.16 -37.05 -1.74
C VAL C 564 62.42 -37.82 -0.66
N PHE C 565 62.93 -39.01 -0.34
CA PHE C 565 62.43 -39.79 0.79
C PHE C 565 63.53 -39.89 1.84
N ILE C 566 63.11 -39.94 3.11
CA ILE C 566 64.03 -39.88 4.24
C ILE C 566 63.96 -41.20 5.00
N SER C 567 65.13 -41.81 5.24
CA SER C 567 65.25 -43.01 6.06
C SER C 567 66.07 -42.65 7.29
N TYR C 568 65.45 -42.70 8.46
CA TYR C 568 66.05 -42.21 9.69
C TYR C 568 65.75 -43.14 10.85
N ARG C 569 66.58 -43.05 11.89
CA ARG C 569 66.41 -43.81 13.10
C ARG C 569 65.40 -43.12 14.03
N ARG C 570 64.91 -43.86 15.02
CA ARG C 570 63.86 -43.35 15.90
C ARG C 570 64.34 -42.13 16.69
N ASN C 571 65.54 -42.19 17.25
CA ASN C 571 66.05 -41.14 18.12
C ASN C 571 67.22 -40.37 17.50
N SER C 572 68.27 -41.08 17.08
CA SER C 572 69.46 -40.40 16.59
C SER C 572 69.19 -39.64 15.29
N GLY C 573 68.42 -40.22 14.38
CA GLY C 573 68.21 -39.61 13.08
C GLY C 573 67.09 -38.60 13.00
N SER C 574 66.32 -38.42 14.08
CA SER C 574 65.14 -37.57 14.02
C SER C 574 65.49 -36.12 13.73
N GLN C 575 66.44 -35.56 14.49
CA GLN C 575 66.82 -34.16 14.31
C GLN C 575 67.38 -33.92 12.92
N LEU C 576 68.30 -34.79 12.48
CA LEU C 576 68.91 -34.61 11.16
C LEU C 576 67.89 -34.76 10.05
N ALA C 577 66.95 -35.71 10.18
CA ALA C 577 65.91 -35.87 9.18
C ALA C 577 65.01 -34.64 9.11
N SER C 578 64.63 -34.10 10.27
CA SER C 578 63.80 -32.91 10.30
C SER C 578 64.51 -31.74 9.63
N LEU C 579 65.77 -31.53 9.98
CA LEU C 579 66.53 -30.42 9.37
C LEU C 579 66.66 -30.61 7.87
N LEU C 580 66.97 -31.83 7.43
CA LEU C 580 67.11 -32.10 6.00
C LEU C 580 65.82 -31.81 5.25
N LYS C 581 64.69 -32.32 5.76
CA LYS C 581 63.43 -32.14 5.06
C LYS C 581 63.04 -30.66 5.03
N VAL C 582 63.20 -29.95 6.15
CA VAL C 582 62.82 -28.55 6.20
C VAL C 582 63.69 -27.73 5.26
N HIS C 583 65.00 -27.98 5.25
CA HIS C 583 65.89 -27.27 4.35
C HIS C 583 65.55 -27.54 2.90
N LEU C 584 65.26 -28.79 2.55
CA LEU C 584 64.92 -29.11 1.18
C LEU C 584 63.60 -28.47 0.77
N GLN C 585 62.62 -28.44 1.67
CA GLN C 585 61.36 -27.76 1.38
C GLN C 585 61.56 -26.26 1.20
N LEU C 586 62.46 -25.65 1.99
CA LEU C 586 62.74 -24.23 1.84
C LEU C 586 63.32 -23.92 0.47
N HIS C 587 64.05 -24.87 -0.11
CA HIS C 587 64.67 -24.68 -1.41
C HIS C 587 63.81 -25.16 -2.57
N GLY C 588 62.58 -25.60 -2.30
CA GLY C 588 61.68 -26.02 -3.34
C GLY C 588 61.64 -27.50 -3.63
N PHE C 589 62.22 -28.33 -2.76
CA PHE C 589 62.26 -29.78 -2.95
C PHE C 589 61.19 -30.42 -2.07
N SER C 590 60.23 -31.10 -2.70
CA SER C 590 59.17 -31.77 -1.96
C SER C 590 59.68 -33.07 -1.37
N VAL C 591 59.61 -33.18 -0.05
CA VAL C 591 60.13 -34.33 0.68
C VAL C 591 59.03 -34.88 1.56
N PHE C 592 58.82 -36.20 1.52
CA PHE C 592 57.83 -36.89 2.33
C PHE C 592 58.56 -37.71 3.39
N ILE C 593 58.40 -37.33 4.65
CA ILE C 593 58.93 -38.06 5.78
C ILE C 593 57.76 -38.64 6.59
N ASP C 594 57.83 -39.94 6.86
CA ASP C 594 56.71 -40.64 7.51
C ASP C 594 56.75 -40.39 9.01
N VAL C 595 55.73 -39.71 9.52
CA VAL C 595 55.56 -39.43 10.94
C VAL C 595 56.80 -38.75 11.52
N GLU C 604 54.03 -51.36 6.23
CA GLU C 604 54.87 -52.16 5.34
C GLU C 604 54.38 -52.09 3.91
N ASP C 605 53.08 -52.33 3.71
CA ASP C 605 52.49 -52.21 2.38
C ASP C 605 52.57 -50.78 1.89
N LYS C 606 52.26 -49.81 2.76
CA LYS C 606 52.41 -48.41 2.40
C LYS C 606 53.87 -48.01 2.28
N LEU C 607 54.76 -48.75 2.95
CA LEU C 607 56.19 -48.44 2.90
C LEU C 607 56.75 -48.62 1.49
N ILE C 608 56.36 -49.71 0.81
CA ILE C 608 56.87 -49.98 -0.52
C ILE C 608 56.43 -48.90 -1.49
N GLN C 609 55.14 -48.52 -1.43
CA GLN C 609 54.62 -47.51 -2.34
C GLN C 609 55.25 -46.14 -2.07
N SER C 610 55.52 -45.83 -0.80
CA SER C 610 56.15 -44.56 -0.46
C SER C 610 57.54 -44.46 -1.07
N VAL C 611 58.32 -45.54 -1.00
CA VAL C 611 59.65 -45.54 -1.59
C VAL C 611 59.58 -45.51 -3.11
N MET C 612 58.61 -46.26 -3.68
CA MET C 612 58.47 -46.28 -5.13
C MET C 612 58.11 -44.92 -5.68
N GLY C 613 57.23 -44.19 -4.99
CA GLY C 613 56.84 -42.86 -5.44
C GLY C 613 57.90 -41.79 -5.24
N ALA C 614 58.93 -42.09 -4.46
CA ALA C 614 59.99 -41.13 -4.21
C ALA C 614 60.87 -40.98 -5.45
N ARG C 615 61.02 -39.74 -5.92
CA ARG C 615 61.87 -39.49 -7.08
C ARG C 615 63.33 -39.82 -6.77
N ASN C 616 63.80 -39.41 -5.59
CA ASN C 616 65.15 -39.71 -5.12
C ASN C 616 65.07 -40.26 -3.70
N PHE C 617 66.00 -41.15 -3.37
CA PHE C 617 66.07 -41.74 -2.04
C PHE C 617 67.34 -41.24 -1.35
N VAL C 618 67.18 -40.56 -0.22
CA VAL C 618 68.30 -40.06 0.56
C VAL C 618 68.15 -40.63 1.97
N LEU C 619 68.94 -41.64 2.29
CA LEU C 619 68.91 -42.25 3.61
C LEU C 619 69.80 -41.46 4.55
N VAL C 620 69.33 -41.22 5.77
CA VAL C 620 70.07 -40.46 6.76
C VAL C 620 71.00 -41.42 7.49
N LEU C 621 72.31 -41.30 7.24
CA LEU C 621 73.30 -42.14 7.92
C LEU C 621 73.69 -41.42 9.21
N SER C 622 72.78 -41.47 10.17
CA SER C 622 72.98 -40.90 11.49
C SER C 622 73.93 -41.79 12.29
N PRO C 623 74.49 -41.28 13.40
CA PRO C 623 75.33 -42.12 14.26
C PRO C 623 74.64 -43.41 14.66
N GLY C 624 75.15 -44.54 14.20
CA GLY C 624 74.52 -45.83 14.44
C GLY C 624 73.18 -45.99 13.76
N ALA C 625 73.04 -45.47 12.54
CA ALA C 625 71.77 -45.60 11.82
C ALA C 625 71.55 -47.01 11.31
N LEU C 626 72.60 -47.64 10.79
CA LEU C 626 72.51 -48.98 10.22
C LEU C 626 72.85 -50.06 11.22
N ASP C 627 72.98 -49.71 12.51
CA ASP C 627 73.27 -50.72 13.53
C ASP C 627 72.14 -51.74 13.61
N LYS C 628 70.88 -51.29 13.58
CA LYS C 628 69.76 -52.21 13.55
C LYS C 628 69.69 -52.93 12.20
N CYS C 629 69.97 -52.22 11.11
CA CYS C 629 69.96 -52.83 9.79
C CYS C 629 71.19 -53.70 9.53
N MET C 630 72.18 -53.69 10.42
CA MET C 630 73.34 -54.56 10.27
C MET C 630 72.92 -56.01 10.39
N GLN C 631 73.51 -56.86 9.55
CA GLN C 631 73.23 -58.30 9.47
C GLN C 631 71.73 -58.59 9.50
N ASP C 632 70.94 -57.70 8.91
CA ASP C 632 69.48 -57.85 8.88
C ASP C 632 69.07 -58.57 7.59
N HIS C 633 69.44 -59.85 7.53
CA HIS C 633 69.09 -60.68 6.38
C HIS C 633 67.64 -61.13 6.40
N ASP C 634 66.96 -61.04 7.55
CA ASP C 634 65.57 -61.42 7.67
C ASP C 634 64.60 -60.30 7.28
N CYS C 635 65.13 -59.12 6.96
CA CYS C 635 64.31 -57.97 6.56
C CYS C 635 63.28 -57.62 7.63
N LYS C 636 63.69 -57.73 8.90
CA LYS C 636 62.77 -57.42 10.00
C LYS C 636 62.55 -55.92 10.13
N ASP C 637 63.61 -55.13 10.02
CA ASP C 637 63.50 -53.70 10.20
C ASP C 637 62.75 -53.05 9.04
N TRP C 638 61.89 -52.08 9.37
CA TRP C 638 61.20 -51.32 8.33
C TRP C 638 62.18 -50.45 7.55
N VAL C 639 63.21 -49.93 8.22
CA VAL C 639 64.26 -49.20 7.52
C VAL C 639 64.98 -50.10 6.53
N HIS C 640 65.19 -51.37 6.92
CA HIS C 640 65.74 -52.35 5.99
C HIS C 640 64.82 -52.51 4.77
N LYS C 641 63.51 -52.54 5.01
CA LYS C 641 62.57 -52.64 3.89
C LYS C 641 62.68 -51.42 2.97
N GLU C 642 62.81 -50.23 3.56
CA GLU C 642 62.97 -49.03 2.75
C GLU C 642 64.24 -49.09 1.90
N ILE C 643 65.34 -49.53 2.50
CA ILE C 643 66.61 -49.61 1.77
C ILE C 643 66.50 -50.62 0.63
N VAL C 644 65.90 -51.78 0.89
CA VAL C 644 65.76 -52.80 -0.14
C VAL C 644 64.86 -52.31 -1.26
N THR C 645 63.76 -51.64 -0.92
CA THR C 645 62.86 -51.13 -1.94
C THR C 645 63.53 -50.05 -2.78
N ALA C 646 64.31 -49.18 -2.15
CA ALA C 646 65.04 -48.16 -2.91
C ALA C 646 66.06 -48.80 -3.84
N LEU C 647 66.76 -49.83 -3.37
CA LEU C 647 67.71 -50.53 -4.22
C LEU C 647 67.03 -51.20 -5.41
N SER C 648 65.85 -51.80 -5.16
CA SER C 648 65.10 -52.40 -6.25
C SER C 648 64.66 -51.35 -7.26
N CYS C 649 64.22 -50.19 -6.77
CA CYS C 649 63.82 -49.10 -7.68
C CYS C 649 65.04 -48.42 -8.30
N GLY C 650 66.17 -48.41 -7.62
CA GLY C 650 67.37 -47.79 -8.15
C GLY C 650 67.28 -46.28 -8.29
N LYS C 651 66.69 -45.61 -7.31
CA LYS C 651 66.58 -44.15 -7.35
C LYS C 651 67.94 -43.52 -7.03
N ASN C 652 68.02 -42.21 -7.26
CA ASN C 652 69.23 -41.47 -6.95
C ASN C 652 69.49 -41.50 -5.44
N ILE C 653 70.65 -42.02 -5.05
CA ILE C 653 70.98 -42.22 -3.65
C ILE C 653 72.16 -41.31 -3.30
N VAL C 654 71.93 -40.38 -2.38
CA VAL C 654 72.97 -39.47 -1.90
C VAL C 654 73.00 -39.53 -0.38
N PRO C 655 73.69 -40.51 0.22
CA PRO C 655 73.71 -40.60 1.68
C PRO C 655 74.43 -39.42 2.30
N ILE C 656 74.04 -39.10 3.53
CA ILE C 656 74.64 -38.02 4.30
C ILE C 656 75.39 -38.63 5.48
N ILE C 657 76.66 -38.30 5.61
CA ILE C 657 77.54 -38.93 6.59
C ILE C 657 77.55 -38.11 7.87
N ASP C 658 77.31 -38.78 8.99
CA ASP C 658 77.39 -38.11 10.31
C ASP C 658 77.56 -39.18 11.38
N GLY C 659 78.71 -39.17 12.05
CA GLY C 659 78.93 -39.99 13.23
C GLY C 659 78.85 -41.49 13.01
N PHE C 660 78.99 -41.94 11.77
CA PHE C 660 78.93 -43.37 11.48
C PHE C 660 79.69 -43.64 10.19
N GLU C 661 80.16 -44.87 10.05
CA GLU C 661 80.95 -45.30 8.91
C GLU C 661 80.17 -46.32 8.07
N TRP C 662 80.72 -46.65 6.92
CA TRP C 662 80.11 -47.63 6.03
C TRP C 662 80.25 -49.03 6.63
N PRO C 663 79.16 -49.76 6.83
CA PRO C 663 79.28 -51.12 7.35
C PRO C 663 79.96 -52.05 6.35
N GLU C 664 80.57 -53.10 6.89
CA GLU C 664 81.29 -54.06 6.05
C GLU C 664 80.30 -54.80 5.15
N PRO C 665 80.57 -54.91 3.85
CA PRO C 665 79.62 -55.60 2.96
C PRO C 665 79.39 -57.06 3.31
N GLN C 666 80.42 -57.76 3.81
CA GLN C 666 80.30 -59.20 4.03
C GLN C 666 79.23 -59.53 5.06
N VAL C 667 79.13 -58.73 6.13
CA VAL C 667 78.10 -58.96 7.13
C VAL C 667 76.72 -58.49 6.65
N LEU C 668 76.67 -57.75 5.55
CA LEU C 668 75.42 -57.21 5.02
C LEU C 668 74.92 -58.05 3.85
N PRO C 669 73.61 -58.04 3.61
CA PRO C 669 73.09 -58.71 2.40
C PRO C 669 73.55 -58.00 1.13
N GLU C 670 73.56 -58.76 0.03
CA GLU C 670 74.10 -58.26 -1.22
C GLU C 670 73.37 -57.01 -1.72
N ASP C 671 72.06 -56.91 -1.44
CA ASP C 671 71.30 -55.74 -1.86
C ASP C 671 71.91 -54.46 -1.32
N MET C 672 72.13 -54.40 -0.01
CA MET C 672 72.80 -53.26 0.59
C MET C 672 74.31 -53.32 0.45
N GLN C 673 74.86 -54.45 0.00
CA GLN C 673 76.25 -54.44 -0.45
C GLN C 673 76.41 -53.55 -1.67
N ALA C 674 75.40 -53.54 -2.55
CA ALA C 674 75.46 -52.70 -3.74
C ALA C 674 75.49 -51.22 -3.39
N VAL C 675 74.71 -50.80 -2.39
CA VAL C 675 74.55 -49.37 -2.11
C VAL C 675 75.76 -48.78 -1.41
N LEU C 676 76.61 -49.61 -0.79
CA LEU C 676 77.71 -49.09 0.00
C LEU C 676 78.75 -48.34 -0.83
N THR C 677 78.73 -48.49 -2.16
CA THR C 677 79.70 -47.83 -3.02
C THR C 677 79.39 -46.37 -3.26
N PHE C 678 78.18 -45.90 -2.93
CA PHE C 678 77.81 -44.52 -3.19
C PHE C 678 78.55 -43.57 -2.25
N ASN C 679 78.88 -42.40 -2.77
CA ASN C 679 79.57 -41.39 -1.99
C ASN C 679 78.61 -40.71 -1.02
N GLY C 680 79.14 -40.32 0.14
CA GLY C 680 78.36 -39.66 1.16
C GLY C 680 78.86 -38.25 1.41
N ILE C 681 77.98 -37.41 1.97
CA ILE C 681 78.27 -36.01 2.25
C ILE C 681 78.26 -35.82 3.76
N LYS C 682 79.34 -35.25 4.28
CA LYS C 682 79.43 -34.99 5.72
C LYS C 682 78.47 -33.88 6.13
N TRP C 683 77.81 -34.07 7.26
CA TRP C 683 76.90 -33.09 7.81
C TRP C 683 77.63 -32.23 8.83
N SER C 684 77.54 -30.91 8.68
CA SER C 684 78.20 -29.96 9.56
C SER C 684 77.15 -29.18 10.34
N HIS C 685 77.24 -29.21 11.66
CA HIS C 685 76.34 -28.40 12.48
C HIS C 685 76.69 -26.92 12.41
N GLU C 686 77.98 -26.60 12.26
CA GLU C 686 78.38 -25.21 12.11
C GLU C 686 77.83 -24.61 10.82
N TYR C 687 77.87 -25.38 9.73
CA TYR C 687 77.34 -24.96 8.44
C TYR C 687 76.29 -25.98 8.01
N GLN C 688 75.05 -25.78 8.45
CA GLN C 688 73.96 -26.66 8.05
C GLN C 688 73.41 -26.24 6.69
N GLU C 689 73.16 -24.95 6.50
CA GLU C 689 72.64 -24.46 5.24
C GLU C 689 73.65 -24.68 4.11
N ALA C 690 74.94 -24.51 4.40
CA ALA C 690 75.96 -24.78 3.40
C ALA C 690 75.99 -26.25 3.00
N THR C 691 75.84 -27.15 3.99
CA THR C 691 75.78 -28.57 3.68
C THR C 691 74.56 -28.90 2.83
N ILE C 692 73.41 -28.29 3.14
CA ILE C 692 72.21 -28.51 2.34
C ILE C 692 72.42 -27.99 0.92
N GLU C 693 73.09 -26.83 0.79
CA GLU C 693 73.38 -26.30 -0.53
C GLU C 693 74.27 -27.24 -1.32
N LYS C 694 75.28 -27.82 -0.67
CA LYS C 694 76.12 -28.80 -1.34
C LYS C 694 75.32 -30.03 -1.77
N ILE C 695 74.43 -30.50 -0.92
CA ILE C 695 73.60 -31.65 -1.27
C ILE C 695 72.73 -31.33 -2.48
N ILE C 696 72.12 -30.14 -2.49
CA ILE C 696 71.30 -29.74 -3.63
C ILE C 696 72.15 -29.63 -4.90
N ARG C 697 73.37 -29.11 -4.75
CA ARG C 697 74.28 -29.01 -5.90
C ARG C 697 74.58 -30.38 -6.47
N PHE C 698 74.80 -31.37 -5.61
CA PHE C 698 74.99 -32.74 -6.08
C PHE C 698 73.68 -33.38 -6.53
N LEU C 699 72.53 -32.81 -6.15
CA LEU C 699 71.25 -33.33 -6.57
C LEU C 699 70.78 -32.64 -7.85
N GLN C 700 69.63 -33.08 -8.34
CA GLN C 700 69.04 -32.52 -9.56
C GLN C 700 67.88 -31.59 -9.23
N VAL D 61 54.87 -12.80 56.16
CA VAL D 61 54.69 -13.52 54.91
C VAL D 61 55.74 -13.08 53.89
N GLN D 62 56.41 -11.95 54.17
CA GLN D 62 57.43 -11.42 53.27
C GLN D 62 58.72 -11.09 54.03
N ASP D 63 59.00 -11.83 55.09
CA ASP D 63 60.28 -11.65 55.80
C ASP D 63 61.44 -12.03 54.90
N ALA D 64 61.23 -12.96 53.98
CA ALA D 64 62.25 -13.30 52.99
C ALA D 64 62.61 -12.08 52.16
N LEU D 65 61.61 -11.36 51.66
CA LEU D 65 61.89 -10.11 50.97
C LEU D 65 62.55 -9.11 51.92
N GLU D 66 62.12 -9.10 53.18
CA GLU D 66 62.64 -8.13 54.13
C GLU D 66 64.16 -8.26 54.29
N ARG D 67 64.66 -9.50 54.40
CA ARG D 67 66.12 -9.63 54.52
C ARG D 67 66.81 -9.89 53.19
N ALA D 68 66.06 -9.96 52.08
CA ALA D 68 66.69 -10.14 50.78
C ALA D 68 66.89 -8.83 50.03
N LEU D 69 66.02 -7.85 50.27
CA LEU D 69 66.20 -6.54 49.63
C LEU D 69 67.53 -5.88 49.99
N PRO D 70 67.96 -5.84 51.25
CA PRO D 70 69.33 -5.34 51.49
C PRO D 70 70.38 -6.12 50.73
N GLU D 71 70.23 -7.44 50.64
CA GLU D 71 71.19 -8.25 49.89
C GLU D 71 71.21 -7.82 48.43
N LEU D 72 70.05 -7.51 47.86
CA LEU D 72 70.01 -6.91 46.53
C LEU D 72 70.80 -5.62 46.50
N GLN D 73 70.66 -4.79 47.55
CA GLN D 73 71.36 -3.51 47.57
C GLN D 73 72.87 -3.69 47.53
N GLN D 74 73.43 -4.53 48.41
CA GLN D 74 74.88 -4.71 48.36
C GLN D 74 75.31 -5.40 47.07
N ALA D 75 74.50 -6.34 46.56
CA ALA D 75 74.88 -7.01 45.32
C ALA D 75 74.99 -6.01 44.16
N LEU D 76 73.97 -5.16 43.99
CA LEU D 76 74.01 -4.19 42.91
C LEU D 76 75.09 -3.13 43.13
N SER D 77 75.31 -2.72 44.39
CA SER D 77 76.36 -1.75 44.66
C SER D 77 77.73 -2.31 44.30
N ALA D 78 78.00 -3.57 44.67
CA ALA D 78 79.27 -4.19 44.32
C ALA D 78 79.39 -4.38 42.81
N LEU D 79 78.29 -4.76 42.15
CA LEU D 79 78.32 -4.98 40.71
C LEU D 79 78.63 -3.68 39.98
N LYS D 80 77.98 -2.59 40.38
CA LYS D 80 78.26 -1.28 39.78
C LYS D 80 79.67 -0.81 40.09
N GLN D 81 80.10 -0.96 41.34
CA GLN D 81 81.44 -0.51 41.71
C GLN D 81 82.53 -1.34 41.05
N ALA D 82 82.23 -2.59 40.69
CA ALA D 82 83.19 -3.44 40.03
C ALA D 82 83.58 -2.86 38.67
N GLY D 83 84.88 -2.79 38.41
CA GLY D 83 85.38 -2.30 37.15
C GLY D 83 85.94 -3.42 36.29
N GLY D 84 86.51 -4.43 36.93
CA GLY D 84 87.03 -5.56 36.19
C GLY D 84 85.92 -6.43 35.62
N ALA D 85 86.22 -7.09 34.51
CA ALA D 85 85.24 -7.95 33.85
C ALA D 85 84.84 -9.11 34.76
N ARG D 86 85.82 -9.74 35.40
CA ARG D 86 85.54 -10.89 36.26
C ARG D 86 84.71 -10.51 37.48
N ALA D 87 84.99 -9.36 38.09
CA ALA D 87 84.19 -8.93 39.24
C ALA D 87 82.76 -8.62 38.85
N VAL D 88 82.57 -7.97 37.70
CA VAL D 88 81.22 -7.70 37.21
C VAL D 88 80.49 -9.00 36.92
N GLY D 89 81.18 -9.97 36.30
CA GLY D 89 80.57 -11.26 36.05
C GLY D 89 80.18 -11.98 37.32
N ALA D 90 81.05 -11.91 38.35
CA ALA D 90 80.73 -12.53 39.63
C ALA D 90 79.52 -11.88 40.28
N GLY D 91 79.44 -10.55 40.24
CA GLY D 91 78.27 -9.87 40.78
C GLY D 91 77.00 -10.24 40.04
N LEU D 92 77.06 -10.29 38.71
CA LEU D 92 75.90 -10.70 37.93
C LEU D 92 75.49 -12.13 38.25
N ALA D 93 76.47 -13.03 38.43
CA ALA D 93 76.17 -14.40 38.82
C ALA D 93 75.50 -14.46 40.19
N GLU D 94 75.97 -13.64 41.14
CA GLU D 94 75.36 -13.60 42.46
C GLU D 94 73.91 -13.15 42.37
N VAL D 95 73.65 -12.09 41.60
CA VAL D 95 72.28 -11.60 41.46
C VAL D 95 71.40 -12.66 40.78
N PHE D 96 71.93 -13.33 39.76
CA PHE D 96 71.16 -14.36 39.06
C PHE D 96 70.84 -15.53 39.97
N GLN D 97 71.81 -15.96 40.78
CA GLN D 97 71.57 -17.04 41.72
C GLN D 97 70.54 -16.65 42.77
N LEU D 98 70.61 -15.41 43.27
CA LEU D 98 69.60 -14.95 44.22
C LEU D 98 68.22 -14.93 43.60
N VAL D 99 68.13 -14.48 42.34
CA VAL D 99 66.84 -14.48 41.65
C VAL D 99 66.32 -15.90 41.47
N GLU D 100 67.20 -16.84 41.12
CA GLU D 100 66.78 -18.23 40.98
C GLU D 100 66.28 -18.79 42.30
N GLU D 101 67.00 -18.53 43.39
CA GLU D 101 66.58 -19.03 44.69
C GLU D 101 65.24 -18.44 45.10
N ALA D 102 65.02 -17.15 44.81
CA ALA D 102 63.72 -16.55 45.08
C ALA D 102 62.63 -17.20 44.24
N TRP D 103 62.92 -17.50 42.98
CA TRP D 103 61.95 -18.16 42.11
C TRP D 103 61.60 -19.55 42.62
N LEU D 104 62.58 -20.26 43.19
CA LEU D 104 62.34 -21.61 43.67
C LEU D 104 61.37 -21.66 44.85
N LEU D 105 61.14 -20.53 45.52
CA LEU D 105 60.21 -20.49 46.65
C LEU D 105 58.77 -20.71 46.19
N GLY D 109 59.20 -18.12 44.39
CA GLY D 109 58.29 -17.09 44.87
C GLY D 109 57.99 -16.03 43.82
N ARG D 110 56.74 -16.01 43.36
CA ARG D 110 56.33 -15.03 42.35
C ARG D 110 56.43 -13.61 42.90
N GLU D 111 55.85 -13.39 44.09
CA GLU D 111 55.90 -12.05 44.69
C GLU D 111 57.32 -11.68 45.09
N VAL D 112 58.14 -12.66 45.49
CA VAL D 112 59.52 -12.38 45.85
C VAL D 112 60.29 -11.88 44.63
N ALA D 113 60.11 -12.57 43.49
CA ALA D 113 60.79 -12.14 42.26
C ALA D 113 60.24 -10.81 41.77
N GLN D 114 58.95 -10.57 41.96
CA GLN D 114 58.38 -9.27 41.61
C GLN D 114 59.04 -8.17 42.43
N GLY D 115 59.20 -8.38 43.73
CA GLY D 115 59.89 -7.40 44.56
C GLY D 115 61.34 -7.23 44.17
N LEU D 116 61.99 -8.31 43.76
CA LEU D 116 63.37 -8.22 43.28
C LEU D 116 63.45 -7.31 42.06
N CYS D 117 62.62 -7.59 41.06
CA CYS D 117 62.68 -6.83 39.82
C CYS D 117 62.22 -5.39 39.99
N ASP D 118 61.30 -5.14 40.93
CA ASP D 118 60.92 -3.75 41.21
C ASP D 118 62.11 -2.95 41.72
N ALA D 119 62.88 -3.52 42.65
CA ALA D 119 64.07 -2.84 43.13
C ALA D 119 65.11 -2.67 42.04
N ILE D 120 65.28 -3.70 41.20
CA ILE D 120 66.25 -3.61 40.10
C ILE D 120 65.86 -2.48 39.15
N ARG D 121 64.57 -2.38 38.81
CA ARG D 121 64.12 -1.32 37.92
C ARG D 121 64.27 0.06 38.57
N LEU D 122 63.93 0.16 39.86
CA LEU D 122 64.03 1.45 40.54
C LEU D 122 65.47 1.93 40.61
N ASP D 123 66.41 1.02 40.87
CA ASP D 123 67.82 1.38 40.94
C ASP D 123 68.48 1.48 39.58
N GLY D 124 67.73 1.33 38.50
CA GLY D 124 68.30 1.42 37.17
C GLY D 124 69.23 0.28 36.81
N GLY D 125 69.03 -0.89 37.39
CA GLY D 125 69.91 -2.02 37.11
C GLY D 125 69.84 -2.46 35.66
N LEU D 126 68.64 -2.38 35.06
CA LEU D 126 68.49 -2.84 33.68
C LEU D 126 69.25 -1.95 32.69
N ASP D 127 69.36 -0.66 32.98
CA ASP D 127 70.22 0.20 32.17
C ASP D 127 71.67 -0.24 32.24
N LEU D 128 72.13 -0.60 33.44
CA LEU D 128 73.49 -1.11 33.60
C LEU D 128 73.69 -2.41 32.84
N LEU D 129 72.68 -3.29 32.88
CA LEU D 129 72.75 -4.51 32.08
C LEU D 129 72.78 -4.20 30.59
N LEU D 130 72.04 -3.18 30.15
CA LEU D 130 72.07 -2.80 28.73
C LEU D 130 73.45 -2.32 28.32
N ARG D 131 74.08 -1.46 29.14
CA ARG D 131 75.41 -0.99 28.76
C ARG D 131 76.47 -2.06 28.95
N LEU D 132 76.20 -3.10 29.75
CA LEU D 132 77.09 -4.25 29.77
C LEU D 132 76.91 -5.12 28.53
N LEU D 133 75.67 -5.22 28.03
CA LEU D 133 75.44 -5.81 26.71
C LEU D 133 76.19 -5.04 25.64
N GLN D 134 76.30 -3.72 25.79
CA GLN D 134 77.09 -2.91 24.88
C GLN D 134 78.59 -3.04 25.12
N ALA D 135 79.01 -3.62 26.25
CA ALA D 135 80.43 -3.73 26.54
C ALA D 135 81.10 -4.73 25.60
N PRO D 136 82.37 -4.48 25.23
CA PRO D 136 83.06 -5.39 24.32
C PRO D 136 83.30 -6.77 24.91
N GLU D 137 83.40 -6.90 26.23
CA GLU D 137 83.71 -8.18 26.83
C GLU D 137 82.55 -9.16 26.64
N LEU D 138 82.87 -10.36 26.17
CA LEU D 138 81.83 -11.34 25.86
C LEU D 138 81.25 -11.96 27.13
N GLU D 139 82.10 -12.31 28.10
CA GLU D 139 81.60 -13.00 29.29
C GLU D 139 80.73 -12.06 30.14
N THR D 140 81.12 -10.79 30.26
CA THR D 140 80.24 -9.83 30.92
C THR D 140 78.88 -9.81 30.26
N ARG D 141 78.87 -9.88 28.92
CA ARG D 141 77.61 -9.94 28.19
C ARG D 141 76.83 -11.21 28.54
N VAL D 142 77.52 -12.35 28.70
CA VAL D 142 76.77 -13.58 28.95
C VAL D 142 76.15 -13.55 30.34
N GLN D 143 76.87 -13.03 31.35
CA GLN D 143 76.25 -12.95 32.68
C GLN D 143 75.13 -11.90 32.69
N ALA D 144 75.32 -10.78 31.99
CA ALA D 144 74.28 -9.76 31.95
C ALA D 144 73.02 -10.31 31.29
N ALA D 145 73.17 -11.07 30.20
CA ALA D 145 72.01 -11.66 29.53
C ALA D 145 71.40 -12.78 30.35
N ARG D 146 72.22 -13.51 31.13
CA ARG D 146 71.67 -14.50 32.05
C ARG D 146 70.75 -13.84 33.07
N LEU D 147 71.18 -12.69 33.61
CA LEU D 147 70.29 -11.93 34.48
C LEU D 147 69.07 -11.41 33.72
N LEU D 148 69.28 -10.97 32.47
CA LEU D 148 68.21 -10.36 31.70
C LEU D 148 67.07 -11.34 31.44
N GLU D 149 67.41 -12.60 31.12
CA GLU D 149 66.36 -13.58 30.87
C GLU D 149 65.41 -13.72 32.06
N GLN D 150 65.91 -13.60 33.27
CA GLN D 150 65.12 -13.84 34.47
C GLN D 150 64.61 -12.57 35.13
N ILE D 151 65.01 -11.40 34.67
CA ILE D 151 64.47 -10.15 35.21
C ILE D 151 63.49 -9.48 34.27
N LEU D 152 63.03 -10.17 33.22
CA LEU D 152 62.11 -9.56 32.25
C LEU D 152 60.66 -9.78 32.68
N VAL D 153 60.31 -9.13 33.78
CA VAL D 153 58.92 -9.10 34.26
C VAL D 153 58.17 -8.02 33.49
N ALA D 154 56.84 -7.97 33.67
CA ALA D 154 55.99 -7.11 32.86
C ALA D 154 56.44 -5.65 32.91
N GLU D 155 56.71 -5.13 34.10
CA GLU D 155 57.17 -3.74 34.21
C GLU D 155 58.55 -3.56 33.60
N ASN D 156 59.47 -4.48 33.89
CA ASN D 156 60.78 -4.44 33.24
C ASN D 156 60.65 -4.67 31.74
N ARG D 157 59.66 -5.46 31.32
CA ARG D 157 59.41 -5.63 29.90
C ARG D 157 58.97 -4.32 29.25
N ASP D 158 58.12 -3.56 29.93
CA ASP D 158 57.74 -2.24 29.43
C ASP D 158 58.94 -1.31 29.35
N ARG D 159 59.81 -1.36 30.37
CA ARG D 159 61.00 -0.52 30.36
C ARG D 159 61.92 -0.87 29.21
N VAL D 160 62.13 -2.16 28.97
CA VAL D 160 62.97 -2.58 27.84
C VAL D 160 62.33 -2.20 26.52
N ALA D 161 61.00 -2.31 26.42
CA ALA D 161 60.31 -1.88 25.21
C ALA D 161 60.52 -0.39 24.95
N ARG D 162 60.43 0.43 26.00
CA ARG D 162 60.50 1.87 25.80
C ARG D 162 61.92 2.35 25.52
N ILE D 163 62.92 1.84 26.25
CA ILE D 163 64.27 2.39 26.07
C ILE D 163 65.30 1.31 25.76
N GLY D 164 65.06 0.08 26.23
CA GLY D 164 66.05 -0.97 26.08
C GLY D 164 66.07 -1.62 24.71
N LEU D 165 65.05 -1.41 23.90
CA LEU D 165 65.01 -2.02 22.58
C LEU D 165 66.08 -1.43 21.67
N GLY D 166 66.48 -2.20 20.68
CA GLY D 166 67.55 -1.80 19.79
C GLY D 166 68.87 -2.42 20.18
N VAL D 167 69.13 -2.48 21.49
CA VAL D 167 70.34 -3.14 21.98
C VAL D 167 70.24 -4.64 21.76
N ILE D 168 69.04 -5.21 21.93
CA ILE D 168 68.85 -6.64 21.76
C ILE D 168 69.08 -7.05 20.30
N LEU D 169 68.79 -6.15 19.36
CA LEU D 169 69.05 -6.46 17.96
C LEU D 169 70.54 -6.66 17.70
N ASN D 170 71.40 -5.90 18.40
CA ASN D 170 72.83 -6.09 18.27
C ASN D 170 73.24 -7.49 18.72
N LEU D 171 72.62 -7.98 19.80
CA LEU D 171 72.85 -9.37 20.20
C LEU D 171 72.33 -10.33 19.14
N ALA D 172 71.17 -10.05 18.56
CA ALA D 172 70.62 -10.90 17.52
C ALA D 172 71.55 -10.96 16.31
N LYS D 173 72.36 -9.91 16.11
CA LYS D 173 73.37 -9.97 15.07
C LYS D 173 74.39 -11.06 15.38
N GLU D 174 74.79 -11.20 16.65
CA GLU D 174 75.64 -12.31 17.05
C GLU D 174 74.87 -13.62 16.95
N ARG D 175 75.52 -14.64 16.39
CA ARG D 175 74.84 -15.89 16.10
C ARG D 175 75.61 -17.11 16.60
N GLU D 176 76.94 -16.98 16.73
CA GLU D 176 77.77 -18.16 16.93
C GLU D 176 77.68 -18.73 18.35
N PRO D 177 77.91 -17.96 19.42
CA PRO D 177 77.95 -18.58 20.75
C PRO D 177 76.61 -19.19 21.13
N VAL D 178 76.67 -20.37 21.77
CA VAL D 178 75.46 -21.04 22.22
C VAL D 178 74.83 -20.31 23.40
N GLU D 179 75.66 -19.83 24.33
CA GLU D 179 75.14 -19.13 25.49
C GLU D 179 74.42 -17.85 25.09
N LEU D 180 75.02 -17.07 24.17
CA LEU D 180 74.35 -15.88 23.66
C LEU D 180 73.07 -16.25 22.94
N ALA D 181 73.08 -17.34 22.17
CA ALA D 181 71.88 -17.77 21.47
C ALA D 181 70.75 -18.03 22.46
N ARG D 182 71.03 -18.82 23.50
CA ARG D 182 70.01 -19.13 24.49
C ARG D 182 69.50 -17.88 25.19
N SER D 183 70.43 -17.01 25.60
CA SER D 183 70.04 -15.83 26.36
C SER D 183 69.18 -14.88 25.53
N VAL D 184 69.61 -14.59 24.31
CA VAL D 184 68.85 -13.68 23.46
C VAL D 184 67.54 -14.33 23.03
N ALA D 185 67.51 -15.66 22.89
CA ALA D 185 66.24 -16.32 22.60
C ALA D 185 65.25 -16.12 23.74
N GLY D 186 65.69 -16.28 24.98
CA GLY D 186 64.80 -16.02 26.11
C GLY D 186 64.36 -14.57 26.17
N ILE D 187 65.29 -13.64 25.95
CA ILE D 187 64.96 -12.22 25.98
C ILE D 187 63.94 -11.88 24.90
N LEU D 188 64.14 -12.43 23.69
CA LEU D 188 63.20 -12.19 22.60
C LEU D 188 61.84 -12.82 22.91
N GLU D 189 61.82 -13.98 23.57
CA GLU D 189 60.56 -14.57 23.99
C GLU D 189 59.80 -13.61 24.90
N HIS D 190 60.47 -13.11 25.94
CA HIS D 190 59.79 -12.19 26.86
C HIS D 190 59.35 -10.92 26.16
N MET D 191 60.20 -10.39 25.27
CA MET D 191 59.83 -9.17 24.54
C MET D 191 58.64 -9.40 23.62
N PHE D 192 58.57 -10.58 23.00
CA PHE D 192 57.42 -10.92 22.18
C PHE D 192 56.15 -11.10 23.03
N LYS D 193 56.32 -11.44 24.30
CA LYS D 193 55.15 -11.51 25.19
C LYS D 193 54.69 -10.12 25.64
N HIS D 194 55.37 -9.05 25.23
CA HIS D 194 55.06 -7.73 25.77
C HIS D 194 53.83 -7.10 25.12
N SER D 195 53.91 -6.83 23.81
CA SER D 195 52.84 -6.10 23.13
C SER D 195 52.99 -6.27 21.63
N GLU D 196 51.95 -5.83 20.91
CA GLU D 196 51.93 -5.99 19.46
C GLU D 196 52.97 -5.10 18.77
N GLU D 197 53.12 -3.87 19.25
CA GLU D 197 54.06 -2.95 18.61
C GLU D 197 55.49 -3.46 18.70
N THR D 198 55.87 -3.98 19.87
CA THR D 198 57.21 -4.54 20.03
C THR D 198 57.40 -5.77 19.14
N CYS D 199 56.37 -6.60 19.01
CA CYS D 199 56.46 -7.75 18.12
C CYS D 199 56.66 -7.30 16.67
N GLN D 200 55.92 -6.29 16.23
CA GLN D 200 56.09 -5.78 14.88
C GLN D 200 57.48 -5.21 14.66
N ARG D 201 57.99 -4.46 15.65
CA ARG D 201 59.33 -3.90 15.52
C ARG D 201 60.39 -4.99 15.45
N LEU D 202 60.26 -6.01 16.29
CA LEU D 202 61.22 -7.12 16.27
C LEU D 202 61.16 -7.89 14.95
N VAL D 203 59.95 -8.10 14.43
CA VAL D 203 59.80 -8.77 13.14
C VAL D 203 60.45 -7.94 12.04
N ALA D 204 60.25 -6.62 12.07
CA ALA D 204 60.93 -5.75 11.11
C ALA D 204 62.44 -5.85 11.24
N ALA D 205 62.94 -6.06 12.45
CA ALA D 205 64.36 -6.27 12.67
C ALA D 205 64.71 -7.73 12.41
N GLY D 206 65.91 -8.14 12.81
CA GLY D 206 66.38 -9.49 12.61
C GLY D 206 66.06 -10.46 13.73
N GLY D 207 65.14 -10.12 14.63
CA GLY D 207 64.82 -11.02 15.73
C GLY D 207 64.21 -12.33 15.26
N LEU D 208 63.28 -12.27 14.30
CA LEU D 208 62.68 -13.48 13.78
C LEU D 208 63.70 -14.33 13.04
N ASP D 209 64.58 -13.69 12.27
CA ASP D 209 65.65 -14.43 11.59
C ASP D 209 66.58 -15.08 12.60
N ALA D 210 66.89 -14.38 13.69
CA ALA D 210 67.71 -14.98 14.74
C ALA D 210 67.01 -16.18 15.36
N VAL D 211 65.70 -16.08 15.58
CA VAL D 211 64.95 -17.20 16.14
C VAL D 211 65.00 -18.40 15.18
N LEU D 212 64.84 -18.15 13.88
CA LEU D 212 64.91 -19.23 12.91
C LEU D 212 66.30 -19.87 12.89
N TYR D 213 67.35 -19.05 12.93
CA TYR D 213 68.71 -19.59 12.94
C TYR D 213 68.96 -20.43 14.18
N TRP D 214 68.49 -19.97 15.34
CA TRP D 214 68.65 -20.76 16.56
C TRP D 214 67.79 -22.02 16.52
N CYS D 215 66.68 -21.99 15.79
CA CYS D 215 65.91 -23.20 15.55
C CYS D 215 66.70 -24.18 14.69
N ARG D 216 67.52 -23.66 13.78
CA ARG D 216 68.42 -24.53 13.01
C ARG D 216 69.41 -25.24 13.93
N ARG D 217 69.70 -24.68 15.10
CA ARG D 217 70.67 -25.25 16.02
C ARG D 217 70.08 -26.48 16.72
N THR D 218 70.85 -26.97 17.70
CA THR D 218 70.57 -28.27 18.31
C THR D 218 70.36 -28.19 19.83
N ASP D 219 70.80 -27.12 20.48
CA ASP D 219 70.78 -27.07 21.93
C ASP D 219 69.35 -27.21 22.46
N PRO D 220 69.12 -28.05 23.47
CA PRO D 220 67.75 -28.24 23.96
C PRO D 220 67.12 -26.99 24.55
N ALA D 221 67.81 -26.33 25.47
CA ALA D 221 67.25 -25.13 26.09
C ALA D 221 67.03 -24.02 25.08
N LEU D 222 67.98 -23.86 24.14
CA LEU D 222 67.81 -22.87 23.10
C LEU D 222 66.58 -23.14 22.25
N LEU D 223 66.37 -24.40 21.88
CA LEU D 223 65.18 -24.76 21.11
C LEU D 223 63.91 -24.51 21.89
N ARG D 224 63.92 -24.82 23.20
CA ARG D 224 62.74 -24.58 24.03
C ARG D 224 62.40 -23.09 24.09
N HIS D 225 63.41 -22.24 24.32
CA HIS D 225 63.16 -20.81 24.35
C HIS D 225 62.70 -20.29 22.99
N CYS D 226 63.26 -20.82 21.90
CA CYS D 226 62.82 -20.38 20.58
C CYS D 226 61.38 -20.78 20.30
N ALA D 227 61.00 -22.00 20.69
CA ALA D 227 59.61 -22.44 20.51
C ALA D 227 58.66 -21.57 21.31
N LEU D 228 59.01 -21.28 22.58
CA LEU D 228 58.15 -20.45 23.40
C LEU D 228 58.10 -19.02 22.87
N ALA D 229 59.21 -18.53 22.31
CA ALA D 229 59.22 -17.20 21.70
C ALA D 229 58.28 -17.14 20.50
N LEU D 230 58.34 -18.15 19.63
CA LEU D 230 57.45 -18.18 18.47
C LEU D 230 55.99 -18.28 18.92
N GLY D 231 55.70 -19.09 19.93
CA GLY D 231 54.34 -19.15 20.43
C GLY D 231 53.85 -17.82 20.98
N ASN D 232 54.71 -17.16 21.79
CA ASN D 232 54.33 -15.87 22.36
C ASN D 232 54.11 -14.82 21.29
N CYS D 233 54.98 -14.78 20.29
CA CYS D 233 54.84 -13.77 19.24
C CYS D 233 53.62 -14.05 18.37
N ALA D 234 53.33 -15.32 18.12
CA ALA D 234 52.10 -15.66 17.38
C ALA D 234 50.87 -15.25 18.18
N LEU D 235 50.90 -15.45 19.49
CA LEU D 235 49.75 -15.10 20.32
C LEU D 235 49.54 -13.59 20.41
N HIS D 236 50.63 -12.84 20.54
CA HIS D 236 50.56 -11.41 20.83
C HIS D 236 50.96 -10.53 19.66
N GLY D 237 51.00 -11.06 18.44
CA GLY D 237 51.46 -10.28 17.31
C GLY D 237 50.38 -9.56 16.53
N GLY D 238 49.36 -10.30 16.10
CA GLY D 238 48.33 -9.75 15.24
C GLY D 238 48.42 -10.32 13.84
N GLN D 239 47.56 -9.79 12.97
CA GLN D 239 47.49 -10.28 11.59
C GLN D 239 48.80 -10.07 10.84
N ALA D 240 49.35 -8.85 10.93
CA ALA D 240 50.55 -8.53 10.18
C ALA D 240 51.75 -9.36 10.65
N VAL D 241 51.88 -9.56 11.96
CA VAL D 241 53.00 -10.32 12.49
C VAL D 241 52.94 -11.76 11.99
N GLN D 242 51.75 -12.37 12.05
CA GLN D 242 51.60 -13.74 11.57
C GLN D 242 51.85 -13.85 10.07
N ARG D 243 51.37 -12.86 9.30
CA ARG D 243 51.62 -12.86 7.87
C ARG D 243 53.12 -12.79 7.58
N ARG D 244 53.83 -11.92 8.29
CA ARG D 244 55.27 -11.81 8.09
C ARG D 244 56.00 -13.08 8.53
N MET D 245 55.50 -13.72 9.59
CA MET D 245 56.09 -14.99 10.02
C MET D 245 55.96 -16.05 8.95
N VAL D 246 54.76 -16.20 8.37
CA VAL D 246 54.57 -17.21 7.35
C VAL D 246 55.36 -16.88 6.10
N GLU D 247 55.44 -15.58 5.76
CA GLU D 247 56.28 -15.18 4.62
C GLU D 247 57.73 -15.56 4.84
N LYS D 248 58.17 -15.65 6.10
CA LYS D 248 59.50 -16.12 6.44
C LYS D 248 59.53 -17.61 6.73
N ARG D 249 58.45 -18.33 6.43
CA ARG D 249 58.36 -19.78 6.62
C ARG D 249 58.55 -20.16 8.09
N ALA D 250 57.64 -19.65 8.92
CA ALA D 250 57.71 -19.93 10.36
C ALA D 250 57.33 -21.37 10.66
N ALA D 251 56.31 -21.90 10.00
CA ALA D 251 55.86 -23.26 10.31
C ALA D 251 56.90 -24.31 9.90
N GLU D 252 57.59 -24.08 8.78
CA GLU D 252 58.61 -25.02 8.36
C GLU D 252 59.73 -25.13 9.38
N TRP D 253 60.17 -24.00 9.93
CA TRP D 253 61.18 -24.03 10.98
C TRP D 253 60.61 -24.45 12.32
N LEU D 254 59.29 -24.37 12.50
CA LEU D 254 58.68 -24.93 13.71
C LEU D 254 58.62 -26.44 13.66
N PHE D 255 58.58 -27.01 12.45
CA PHE D 255 58.47 -28.47 12.30
C PHE D 255 59.57 -29.25 13.02
N PRO D 256 60.86 -28.94 12.87
CA PRO D 256 61.87 -29.75 13.58
C PRO D 256 61.73 -29.72 15.09
N LEU D 257 61.30 -28.59 15.65
CA LEU D 257 61.14 -28.49 17.09
C LEU D 257 60.05 -29.43 17.58
N ALA D 258 58.96 -29.56 16.83
CA ALA D 258 57.92 -30.52 17.20
C ALA D 258 58.34 -31.95 16.91
N PHE D 259 59.16 -32.16 15.88
CA PHE D 259 59.54 -33.51 15.48
C PHE D 259 60.59 -34.12 16.41
N SER D 260 61.34 -33.29 17.13
CA SER D 260 62.43 -33.78 17.96
C SER D 260 61.91 -34.59 19.13
N LYS D 261 62.26 -35.88 19.17
CA LYS D 261 61.79 -36.78 20.22
C LYS D 261 62.55 -36.63 21.53
N GLU D 262 63.60 -35.80 21.57
CA GLU D 262 64.44 -35.70 22.75
C GLU D 262 63.66 -35.13 23.94
N ASP D 263 62.91 -34.05 23.72
CA ASP D 263 62.19 -33.36 24.78
C ASP D 263 60.72 -33.25 24.40
N GLU D 264 59.84 -33.56 25.34
CA GLU D 264 58.40 -33.46 25.10
C GLU D 264 57.92 -32.03 25.14
N LEU D 265 58.48 -31.21 26.05
CA LEU D 265 58.04 -29.82 26.18
C LEU D 265 58.34 -29.02 24.91
N LEU D 266 59.46 -29.31 24.25
CA LEU D 266 59.78 -28.61 23.01
C LEU D 266 58.73 -28.87 21.94
N ARG D 267 58.35 -30.14 21.77
CA ARG D 267 57.31 -30.48 20.81
C ARG D 267 55.97 -29.86 21.22
N LEU D 268 55.68 -29.84 22.51
CA LEU D 268 54.42 -29.27 22.98
C LEU D 268 54.34 -27.78 22.66
N HIS D 269 55.43 -27.05 22.91
CA HIS D 269 55.46 -25.63 22.61
C HIS D 269 55.39 -25.39 21.10
N ALA D 270 56.11 -26.19 20.31
CA ALA D 270 56.07 -26.02 18.86
C ALA D 270 54.67 -26.28 18.32
N CYS D 271 53.99 -27.31 18.84
CA CYS D 271 52.63 -27.58 18.43
C CYS D 271 51.68 -26.48 18.86
N LEU D 272 51.90 -25.89 20.04
CA LEU D 272 51.09 -24.74 20.44
C LEU D 272 51.27 -23.58 19.45
N ALA D 273 52.51 -23.31 19.06
CA ALA D 273 52.76 -22.24 18.10
C ALA D 273 52.11 -22.54 16.76
N VAL D 274 52.20 -23.79 16.30
CA VAL D 274 51.58 -24.16 15.03
C VAL D 274 50.06 -24.02 15.10
N ALA D 275 49.47 -24.43 16.23
CA ALA D 275 48.03 -24.29 16.39
C ALA D 275 47.59 -22.82 16.41
N VAL D 276 48.37 -21.97 17.09
CA VAL D 276 48.05 -20.55 17.11
C VAL D 276 48.14 -19.95 15.72
N LEU D 277 49.15 -20.37 14.94
CA LEU D 277 49.24 -19.92 13.56
C LEU D 277 48.05 -20.43 12.75
N ALA D 278 47.60 -21.65 13.03
CA ALA D 278 46.47 -22.22 12.29
C ALA D 278 45.16 -21.54 12.63
N THR D 279 45.03 -21.00 13.85
CA THR D 279 43.83 -20.25 14.19
C THR D 279 43.62 -19.07 13.26
N ASN D 280 44.72 -18.46 12.79
CA ASN D 280 44.67 -17.49 11.71
C ASN D 280 44.35 -18.24 10.43
N LYS D 281 43.07 -18.25 10.03
CA LYS D 281 42.62 -19.12 8.96
C LYS D 281 42.79 -18.51 7.58
N GLU D 282 43.33 -17.30 7.47
CA GLU D 282 43.63 -16.75 6.15
C GLU D 282 44.95 -17.28 5.60
N VAL D 283 45.71 -18.01 6.41
CA VAL D 283 46.99 -18.57 5.98
C VAL D 283 47.06 -20.07 6.28
N GLU D 284 45.92 -20.68 6.63
CA GLU D 284 45.89 -22.12 6.87
C GLU D 284 46.35 -22.90 5.67
N ARG D 285 46.16 -22.36 4.46
CA ARG D 285 46.62 -23.06 3.26
C ARG D 285 48.13 -23.25 3.28
N GLU D 286 48.88 -22.17 3.52
CA GLU D 286 50.33 -22.29 3.59
C GLU D 286 50.77 -23.06 4.82
N VAL D 287 50.04 -22.94 5.93
CA VAL D 287 50.38 -23.70 7.12
C VAL D 287 50.30 -25.20 6.83
N GLU D 288 49.24 -25.62 6.14
CA GLU D 288 49.13 -27.02 5.70
C GLU D 288 50.20 -27.38 4.69
N ARG D 289 50.54 -26.47 3.78
CA ARG D 289 51.62 -26.71 2.84
C ARG D 289 52.92 -27.01 3.58
N SER D 290 53.13 -26.38 4.73
CA SER D 290 54.28 -26.71 5.57
C SER D 290 54.21 -28.15 6.06
N GLY D 291 53.01 -28.61 6.43
CA GLY D 291 52.82 -29.98 6.87
C GLY D 291 53.10 -30.24 8.33
N THR D 292 53.42 -29.21 9.11
CA THR D 292 53.72 -29.40 10.52
C THR D 292 52.47 -29.64 11.35
N LEU D 293 51.29 -29.35 10.81
CA LEU D 293 50.05 -29.58 11.55
C LEU D 293 49.76 -31.05 11.77
N ALA D 294 50.35 -31.94 10.96
CA ALA D 294 50.02 -33.36 11.04
C ALA D 294 50.42 -33.96 12.38
N LEU D 295 51.60 -33.58 12.89
CA LEU D 295 52.12 -34.18 14.12
C LEU D 295 51.40 -33.72 15.37
N VAL D 296 50.52 -32.72 15.28
CA VAL D 296 49.89 -32.15 16.47
C VAL D 296 49.03 -33.21 17.16
N GLU D 297 48.14 -33.85 16.41
CA GLU D 297 47.22 -34.82 17.02
C GLU D 297 47.94 -36.02 17.62
N PRO D 298 48.86 -36.71 16.92
CA PRO D 298 49.53 -37.85 17.57
C PRO D 298 50.31 -37.46 18.81
N LEU D 299 50.97 -36.30 18.81
CA LEU D 299 51.70 -35.87 19.99
C LEU D 299 50.76 -35.60 21.15
N VAL D 300 49.63 -34.94 20.89
CA VAL D 300 48.65 -34.68 21.94
C VAL D 300 48.11 -36.00 22.50
N ALA D 301 47.84 -36.97 21.62
CA ALA D 301 47.37 -38.27 22.08
C ALA D 301 48.42 -38.97 22.94
N SER D 302 49.69 -38.89 22.54
CA SER D 302 50.74 -39.60 23.27
C SER D 302 51.00 -38.96 24.63
N LEU D 303 51.09 -37.63 24.68
CA LEU D 303 51.44 -36.95 25.91
C LEU D 303 50.31 -37.02 26.92
N ASP D 304 50.68 -36.89 28.19
CA ASP D 304 49.74 -36.92 29.30
C ASP D 304 49.69 -35.57 29.99
N PRO D 305 48.50 -35.02 30.24
CA PRO D 305 48.43 -33.70 30.90
C PRO D 305 49.03 -33.68 32.29
N GLY D 306 48.93 -34.79 33.04
CA GLY D 306 49.35 -34.78 34.43
C GLY D 306 50.83 -34.54 34.62
N ARG D 307 51.67 -35.16 33.78
CA ARG D 307 53.11 -35.03 33.94
C ARG D 307 53.56 -33.59 33.78
N PHE D 308 53.11 -32.92 32.72
CA PHE D 308 53.53 -31.55 32.48
C PHE D 308 52.82 -30.58 33.42
N ALA D 309 51.61 -30.93 33.88
CA ALA D 309 50.94 -30.11 34.89
C ALA D 309 51.73 -30.12 36.20
N ARG D 310 52.24 -31.29 36.60
CA ARG D 310 53.03 -31.39 37.81
C ARG D 310 54.39 -30.73 37.63
N CYS D 311 54.98 -30.85 36.45
CA CYS D 311 56.26 -30.22 36.17
C CYS D 311 56.18 -28.70 36.26
N PRO D 324 45.96 -15.42 33.73
CA PRO D 324 44.60 -15.26 33.21
C PRO D 324 44.57 -14.81 31.76
N ASP D 325 45.49 -13.93 31.36
CA ASP D 325 45.56 -13.50 29.97
C ASP D 325 45.93 -14.67 29.06
N ASP D 326 46.82 -15.55 29.53
CA ASP D 326 47.18 -16.72 28.75
C ASP D 326 45.97 -17.61 28.50
N LEU D 327 45.13 -17.80 29.53
CA LEU D 327 43.91 -18.59 29.35
C LEU D 327 42.95 -17.89 28.40
N GLN D 328 42.84 -16.56 28.50
CA GLN D 328 41.97 -15.82 27.61
C GLN D 328 42.44 -15.89 26.17
N ARG D 329 43.74 -16.09 25.95
CA ARG D 329 44.26 -16.27 24.61
C ARG D 329 44.15 -17.71 24.14
N LEU D 330 44.17 -18.67 25.07
CA LEU D 330 44.00 -20.07 24.73
C LEU D 330 42.56 -20.41 24.39
N VAL D 331 41.60 -19.66 24.95
CA VAL D 331 40.19 -19.94 24.67
C VAL D 331 39.87 -19.88 23.18
N PRO D 332 40.37 -18.93 22.38
CA PRO D 332 40.13 -18.99 20.94
C PRO D 332 40.57 -20.28 20.29
N LEU D 333 41.64 -20.91 20.80
CA LEU D 333 42.05 -22.22 20.27
C LEU D 333 40.95 -23.26 20.53
N LEU D 334 40.29 -23.18 21.68
CA LEU D 334 39.15 -24.07 21.93
C LEU D 334 38.02 -23.81 20.94
N ASP D 335 37.75 -22.54 20.66
CA ASP D 335 36.69 -22.18 19.71
C ASP D 335 37.22 -21.98 18.29
N SER D 336 38.38 -22.56 17.97
CA SER D 336 39.00 -22.34 16.66
C SER D 336 38.33 -23.16 15.56
N ASN D 337 37.58 -24.19 15.91
CA ASN D 337 36.96 -25.12 14.96
C ASN D 337 37.99 -25.84 14.09
N ARG D 338 39.26 -25.81 14.47
CA ARG D 338 40.30 -26.58 13.79
C ARG D 338 40.80 -27.67 14.74
N LEU D 339 40.81 -28.91 14.25
CA LEU D 339 40.99 -30.06 15.13
C LEU D 339 42.30 -29.97 15.90
N GLU D 340 43.40 -29.63 15.21
CA GLU D 340 44.68 -29.51 15.90
C GLU D 340 44.66 -28.39 16.94
N ALA D 341 44.10 -27.24 16.56
CA ALA D 341 44.02 -26.11 17.49
C ALA D 341 43.12 -26.44 18.67
N GLN D 342 41.98 -27.10 18.40
CA GLN D 342 41.09 -27.50 19.49
C GLN D 342 41.77 -28.47 20.44
N CYS D 343 42.52 -29.44 19.91
CA CYS D 343 43.23 -30.39 20.75
C CYS D 343 44.29 -29.70 21.59
N ILE D 344 45.06 -28.78 20.99
CA ILE D 344 46.08 -28.06 21.74
C ILE D 344 45.45 -27.23 22.85
N GLY D 345 44.37 -26.52 22.53
CA GLY D 345 43.69 -25.73 23.54
C GLY D 345 43.12 -26.59 24.66
N ALA D 346 42.55 -27.74 24.31
CA ALA D 346 42.01 -28.63 25.32
C ALA D 346 43.12 -29.15 26.23
N PHE D 347 44.26 -29.53 25.67
CA PHE D 347 45.38 -30.01 26.47
C PHE D 347 45.87 -28.92 27.43
N TYR D 348 46.08 -27.71 26.91
CA TYR D 348 46.54 -26.62 27.74
C TYR D 348 45.55 -26.28 28.83
N LEU D 349 44.26 -26.23 28.50
CA LEU D 349 43.25 -25.89 29.49
C LEU D 349 43.10 -26.98 30.54
N CYS D 350 43.24 -28.26 30.14
CA CYS D 350 43.20 -29.33 31.12
C CYS D 350 44.38 -29.24 32.09
N ALA D 351 45.58 -28.97 31.57
CA ALA D 351 46.73 -28.82 32.45
C ALA D 351 46.54 -27.64 33.39
N GLU D 352 46.07 -26.51 32.87
CA GLU D 352 45.87 -25.33 33.71
C GLU D 352 44.75 -25.56 34.73
N ALA D 353 43.70 -26.28 34.35
CA ALA D 353 42.64 -26.61 35.30
C ALA D 353 43.15 -27.50 36.41
N ALA D 354 43.98 -28.48 36.08
CA ALA D 354 44.59 -29.32 37.11
C ALA D 354 45.44 -28.48 38.05
N ILE D 355 46.25 -27.58 37.50
CA ILE D 355 47.10 -26.73 38.33
C ILE D 355 46.26 -25.84 39.25
N LYS D 356 45.20 -25.24 38.71
CA LYS D 356 44.35 -24.36 39.51
C LYS D 356 43.60 -25.14 40.58
N SER D 357 43.07 -26.32 40.24
CA SER D 357 42.37 -27.14 41.22
C SER D 357 43.31 -27.69 42.28
N LEU D 358 44.61 -27.79 41.98
CA LEU D 358 45.57 -28.11 43.04
C LEU D 358 45.54 -27.03 44.12
N GLN D 359 45.27 -25.79 43.74
CA GLN D 359 45.04 -24.71 44.68
C GLN D 359 43.53 -24.53 44.86
N GLY D 360 43.13 -23.46 45.55
CA GLY D 360 41.72 -23.20 45.77
C GLY D 360 41.08 -22.28 44.75
N LYS D 361 41.90 -21.62 43.93
CA LYS D 361 41.40 -20.66 42.95
C LYS D 361 41.05 -21.39 41.67
N THR D 362 39.74 -21.50 41.38
CA THR D 362 39.26 -22.16 40.17
C THR D 362 38.21 -21.33 39.44
N LYS D 363 37.96 -20.09 39.86
CA LYS D 363 36.93 -19.25 39.26
C LYS D 363 37.39 -18.54 37.99
N VAL D 364 38.67 -18.66 37.63
CA VAL D 364 39.18 -17.96 36.45
C VAL D 364 38.50 -18.48 35.20
N PHE D 365 38.37 -19.80 35.07
CA PHE D 365 37.73 -20.38 33.89
C PHE D 365 36.26 -19.96 33.79
N SER D 366 35.56 -19.94 34.92
CA SER D 366 34.18 -19.49 34.92
C SER D 366 34.08 -18.02 34.51
N ASP D 367 35.00 -17.19 35.00
CA ASP D 367 34.98 -15.78 34.64
C ASP D 367 35.23 -15.57 33.15
N ILE D 368 36.21 -16.30 32.59
CA ILE D 368 36.47 -16.20 31.17
C ILE D 368 35.33 -16.79 30.36
N GLY D 369 34.73 -17.88 30.83
CA GLY D 369 33.69 -18.57 30.09
C GLY D 369 34.15 -19.80 29.34
N ALA D 370 35.33 -20.32 29.66
CA ALA D 370 35.83 -21.51 28.98
C ALA D 370 35.02 -22.76 29.32
N ILE D 371 34.24 -22.73 30.40
CA ILE D 371 33.42 -23.88 30.75
C ILE D 371 32.36 -24.14 29.68
N GLN D 372 31.73 -23.07 29.20
CA GLN D 372 30.75 -23.22 28.12
C GLN D 372 31.42 -23.74 26.85
N SER D 373 32.62 -23.25 26.55
CA SER D 373 33.34 -23.75 25.39
C SER D 373 33.66 -25.23 25.52
N LEU D 374 34.08 -25.66 26.72
CA LEU D 374 34.35 -27.07 26.95
C LEU D 374 33.09 -27.92 26.80
N LYS D 375 31.97 -27.44 27.32
CA LYS D 375 30.72 -28.20 27.18
C LYS D 375 30.31 -28.32 25.72
N ARG D 376 30.42 -27.24 24.96
CA ARG D 376 30.12 -27.29 23.53
C ARG D 376 31.08 -28.22 22.81
N LEU D 377 32.35 -28.23 23.22
CA LEU D 377 33.32 -29.14 22.62
C LEU D 377 32.95 -30.59 22.88
N VAL D 378 32.53 -30.90 24.11
CA VAL D 378 32.15 -32.27 24.44
C VAL D 378 30.92 -32.70 23.66
N CYS D 379 29.90 -31.84 23.59
CA CYS D 379 28.66 -32.22 22.92
C CYS D 379 28.89 -32.52 21.44
N TYR D 380 29.66 -31.67 20.76
CA TYR D 380 29.89 -31.81 19.32
C TYR D 380 31.24 -32.42 19.02
N SER D 381 31.80 -33.18 19.96
CA SER D 381 33.12 -33.78 19.77
C SER D 381 33.07 -34.85 18.69
N THR D 382 34.07 -34.85 17.81
CA THR D 382 34.24 -35.88 16.80
C THR D 382 35.53 -36.66 16.94
N ASN D 383 36.47 -36.18 17.73
CA ASN D 383 37.75 -36.84 17.95
C ASN D 383 37.81 -37.41 19.36
N GLY D 384 38.32 -38.64 19.46
CA GLY D 384 38.40 -39.29 20.77
C GLY D 384 39.35 -38.57 21.71
N THR D 385 40.51 -38.15 21.22
CA THR D 385 41.49 -37.50 22.08
C THR D 385 40.97 -36.16 22.58
N LYS D 386 40.40 -35.35 21.69
CA LYS D 386 39.86 -34.06 22.10
C LYS D 386 38.72 -34.21 23.09
N SER D 387 37.81 -35.17 22.83
CA SER D 387 36.71 -35.40 23.74
C SER D 387 37.21 -35.86 25.10
N ALA D 388 38.21 -36.75 25.13
CA ALA D 388 38.75 -37.22 26.40
C ALA D 388 39.40 -36.09 27.17
N LEU D 389 40.17 -35.24 26.48
CA LEU D 389 40.80 -34.11 27.16
C LEU D 389 39.77 -33.14 27.71
N ALA D 390 38.74 -32.84 26.93
CA ALA D 390 37.70 -31.93 27.39
C ALA D 390 36.93 -32.51 28.58
N LYS D 391 36.63 -33.81 28.54
CA LYS D 391 35.95 -34.45 29.65
C LYS D 391 36.82 -34.43 30.90
N ARG D 392 38.11 -34.70 30.76
CA ARG D 392 39.01 -34.64 31.91
C ARG D 392 39.08 -33.23 32.49
N ALA D 393 39.17 -32.22 31.63
CA ALA D 393 39.22 -30.85 32.09
C ALA D 393 37.95 -30.46 32.83
N LEU D 394 36.79 -30.86 32.30
CA LEU D 394 35.53 -30.55 32.97
C LEU D 394 35.40 -31.29 34.30
N ARG D 395 35.83 -32.56 34.34
CA ARG D 395 35.75 -33.33 35.57
C ARG D 395 36.69 -32.80 36.63
N LEU D 396 37.82 -32.22 36.22
CA LEU D 396 38.73 -31.60 37.19
C LEU D 396 38.05 -30.45 37.91
N LEU D 397 37.18 -29.72 37.21
CA LEU D 397 36.39 -28.66 37.83
C LEU D 397 35.07 -29.22 38.32
N GLY D 398 34.25 -28.36 38.93
CA GLY D 398 32.95 -28.77 39.43
C GLY D 398 31.84 -28.58 38.42
N GLU D 399 31.99 -29.18 37.25
CA GLU D 399 31.01 -29.08 36.17
C GLU D 399 30.62 -30.47 35.69
N GLU D 400 29.32 -30.67 35.49
CA GLU D 400 28.84 -31.95 34.98
C GLU D 400 29.21 -32.10 33.51
N VAL D 401 29.76 -33.26 33.17
CA VAL D 401 30.12 -33.51 31.77
C VAL D 401 28.85 -33.72 30.95
N PRO D 402 28.72 -33.11 29.77
CA PRO D 402 27.52 -33.31 28.96
C PRO D 402 27.63 -34.57 28.12
N ARG D 403 26.55 -35.34 28.05
CA ARG D 403 26.53 -36.54 27.24
C ARG D 403 26.52 -36.15 25.77
N PRO D 404 27.35 -36.78 24.93
CA PRO D 404 27.39 -36.39 23.51
C PRO D 404 26.05 -36.58 22.83
N ILE D 405 25.73 -35.66 21.93
CA ILE D 405 24.44 -35.65 21.24
C ILE D 405 24.47 -36.64 20.09
N LEU D 406 23.33 -37.23 19.80
CA LEU D 406 23.22 -38.13 18.66
C LEU D 406 23.16 -37.33 17.37
N PRO D 407 24.03 -37.60 16.40
CA PRO D 407 24.07 -36.76 15.19
C PRO D 407 22.79 -36.82 14.36
N SER D 408 21.96 -37.85 14.53
CA SER D 408 20.73 -37.98 13.74
C SER D 408 19.66 -37.04 14.29
N VAL D 409 19.88 -35.74 14.04
CA VAL D 409 18.95 -34.72 14.51
C VAL D 409 17.54 -34.92 13.96
N PRO D 410 17.33 -35.24 12.67
CA PRO D 410 15.95 -35.45 12.21
C PRO D 410 15.19 -36.52 12.99
N SER D 411 15.89 -37.53 13.52
CA SER D 411 15.27 -38.60 14.28
C SER D 411 15.19 -38.30 15.77
N TRP D 412 15.57 -37.10 16.20
CA TRP D 412 15.55 -36.75 17.62
C TRP D 412 14.13 -36.77 18.16
N LYS D 413 14.00 -37.25 19.40
CA LYS D 413 12.75 -37.15 20.14
C LYS D 413 12.81 -35.92 21.03
N GLU D 414 11.81 -35.79 21.93
CA GLU D 414 11.77 -34.63 22.81
C GLU D 414 12.96 -34.62 23.77
N ALA D 415 13.35 -35.79 24.27
CA ALA D 415 14.44 -35.87 25.25
C ALA D 415 15.76 -35.38 24.65
N GLU D 416 16.03 -35.74 23.39
CA GLU D 416 17.26 -35.28 22.75
C GLU D 416 17.26 -33.77 22.59
N VAL D 417 16.11 -33.18 22.24
CA VAL D 417 16.01 -31.73 22.15
C VAL D 417 16.27 -31.10 23.51
N GLN D 418 15.69 -31.66 24.57
CA GLN D 418 15.94 -31.15 25.91
C GLN D 418 17.43 -31.19 26.24
N THR D 419 18.07 -32.34 25.98
CA THR D 419 19.48 -32.49 26.32
C THR D 419 20.34 -31.50 25.55
N TRP D 420 20.05 -31.30 24.27
CA TRP D 420 20.74 -30.26 23.51
C TRP D 420 20.52 -28.89 24.13
N LEU D 421 19.32 -28.66 24.66
CA LEU D 421 19.03 -27.36 25.30
C LEU D 421 19.89 -27.14 26.54
N GLN D 422 20.00 -28.15 27.41
CA GLN D 422 20.90 -27.94 28.55
C GLN D 422 22.36 -27.84 28.11
N CYS D 423 22.74 -28.53 27.04
CA CYS D 423 24.11 -28.39 26.54
C CYS D 423 24.41 -26.97 26.09
N ILE D 424 23.48 -26.35 25.37
CA ILE D 424 23.72 -25.02 24.82
C ILE D 424 23.36 -23.95 25.84
N GLY D 425 23.08 -24.36 27.07
CA GLY D 425 22.81 -23.43 28.15
C GLY D 425 21.53 -22.64 28.01
N PHE D 426 20.47 -23.26 27.50
CA PHE D 426 19.16 -22.63 27.45
C PHE D 426 18.17 -23.38 28.34
N SER D 427 18.61 -23.73 29.55
CA SER D 427 17.75 -24.47 30.47
C SER D 427 16.51 -23.69 30.87
N LYS D 428 16.52 -22.36 30.70
CA LYS D 428 15.34 -21.57 31.01
C LYS D 428 14.18 -21.91 30.08
N TYR D 429 14.48 -22.20 28.81
CA TYR D 429 13.46 -22.48 27.81
C TYR D 429 13.15 -23.97 27.68
N CYS D 430 13.74 -24.82 28.52
CA CYS D 430 13.48 -26.25 28.43
C CYS D 430 12.01 -26.57 28.69
N GLU D 431 11.42 -25.94 29.69
CA GLU D 431 10.00 -26.18 29.99
C GLU D 431 9.11 -25.70 28.84
N SER D 432 9.44 -24.54 28.27
CA SER D 432 8.66 -24.03 27.14
C SER D 432 8.76 -24.96 25.94
N PHE D 433 9.95 -25.49 25.67
CA PHE D 433 10.10 -26.46 24.59
C PHE D 433 9.32 -27.74 24.89
N ARG D 434 9.32 -28.17 26.16
CA ARG D 434 8.59 -29.38 26.52
C ARG D 434 7.09 -29.21 26.32
N GLU D 435 6.54 -28.04 26.69
CA GLU D 435 5.11 -27.81 26.52
C GLU D 435 4.71 -27.85 25.06
N GLN D 436 5.52 -27.25 24.18
CA GLN D 436 5.25 -27.31 22.75
C GLN D 436 5.57 -28.68 22.15
N GLN D 437 6.21 -29.57 22.91
CA GLN D 437 6.56 -30.91 22.45
C GLN D 437 7.41 -30.85 21.17
N VAL D 438 8.44 -29.99 21.21
CA VAL D 438 9.34 -29.86 20.07
C VAL D 438 10.20 -31.10 19.96
N ASP D 439 10.34 -31.61 18.73
CA ASP D 439 11.16 -32.78 18.44
C ASP D 439 12.17 -32.41 17.36
N GLY D 440 12.83 -33.43 16.81
CA GLY D 440 13.91 -33.18 15.86
C GLY D 440 13.46 -32.38 14.66
N ASP D 441 12.33 -32.74 14.06
CA ASP D 441 11.87 -32.05 12.85
C ASP D 441 11.46 -30.61 13.16
N LEU D 442 10.65 -30.42 14.21
CA LEU D 442 10.20 -29.08 14.55
C LEU D 442 11.37 -28.18 14.95
N LEU D 443 12.32 -28.72 15.72
CA LEU D 443 13.51 -27.95 16.08
C LEU D 443 14.33 -27.61 14.85
N LEU D 444 14.49 -28.57 13.93
CA LEU D 444 15.31 -28.35 12.75
C LEU D 444 14.64 -27.45 11.73
N ARG D 445 13.33 -27.24 11.83
CA ARG D 445 12.62 -26.30 10.98
C ARG D 445 12.07 -25.12 11.76
N LEU D 446 12.65 -24.81 12.92
CA LEU D 446 12.15 -23.71 13.74
C LEU D 446 12.39 -22.37 13.06
N THR D 447 11.44 -21.46 13.23
CA THR D 447 11.47 -20.15 12.59
C THR D 447 11.56 -19.05 13.64
N GLU D 448 11.74 -17.83 13.15
CA GLU D 448 11.89 -16.67 14.03
C GLU D 448 10.60 -16.40 14.80
N GLU D 449 9.46 -16.38 14.09
CA GLU D 449 8.20 -16.02 14.73
C GLU D 449 7.76 -17.07 15.73
N GLU D 450 8.04 -18.36 15.46
CA GLU D 450 7.71 -19.39 16.43
C GLU D 450 8.47 -19.20 17.73
N LEU D 451 9.76 -18.87 17.63
CA LEU D 451 10.53 -18.57 18.83
C LEU D 451 9.99 -17.32 19.53
N GLN D 452 9.63 -16.29 18.76
CA GLN D 452 9.19 -15.04 19.35
C GLN D 452 7.89 -15.21 20.12
N THR D 453 6.92 -15.92 19.53
CA THR D 453 5.58 -16.01 20.11
C THR D 453 5.37 -17.29 20.90
N ASP D 454 5.55 -18.45 20.27
CA ASP D 454 5.19 -19.71 20.90
C ASP D 454 6.12 -20.06 22.06
N LEU D 455 7.42 -19.93 21.86
CA LEU D 455 8.40 -20.35 22.85
C LEU D 455 8.79 -19.24 23.81
N GLY D 456 8.24 -18.03 23.64
CA GLY D 456 8.50 -16.95 24.57
C GLY D 456 9.93 -16.47 24.59
N MET D 457 10.60 -16.46 23.44
CA MET D 457 11.96 -15.92 23.33
C MET D 457 11.85 -14.48 22.82
N LYS D 458 11.49 -13.58 23.74
CA LYS D 458 11.21 -12.20 23.37
C LYS D 458 12.44 -11.49 22.83
N SER D 459 13.59 -11.69 23.47
CA SER D 459 14.79 -10.94 23.11
C SER D 459 15.28 -11.34 21.73
N GLY D 460 15.48 -10.34 20.87
CA GLY D 460 16.05 -10.61 19.56
C GLY D 460 17.49 -11.08 19.62
N ILE D 461 18.26 -10.58 20.57
CA ILE D 461 19.63 -11.06 20.76
C ILE D 461 19.63 -12.53 21.17
N THR D 462 18.73 -12.89 22.09
CA THR D 462 18.62 -14.28 22.49
C THR D 462 18.20 -15.16 21.32
N ARG D 463 17.28 -14.67 20.49
CA ARG D 463 16.87 -15.44 19.31
C ARG D 463 18.01 -15.60 18.34
N LYS D 464 18.83 -14.56 18.15
CA LYS D 464 19.99 -14.68 17.27
C LYS D 464 21.01 -15.67 17.82
N ARG D 465 21.22 -15.67 19.14
CA ARG D 465 22.11 -16.64 19.74
C ARG D 465 21.58 -18.06 19.57
N PHE D 466 20.27 -18.24 19.75
CA PHE D 466 19.67 -19.56 19.55
C PHE D 466 19.81 -20.02 18.11
N PHE D 467 19.64 -19.09 17.15
CA PHE D 467 19.78 -19.46 15.75
C PHE D 467 21.24 -19.76 15.39
N ARG D 468 22.19 -19.08 16.02
CA ARG D 468 23.59 -19.44 15.83
C ARG D 468 23.86 -20.85 16.34
N GLU D 469 23.32 -21.18 17.52
CA GLU D 469 23.47 -22.53 18.05
C GLU D 469 22.80 -23.56 17.13
N LEU D 470 21.63 -23.22 16.60
CA LEU D 470 20.93 -24.13 15.70
C LEU D 470 21.70 -24.32 14.40
N THR D 471 22.33 -23.26 13.88
CA THR D 471 23.18 -23.40 12.70
C THR D 471 24.36 -24.31 13.00
N GLU D 472 24.98 -24.15 14.17
CA GLU D 472 26.07 -25.03 14.56
C GLU D 472 25.61 -26.48 14.63
N LEU D 473 24.41 -26.71 15.17
CA LEU D 473 23.86 -28.06 15.21
C LEU D 473 23.59 -28.60 13.81
N LYS D 474 23.01 -27.79 12.92
CA LYS D 474 22.68 -28.24 11.58
C LYS D 474 23.94 -28.54 10.77
N THR D 475 25.04 -27.84 11.07
CA THR D 475 26.30 -28.18 10.41
C THR D 475 26.75 -29.60 10.77
N PHE D 476 26.62 -29.98 12.04
CA PHE D 476 26.96 -31.31 12.50
C PHE D 476 25.67 -32.10 12.72
N ALA D 477 25.17 -32.70 11.64
CA ALA D 477 23.94 -33.46 11.69
C ALA D 477 24.00 -34.62 10.70
N ASN D 478 23.27 -35.67 11.02
CA ASN D 478 23.18 -36.85 10.16
C ASN D 478 21.85 -36.79 9.41
N TYR D 479 21.92 -36.42 8.13
CA TYR D 479 20.74 -36.26 7.30
C TYR D 479 20.46 -37.49 6.44
N SER D 480 21.15 -38.61 6.71
CA SER D 480 20.99 -39.80 5.88
C SER D 480 19.54 -40.32 5.91
N THR D 481 18.85 -40.14 7.03
CA THR D 481 17.46 -40.57 7.13
C THR D 481 16.55 -39.78 6.20
N CYS D 482 16.95 -38.57 5.80
CA CYS D 482 16.14 -37.72 4.94
C CYS D 482 16.80 -37.38 3.61
N ASP D 483 18.12 -37.29 3.56
CA ASP D 483 18.82 -36.95 2.32
C ASP D 483 18.86 -38.18 1.43
N ARG D 484 18.44 -38.02 0.18
CA ARG D 484 18.47 -39.12 -0.78
C ARG D 484 19.59 -38.98 -1.81
N SER D 485 19.89 -37.75 -2.25
CA SER D 485 20.92 -37.51 -3.24
C SER D 485 22.22 -37.03 -2.64
N ASN D 486 22.41 -37.18 -1.33
CA ASN D 486 23.59 -36.70 -0.63
C ASN D 486 23.81 -35.21 -0.89
N LEU D 487 22.71 -34.45 -0.82
CA LEU D 487 22.76 -33.02 -1.08
C LEU D 487 23.59 -32.28 -0.03
N ALA D 488 23.72 -32.84 1.17
CA ALA D 488 24.57 -32.23 2.19
C ALA D 488 26.02 -32.15 1.72
N ASP D 489 26.50 -33.19 1.04
CA ASP D 489 27.86 -33.18 0.52
C ASP D 489 28.03 -32.08 -0.52
N TRP D 490 27.04 -31.90 -1.40
CA TRP D 490 27.13 -30.84 -2.40
C TRP D 490 27.13 -29.46 -1.75
N LEU D 491 26.25 -29.25 -0.77
CA LEU D 491 26.21 -27.97 -0.08
C LEU D 491 27.51 -27.69 0.65
N GLY D 492 28.08 -28.71 1.29
CA GLY D 492 29.36 -28.53 1.95
C GLY D 492 30.50 -28.26 0.98
N SER D 493 30.44 -28.89 -0.20
CA SER D 493 31.44 -28.61 -1.24
C SER D 493 31.34 -27.16 -1.70
N LEU D 494 30.12 -26.63 -1.81
CA LEU D 494 29.96 -25.22 -2.11
C LEU D 494 30.58 -24.35 -1.00
N ASP D 495 30.24 -24.65 0.24
CA ASP D 495 30.71 -23.92 1.40
C ASP D 495 30.40 -24.74 2.65
N PRO D 496 31.34 -24.88 3.58
CA PRO D 496 31.05 -25.64 4.81
C PRO D 496 29.86 -25.09 5.59
N ARG D 497 29.62 -23.77 5.53
CA ARG D 497 28.49 -23.19 6.22
C ARG D 497 27.18 -23.35 5.46
N PHE D 498 27.23 -23.80 4.20
CA PHE D 498 26.01 -24.01 3.43
C PHE D 498 25.28 -25.29 3.79
N ARG D 499 25.90 -26.18 4.55
CA ARG D 499 25.27 -27.46 4.86
C ARG D 499 24.05 -27.31 5.77
N GLN D 500 23.92 -26.17 6.46
CA GLN D 500 22.79 -25.97 7.37
C GLN D 500 21.45 -25.97 6.64
N TYR D 501 21.44 -25.70 5.34
CA TYR D 501 20.19 -25.63 4.58
C TYR D 501 19.79 -26.98 4.00
N THR D 502 20.53 -28.05 4.32
CA THR D 502 20.24 -29.36 3.76
C THR D 502 18.85 -29.85 4.17
N TYR D 503 18.51 -29.70 5.45
CA TYR D 503 17.21 -30.18 5.90
C TYR D 503 16.07 -29.37 5.28
N GLY D 504 16.25 -28.06 5.14
CA GLY D 504 15.24 -27.27 4.46
C GLY D 504 15.05 -27.70 3.02
N LEU D 505 16.15 -27.92 2.30
CA LEU D 505 16.06 -28.31 0.91
C LEU D 505 15.42 -29.69 0.77
N VAL D 506 15.71 -30.60 1.71
CA VAL D 506 15.12 -31.93 1.67
C VAL D 506 13.62 -31.87 1.98
N SER D 507 13.26 -31.13 3.03
CA SER D 507 11.84 -31.02 3.40
C SER D 507 11.04 -30.35 2.30
N CYS D 508 11.68 -29.52 1.48
CA CYS D 508 11.02 -28.99 0.30
C CYS D 508 10.87 -30.02 -0.80
N GLY D 509 11.47 -31.20 -0.65
CA GLY D 509 11.42 -32.22 -1.67
C GLY D 509 12.51 -32.12 -2.71
N LEU D 510 13.44 -31.19 -2.58
CA LEU D 510 14.47 -30.97 -3.58
C LEU D 510 15.58 -32.00 -3.44
N ASP D 511 16.24 -32.30 -4.57
CA ASP D 511 17.43 -33.13 -4.58
C ASP D 511 18.43 -32.55 -5.58
N ARG D 512 19.45 -33.34 -5.94
CA ARG D 512 20.44 -32.85 -6.89
C ARG D 512 19.82 -32.56 -8.25
N SER D 513 18.94 -33.44 -8.71
CA SER D 513 18.33 -33.25 -10.03
C SER D 513 17.38 -32.06 -10.05
N LEU D 514 16.69 -31.79 -8.94
CA LEU D 514 15.66 -30.76 -8.92
C LEU D 514 16.20 -29.36 -8.74
N LEU D 515 17.47 -29.20 -8.33
CA LEU D 515 18.01 -27.88 -8.04
C LEU D 515 18.24 -27.05 -9.30
N HIS D 516 18.22 -27.65 -10.48
CA HIS D 516 18.46 -26.88 -11.70
C HIS D 516 17.30 -25.95 -12.04
N ARG D 517 16.10 -26.24 -11.53
CA ARG D 517 14.91 -25.46 -11.84
C ARG D 517 14.44 -24.60 -10.68
N VAL D 518 15.18 -24.57 -9.58
CA VAL D 518 14.75 -23.82 -8.40
C VAL D 518 14.93 -22.32 -8.65
N SER D 519 14.02 -21.52 -8.09
CA SER D 519 14.06 -20.08 -8.20
C SER D 519 14.40 -19.44 -6.87
N GLU D 520 14.75 -18.16 -6.92
CA GLU D 520 15.13 -17.43 -5.71
C GLU D 520 13.98 -17.31 -4.73
N GLN D 521 12.78 -16.99 -5.24
CA GLN D 521 11.62 -16.82 -4.37
C GLN D 521 11.26 -18.13 -3.69
N GLN D 522 11.33 -19.25 -4.41
CA GLN D 522 11.05 -20.55 -3.81
C GLN D 522 12.03 -20.84 -2.69
N LEU D 523 13.33 -20.59 -2.93
CA LEU D 523 14.33 -20.79 -1.89
C LEU D 523 14.00 -19.97 -0.65
N LEU D 524 13.77 -18.66 -0.83
CA LEU D 524 13.53 -17.79 0.30
C LEU D 524 12.29 -18.20 1.08
N GLU D 525 11.20 -18.51 0.37
CA GLU D 525 9.93 -18.79 1.05
C GLU D 525 9.93 -20.15 1.72
N ASP D 526 10.45 -21.19 1.05
CA ASP D 526 10.31 -22.55 1.52
C ASP D 526 11.56 -23.08 2.22
N CYS D 527 12.73 -22.93 1.60
CA CYS D 527 13.94 -23.53 2.15
C CYS D 527 14.51 -22.75 3.34
N GLY D 528 13.98 -21.56 3.62
CA GLY D 528 14.43 -20.82 4.78
C GLY D 528 15.80 -20.21 4.67
N ILE D 529 16.32 -20.03 3.46
CA ILE D 529 17.61 -19.40 3.27
C ILE D 529 17.41 -17.89 3.25
N HIS D 530 17.45 -17.27 4.44
CA HIS D 530 17.12 -15.85 4.54
C HIS D 530 18.18 -14.98 3.88
N LEU D 531 19.45 -15.35 3.99
CA LEU D 531 20.52 -14.54 3.42
C LEU D 531 20.47 -14.60 1.89
N GLY D 532 20.35 -13.43 1.26
CA GLY D 532 20.27 -13.39 -0.20
C GLY D 532 21.55 -13.85 -0.88
N VAL D 533 22.70 -13.58 -0.26
CA VAL D 533 23.97 -14.00 -0.85
C VAL D 533 24.03 -15.52 -0.94
N HIS D 534 23.61 -16.22 0.11
CA HIS D 534 23.60 -17.68 0.08
C HIS D 534 22.67 -18.20 -0.99
N ARG D 535 21.48 -17.59 -1.12
CA ARG D 535 20.54 -18.01 -2.14
C ARG D 535 21.12 -17.83 -3.54
N ALA D 536 21.74 -16.67 -3.79
CA ALA D 536 22.33 -16.43 -5.11
C ALA D 536 23.46 -17.40 -5.40
N ARG D 537 24.32 -17.65 -4.41
CA ARG D 537 25.42 -18.59 -4.60
C ARG D 537 24.89 -19.99 -4.90
N ILE D 538 23.90 -20.44 -4.14
CA ILE D 538 23.35 -21.78 -4.34
C ILE D 538 22.73 -21.90 -5.72
N LEU D 539 21.95 -20.89 -6.14
CA LEU D 539 21.31 -20.95 -7.44
C LEU D 539 22.34 -20.97 -8.56
N THR D 540 23.32 -20.06 -8.51
CA THR D 540 24.33 -20.00 -9.57
C THR D 540 25.13 -21.28 -9.64
N ALA D 541 25.57 -21.80 -8.48
CA ALA D 541 26.36 -23.01 -8.46
C ALA D 541 25.57 -24.21 -8.97
N ALA D 542 24.30 -24.31 -8.58
CA ALA D 542 23.47 -25.41 -9.06
C ALA D 542 23.30 -25.34 -10.57
N ARG D 543 23.00 -24.15 -11.10
CA ARG D 543 22.80 -24.01 -12.54
C ARG D 543 24.09 -24.31 -13.29
N GLU D 544 25.24 -23.94 -12.73
CA GLU D 544 26.50 -24.17 -13.44
C GLU D 544 26.93 -25.62 -13.36
N MET D 545 26.66 -26.30 -12.24
CA MET D 545 27.18 -27.64 -12.03
C MET D 545 26.26 -28.71 -12.61
N LEU D 546 24.95 -28.61 -12.35
CA LEU D 546 24.03 -29.64 -12.81
C LEU D 546 23.92 -29.68 -14.33
N HIS D 547 24.24 -28.59 -15.00
CA HIS D 547 24.21 -28.54 -16.46
C HIS D 547 25.39 -27.75 -17.00
N THR D 561 14.94 -62.31 -16.30
CA THR D 561 15.75 -63.32 -16.95
C THR D 561 17.06 -63.55 -16.20
N PRO D 562 17.01 -64.34 -15.13
CA PRO D 562 18.23 -64.62 -14.37
C PRO D 562 19.25 -65.38 -15.19
N ASP D 563 20.53 -65.08 -14.96
CA ASP D 563 21.59 -65.80 -15.65
C ASP D 563 21.75 -67.21 -15.11
N VAL D 564 21.63 -67.37 -13.79
CA VAL D 564 21.82 -68.66 -13.13
C VAL D 564 20.62 -68.92 -12.23
N PHE D 565 20.16 -70.17 -12.20
CA PHE D 565 19.14 -70.62 -11.26
C PHE D 565 19.75 -71.63 -10.31
N ILE D 566 19.26 -71.64 -9.07
CA ILE D 566 19.83 -72.45 -8.00
C ILE D 566 18.80 -73.48 -7.56
N SER D 567 19.23 -74.75 -7.52
CA SER D 567 18.42 -75.84 -7.01
C SER D 567 19.12 -76.39 -5.76
N TYR D 568 18.47 -76.24 -4.61
CA TYR D 568 19.09 -76.54 -3.33
C TYR D 568 18.12 -77.24 -2.41
N ARG D 569 18.67 -77.93 -1.41
CA ARG D 569 17.87 -78.60 -0.39
C ARG D 569 17.49 -77.61 0.72
N ARG D 570 16.51 -78.01 1.53
CA ARG D 570 15.97 -77.12 2.56
C ARG D 570 17.04 -76.72 3.57
N ASN D 571 17.82 -77.70 4.05
CA ASN D 571 18.78 -77.46 5.11
C ASN D 571 20.23 -77.59 4.63
N SER D 572 20.58 -78.72 4.01
CA SER D 572 21.97 -78.95 3.63
C SER D 572 22.44 -77.98 2.56
N GLY D 573 21.59 -77.67 1.57
CA GLY D 573 22.01 -76.85 0.46
C GLY D 573 21.87 -75.35 0.66
N SER D 574 21.30 -74.92 1.79
CA SER D 574 21.00 -73.50 1.98
C SER D 574 22.27 -72.67 2.02
N GLN D 575 23.24 -73.07 2.83
CA GLN D 575 24.47 -72.30 2.97
C GLN D 575 25.23 -72.23 1.64
N LEU D 576 25.36 -73.37 0.97
CA LEU D 576 26.10 -73.39 -0.29
C LEU D 576 25.38 -72.58 -1.35
N ALA D 577 24.05 -72.65 -1.41
CA ALA D 577 23.29 -71.86 -2.37
C ALA D 577 23.46 -70.37 -2.12
N SER D 578 23.40 -69.96 -0.84
CA SER D 578 23.58 -68.55 -0.52
C SER D 578 24.97 -68.07 -0.93
N LEU D 579 26.00 -68.85 -0.60
CA LEU D 579 27.36 -68.46 -0.97
C LEU D 579 27.53 -68.39 -2.48
N LEU D 580 26.98 -69.37 -3.20
CA LEU D 580 27.09 -69.36 -4.66
C LEU D 580 26.42 -68.14 -5.26
N LYS D 581 25.18 -67.84 -4.83
CA LYS D 581 24.47 -66.71 -5.41
C LYS D 581 25.16 -65.40 -5.09
N VAL D 582 25.63 -65.24 -3.84
CA VAL D 582 26.28 -63.99 -3.45
C VAL D 582 27.58 -63.81 -4.22
N HIS D 583 28.37 -64.89 -4.35
CA HIS D 583 29.62 -64.79 -5.10
C HIS D 583 29.36 -64.47 -6.56
N LEU D 584 28.35 -65.10 -7.16
CA LEU D 584 28.05 -64.82 -8.57
C LEU D 584 27.57 -63.39 -8.75
N GLN D 585 26.76 -62.87 -7.82
CA GLN D 585 26.33 -61.48 -7.89
C GLN D 585 27.50 -60.52 -7.73
N LEU D 586 28.46 -60.86 -6.87
CA LEU D 586 29.64 -60.02 -6.70
C LEU D 586 30.44 -59.91 -7.99
N HIS D 587 30.41 -60.95 -8.81
CA HIS D 587 31.15 -61.00 -10.06
C HIS D 587 30.33 -60.52 -11.25
N GLY D 588 29.11 -60.05 -11.03
CA GLY D 588 28.29 -59.52 -12.09
C GLY D 588 27.31 -60.49 -12.71
N PHE D 589 27.08 -61.65 -12.09
CA PHE D 589 26.15 -62.65 -12.61
C PHE D 589 24.84 -62.56 -11.85
N SER D 590 23.76 -62.27 -12.57
CA SER D 590 22.45 -62.17 -11.96
C SER D 590 21.88 -63.56 -11.70
N VAL D 591 21.59 -63.86 -10.43
CA VAL D 591 21.11 -65.17 -10.01
C VAL D 591 19.82 -64.99 -9.23
N PHE D 592 18.80 -65.77 -9.56
CA PHE D 592 17.52 -65.75 -8.88
C PHE D 592 17.37 -67.04 -8.08
N ILE D 593 17.36 -66.90 -6.75
CA ILE D 593 17.12 -68.02 -5.84
C ILE D 593 15.79 -67.79 -5.15
N ASP D 594 14.92 -68.80 -5.18
CA ASP D 594 13.56 -68.67 -4.66
C ASP D 594 13.57 -68.83 -3.14
N VAL D 595 13.21 -67.74 -2.44
CA VAL D 595 13.11 -67.71 -0.98
C VAL D 595 14.40 -68.19 -0.33
N GLU D 604 4.57 -74.19 -8.22
CA GLU D 604 4.77 -75.15 -9.30
C GLU D 604 4.63 -74.48 -10.67
N ASP D 605 3.53 -73.73 -10.84
CA ASP D 605 3.35 -72.98 -12.08
C ASP D 605 4.43 -71.92 -12.25
N LYS D 606 4.74 -71.21 -11.16
CA LYS D 606 5.83 -70.24 -11.19
C LYS D 606 7.19 -70.93 -11.30
N LEU D 607 7.26 -72.18 -10.85
CA LEU D 607 8.53 -72.91 -10.89
C LEU D 607 8.99 -73.15 -12.33
N ILE D 608 8.05 -73.52 -13.21
CA ILE D 608 8.41 -73.80 -14.61
C ILE D 608 8.93 -72.53 -15.29
N GLN D 609 8.23 -71.41 -15.08
CA GLN D 609 8.64 -70.16 -15.70
C GLN D 609 9.97 -69.67 -15.15
N SER D 610 10.22 -69.89 -13.87
CA SER D 610 11.49 -69.48 -13.27
C SER D 610 12.65 -70.24 -13.91
N VAL D 611 12.49 -71.53 -14.13
CA VAL D 611 13.55 -72.32 -14.76
C VAL D 611 13.68 -71.95 -16.22
N MET D 612 12.55 -71.71 -16.90
CA MET D 612 12.61 -71.34 -18.32
C MET D 612 13.33 -70.02 -18.53
N GLY D 613 13.09 -69.04 -17.64
CA GLY D 613 13.74 -67.75 -17.77
C GLY D 613 15.20 -67.76 -17.37
N ALA D 614 15.67 -68.83 -16.73
CA ALA D 614 17.06 -68.91 -16.32
C ALA D 614 17.97 -69.16 -17.53
N ARG D 615 18.96 -68.28 -17.71
CA ARG D 615 19.90 -68.45 -18.81
C ARG D 615 20.71 -69.73 -18.66
N ASN D 616 21.17 -70.00 -17.44
CA ASN D 616 21.90 -71.22 -17.12
C ASN D 616 21.31 -71.83 -15.86
N PHE D 617 21.34 -73.16 -15.79
CA PHE D 617 20.84 -73.89 -14.62
C PHE D 617 22.03 -74.54 -13.91
N VAL D 618 22.23 -74.18 -12.65
CA VAL D 618 23.30 -74.73 -11.82
C VAL D 618 22.63 -75.31 -10.57
N LEU D 619 22.49 -76.63 -10.54
CA LEU D 619 21.91 -77.30 -9.39
C LEU D 619 22.98 -77.54 -8.33
N VAL D 620 22.64 -77.28 -7.07
CA VAL D 620 23.57 -77.46 -5.96
C VAL D 620 23.51 -78.91 -5.52
N LEU D 621 24.59 -79.66 -5.79
CA LEU D 621 24.69 -81.05 -5.37
C LEU D 621 25.29 -81.07 -3.98
N SER D 622 24.47 -80.68 -3.01
CA SER D 622 24.84 -80.68 -1.61
C SER D 622 24.84 -82.10 -1.07
N PRO D 623 25.46 -82.34 0.09
CA PRO D 623 25.41 -83.68 0.69
C PRO D 623 23.99 -84.20 0.83
N GLY D 624 23.67 -85.26 0.09
CA GLY D 624 22.31 -85.79 0.06
C GLY D 624 21.30 -84.86 -0.57
N ALA D 625 21.70 -84.16 -1.64
CA ALA D 625 20.77 -83.24 -2.30
C ALA D 625 19.72 -84.00 -3.11
N LEU D 626 20.15 -85.05 -3.81
CA LEU D 626 19.25 -85.82 -4.66
C LEU D 626 18.65 -87.02 -3.95
N ASP D 627 18.82 -87.11 -2.62
CA ASP D 627 18.24 -88.22 -1.88
C ASP D 627 16.72 -88.20 -1.98
N LYS D 628 16.11 -87.02 -1.85
CA LYS D 628 14.66 -86.91 -2.05
C LYS D 628 14.30 -87.10 -3.51
N CYS D 629 15.12 -86.57 -4.42
CA CYS D 629 14.87 -86.74 -5.85
C CYS D 629 15.21 -88.13 -6.36
N MET D 630 15.84 -88.96 -5.53
CA MET D 630 16.12 -90.33 -5.93
C MET D 630 14.82 -91.11 -6.13
N GLN D 631 14.80 -91.95 -7.17
CA GLN D 631 13.64 -92.76 -7.55
C GLN D 631 12.34 -91.95 -7.53
N ASP D 632 12.42 -90.67 -7.86
CA ASP D 632 11.26 -89.77 -7.85
C ASP D 632 10.63 -89.75 -9.24
N HIS D 633 10.05 -90.90 -9.62
CA HIS D 633 9.38 -91.02 -10.91
C HIS D 633 8.02 -90.36 -10.92
N ASP D 634 7.44 -90.07 -9.75
CA ASP D 634 6.15 -89.41 -9.67
C ASP D 634 6.24 -87.90 -9.75
N CYS D 635 7.45 -87.35 -9.81
CA CYS D 635 7.67 -85.90 -9.89
C CYS D 635 7.01 -85.16 -8.73
N LYS D 636 7.08 -85.78 -7.53
CA LYS D 636 6.49 -85.15 -6.36
C LYS D 636 7.32 -83.97 -5.88
N ASP D 637 8.64 -84.11 -5.84
CA ASP D 637 9.49 -83.05 -5.34
C ASP D 637 9.51 -81.85 -6.28
N TRP D 638 9.48 -80.65 -5.70
CA TRP D 638 9.62 -79.44 -6.51
C TRP D 638 11.01 -79.33 -7.11
N VAL D 639 12.03 -79.79 -6.38
CA VAL D 639 13.39 -79.85 -6.94
C VAL D 639 13.42 -80.78 -8.16
N HIS D 640 12.68 -81.89 -8.08
CA HIS D 640 12.54 -82.77 -9.23
C HIS D 640 11.91 -82.03 -10.41
N LYS D 641 10.90 -81.21 -10.13
CA LYS D 641 10.28 -80.41 -11.18
C LYS D 641 11.28 -79.45 -11.81
N GLU D 642 12.11 -78.81 -10.97
CA GLU D 642 13.13 -77.90 -11.49
C GLU D 642 14.11 -78.64 -12.39
N ILE D 643 14.56 -79.82 -11.95
CA ILE D 643 15.52 -80.59 -12.75
C ILE D 643 14.90 -81.00 -14.08
N VAL D 644 13.66 -81.47 -14.05
CA VAL D 644 13.00 -81.90 -15.30
C VAL D 644 12.80 -80.71 -16.23
N THR D 645 12.40 -79.56 -15.69
CA THR D 645 12.21 -78.37 -16.53
C THR D 645 13.53 -77.92 -17.14
N ALA D 646 14.61 -77.94 -16.36
CA ALA D 646 15.92 -77.57 -16.89
C ALA D 646 16.35 -78.53 -18.00
N LEU D 647 16.11 -79.82 -17.80
CA LEU D 647 16.45 -80.79 -18.84
C LEU D 647 15.63 -80.56 -20.11
N SER D 648 14.34 -80.25 -19.95
CA SER D 648 13.52 -79.94 -21.12
C SER D 648 14.03 -78.70 -21.83
N CYS D 649 14.43 -77.68 -21.08
CA CYS D 649 14.97 -76.46 -21.68
C CYS D 649 16.39 -76.67 -22.20
N GLY D 650 17.15 -77.58 -21.59
CA GLY D 650 18.50 -77.84 -22.01
C GLY D 650 19.46 -76.68 -21.80
N LYS D 651 19.37 -76.00 -20.67
CA LYS D 651 20.26 -74.90 -20.37
C LYS D 651 21.64 -75.42 -19.97
N ASN D 652 22.60 -74.51 -19.90
CA ASN D 652 23.95 -74.87 -19.49
C ASN D 652 23.93 -75.36 -18.04
N ILE D 653 24.39 -76.59 -17.84
CA ILE D 653 24.34 -77.25 -16.53
C ILE D 653 25.75 -77.47 -16.04
N VAL D 654 26.10 -76.83 -14.93
CA VAL D 654 27.42 -76.99 -14.30
C VAL D 654 27.21 -77.35 -12.84
N PRO D 655 26.99 -78.62 -12.52
CA PRO D 655 26.76 -79.01 -11.12
C PRO D 655 28.01 -78.78 -10.27
N ILE D 656 27.79 -78.54 -8.99
CA ILE D 656 28.86 -78.33 -8.01
C ILE D 656 28.85 -79.50 -7.05
N ILE D 657 29.99 -80.16 -6.90
CA ILE D 657 30.10 -81.40 -6.14
C ILE D 657 30.50 -81.08 -4.70
N ASP D 658 29.75 -81.61 -3.75
CA ASP D 658 30.08 -81.46 -2.33
C ASP D 658 29.36 -82.54 -1.54
N GLY D 659 30.13 -83.45 -0.93
CA GLY D 659 29.59 -84.41 0.01
C GLY D 659 28.57 -85.37 -0.54
N PHE D 660 28.51 -85.54 -1.85
CA PHE D 660 27.56 -86.45 -2.46
C PHE D 660 28.09 -86.90 -3.81
N GLU D 661 27.63 -88.06 -4.25
CA GLU D 661 28.06 -88.68 -5.50
C GLU D 661 26.91 -88.70 -6.50
N TRP D 662 27.24 -89.08 -7.73
CA TRP D 662 26.23 -89.18 -8.78
C TRP D 662 25.34 -90.38 -8.53
N PRO D 663 24.02 -90.21 -8.46
CA PRO D 663 23.13 -91.36 -8.26
C PRO D 663 23.14 -92.28 -9.48
N GLU D 664 22.81 -93.54 -9.23
CA GLU D 664 22.80 -94.53 -10.29
C GLU D 664 21.69 -94.21 -11.29
N PRO D 665 21.98 -94.22 -12.59
CA PRO D 665 20.92 -93.88 -13.57
C PRO D 665 19.74 -94.83 -13.55
N GLN D 666 19.96 -96.12 -13.27
CA GLN D 666 18.88 -97.10 -13.38
C GLN D 666 17.75 -96.82 -12.40
N VAL D 667 18.09 -96.40 -11.17
CA VAL D 667 17.05 -96.05 -10.21
C VAL D 667 16.42 -94.70 -10.51
N LEU D 668 17.00 -93.91 -11.41
CA LEU D 668 16.52 -92.59 -11.73
C LEU D 668 15.73 -92.60 -13.04
N PRO D 669 14.80 -91.67 -13.22
CA PRO D 669 14.12 -91.54 -14.52
C PRO D 669 15.09 -91.11 -15.61
N GLU D 670 14.72 -91.43 -16.85
CA GLU D 670 15.61 -91.19 -17.99
C GLU D 670 15.96 -89.72 -18.15
N ASP D 671 15.04 -88.82 -17.79
CA ASP D 671 15.30 -87.39 -17.91
C ASP D 671 16.55 -87.00 -17.11
N MET D 672 16.59 -87.36 -15.83
CA MET D 672 17.77 -87.13 -15.01
C MET D 672 18.86 -88.18 -15.24
N GLN D 673 18.56 -89.26 -15.96
CA GLN D 673 19.64 -90.10 -16.47
C GLN D 673 20.50 -89.33 -17.45
N ALA D 674 19.88 -88.47 -18.26
CA ALA D 674 20.63 -87.68 -19.23
C ALA D 674 21.60 -86.71 -18.54
N VAL D 675 21.18 -86.09 -17.45
CA VAL D 675 21.98 -85.03 -16.84
C VAL D 675 23.18 -85.56 -16.08
N LEU D 676 23.17 -86.85 -15.71
CA LEU D 676 24.24 -87.39 -14.87
C LEU D 676 25.59 -87.40 -15.56
N THR D 677 25.63 -87.23 -16.88
CA THR D 677 26.89 -87.25 -17.61
C THR D 677 27.68 -85.95 -17.50
N PHE D 678 27.07 -84.87 -17.02
CA PHE D 678 27.75 -83.59 -16.93
C PHE D 678 28.81 -83.60 -15.83
N ASN D 679 29.90 -82.90 -16.10
CA ASN D 679 30.99 -82.79 -15.13
C ASN D 679 30.62 -81.86 -13.99
N GLY D 680 31.12 -82.18 -12.80
CA GLY D 680 30.87 -81.38 -11.61
C GLY D 680 32.15 -80.77 -11.08
N ILE D 681 31.99 -79.70 -10.31
CA ILE D 681 33.11 -78.96 -9.73
C ILE D 681 33.05 -79.11 -8.21
N LYS D 682 34.16 -79.55 -7.62
CA LYS D 682 34.22 -79.71 -6.18
C LYS D 682 34.21 -78.36 -5.48
N TRP D 683 33.46 -78.27 -4.38
CA TRP D 683 33.39 -77.06 -3.58
C TRP D 683 34.37 -77.16 -2.43
N SER D 684 35.20 -76.13 -2.27
CA SER D 684 36.22 -76.09 -1.22
C SER D 684 35.88 -74.98 -0.25
N HIS D 685 35.76 -75.32 1.03
CA HIS D 685 35.54 -74.30 2.06
C HIS D 685 36.79 -73.48 2.30
N GLU D 686 37.97 -74.09 2.18
CA GLU D 686 39.22 -73.35 2.32
C GLU D 686 39.37 -72.30 1.23
N TYR D 687 39.01 -72.65 0.00
CA TYR D 687 39.06 -71.73 -1.14
C TYR D 687 37.66 -71.66 -1.74
N GLN D 688 36.83 -70.77 -1.20
CA GLN D 688 35.49 -70.57 -1.74
C GLN D 688 35.53 -69.64 -2.94
N GLU D 689 36.24 -68.51 -2.82
CA GLU D 689 36.34 -67.56 -3.92
C GLU D 689 37.06 -68.17 -5.11
N ALA D 690 38.09 -68.99 -4.85
CA ALA D 690 38.78 -69.67 -5.93
C ALA D 690 37.87 -70.65 -6.65
N THR D 691 37.04 -71.38 -5.89
CA THR D 691 36.08 -72.29 -6.51
C THR D 691 35.07 -71.52 -7.37
N ILE D 692 34.60 -70.39 -6.87
CA ILE D 692 33.67 -69.56 -7.63
C ILE D 692 34.34 -69.04 -8.90
N GLU D 693 35.61 -68.66 -8.81
CA GLU D 693 36.35 -68.20 -9.98
C GLU D 693 36.47 -69.33 -11.01
N LYS D 694 36.74 -70.55 -10.55
CA LYS D 694 36.79 -71.69 -11.46
C LYS D 694 35.44 -71.92 -12.13
N ILE D 695 34.35 -71.82 -11.36
CA ILE D 695 33.02 -72.00 -11.92
C ILE D 695 32.74 -70.95 -12.99
N ILE D 696 33.10 -69.70 -12.71
CA ILE D 696 32.91 -68.62 -13.68
C ILE D 696 33.76 -68.87 -14.92
N ARG D 697 34.98 -69.36 -14.72
CA ARG D 697 35.85 -69.68 -15.86
C ARG D 697 35.23 -70.74 -16.74
N PHE D 698 34.62 -71.77 -16.14
CA PHE D 698 33.90 -72.76 -16.92
C PHE D 698 32.57 -72.24 -17.44
N LEU D 699 32.06 -71.14 -16.90
CA LEU D 699 30.82 -70.54 -17.36
C LEU D 699 31.10 -69.49 -18.42
N GLN D 700 30.01 -68.92 -18.95
CA GLN D 700 30.12 -67.88 -19.98
C GLN D 700 29.83 -66.50 -19.39
N VAL E 61 24.83 -57.52 49.04
CA VAL E 61 24.37 -57.66 47.66
C VAL E 61 25.57 -57.86 46.73
N GLN E 62 26.77 -57.57 47.23
CA GLN E 62 27.99 -57.70 46.43
C GLN E 62 29.06 -58.49 47.18
N ASP E 63 28.65 -59.43 48.04
CA ASP E 63 29.62 -60.30 48.70
C ASP E 63 30.34 -61.18 47.69
N ALA E 64 29.66 -61.50 46.58
CA ALA E 64 30.31 -62.24 45.50
C ALA E 64 31.49 -61.46 44.95
N LEU E 65 31.30 -60.16 44.68
CA LEU E 65 32.42 -59.32 44.29
C LEU E 65 33.45 -59.25 45.40
N GLU E 66 32.99 -59.21 46.66
CA GLU E 66 33.91 -59.07 47.79
C GLU E 66 34.90 -60.22 47.84
N ARG E 67 34.45 -61.46 47.64
CA ARG E 67 35.41 -62.55 47.65
C ARG E 67 35.91 -62.93 46.26
N ALA E 68 35.45 -62.25 45.21
CA ALA E 68 35.96 -62.55 43.87
C ALA E 68 37.06 -61.61 43.45
N LEU E 69 37.06 -60.37 43.94
CA LEU E 69 38.14 -59.44 43.62
C LEU E 69 39.51 -59.94 44.05
N PRO E 70 39.70 -60.46 45.27
CA PRO E 70 41.01 -61.07 45.56
C PRO E 70 41.35 -62.18 44.58
N GLU E 71 40.38 -63.01 44.20
CA GLU E 71 40.63 -64.07 43.24
C GLU E 71 41.12 -63.50 41.92
N LEU E 72 40.54 -62.37 41.49
CA LEU E 72 41.08 -61.65 40.34
C LEU E 72 42.53 -61.27 40.58
N GLN E 73 42.84 -60.80 41.80
CA GLN E 73 44.20 -60.36 42.07
C GLN E 73 45.20 -61.50 41.93
N GLN E 74 44.94 -62.66 42.56
CA GLN E 74 45.89 -63.75 42.40
C GLN E 74 45.91 -64.27 40.97
N ALA E 75 44.76 -64.29 40.29
CA ALA E 75 44.74 -64.77 38.91
C ALA E 75 45.62 -63.91 38.01
N LEU E 76 45.47 -62.58 38.10
CA LEU E 76 46.29 -61.70 37.26
C LEU E 76 47.75 -61.72 37.68
N SER E 77 48.02 -61.83 38.99
CA SER E 77 49.41 -61.91 39.43
C SER E 77 50.10 -63.17 38.89
N ALA E 78 49.41 -64.31 38.94
CA ALA E 78 49.97 -65.53 38.39
C ALA E 78 50.11 -65.44 36.87
N LEU E 79 49.14 -64.84 36.20
CA LEU E 79 49.19 -64.73 34.75
C LEU E 79 50.38 -63.86 34.32
N LYS E 80 50.59 -62.74 35.00
CA LYS E 80 51.72 -61.88 34.70
C LYS E 80 53.05 -62.56 35.04
N GLN E 81 53.11 -63.21 36.21
CA GLN E 81 54.35 -63.87 36.62
C GLN E 81 54.68 -65.06 35.72
N ALA E 82 53.66 -65.67 35.10
CA ALA E 82 53.89 -66.80 34.22
C ALA E 82 54.72 -66.38 33.01
N GLY E 83 55.76 -67.15 32.71
CA GLY E 83 56.61 -66.88 31.57
C GLY E 83 56.39 -67.88 30.45
N GLY E 84 56.05 -69.11 30.81
CA GLY E 84 55.77 -70.12 29.81
C GLY E 84 54.45 -69.86 29.11
N ALA E 85 54.36 -70.31 27.86
CA ALA E 85 53.15 -70.12 27.08
C ALA E 85 51.97 -70.86 27.70
N ARG E 86 52.19 -72.11 28.13
CA ARG E 86 51.12 -72.90 28.72
C ARG E 86 50.61 -72.31 30.02
N ALA E 87 51.51 -71.81 30.87
CA ALA E 87 51.07 -71.20 32.13
C ALA E 87 50.26 -69.94 31.88
N VAL E 88 50.70 -69.11 30.92
CA VAL E 88 49.94 -67.91 30.57
C VAL E 88 48.57 -68.28 30.03
N GLY E 89 48.51 -69.30 29.17
CA GLY E 89 47.24 -69.75 28.66
C GLY E 89 46.32 -70.26 29.75
N ALA E 90 46.87 -71.00 30.71
CA ALA E 90 46.07 -71.48 31.82
C ALA E 90 45.54 -70.34 32.67
N GLY E 91 46.36 -69.33 32.94
CA GLY E 91 45.89 -68.18 33.68
C GLY E 91 44.80 -67.42 32.94
N LEU E 92 44.96 -67.24 31.63
CA LEU E 92 43.94 -66.58 30.83
C LEU E 92 42.65 -67.38 30.84
N ALA E 93 42.75 -68.71 30.76
CA ALA E 93 41.57 -69.55 30.82
C ALA E 93 40.87 -69.42 32.17
N GLU E 94 41.65 -69.37 33.26
CA GLU E 94 41.05 -69.19 34.58
C GLU E 94 40.30 -67.86 34.67
N VAL E 95 40.91 -66.79 34.17
CA VAL E 95 40.25 -65.48 34.21
C VAL E 95 38.98 -65.50 33.36
N PHE E 96 39.05 -66.13 32.18
CA PHE E 96 37.88 -66.19 31.30
C PHE E 96 36.75 -67.00 31.93
N GLN E 97 37.09 -68.13 32.58
CA GLN E 97 36.06 -68.92 33.25
C GLN E 97 35.44 -68.14 34.40
N LEU E 98 36.25 -67.42 35.17
CA LEU E 98 35.71 -66.61 36.26
C LEU E 98 34.77 -65.53 35.71
N VAL E 99 35.16 -64.89 34.60
CA VAL E 99 34.31 -63.89 33.98
C VAL E 99 33.00 -64.50 33.52
N GLU E 100 33.06 -65.69 32.91
CA GLU E 100 31.85 -66.36 32.47
C GLU E 100 30.93 -66.70 33.64
N GLU E 101 31.51 -67.22 34.73
CA GLU E 101 30.70 -67.55 35.90
C GLU E 101 30.06 -66.30 36.49
N ALA E 102 30.79 -65.19 36.52
CA ALA E 102 30.21 -63.94 36.99
C ALA E 102 29.07 -63.48 36.07
N TRP E 103 29.25 -63.63 34.76
CA TRP E 103 28.20 -63.27 33.81
C TRP E 103 26.96 -64.13 34.00
N LEU E 104 27.13 -65.41 34.35
CA LEU E 104 25.99 -66.30 34.51
C LEU E 104 25.10 -65.91 35.69
N LEU E 105 25.59 -65.10 36.61
CA LEU E 105 24.81 -64.67 37.76
C LEU E 105 23.66 -63.76 37.34
N GLY E 109 25.92 -61.84 36.17
CA GLY E 109 25.89 -60.60 36.92
C GLY E 109 26.50 -59.44 36.17
N ARG E 110 25.65 -58.48 35.77
CA ARG E 110 26.13 -57.32 35.04
C ARG E 110 27.07 -56.48 35.90
N GLU E 111 26.66 -56.17 37.13
CA GLU E 111 27.51 -55.39 38.02
C GLU E 111 28.75 -56.16 38.43
N VAL E 112 28.64 -57.48 38.55
CA VAL E 112 29.80 -58.30 38.90
C VAL E 112 30.85 -58.22 37.80
N ALA E 113 30.42 -58.36 36.54
CA ALA E 113 31.33 -58.27 35.41
C ALA E 113 31.89 -56.85 35.27
N GLN E 114 31.07 -55.84 35.57
CA GLN E 114 31.56 -54.47 35.56
C GLN E 114 32.68 -54.28 36.58
N GLY E 115 32.49 -54.81 37.79
CA GLY E 115 33.55 -54.75 38.79
C GLY E 115 34.79 -55.53 38.38
N LEU E 116 34.59 -56.66 37.70
CA LEU E 116 35.72 -57.43 37.18
C LEU E 116 36.54 -56.60 36.21
N CYS E 117 35.87 -56.02 35.22
CA CYS E 117 36.57 -55.28 34.17
C CYS E 117 37.17 -53.99 34.70
N ASP E 118 36.55 -53.38 35.72
CA ASP E 118 37.15 -52.20 36.33
C ASP E 118 38.50 -52.53 36.95
N ALA E 119 38.57 -53.64 37.69
CA ALA E 119 39.85 -54.07 38.27
C ALA E 119 40.85 -54.43 37.18
N ILE E 120 40.39 -55.11 36.13
CA ILE E 120 41.30 -55.46 35.04
C ILE E 120 41.88 -54.22 34.40
N ARG E 121 41.05 -53.20 34.15
CA ARG E 121 41.54 -51.97 33.55
C ARG E 121 42.48 -51.22 34.49
N LEU E 122 42.14 -51.17 35.78
CA LEU E 122 43.00 -50.48 36.74
C LEU E 122 44.36 -51.13 36.85
N ASP E 123 44.42 -52.46 36.85
CA ASP E 123 45.68 -53.17 36.95
C ASP E 123 46.41 -53.27 35.61
N GLY E 124 45.89 -52.64 34.55
CA GLY E 124 46.53 -52.70 33.26
C GLY E 124 46.51 -54.06 32.60
N GLY E 125 45.50 -54.87 32.90
CA GLY E 125 45.44 -56.21 32.33
C GLY E 125 45.25 -56.19 30.82
N LEU E 126 44.51 -55.20 30.31
CA LEU E 126 44.26 -55.14 28.87
C LEU E 126 45.53 -54.83 28.08
N ASP E 127 46.44 -54.04 28.66
CA ASP E 127 47.75 -53.85 28.03
C ASP E 127 48.51 -55.17 27.92
N LEU E 128 48.46 -55.97 28.99
CA LEU E 128 49.10 -57.28 28.96
C LEU E 128 48.47 -58.18 27.91
N LEU E 129 47.14 -58.13 27.79
CA LEU E 129 46.48 -58.88 26.72
C LEU E 129 46.89 -58.38 25.34
N LEU E 130 47.07 -57.08 25.19
CA LEU E 130 47.54 -56.54 23.91
C LEU E 130 48.92 -57.06 23.55
N ARG E 131 49.84 -57.02 24.51
CA ARG E 131 51.19 -57.51 24.21
C ARG E 131 51.24 -59.04 24.08
N LEU E 132 50.25 -59.74 24.63
CA LEU E 132 50.12 -61.17 24.34
C LEU E 132 49.57 -61.41 22.95
N LEU E 133 48.66 -60.55 22.49
CA LEU E 133 48.26 -60.55 21.09
C LEU E 133 49.46 -60.30 20.19
N GLN E 134 50.39 -59.46 20.64
CA GLN E 134 51.63 -59.23 19.91
C GLN E 134 52.62 -60.38 20.04
N ALA E 135 52.40 -61.31 20.97
CA ALA E 135 53.33 -62.40 21.17
C ALA E 135 53.28 -63.38 20.00
N PRO E 136 54.43 -63.98 19.63
CA PRO E 136 54.43 -64.92 18.50
C PRO E 136 53.62 -66.17 18.74
N GLU E 137 53.45 -66.60 19.99
CA GLU E 137 52.74 -67.84 20.27
C GLU E 137 51.26 -67.71 19.91
N LEU E 138 50.75 -68.69 19.16
CA LEU E 138 49.37 -68.62 18.68
C LEU E 138 48.37 -68.91 19.79
N GLU E 139 48.65 -69.92 20.61
CA GLU E 139 47.68 -70.31 21.64
C GLU E 139 47.56 -69.24 22.72
N THR E 140 48.68 -68.63 23.11
CA THR E 140 48.59 -67.49 24.02
C THR E 140 47.68 -66.42 23.44
N ARG E 141 47.78 -66.19 22.12
CA ARG E 141 46.91 -65.24 21.46
C ARG E 141 45.45 -65.67 21.55
N VAL E 142 45.18 -66.97 21.40
CA VAL E 142 43.78 -67.40 21.40
C VAL E 142 43.17 -67.23 22.78
N GLN E 143 43.92 -67.56 23.85
CA GLN E 143 43.35 -67.34 25.18
C GLN E 143 43.22 -65.85 25.49
N ALA E 144 44.21 -65.05 25.08
CA ALA E 144 44.11 -63.61 25.30
C ALA E 144 42.90 -63.01 24.60
N ALA E 145 42.65 -63.44 23.36
CA ALA E 145 41.49 -62.94 22.63
C ALA E 145 40.19 -63.48 23.20
N ARG E 146 40.21 -64.70 23.74
CA ARG E 146 39.03 -65.22 24.43
C ARG E 146 38.67 -64.34 25.62
N LEU E 147 39.68 -63.92 26.39
CA LEU E 147 39.43 -62.96 27.46
C LEU E 147 38.97 -61.62 26.89
N LEU E 148 39.57 -61.19 25.78
CA LEU E 148 39.29 -59.88 25.22
C LEU E 148 37.83 -59.75 24.78
N GLU E 149 37.28 -60.80 24.17
CA GLU E 149 35.88 -60.75 23.75
C GLU E 149 34.94 -60.44 24.90
N GLN E 150 35.25 -60.94 26.10
CA GLN E 150 34.35 -60.82 27.24
C GLN E 150 34.74 -59.71 28.20
N ILE E 151 35.88 -59.06 28.01
CA ILE E 151 36.25 -57.91 28.84
C ILE E 151 36.09 -56.58 28.14
N LEU E 152 35.43 -56.55 26.98
CA LEU E 152 35.28 -55.30 26.22
C LEU E 152 34.00 -54.57 26.65
N VAL E 153 34.03 -54.09 27.89
CA VAL E 153 32.98 -53.22 28.42
C VAL E 153 33.24 -51.80 27.97
N ALA E 154 32.28 -50.90 28.21
CA ALA E 154 32.33 -49.55 27.67
C ALA E 154 33.63 -48.83 28.03
N GLU E 155 34.03 -48.88 29.30
CA GLU E 155 35.27 -48.24 29.71
C GLU E 155 36.48 -48.91 29.08
N ASN E 156 36.52 -50.25 29.12
CA ASN E 156 37.59 -50.97 28.44
C ASN E 156 37.52 -50.74 26.93
N ARG E 157 36.32 -50.55 26.39
CA ARG E 157 36.19 -50.22 24.97
C ARG E 157 36.83 -48.87 24.67
N ASP E 158 36.62 -47.88 25.55
CA ASP E 158 37.28 -46.60 25.39
C ASP E 158 38.80 -46.74 25.47
N ARG E 159 39.27 -47.56 26.40
CA ARG E 159 40.72 -47.76 26.54
C ARG E 159 41.31 -48.41 25.29
N VAL E 160 40.63 -49.41 24.74
CA VAL E 160 41.09 -50.05 23.52
C VAL E 160 41.04 -49.08 22.35
N ALA E 161 40.00 -48.23 22.30
CA ALA E 161 39.94 -47.22 21.25
C ALA E 161 41.11 -46.26 21.33
N ARG E 162 41.46 -45.82 22.55
CA ARG E 162 42.50 -44.80 22.68
C ARG E 162 43.90 -45.37 22.45
N ILE E 163 44.21 -46.56 23.00
CA ILE E 163 45.58 -47.05 22.89
C ILE E 163 45.66 -48.45 22.29
N GLY E 164 44.61 -49.25 22.47
CA GLY E 164 44.66 -50.63 22.04
C GLY E 164 44.41 -50.84 20.56
N LEU E 165 43.89 -49.84 19.86
CA LEU E 165 43.61 -49.97 18.44
C LEU E 165 44.91 -50.08 17.65
N GLY E 166 44.82 -50.71 16.48
CA GLY E 166 45.98 -50.96 15.65
C GLY E 166 46.50 -52.39 15.83
N VAL E 167 46.49 -52.86 17.08
CA VAL E 167 46.87 -54.24 17.35
C VAL E 167 45.82 -55.20 16.80
N ILE E 168 44.55 -54.82 16.89
CA ILE E 168 43.46 -55.68 16.39
C ILE E 168 43.55 -55.83 14.87
N LEU E 169 44.05 -54.81 14.17
CA LEU E 169 44.22 -54.91 12.73
C LEU E 169 45.20 -56.01 12.36
N ASN E 170 46.25 -56.19 13.17
CA ASN E 170 47.20 -57.27 12.94
C ASN E 170 46.51 -58.63 13.03
N LEU E 171 45.59 -58.78 14.00
CA LEU E 171 44.78 -59.99 14.06
C LEU E 171 43.89 -60.12 12.83
N ALA E 172 43.30 -59.01 12.39
CA ALA E 172 42.46 -59.03 11.20
C ALA E 172 43.25 -59.46 9.97
N LYS E 173 44.56 -59.22 9.97
CA LYS E 173 45.41 -59.74 8.90
C LYS E 173 45.39 -61.27 8.90
N GLU E 174 45.42 -61.89 10.08
CA GLU E 174 45.27 -63.33 10.19
C GLU E 174 43.85 -63.72 9.81
N ARG E 175 43.71 -64.78 9.01
CA ARG E 175 42.40 -65.14 8.46
C ARG E 175 42.11 -66.62 8.63
N GLU E 176 43.15 -67.44 8.72
CA GLU E 176 42.95 -68.89 8.61
C GLU E 176 42.33 -69.51 9.85
N PRO E 177 42.88 -69.35 11.06
CA PRO E 177 42.33 -70.08 12.22
C PRO E 177 40.88 -69.69 12.50
N VAL E 178 40.07 -70.70 12.85
CA VAL E 178 38.67 -70.45 13.19
C VAL E 178 38.56 -69.73 14.52
N GLU E 179 39.37 -70.14 15.51
CA GLU E 179 39.31 -69.52 16.82
C GLU E 179 39.69 -68.04 16.76
N LEU E 180 40.76 -67.72 16.03
CA LEU E 180 41.12 -66.33 15.84
C LEU E 180 40.02 -65.57 15.11
N ALA E 181 39.41 -66.20 14.10
CA ALA E 181 38.32 -65.55 13.38
C ALA E 181 37.20 -65.17 14.33
N ARG E 182 36.74 -66.13 15.16
CA ARG E 182 35.65 -65.86 16.08
C ARG E 182 36.04 -64.77 17.08
N SER E 183 37.24 -64.86 17.64
CA SER E 183 37.65 -63.92 18.68
C SER E 183 37.75 -62.50 18.13
N VAL E 184 38.42 -62.34 16.99
CA VAL E 184 38.57 -61.01 16.41
C VAL E 184 37.23 -60.50 15.90
N ALA E 185 36.33 -61.38 15.46
CA ALA E 185 35.00 -60.94 15.08
C ALA E 185 34.26 -60.35 16.27
N GLY E 186 34.32 -61.02 17.43
CA GLY E 186 33.71 -60.46 18.63
C GLY E 186 34.34 -59.14 19.05
N ILE E 187 35.67 -59.08 19.00
CA ILE E 187 36.36 -57.85 19.39
C ILE E 187 35.98 -56.71 18.45
N LEU E 188 35.91 -56.98 17.14
CA LEU E 188 35.51 -55.96 16.19
C LEU E 188 34.06 -55.54 16.39
N GLU E 189 33.20 -56.48 16.77
CA GLU E 189 31.82 -56.13 17.11
C GLU E 189 31.79 -55.13 18.25
N HIS E 190 32.48 -55.43 19.35
CA HIS E 190 32.48 -54.52 20.49
C HIS E 190 33.09 -53.17 20.11
N MET E 191 34.17 -53.18 19.34
CA MET E 191 34.81 -51.93 18.92
C MET E 191 33.89 -51.10 18.03
N PHE E 192 33.12 -51.76 17.16
CA PHE E 192 32.15 -51.06 16.34
C PHE E 192 31.01 -50.50 17.18
N LYS E 193 30.74 -51.11 18.33
CA LYS E 193 29.74 -50.55 19.24
C LYS E 193 30.25 -49.35 20.02
N HIS E 194 31.52 -48.97 19.84
CA HIS E 194 32.11 -47.93 20.68
C HIS E 194 31.71 -46.52 20.24
N SER E 195 32.10 -46.11 19.04
CA SER E 195 31.88 -44.74 18.60
C SER E 195 32.08 -44.65 17.09
N GLU E 196 31.69 -43.51 16.54
CA GLU E 196 31.74 -43.31 15.10
C GLU E 196 33.18 -43.24 14.59
N GLU E 197 34.06 -42.57 15.33
CA GLU E 197 35.45 -42.42 14.88
C GLU E 197 36.15 -43.77 14.78
N THR E 198 35.93 -44.64 15.78
CA THR E 198 36.53 -45.97 15.74
C THR E 198 35.97 -46.78 14.58
N CYS E 199 34.66 -46.66 14.32
CA CYS E 199 34.07 -47.34 13.17
C CYS E 199 34.70 -46.87 11.87
N GLN E 200 34.88 -45.56 11.71
CA GLN E 200 35.51 -45.05 10.50
C GLN E 200 36.94 -45.53 10.36
N ARG E 201 37.69 -45.55 11.47
CA ARG E 201 39.07 -46.03 11.41
C ARG E 201 39.13 -47.50 11.04
N LEU E 202 38.25 -48.31 11.62
CA LEU E 202 38.23 -49.74 11.31
C LEU E 202 37.82 -49.98 9.85
N VAL E 203 36.86 -49.21 9.34
CA VAL E 203 36.46 -49.32 7.95
C VAL E 203 37.63 -48.95 7.04
N ALA E 204 38.37 -47.89 7.38
CA ALA E 204 39.55 -47.53 6.62
C ALA E 204 40.59 -48.65 6.66
N ALA E 205 40.66 -49.39 7.75
CA ALA E 205 41.54 -50.54 7.86
C ALA E 205 40.85 -51.76 7.24
N GLY E 206 41.42 -52.94 7.48
CA GLY E 206 40.88 -54.18 6.96
C GLY E 206 39.86 -54.87 7.83
N GLY E 207 39.31 -54.19 8.83
CA GLY E 207 38.34 -54.83 9.70
C GLY E 207 37.08 -55.25 8.97
N LEU E 208 36.55 -54.39 8.11
CA LEU E 208 35.36 -54.73 7.34
C LEU E 208 35.64 -55.88 6.38
N ASP E 209 36.81 -55.87 5.74
CA ASP E 209 37.19 -56.97 4.85
C ASP E 209 37.30 -58.27 5.63
N ALA E 210 37.86 -58.21 6.85
CA ALA E 210 37.94 -59.39 7.68
C ALA E 210 36.56 -59.90 8.05
N VAL E 211 35.63 -58.98 8.35
CA VAL E 211 34.26 -59.39 8.66
C VAL E 211 33.62 -60.07 7.46
N LEU E 212 33.83 -59.53 6.26
CA LEU E 212 33.29 -60.14 5.05
C LEU E 212 33.87 -61.53 4.82
N TYR E 213 35.20 -61.67 5.01
CA TYR E 213 35.83 -62.98 4.82
C TYR E 213 35.31 -63.99 5.82
N TRP E 214 35.12 -63.58 7.08
CA TRP E 214 34.56 -64.49 8.07
C TRP E 214 33.09 -64.79 7.79
N CYS E 215 32.39 -63.87 7.13
CA CYS E 215 31.04 -64.17 6.66
C CYS E 215 31.07 -65.22 5.55
N ARG E 216 32.14 -65.23 4.75
CA ARG E 216 32.32 -66.29 3.76
C ARG E 216 32.45 -67.66 4.44
N ARG E 217 32.91 -67.68 5.69
CA ARG E 217 33.11 -68.93 6.40
C ARG E 217 31.78 -69.55 6.83
N THR E 218 31.89 -70.61 7.63
CA THR E 218 30.74 -71.46 7.94
C THR E 218 30.46 -71.58 9.44
N ASP E 219 31.41 -71.25 10.30
CA ASP E 219 31.26 -71.48 11.73
C ASP E 219 30.04 -70.73 12.27
N PRO E 220 29.19 -71.37 13.08
CA PRO E 220 27.98 -70.68 13.56
C PRO E 220 28.30 -69.48 14.45
N ALA E 221 29.13 -69.67 15.48
CA ALA E 221 29.43 -68.57 16.38
C ALA E 221 30.14 -67.43 15.66
N LEU E 222 31.05 -67.77 14.74
CA LEU E 222 31.74 -66.73 13.97
C LEU E 222 30.75 -65.92 13.14
N LEU E 223 29.79 -66.60 12.50
CA LEU E 223 28.78 -65.90 11.72
C LEU E 223 27.91 -65.02 12.61
N ARG E 224 27.55 -65.51 13.80
CA ARG E 224 26.75 -64.72 14.72
C ARG E 224 27.48 -63.44 15.13
N HIS E 225 28.76 -63.57 15.51
CA HIS E 225 29.52 -62.39 15.89
C HIS E 225 29.70 -61.43 14.71
N CYS E 226 29.89 -61.96 13.50
CA CYS E 226 30.02 -61.09 12.33
C CYS E 226 28.73 -60.34 12.05
N ALA E 227 27.58 -61.03 12.16
CA ALA E 227 26.31 -60.36 11.94
C ALA E 227 26.08 -59.27 12.98
N LEU E 228 26.38 -59.56 14.24
CA LEU E 228 26.19 -58.55 15.27
C LEU E 228 27.19 -57.40 15.10
N ALA E 229 28.39 -57.69 14.62
CA ALA E 229 29.36 -56.63 14.33
C ALA E 229 28.86 -55.71 13.23
N LEU E 230 28.33 -56.30 12.14
CA LEU E 230 27.80 -55.48 11.05
C LEU E 230 26.62 -54.65 11.52
N GLY E 231 25.74 -55.23 12.33
CA GLY E 231 24.63 -54.47 12.88
C GLY E 231 25.09 -53.30 13.74
N ASN E 232 26.05 -53.56 14.63
CA ASN E 232 26.56 -52.52 15.52
C ASN E 232 27.24 -51.41 14.73
N CYS E 233 28.04 -51.76 13.72
CA CYS E 233 28.73 -50.74 12.95
C CYS E 233 27.76 -49.94 12.09
N ALA E 234 26.72 -50.60 11.56
CA ALA E 234 25.70 -49.86 10.83
C ALA E 234 24.96 -48.89 11.75
N LEU E 235 24.69 -49.32 12.99
CA LEU E 235 23.96 -48.46 13.92
C LEU E 235 24.81 -47.27 14.37
N HIS E 236 26.10 -47.50 14.63
CA HIS E 236 26.95 -46.50 15.24
C HIS E 236 27.98 -45.90 14.29
N GLY E 237 27.81 -46.07 12.98
CA GLY E 237 28.81 -45.60 12.03
C GLY E 237 28.59 -44.21 11.50
N GLY E 238 27.42 -43.94 10.96
CA GLY E 238 27.11 -42.69 10.29
C GLY E 238 26.97 -42.87 8.80
N GLN E 239 26.81 -41.74 8.11
CA GLN E 239 26.60 -41.76 6.67
C GLN E 239 27.80 -42.34 5.93
N ALA E 240 29.00 -41.87 6.28
CA ALA E 240 30.20 -42.30 5.56
C ALA E 240 30.46 -43.79 5.76
N VAL E 241 30.27 -44.28 6.99
CA VAL E 241 30.51 -45.69 7.27
C VAL E 241 29.57 -46.57 6.46
N GLN E 242 28.29 -46.21 6.42
CA GLN E 242 27.31 -46.98 5.66
C GLN E 242 27.61 -46.92 4.16
N ARG E 243 28.01 -45.74 3.66
CA ARG E 243 28.38 -45.63 2.25
C ARG E 243 29.56 -46.53 1.92
N ARG E 244 30.59 -46.54 2.78
CA ARG E 244 31.73 -47.40 2.54
C ARG E 244 31.37 -48.87 2.64
N MET E 245 30.44 -49.21 3.55
CA MET E 245 29.98 -50.59 3.64
C MET E 245 29.31 -51.04 2.36
N VAL E 246 28.40 -50.22 1.82
CA VAL E 246 27.71 -50.61 0.60
C VAL E 246 28.67 -50.64 -0.57
N GLU E 247 29.63 -49.71 -0.61
CA GLU E 247 30.66 -49.76 -1.65
C GLU E 247 31.45 -51.06 -1.60
N LYS E 248 31.55 -51.67 -0.42
CA LYS E 248 32.18 -52.97 -0.26
C LYS E 248 31.17 -54.11 -0.32
N ARG E 249 29.93 -53.84 -0.72
CA ARG E 249 28.88 -54.83 -0.88
C ARG E 249 28.58 -55.53 0.45
N ALA E 250 28.16 -54.72 1.43
CA ALA E 250 27.84 -55.25 2.74
C ALA E 250 26.56 -56.08 2.74
N ALA E 251 25.53 -55.63 2.01
CA ALA E 251 24.25 -56.35 2.01
C ALA E 251 24.38 -57.71 1.33
N GLU E 252 25.18 -57.79 0.27
CA GLU E 252 25.35 -59.07 -0.42
C GLU E 252 25.97 -60.11 0.50
N TRP E 253 26.99 -59.71 1.28
CA TRP E 253 27.58 -60.63 2.24
C TRP E 253 26.71 -60.82 3.47
N LEU E 254 25.77 -59.91 3.73
CA LEU E 254 24.80 -60.13 4.80
C LEU E 254 23.75 -61.16 4.40
N PHE E 255 23.49 -61.28 3.10
CA PHE E 255 22.47 -62.21 2.63
C PHE E 255 22.65 -63.65 3.10
N PRO E 256 23.84 -64.28 2.95
CA PRO E 256 23.95 -65.68 3.40
C PRO E 256 23.69 -65.86 4.89
N LEU E 257 24.04 -64.88 5.70
CA LEU E 257 23.82 -64.98 7.14
C LEU E 257 22.33 -65.02 7.47
N ALA E 258 21.52 -64.23 6.74
CA ALA E 258 20.08 -64.28 6.93
C ALA E 258 19.47 -65.53 6.30
N PHE E 259 20.07 -66.02 5.22
CA PHE E 259 19.49 -67.15 4.50
C PHE E 259 19.74 -68.48 5.21
N SER E 260 20.76 -68.54 6.07
CA SER E 260 21.14 -69.79 6.70
C SER E 260 20.05 -70.25 7.68
N LYS E 261 19.46 -71.41 7.40
CA LYS E 261 18.39 -71.94 8.23
C LYS E 261 18.89 -72.61 9.50
N GLU E 262 20.20 -72.75 9.68
CA GLU E 262 20.74 -73.48 10.82
C GLU E 262 20.39 -72.79 12.14
N ASP E 263 20.60 -71.47 12.21
CA ASP E 263 20.39 -70.71 13.43
C ASP E 263 19.44 -69.56 13.17
N GLU E 264 18.45 -69.38 14.05
CA GLU E 264 17.50 -68.29 13.89
C GLU E 264 18.10 -66.95 14.30
N LEU E 265 18.94 -66.94 15.33
CA LEU E 265 19.52 -65.69 15.80
C LEU E 265 20.43 -65.06 14.76
N LEU E 266 21.16 -65.89 13.98
CA LEU E 266 22.01 -65.36 12.93
C LEU E 266 21.19 -64.62 11.88
N ARG E 267 20.08 -65.23 11.44
CA ARG E 267 19.21 -64.57 10.48
C ARG E 267 18.59 -63.31 11.08
N LEU E 268 18.23 -63.36 12.35
CA LEU E 268 17.62 -62.20 13.00
C LEU E 268 18.60 -61.03 13.04
N HIS E 269 19.85 -61.29 13.40
CA HIS E 269 20.86 -60.23 13.43
C HIS E 269 21.17 -59.72 12.02
N ALA E 270 21.26 -60.62 11.04
CA ALA E 270 21.51 -60.19 9.68
C ALA E 270 20.38 -59.31 9.16
N CYS E 271 19.13 -59.68 9.46
CA CYS E 271 18.00 -58.87 9.05
C CYS E 271 17.98 -57.53 9.78
N LEU E 272 18.39 -57.50 11.05
CA LEU E 272 18.52 -56.21 11.74
C LEU E 272 19.54 -55.32 11.04
N ALA E 273 20.68 -55.89 10.66
CA ALA E 273 21.70 -55.11 9.97
C ALA E 273 21.19 -54.60 8.63
N VAL E 274 20.47 -55.46 7.89
CA VAL E 274 19.93 -55.05 6.60
C VAL E 274 18.90 -53.94 6.77
N ALA E 275 18.05 -54.05 7.79
CA ALA E 275 17.07 -53.01 8.04
C ALA E 275 17.72 -51.70 8.43
N VAL E 276 18.77 -51.75 9.25
CA VAL E 276 19.48 -50.53 9.63
C VAL E 276 20.13 -49.88 8.40
N LEU E 277 20.69 -50.70 7.51
CA LEU E 277 21.21 -50.16 6.25
C LEU E 277 20.10 -49.55 5.42
N ALA E 278 18.92 -50.17 5.42
CA ALA E 278 17.81 -49.67 4.62
C ALA E 278 17.25 -48.37 5.17
N THR E 279 17.37 -48.14 6.49
CA THR E 279 16.94 -46.86 7.05
C THR E 279 17.70 -45.71 6.43
N ASN E 280 18.96 -45.92 6.07
CA ASN E 280 19.70 -44.98 5.24
C ASN E 280 19.12 -45.04 3.84
N LYS E 281 18.24 -44.10 3.51
CA LYS E 281 17.46 -44.20 2.29
C LYS E 281 18.16 -43.60 1.07
N GLU E 282 19.38 -43.07 1.22
CA GLU E 282 20.12 -42.63 0.06
C GLU E 282 20.81 -43.79 -0.66
N VAL E 283 20.78 -44.99 -0.08
CA VAL E 283 21.40 -46.16 -0.68
C VAL E 283 20.42 -47.33 -0.74
N GLU E 284 19.13 -47.06 -0.49
CA GLU E 284 18.12 -48.10 -0.59
C GLU E 284 18.08 -48.73 -1.98
N ARG E 285 18.45 -47.98 -3.00
CA ARG E 285 18.47 -48.54 -4.36
C ARG E 285 19.45 -49.70 -4.45
N GLU E 286 20.69 -49.49 -4.00
CA GLU E 286 21.67 -50.57 -4.03
C GLU E 286 21.34 -51.67 -3.03
N VAL E 287 20.74 -51.31 -1.89
CA VAL E 287 20.34 -52.33 -0.92
C VAL E 287 19.30 -53.27 -1.55
N GLU E 288 18.34 -52.71 -2.28
CA GLU E 288 17.38 -53.53 -3.02
C GLU E 288 18.05 -54.32 -4.13
N ARG E 289 19.02 -53.70 -4.83
CA ARG E 289 19.77 -54.43 -5.85
C ARG E 289 20.43 -55.67 -5.26
N SER E 290 20.87 -55.58 -3.99
CA SER E 290 21.39 -56.77 -3.32
C SER E 290 20.31 -57.84 -3.17
N GLY E 291 19.08 -57.43 -2.86
CA GLY E 291 17.98 -58.36 -2.74
C GLY E 291 17.83 -59.03 -1.40
N THR E 292 18.66 -58.68 -0.41
CA THR E 292 18.57 -59.31 0.90
C THR E 292 17.38 -58.79 1.71
N LEU E 293 16.78 -57.68 1.30
CA LEU E 293 15.62 -57.15 2.03
C LEU E 293 14.40 -58.05 1.92
N ALA E 294 14.35 -58.90 0.90
CA ALA E 294 13.15 -59.71 0.66
C ALA E 294 12.88 -60.67 1.81
N LEU E 295 13.93 -61.31 2.33
CA LEU E 295 13.77 -62.33 3.35
C LEU E 295 13.39 -61.77 4.72
N VAL E 296 13.42 -60.45 4.89
CA VAL E 296 13.19 -59.87 6.22
C VAL E 296 11.76 -60.16 6.69
N GLU E 297 10.77 -59.88 5.84
CA GLU E 297 9.37 -60.06 6.25
C GLU E 297 9.02 -61.51 6.53
N PRO E 298 9.32 -62.48 5.65
CA PRO E 298 8.99 -63.88 5.98
C PRO E 298 9.67 -64.38 7.24
N LEU E 299 10.92 -64.00 7.48
CA LEU E 299 11.60 -64.43 8.69
C LEU E 299 10.95 -63.83 9.93
N VAL E 300 10.58 -62.55 9.87
CA VAL E 300 9.90 -61.92 11.00
C VAL E 300 8.57 -62.61 11.26
N ALA E 301 7.83 -62.93 10.20
CA ALA E 301 6.56 -63.63 10.36
C ALA E 301 6.76 -65.00 10.98
N SER E 302 7.79 -65.73 10.55
CA SER E 302 8.00 -67.09 11.05
C SER E 302 8.46 -67.08 12.51
N LEU E 303 9.40 -66.22 12.85
CA LEU E 303 9.96 -66.21 14.20
C LEU E 303 8.96 -65.70 15.22
N ASP E 304 9.16 -66.11 16.47
CA ASP E 304 8.30 -65.73 17.59
C ASP E 304 9.08 -64.88 18.57
N PRO E 305 8.55 -63.73 18.99
CA PRO E 305 9.29 -62.88 19.94
C PRO E 305 9.58 -63.56 21.27
N GLY E 306 8.67 -64.42 21.75
CA GLY E 306 8.81 -64.98 23.08
C GLY E 306 10.04 -65.85 23.25
N ARG E 307 10.34 -66.68 22.25
CA ARG E 307 11.46 -67.61 22.37
C ARG E 307 12.78 -66.86 22.53
N PHE E 308 13.03 -65.87 21.67
CA PHE E 308 14.27 -65.12 21.74
C PHE E 308 14.28 -64.15 22.91
N ALA E 309 13.11 -63.67 23.34
CA ALA E 309 13.04 -62.84 24.54
C ALA E 309 13.44 -63.65 25.77
N ARG E 310 12.99 -64.90 25.86
CA ARG E 310 13.35 -65.76 26.98
C ARG E 310 14.82 -66.17 26.90
N GLY E 323 20.11 -52.25 25.97
CA GLY E 323 20.35 -51.00 26.68
C GLY E 323 19.46 -49.87 26.21
N PRO E 324 19.31 -48.84 27.05
CA PRO E 324 18.49 -47.69 26.65
C PRO E 324 18.93 -47.06 25.34
N ASP E 325 20.24 -46.98 25.13
CA ASP E 325 20.75 -46.44 23.86
C ASP E 325 20.37 -47.34 22.69
N ASP E 326 20.37 -48.66 22.90
CA ASP E 326 19.95 -49.57 21.85
C ASP E 326 18.50 -49.34 21.47
N LEU E 327 17.63 -49.12 22.46
CA LEU E 327 16.23 -48.81 22.15
C LEU E 327 16.11 -47.46 21.44
N GLN E 328 16.90 -46.47 21.86
CA GLN E 328 16.86 -45.17 21.20
C GLN E 328 17.35 -45.26 19.75
N ARG E 329 18.19 -46.24 19.45
CA ARG E 329 18.63 -46.44 18.06
C ARG E 329 17.64 -47.30 17.29
N LEU E 330 16.90 -48.18 17.98
CA LEU E 330 15.88 -48.99 17.32
C LEU E 330 14.64 -48.18 16.98
N VAL E 331 14.36 -47.12 17.74
CA VAL E 331 13.18 -46.30 17.47
C VAL E 331 13.16 -45.75 16.05
N PRO E 332 14.27 -45.25 15.48
CA PRO E 332 14.23 -44.83 14.07
C PRO E 332 13.77 -45.93 13.12
N LEU E 333 14.08 -47.19 13.42
CA LEU E 333 13.57 -48.29 12.59
C LEU E 333 12.05 -48.34 12.64
N LEU E 334 11.46 -48.06 13.81
CA LEU E 334 10.01 -47.97 13.91
C LEU E 334 9.47 -46.83 13.05
N ASP E 335 10.14 -45.68 13.08
CA ASP E 335 9.72 -44.52 12.30
C ASP E 335 10.42 -44.46 10.94
N SER E 336 10.93 -45.58 10.44
CA SER E 336 11.68 -45.58 9.19
C SER E 336 10.80 -45.49 7.96
N ASN E 337 9.51 -45.78 8.09
CA ASN E 337 8.55 -45.83 6.99
C ASN E 337 8.93 -46.86 5.93
N ARG E 338 9.84 -47.78 6.24
CA ARG E 338 10.18 -48.88 5.36
C ARG E 338 9.70 -50.18 5.99
N LEU E 339 8.94 -50.97 5.24
CA LEU E 339 8.21 -52.09 5.82
C LEU E 339 9.13 -53.07 6.53
N GLU E 340 10.25 -53.43 5.89
CA GLU E 340 11.18 -54.35 6.52
C GLU E 340 11.78 -53.74 7.79
N ALA E 341 12.19 -52.48 7.71
CA ALA E 341 12.76 -51.82 8.88
C ALA E 341 11.74 -51.68 9.99
N GLN E 342 10.50 -51.33 9.64
CA GLN E 342 9.44 -51.22 10.65
C GLN E 342 9.18 -52.57 11.31
N CYS E 343 9.15 -53.65 10.52
CA CYS E 343 8.93 -54.97 11.10
C CYS E 343 10.07 -55.37 12.03
N ILE E 344 11.31 -55.12 11.62
CA ILE E 344 12.46 -55.46 12.47
C ILE E 344 12.41 -54.66 13.76
N GLY E 345 12.13 -53.36 13.67
CA GLY E 345 12.03 -52.55 14.87
C GLY E 345 10.90 -52.98 15.78
N ALA E 346 9.75 -53.35 15.20
CA ALA E 346 8.64 -53.83 16.01
C ALA E 346 8.99 -55.13 16.72
N PHE E 347 9.65 -56.05 16.03
CA PHE E 347 10.05 -57.31 16.65
C PHE E 347 11.02 -57.06 17.80
N TYR E 348 12.04 -56.25 17.56
CA TYR E 348 13.02 -55.96 18.61
C TYR E 348 12.37 -55.26 19.80
N LEU E 349 11.50 -54.29 19.54
CA LEU E 349 10.86 -53.56 20.63
C LEU E 349 9.89 -54.45 21.40
N CYS E 350 9.20 -55.36 20.71
CA CYS E 350 8.33 -56.29 21.42
C CYS E 350 9.14 -57.21 22.32
N ALA E 351 10.26 -57.74 21.83
CA ALA E 351 11.11 -58.58 22.66
C ALA E 351 11.64 -57.81 23.86
N GLU E 352 12.11 -56.58 23.64
CA GLU E 352 12.63 -55.78 24.74
C GLU E 352 11.55 -55.41 25.73
N ALA E 353 10.33 -55.13 25.25
CA ALA E 353 9.22 -54.82 26.14
C ALA E 353 8.85 -56.03 26.99
N ALA E 354 8.85 -57.23 26.40
CA ALA E 354 8.62 -58.43 27.18
C ALA E 354 9.68 -58.60 28.24
N ILE E 355 10.95 -58.40 27.88
CA ILE E 355 12.04 -58.54 28.85
C ILE E 355 11.90 -57.53 29.98
N LYS E 356 11.58 -56.28 29.64
CA LYS E 356 11.45 -55.25 30.66
C LYS E 356 10.25 -55.51 31.57
N SER E 357 9.11 -55.92 30.98
CA SER E 357 7.93 -56.22 31.78
C SER E 357 8.12 -57.46 32.63
N LEU E 358 9.05 -58.35 32.26
CA LEU E 358 9.42 -59.44 33.17
C LEU E 358 9.97 -58.87 34.47
N GLN E 359 10.66 -57.74 34.41
CA GLN E 359 11.08 -57.00 35.59
C GLN E 359 10.06 -55.89 35.87
N GLY E 360 10.40 -55.00 36.79
CA GLY E 360 9.52 -53.91 37.15
C GLY E 360 9.78 -52.62 36.40
N LYS E 361 10.93 -52.54 35.72
CA LYS E 361 11.32 -51.32 35.01
C LYS E 361 10.73 -51.34 33.61
N THR E 362 9.74 -50.48 33.37
CA THR E 362 9.10 -50.38 32.05
C THR E 362 8.96 -48.92 31.58
N LYS E 363 9.55 -47.97 32.30
CA LYS E 363 9.43 -46.56 31.96
C LYS E 363 10.40 -46.11 30.88
N VAL E 364 11.32 -46.98 30.44
CA VAL E 364 12.30 -46.60 29.43
C VAL E 364 11.61 -46.25 28.12
N PHE E 365 10.65 -47.07 27.70
CA PHE E 365 9.93 -46.82 26.44
C PHE E 365 9.15 -45.52 26.52
N SER E 366 8.50 -45.25 27.65
CA SER E 366 7.78 -43.98 27.81
C SER E 366 8.74 -42.80 27.77
N ASP E 367 9.92 -42.93 28.40
CA ASP E 367 10.88 -41.84 28.37
C ASP E 367 11.39 -41.58 26.96
N ILE E 368 11.69 -42.63 26.20
CA ILE E 368 12.13 -42.45 24.82
C ILE E 368 10.99 -41.94 23.95
N GLY E 369 9.77 -42.41 24.20
CA GLY E 369 8.64 -42.03 23.36
C GLY E 369 8.26 -43.06 22.33
N ALA E 370 8.73 -44.30 22.46
CA ALA E 370 8.38 -45.34 21.50
C ALA E 370 6.92 -45.75 21.59
N ILE E 371 6.23 -45.41 22.67
CA ILE E 371 4.81 -45.75 22.79
C ILE E 371 4.00 -45.00 21.73
N GLN E 372 4.31 -43.71 21.54
CA GLN E 372 3.63 -42.94 20.51
C GLN E 372 3.91 -43.51 19.11
N SER E 373 5.16 -43.92 18.88
CA SER E 373 5.52 -44.52 17.60
C SER E 373 4.75 -45.81 17.38
N LEU E 374 4.61 -46.63 18.42
CA LEU E 374 3.85 -47.88 18.30
C LEU E 374 2.37 -47.59 18.02
N LYS E 375 1.79 -46.59 18.69
CA LYS E 375 0.40 -46.25 18.45
C LYS E 375 0.20 -45.78 17.01
N ARG E 376 1.10 -44.93 16.52
CA ARG E 376 1.02 -44.47 15.14
C ARG E 376 1.18 -45.63 14.17
N LEU E 377 2.07 -46.57 14.51
CA LEU E 377 2.26 -47.76 13.67
C LEU E 377 0.99 -48.59 13.60
N VAL E 378 0.31 -48.77 14.74
CA VAL E 378 -0.92 -49.56 14.77
C VAL E 378 -2.02 -48.88 13.97
N CYS E 379 -2.18 -47.56 14.15
CA CYS E 379 -3.27 -46.86 13.46
C CYS E 379 -3.12 -46.92 11.95
N TYR E 380 -1.91 -46.70 11.44
CA TYR E 380 -1.65 -46.66 10.01
C TYR E 380 -1.03 -47.96 9.50
N SER E 381 -1.24 -49.06 10.21
CA SER E 381 -0.64 -50.34 9.82
C SER E 381 -1.26 -50.84 8.52
N THR E 382 -0.40 -51.35 7.63
CA THR E 382 -0.85 -51.97 6.41
C THR E 382 -0.44 -53.44 6.29
N ASN E 383 0.48 -53.90 7.14
CA ASN E 383 0.95 -55.27 7.13
C ASN E 383 0.44 -56.01 8.36
N GLY E 384 -0.02 -57.24 8.16
CA GLY E 384 -0.54 -58.01 9.27
C GLY E 384 0.50 -58.34 10.32
N THR E 385 1.70 -58.74 9.88
CA THR E 385 2.75 -59.10 10.81
C THR E 385 3.20 -57.91 11.65
N LYS E 386 3.42 -56.76 10.99
CA LYS E 386 3.85 -55.56 11.71
C LYS E 386 2.78 -55.10 12.69
N SER E 387 1.51 -55.12 12.25
CA SER E 387 0.43 -54.72 13.15
C SER E 387 0.32 -55.66 14.34
N ALA E 388 0.46 -56.97 14.10
CA ALA E 388 0.39 -57.92 15.21
C ALA E 388 1.53 -57.71 16.19
N LEU E 389 2.74 -57.50 15.69
CA LEU E 389 3.88 -57.26 16.57
C LEU E 389 3.69 -55.98 17.38
N ALA E 390 3.23 -54.91 16.74
CA ALA E 390 3.01 -53.66 17.45
C ALA E 390 1.92 -53.79 18.51
N LYS E 391 0.84 -54.50 18.17
CA LYS E 391 -0.23 -54.73 19.14
C LYS E 391 0.26 -55.54 20.32
N ARG E 392 1.06 -56.58 20.06
CA ARG E 392 1.60 -57.38 21.15
C ARG E 392 2.53 -56.55 22.03
N ALA E 393 3.37 -55.72 21.43
CA ALA E 393 4.28 -54.87 22.21
C ALA E 393 3.50 -53.89 23.07
N LEU E 394 2.45 -53.28 22.51
CA LEU E 394 1.65 -52.33 23.29
C LEU E 394 0.90 -53.04 24.42
N ARG E 395 0.36 -54.24 24.13
CA ARG E 395 -0.36 -54.98 25.16
C ARG E 395 0.56 -55.46 26.27
N LEU E 396 1.82 -55.74 25.96
CA LEU E 396 2.78 -56.10 26.99
C LEU E 396 2.95 -54.97 28.00
N LEU E 397 2.89 -53.73 27.53
CA LEU E 397 2.95 -52.57 28.41
C LEU E 397 1.53 -52.17 28.82
N GLY E 398 1.44 -51.13 29.65
CA GLY E 398 0.15 -50.65 30.10
C GLY E 398 -0.43 -49.56 29.22
N GLU E 399 -0.57 -49.85 27.93
CA GLU E 399 -1.10 -48.90 26.96
C GLU E 399 -2.25 -49.52 26.18
N GLU E 400 -3.31 -48.74 26.00
CA GLU E 400 -4.45 -49.21 25.24
C GLU E 400 -4.10 -49.28 23.75
N VAL E 401 -4.42 -50.40 23.13
CA VAL E 401 -4.15 -50.54 21.69
C VAL E 401 -5.13 -49.66 20.91
N PRO E 402 -4.67 -48.91 19.91
CA PRO E 402 -5.58 -48.07 19.13
C PRO E 402 -6.24 -48.88 18.01
N ARG E 403 -7.53 -48.67 17.83
CA ARG E 403 -8.25 -49.35 16.76
C ARG E 403 -7.81 -48.77 15.41
N PRO E 404 -7.52 -49.61 14.42
CA PRO E 404 -7.05 -49.08 13.13
C PRO E 404 -8.09 -48.17 12.48
N ILE E 405 -7.60 -47.11 11.84
CA ILE E 405 -8.45 -46.09 11.24
C ILE E 405 -8.94 -46.58 9.88
N LEU E 406 -10.15 -46.17 9.52
CA LEU E 406 -10.69 -46.51 8.21
C LEU E 406 -10.03 -45.64 7.14
N PRO E 407 -9.45 -46.23 6.10
CA PRO E 407 -8.72 -45.41 5.11
C PRO E 407 -9.59 -44.42 4.35
N SER E 408 -10.91 -44.61 4.32
CA SER E 408 -11.80 -43.72 3.58
C SER E 408 -12.02 -42.44 4.39
N VAL E 409 -10.96 -41.62 4.43
CA VAL E 409 -11.03 -40.36 5.17
C VAL E 409 -12.13 -39.43 4.65
N PRO E 410 -12.34 -39.26 3.34
CA PRO E 410 -13.45 -38.38 2.90
C PRO E 410 -14.81 -38.79 3.44
N SER E 411 -15.02 -40.08 3.70
CA SER E 411 -16.29 -40.57 4.21
C SER E 411 -16.33 -40.62 5.74
N TRP E 412 -15.31 -40.10 6.41
CA TRP E 412 -15.28 -40.14 7.86
C TRP E 412 -16.40 -39.30 8.46
N LYS E 413 -16.97 -39.79 9.56
CA LYS E 413 -17.91 -39.02 10.35
C LYS E 413 -17.16 -38.37 11.51
N GLU E 414 -17.90 -37.79 12.45
CA GLU E 414 -17.27 -37.12 13.59
C GLU E 414 -16.52 -38.11 14.47
N ALA E 415 -17.07 -39.31 14.66
CA ALA E 415 -16.44 -40.29 15.54
C ALA E 415 -15.08 -40.72 15.02
N GLU E 416 -14.96 -40.90 13.69
CA GLU E 416 -13.67 -41.27 13.12
C GLU E 416 -12.64 -40.17 13.33
N VAL E 417 -13.06 -38.91 13.16
CA VAL E 417 -12.15 -37.80 13.43
C VAL E 417 -11.71 -37.80 14.87
N GLN E 418 -12.65 -38.02 15.80
CA GLN E 418 -12.27 -38.09 17.21
C GLN E 418 -11.26 -39.20 17.45
N THR E 419 -11.51 -40.40 16.91
CA THR E 419 -10.62 -41.52 17.12
C THR E 419 -9.23 -41.25 16.58
N TRP E 420 -9.15 -40.65 15.38
CA TRP E 420 -7.85 -40.23 14.86
C TRP E 420 -7.19 -39.23 15.79
N LEU E 421 -7.97 -38.36 16.42
CA LEU E 421 -7.40 -37.38 17.34
C LEU E 421 -6.79 -38.05 18.57
N GLN E 422 -7.48 -39.03 19.17
CA GLN E 422 -6.82 -39.71 20.29
C GLN E 422 -5.63 -40.54 19.82
N CYS E 423 -5.67 -41.06 18.59
CA CYS E 423 -4.52 -41.80 18.09
C CYS E 423 -3.29 -40.90 17.96
N ILE E 424 -3.47 -39.68 17.44
CA ILE E 424 -2.34 -38.80 17.21
C ILE E 424 -2.01 -38.00 18.47
N GLY E 425 -2.65 -38.36 19.58
CA GLY E 425 -2.36 -37.73 20.86
C GLY E 425 -2.75 -36.27 20.96
N PHE E 426 -3.89 -35.90 20.38
CA PHE E 426 -4.43 -34.55 20.53
C PHE E 426 -5.75 -34.59 21.27
N SER E 427 -5.82 -35.38 22.35
CA SER E 427 -7.06 -35.51 23.10
C SER E 427 -7.50 -34.20 23.73
N LYS E 428 -6.58 -33.23 23.88
CA LYS E 428 -6.97 -31.93 24.42
C LYS E 428 -7.93 -31.20 23.49
N TYR E 429 -7.74 -31.36 22.18
CA TYR E 429 -8.56 -30.66 21.18
C TYR E 429 -9.76 -31.48 20.72
N CYS E 430 -10.00 -32.65 21.33
CA CYS E 430 -11.13 -33.47 20.91
C CYS E 430 -12.46 -32.76 21.15
N GLU E 431 -12.60 -32.11 22.31
CA GLU E 431 -13.84 -31.38 22.60
C GLU E 431 -14.03 -30.21 21.64
N SER E 432 -12.94 -29.49 21.34
CA SER E 432 -13.04 -28.38 20.39
C SER E 432 -13.45 -28.87 19.02
N PHE E 433 -12.89 -29.99 18.58
CA PHE E 433 -13.29 -30.56 17.29
C PHE E 433 -14.74 -31.00 17.32
N ARG E 434 -15.19 -31.56 18.45
CA ARG E 434 -16.58 -31.99 18.56
C ARG E 434 -17.54 -30.81 18.47
N GLU E 435 -17.21 -29.70 19.13
CA GLU E 435 -18.09 -28.53 19.08
C GLU E 435 -18.23 -27.99 17.66
N GLN E 436 -17.13 -27.93 16.92
CA GLN E 436 -17.19 -27.51 15.53
C GLN E 436 -17.79 -28.57 14.62
N GLN E 437 -18.00 -29.79 15.11
CA GLN E 437 -18.58 -30.89 14.34
C GLN E 437 -17.75 -31.16 13.08
N VAL E 438 -16.44 -31.25 13.26
CA VAL E 438 -15.54 -31.54 12.14
C VAL E 438 -15.73 -32.98 11.70
N ASP E 439 -15.81 -33.19 10.39
CA ASP E 439 -15.95 -34.51 9.80
C ASP E 439 -14.83 -34.71 8.78
N GLY E 440 -14.97 -35.77 7.98
CA GLY E 440 -13.89 -36.14 7.06
C GLY E 440 -13.53 -35.02 6.11
N ASP E 441 -14.52 -34.39 5.50
CA ASP E 441 -14.26 -33.34 4.51
C ASP E 441 -13.63 -32.11 5.16
N LEU E 442 -14.23 -31.64 6.26
CA LEU E 442 -13.70 -30.46 6.93
C LEU E 442 -12.30 -30.69 7.47
N LEU E 443 -12.06 -31.87 8.04
CA LEU E 443 -10.71 -32.21 8.51
C LEU E 443 -9.73 -32.27 7.36
N LEU E 444 -10.14 -32.86 6.24
CA LEU E 444 -9.25 -33.04 5.11
C LEU E 444 -9.00 -31.74 4.36
N ARG E 445 -9.84 -30.72 4.56
CA ARG E 445 -9.64 -29.40 3.98
C ARG E 445 -9.36 -28.34 5.05
N LEU E 446 -8.87 -28.75 6.22
CA LEU E 446 -8.60 -27.81 7.29
C LEU E 446 -7.45 -26.88 6.93
N THR E 447 -7.57 -25.63 7.36
CA THR E 447 -6.59 -24.59 7.03
C THR E 447 -5.93 -24.08 8.30
N GLU E 448 -4.90 -23.24 8.10
CA GLU E 448 -4.14 -22.70 9.22
C GLU E 448 -5.00 -21.78 10.09
N GLU E 449 -5.74 -20.87 9.45
CA GLU E 449 -6.50 -19.89 10.23
C GLU E 449 -7.66 -20.54 10.97
N GLU E 450 -8.26 -21.58 10.40
CA GLU E 450 -9.32 -22.29 11.11
C GLU E 450 -8.79 -22.93 12.39
N LEU E 451 -7.62 -23.55 12.31
CA LEU E 451 -6.99 -24.10 13.50
C LEU E 451 -6.65 -22.99 14.50
N GLN E 452 -6.13 -21.87 14.00
CA GLN E 452 -5.69 -20.80 14.89
C GLN E 452 -6.86 -20.19 15.66
N THR E 453 -7.97 -19.93 14.97
CA THR E 453 -9.09 -19.20 15.57
C THR E 453 -10.20 -20.12 16.06
N ASP E 454 -10.75 -20.94 15.17
CA ASP E 454 -11.94 -21.70 15.51
C ASP E 454 -11.63 -22.82 16.51
N LEU E 455 -10.56 -23.57 16.27
CA LEU E 455 -10.24 -24.72 17.10
C LEU E 455 -9.33 -24.39 18.27
N GLY E 456 -8.92 -23.14 18.40
CA GLY E 456 -8.12 -22.73 19.55
C GLY E 456 -6.75 -23.36 19.62
N MET E 457 -6.11 -23.57 18.47
CA MET E 457 -4.74 -24.09 18.42
C MET E 457 -3.80 -22.90 18.27
N LYS E 458 -3.58 -22.21 19.38
CA LYS E 458 -2.81 -20.96 19.36
C LYS E 458 -1.37 -21.17 18.95
N SER E 459 -0.74 -22.23 19.46
CA SER E 459 0.69 -22.43 19.23
C SER E 459 0.96 -22.78 17.78
N GLY E 460 1.88 -22.03 17.16
CA GLY E 460 2.28 -22.34 15.79
C GLY E 460 3.01 -23.66 15.68
N ILE E 461 3.80 -24.02 16.69
CA ILE E 461 4.47 -25.32 16.70
C ILE E 461 3.43 -26.44 16.76
N THR E 462 2.42 -26.27 17.60
CA THR E 462 1.36 -27.27 17.69
C THR E 462 0.60 -27.37 16.36
N ARG E 463 0.36 -26.23 15.71
CA ARG E 463 -0.31 -26.25 14.41
C ARG E 463 0.55 -26.96 13.36
N LYS E 464 1.86 -26.73 13.38
CA LYS E 464 2.75 -27.42 12.45
C LYS E 464 2.76 -28.92 12.70
N ARG E 465 2.76 -29.33 13.97
CA ARG E 465 2.69 -30.75 14.29
C ARG E 465 1.37 -31.36 13.82
N PHE E 466 0.26 -30.64 14.02
CA PHE E 466 -1.02 -31.12 13.54
C PHE E 466 -1.04 -31.25 12.03
N PHE E 467 -0.44 -30.29 11.33
CA PHE E 467 -0.40 -30.36 9.87
C PHE E 467 0.51 -31.48 9.38
N ARG E 468 1.58 -31.77 10.11
CA ARG E 468 2.40 -32.94 9.78
C ARG E 468 1.60 -34.23 9.93
N GLU E 469 0.83 -34.33 11.03
CA GLU E 469 -0.02 -35.50 11.22
C GLU E 469 -1.08 -35.59 10.12
N LEU E 470 -1.66 -34.44 9.74
CA LEU E 470 -2.66 -34.43 8.69
C LEU E 470 -2.07 -34.83 7.35
N THR E 471 -0.84 -34.40 7.05
CA THR E 471 -0.16 -34.84 5.85
C THR E 471 0.07 -36.34 5.86
N GLU E 472 0.49 -36.88 7.01
CA GLU E 472 0.66 -38.33 7.13
C GLU E 472 -0.66 -39.05 6.88
N LEU E 473 -1.77 -38.51 7.41
CA LEU E 473 -3.07 -39.09 7.16
C LEU E 473 -3.45 -39.03 5.68
N LYS E 474 -3.23 -37.88 5.05
CA LYS E 474 -3.60 -37.70 3.65
C LYS E 474 -2.78 -38.59 2.73
N THR E 475 -1.55 -38.91 3.12
CA THR E 475 -0.76 -39.88 2.35
C THR E 475 -1.42 -41.25 2.35
N PHE E 476 -1.93 -41.68 3.50
CA PHE E 476 -2.63 -42.97 3.63
C PHE E 476 -4.12 -42.69 3.72
N ALA E 477 -4.75 -42.56 2.55
CA ALA E 477 -6.18 -42.28 2.49
C ALA E 477 -6.77 -42.94 1.25
N ASN E 478 -8.06 -43.26 1.35
CA ASN E 478 -8.80 -43.86 0.25
C ASN E 478 -9.65 -42.76 -0.41
N TYR E 479 -9.19 -42.28 -1.57
CA TYR E 479 -9.85 -41.21 -2.30
C TYR E 479 -10.77 -41.72 -3.38
N SER E 480 -11.04 -43.03 -3.42
CA SER E 480 -11.86 -43.60 -4.49
C SER E 480 -13.26 -43.00 -4.51
N THR E 481 -13.80 -42.63 -3.35
CA THR E 481 -15.12 -42.01 -3.30
C THR E 481 -15.14 -40.64 -3.97
N CYS E 482 -13.99 -39.98 -4.10
CA CYS E 482 -13.91 -38.66 -4.70
C CYS E 482 -13.04 -38.59 -5.94
N ASP E 483 -12.00 -39.41 -6.03
CA ASP E 483 -11.11 -39.39 -7.19
C ASP E 483 -11.78 -40.12 -8.35
N ARG E 484 -11.83 -39.46 -9.51
CA ARG E 484 -12.42 -40.06 -10.70
C ARG E 484 -11.38 -40.52 -11.70
N SER E 485 -10.30 -39.77 -11.86
CA SER E 485 -9.26 -40.09 -12.83
C SER E 485 -8.04 -40.75 -12.20
N ASN E 486 -8.17 -41.25 -10.96
CA ASN E 486 -7.06 -41.85 -10.22
C ASN E 486 -5.88 -40.88 -10.14
N LEU E 487 -6.20 -39.62 -9.85
CA LEU E 487 -5.17 -38.59 -9.76
C LEU E 487 -4.20 -38.83 -8.61
N ALA E 488 -4.62 -39.56 -7.59
CA ALA E 488 -3.72 -39.91 -6.49
C ALA E 488 -2.54 -40.74 -7.00
N ASP E 489 -2.80 -41.67 -7.91
CA ASP E 489 -1.73 -42.46 -8.48
C ASP E 489 -0.74 -41.60 -9.24
N TRP E 490 -1.24 -40.63 -10.02
CA TRP E 490 -0.35 -39.73 -10.75
C TRP E 490 0.50 -38.88 -9.80
N LEU E 491 -0.13 -38.35 -8.75
CA LEU E 491 0.61 -37.54 -7.79
C LEU E 491 1.67 -38.38 -7.08
N GLY E 492 1.33 -39.61 -6.71
CA GLY E 492 2.31 -40.49 -6.09
C GLY E 492 3.44 -40.85 -7.03
N SER E 493 3.12 -41.03 -8.31
CA SER E 493 4.17 -41.29 -9.30
C SER E 493 5.12 -40.11 -9.40
N LEU E 494 4.59 -38.89 -9.34
CA LEU E 494 5.46 -37.71 -9.29
C LEU E 494 6.34 -37.75 -8.05
N ASP E 495 5.74 -37.98 -6.89
CA ASP E 495 6.43 -38.01 -5.61
C ASP E 495 5.50 -38.63 -4.58
N PRO E 496 5.99 -39.57 -3.75
CA PRO E 496 5.12 -40.14 -2.71
C PRO E 496 4.52 -39.11 -1.77
N ARG E 497 5.22 -38.01 -1.52
CA ARG E 497 4.69 -36.96 -0.66
C ARG E 497 3.71 -36.04 -1.37
N PHE E 498 3.61 -36.14 -2.71
CA PHE E 498 2.67 -35.30 -3.44
C PHE E 498 1.23 -35.79 -3.35
N ARG E 499 1.00 -37.01 -2.85
CA ARG E 499 -0.36 -37.55 -2.82
C ARG E 499 -1.26 -36.80 -1.84
N GLN E 500 -0.68 -36.04 -0.90
CA GLN E 500 -1.49 -35.32 0.07
C GLN E 500 -2.38 -34.27 -0.56
N TYR E 501 -2.06 -33.80 -1.76
CA TYR E 501 -2.83 -32.77 -2.44
C TYR E 501 -3.95 -33.33 -3.29
N THR E 502 -4.16 -34.65 -3.26
CA THR E 502 -5.19 -35.26 -4.10
C THR E 502 -6.58 -34.75 -3.74
N TYR E 503 -6.89 -34.67 -2.45
CA TYR E 503 -8.22 -34.23 -2.06
C TYR E 503 -8.44 -32.77 -2.42
N GLY E 504 -7.42 -31.93 -2.27
CA GLY E 504 -7.55 -30.55 -2.69
C GLY E 504 -7.80 -30.43 -4.19
N LEU E 505 -7.03 -31.18 -4.98
CA LEU E 505 -7.20 -31.12 -6.43
C LEU E 505 -8.58 -31.64 -6.85
N VAL E 506 -9.08 -32.67 -6.17
CA VAL E 506 -10.40 -33.20 -6.49
C VAL E 506 -11.50 -32.21 -6.10
N SER E 507 -11.41 -31.66 -4.89
CA SER E 507 -12.42 -30.70 -4.45
C SER E 507 -12.43 -29.45 -5.31
N CYS E 508 -11.30 -29.13 -5.94
CA CYS E 508 -11.28 -28.07 -6.94
C CYS E 508 -11.95 -28.47 -8.24
N GLY E 509 -12.31 -29.75 -8.40
CA GLY E 509 -12.90 -30.24 -9.62
C GLY E 509 -11.91 -30.69 -10.67
N LEU E 510 -10.62 -30.68 -10.36
CA LEU E 510 -9.59 -31.03 -11.33
C LEU E 510 -9.48 -32.54 -11.49
N ASP E 511 -9.06 -32.96 -12.68
CA ASP E 511 -8.72 -34.36 -12.94
C ASP E 511 -7.48 -34.42 -13.82
N ARG E 512 -7.20 -35.59 -14.40
CA ARG E 512 -6.04 -35.73 -15.26
C ARG E 512 -6.14 -34.82 -16.48
N SER E 513 -7.31 -34.76 -17.11
CA SER E 513 -7.47 -33.95 -18.30
C SER E 513 -7.38 -32.45 -18.01
N LEU E 514 -7.83 -32.03 -16.83
CA LEU E 514 -7.92 -30.61 -16.52
C LEU E 514 -6.60 -30.01 -16.05
N LEU E 515 -5.62 -30.84 -15.68
CA LEU E 515 -4.38 -30.32 -15.12
C LEU E 515 -3.49 -29.64 -16.15
N HIS E 516 -3.76 -29.80 -17.44
CA HIS E 516 -2.92 -29.19 -18.46
C HIS E 516 -3.11 -27.68 -18.51
N ARG E 517 -4.24 -27.18 -18.03
CA ARG E 517 -4.57 -25.75 -18.11
C ARG E 517 -4.49 -25.06 -16.75
N VAL E 518 -4.06 -25.76 -15.70
CA VAL E 518 -4.02 -25.17 -14.37
C VAL E 518 -2.85 -24.18 -14.27
N SER E 519 -3.06 -23.12 -13.50
CA SER E 519 -2.05 -22.10 -13.28
C SER E 519 -1.55 -22.15 -11.84
N GLU E 520 -0.43 -21.47 -11.61
CA GLU E 520 0.19 -21.45 -10.29
C GLU E 520 -0.71 -20.78 -9.26
N GLN E 521 -1.30 -19.64 -9.62
CA GLN E 521 -2.16 -18.91 -8.69
C GLN E 521 -3.37 -19.74 -8.30
N GLN E 522 -3.98 -20.42 -9.28
CA GLN E 522 -5.13 -21.28 -8.98
C GLN E 522 -4.74 -22.38 -8.00
N LEU E 523 -3.59 -23.03 -8.24
CA LEU E 523 -3.11 -24.06 -7.32
C LEU E 523 -2.97 -23.50 -5.92
N LEU E 524 -2.25 -22.39 -5.77
CA LEU E 524 -1.97 -21.84 -4.45
C LEU E 524 -3.26 -21.43 -3.74
N GLU E 525 -4.17 -20.78 -4.45
CA GLU E 525 -5.37 -20.27 -3.79
C GLU E 525 -6.38 -21.37 -3.46
N ASP E 526 -6.60 -22.31 -4.37
CA ASP E 526 -7.67 -23.28 -4.22
C ASP E 526 -7.18 -24.64 -3.73
N CYS E 527 -6.15 -25.19 -4.35
CA CYS E 527 -5.72 -26.55 -4.01
C CYS E 527 -4.95 -26.62 -2.71
N GLY E 528 -4.56 -25.48 -2.12
CA GLY E 528 -3.89 -25.49 -0.84
C GLY E 528 -2.46 -25.98 -0.87
N ILE E 529 -1.81 -25.94 -2.03
CA ILE E 529 -0.41 -26.34 -2.13
C ILE E 529 0.45 -25.13 -1.79
N HIS E 530 0.75 -24.95 -0.51
CA HIS E 530 1.44 -23.75 -0.06
C HIS E 530 2.87 -23.70 -0.55
N LEU E 531 3.55 -24.85 -0.58
CA LEU E 531 4.94 -24.87 -1.00
C LEU E 531 5.06 -24.59 -2.49
N GLY E 532 5.82 -23.55 -2.84
CA GLY E 532 5.97 -23.18 -4.23
C GLY E 532 6.69 -24.22 -5.06
N VAL E 533 7.64 -24.94 -4.46
CA VAL E 533 8.37 -25.98 -5.18
C VAL E 533 7.41 -27.07 -5.63
N HIS E 534 6.50 -27.50 -4.74
CA HIS E 534 5.54 -28.52 -5.11
C HIS E 534 4.63 -28.04 -6.23
N ARG E 535 4.19 -26.79 -6.17
CA ARG E 535 3.33 -26.24 -7.21
C ARG E 535 4.05 -26.23 -8.56
N ALA E 536 5.30 -25.77 -8.56
CA ALA E 536 6.07 -25.73 -9.80
C ALA E 536 6.29 -27.13 -10.37
N ARG E 537 6.63 -28.09 -9.51
CA ARG E 537 6.84 -29.45 -9.96
C ARG E 537 5.56 -30.03 -10.55
N ILE E 538 4.43 -29.83 -9.88
CA ILE E 538 3.16 -30.36 -10.36
C ILE E 538 2.80 -29.75 -11.70
N LEU E 539 2.94 -28.43 -11.82
CA LEU E 539 2.61 -27.76 -13.08
C LEU E 539 3.48 -28.26 -14.22
N THR E 540 4.80 -28.28 -14.00
CA THR E 540 5.71 -28.71 -15.06
C THR E 540 5.45 -30.15 -15.46
N ALA E 541 5.29 -31.04 -14.48
CA ALA E 541 5.06 -32.44 -14.78
C ALA E 541 3.74 -32.65 -15.52
N ALA E 542 2.69 -31.95 -15.10
CA ALA E 542 1.41 -32.07 -15.79
C ALA E 542 1.52 -31.59 -17.23
N ARG E 543 2.16 -30.44 -17.45
CA ARG E 543 2.28 -29.92 -18.81
C ARG E 543 3.12 -30.84 -19.67
N GLU E 544 4.14 -31.47 -19.10
CA GLU E 544 5.01 -32.35 -19.90
C GLU E 544 4.35 -33.69 -20.17
N MET E 545 3.55 -34.20 -19.23
CA MET E 545 3.02 -35.56 -19.37
C MET E 545 1.71 -35.57 -20.14
N LEU E 546 0.78 -34.66 -19.80
CA LEU E 546 -0.53 -34.69 -20.44
C LEU E 546 -0.45 -34.33 -21.92
N HIS E 547 0.59 -33.63 -22.33
CA HIS E 547 0.79 -33.29 -23.74
C HIS E 547 2.25 -33.42 -24.13
N THR E 561 -28.55 -50.98 -30.98
CA THR E 561 -28.55 -52.11 -31.89
C THR E 561 -27.83 -53.31 -31.28
N PRO E 562 -28.53 -54.05 -30.42
CA PRO E 562 -27.91 -55.22 -29.80
C PRO E 562 -27.57 -56.29 -30.83
N ASP E 563 -26.46 -56.99 -30.58
CA ASP E 563 -26.07 -58.07 -31.48
C ASP E 563 -26.96 -59.30 -31.28
N VAL E 564 -27.32 -59.59 -30.04
CA VAL E 564 -28.12 -60.77 -29.70
C VAL E 564 -29.29 -60.33 -28.83
N PHE E 565 -30.46 -60.90 -29.07
CA PHE E 565 -31.62 -60.72 -28.21
C PHE E 565 -31.97 -62.05 -27.56
N ILE E 566 -32.48 -61.97 -26.34
CA ILE E 566 -32.74 -63.15 -25.51
C ILE E 566 -34.24 -63.27 -25.27
N SER E 567 -34.78 -64.46 -25.54
CA SER E 567 -36.17 -64.80 -25.27
C SER E 567 -36.17 -65.90 -24.22
N TYR E 568 -36.70 -65.60 -23.03
CA TYR E 568 -36.59 -66.50 -21.88
C TYR E 568 -37.89 -66.51 -21.10
N ARG E 569 -38.07 -67.57 -20.32
CA ARG E 569 -39.22 -67.71 -19.45
C ARG E 569 -38.98 -66.97 -18.13
N ARG E 570 -40.07 -66.77 -17.38
CA ARG E 570 -39.99 -65.98 -16.15
C ARG E 570 -39.08 -66.62 -15.12
N ASN E 571 -39.21 -67.94 -14.92
CA ASN E 571 -38.48 -68.64 -13.88
C ASN E 571 -37.45 -69.60 -14.44
N SER E 572 -37.85 -70.52 -15.32
CA SER E 572 -36.94 -71.54 -15.82
C SER E 572 -35.81 -70.95 -16.65
N GLY E 573 -36.12 -69.97 -17.49
CA GLY E 573 -35.11 -69.44 -18.41
C GLY E 573 -34.26 -68.33 -17.86
N SER E 574 -34.52 -67.87 -16.63
CA SER E 574 -33.82 -66.70 -16.11
C SER E 574 -32.33 -66.97 -15.94
N GLN E 575 -31.98 -68.08 -15.28
CA GLN E 575 -30.58 -68.39 -15.03
C GLN E 575 -29.83 -68.58 -16.34
N LEU E 576 -30.40 -69.36 -17.27
CA LEU E 576 -29.73 -69.61 -18.53
C LEU E 576 -29.57 -68.34 -19.34
N ALA E 577 -30.59 -67.47 -19.34
CA ALA E 577 -30.50 -66.21 -20.05
C ALA E 577 -29.41 -65.32 -19.47
N SER E 578 -29.34 -65.24 -18.14
CA SER E 578 -28.31 -64.43 -17.50
C SER E 578 -26.92 -64.95 -17.86
N LEU E 579 -26.72 -66.27 -17.76
CA LEU E 579 -25.42 -66.83 -18.09
C LEU E 579 -25.06 -66.58 -19.56
N LEU E 580 -26.03 -66.77 -20.47
CA LEU E 580 -25.77 -66.54 -21.88
C LEU E 580 -25.37 -65.10 -22.15
N LYS E 581 -26.13 -64.15 -21.61
CA LYS E 581 -25.84 -62.74 -21.86
C LYS E 581 -24.49 -62.35 -21.28
N VAL E 582 -24.19 -62.79 -20.06
CA VAL E 582 -22.93 -62.44 -19.42
C VAL E 582 -21.75 -63.03 -20.19
N HIS E 583 -21.87 -64.29 -20.60
CA HIS E 583 -20.81 -64.93 -21.37
C HIS E 583 -20.59 -64.22 -22.70
N LEU E 584 -21.68 -63.86 -23.39
CA LEU E 584 -21.54 -63.18 -24.67
C LEU E 584 -20.91 -61.80 -24.49
N GLN E 585 -21.29 -61.08 -23.43
CA GLN E 585 -20.67 -59.79 -23.16
C GLN E 585 -19.19 -59.93 -22.83
N LEU E 586 -18.81 -61.00 -22.11
CA LEU E 586 -17.40 -61.23 -21.82
C LEU E 586 -16.58 -61.44 -23.08
N HIS E 587 -17.21 -62.00 -24.12
CA HIS E 587 -16.52 -62.27 -25.38
C HIS E 587 -16.66 -61.14 -26.38
N GLY E 588 -17.28 -60.02 -26.00
CA GLY E 588 -17.40 -58.88 -26.88
C GLY E 588 -18.69 -58.78 -27.66
N PHE E 589 -19.71 -59.58 -27.31
CA PHE E 589 -20.99 -59.55 -28.01
C PHE E 589 -21.99 -58.75 -27.18
N SER E 590 -22.50 -57.67 -27.77
CA SER E 590 -23.49 -56.83 -27.09
C SER E 590 -24.86 -57.48 -27.14
N VAL E 591 -25.42 -57.76 -25.95
CA VAL E 591 -26.70 -58.45 -25.83
C VAL E 591 -27.62 -57.60 -24.97
N PHE E 592 -28.85 -57.41 -25.42
CA PHE E 592 -29.86 -56.65 -24.70
C PHE E 592 -30.93 -57.64 -24.21
N ILE E 593 -31.02 -57.80 -22.89
CA ILE E 593 -32.05 -58.60 -22.25
C ILE E 593 -32.97 -57.68 -21.46
N ASP E 594 -34.28 -57.81 -21.69
CA ASP E 594 -35.25 -56.90 -21.08
C ASP E 594 -35.53 -57.32 -19.65
N VAL E 595 -35.17 -56.46 -18.70
CA VAL E 595 -35.40 -56.66 -17.27
C VAL E 595 -34.85 -58.01 -16.81
N GLU E 604 -45.09 -54.02 -25.41
CA GLU E 604 -45.45 -54.61 -26.70
C GLU E 604 -44.94 -53.77 -27.85
N ASP E 605 -45.22 -52.46 -27.81
CA ASP E 605 -44.71 -51.55 -28.83
C ASP E 605 -43.19 -51.50 -28.79
N LYS E 606 -42.63 -51.42 -27.58
CA LYS E 606 -41.16 -51.46 -27.44
C LYS E 606 -40.62 -52.85 -27.77
N LEU E 607 -41.46 -53.89 -27.63
CA LEU E 607 -41.01 -55.25 -27.89
C LEU E 607 -40.65 -55.43 -29.37
N ILE E 608 -41.47 -54.88 -30.27
CA ILE E 608 -41.22 -55.04 -31.70
C ILE E 608 -39.91 -54.35 -32.10
N GLN E 609 -39.70 -53.13 -31.59
CA GLN E 609 -38.49 -52.40 -31.94
C GLN E 609 -37.26 -53.07 -31.35
N SER E 610 -37.38 -53.64 -30.15
CA SER E 610 -36.24 -54.34 -29.55
C SER E 610 -35.81 -55.53 -30.39
N VAL E 611 -36.77 -56.30 -30.90
CA VAL E 611 -36.44 -57.45 -31.74
C VAL E 611 -35.90 -56.97 -33.09
N MET E 612 -36.49 -55.91 -33.64
CA MET E 612 -36.03 -55.40 -34.93
C MET E 612 -34.59 -54.90 -34.86
N GLY E 613 -34.24 -54.23 -33.77
CA GLY E 613 -32.88 -53.73 -33.62
C GLY E 613 -31.86 -54.80 -33.31
N ALA E 614 -32.30 -56.01 -32.95
CA ALA E 614 -31.39 -57.08 -32.63
C ALA E 614 -30.74 -57.63 -33.91
N ARG E 615 -29.41 -57.64 -33.93
CA ARG E 615 -28.69 -58.17 -35.08
C ARG E 615 -28.97 -59.66 -35.27
N ASN E 616 -28.96 -60.42 -34.17
CA ASN E 616 -29.28 -61.83 -34.18
C ASN E 616 -30.27 -62.12 -33.07
N PHE E 617 -31.14 -63.10 -33.31
CA PHE E 617 -32.14 -63.52 -32.32
C PHE E 617 -31.78 -64.92 -31.84
N VAL E 618 -31.56 -65.05 -30.54
CA VAL E 618 -31.24 -66.33 -29.91
C VAL E 618 -32.27 -66.54 -28.81
N LEU E 619 -33.25 -67.40 -29.07
CA LEU E 619 -34.27 -67.70 -28.07
C LEU E 619 -33.78 -68.81 -27.16
N VAL E 620 -34.02 -68.65 -25.85
CA VAL E 620 -33.58 -69.63 -24.87
C VAL E 620 -34.64 -70.72 -24.77
N LEU E 621 -34.32 -71.91 -25.25
CA LEU E 621 -35.23 -73.05 -25.18
C LEU E 621 -34.97 -73.76 -23.85
N SER E 622 -35.43 -73.12 -22.79
CA SER E 622 -35.33 -73.66 -21.44
C SER E 622 -36.35 -74.77 -21.25
N PRO E 623 -36.19 -75.60 -20.20
CA PRO E 623 -37.21 -76.63 -19.93
C PRO E 623 -38.62 -76.06 -19.85
N GLY E 624 -39.47 -76.45 -20.79
CA GLY E 624 -40.80 -75.91 -20.88
C GLY E 624 -40.85 -74.44 -21.23
N ALA E 625 -39.96 -73.99 -22.13
CA ALA E 625 -39.94 -72.58 -22.51
C ALA E 625 -41.12 -72.24 -23.43
N LEU E 626 -41.43 -73.12 -24.38
CA LEU E 626 -42.49 -72.91 -25.34
C LEU E 626 -43.82 -73.49 -24.89
N ASP E 627 -43.92 -73.93 -23.64
CA ASP E 627 -45.18 -74.47 -23.15
C ASP E 627 -46.28 -73.42 -23.16
N LYS E 628 -45.95 -72.20 -22.74
CA LYS E 628 -46.91 -71.11 -22.83
C LYS E 628 -47.13 -70.69 -24.28
N CYS E 629 -46.07 -70.68 -25.09
CA CYS E 629 -46.18 -70.34 -26.50
C CYS E 629 -46.79 -71.46 -27.33
N MET E 630 -46.99 -72.65 -26.76
CA MET E 630 -47.65 -73.73 -27.48
C MET E 630 -49.09 -73.36 -27.78
N GLN E 631 -49.53 -73.73 -28.99
CA GLN E 631 -50.89 -73.43 -29.50
C GLN E 631 -51.31 -71.99 -29.22
N ASP E 632 -50.35 -71.07 -29.25
CA ASP E 632 -50.61 -69.66 -28.98
C ASP E 632 -50.88 -68.93 -30.30
N HIS E 633 -52.03 -69.28 -30.90
CA HIS E 633 -52.44 -68.65 -32.15
C HIS E 633 -53.01 -67.26 -31.95
N ASP E 634 -53.38 -66.90 -30.72
CA ASP E 634 -53.90 -65.58 -30.43
C ASP E 634 -52.82 -64.54 -30.15
N CYS E 635 -51.55 -64.96 -30.14
CA CYS E 635 -50.41 -64.07 -29.89
C CYS E 635 -50.55 -63.34 -28.56
N LYS E 636 -51.05 -64.06 -27.56
CA LYS E 636 -51.22 -63.46 -26.23
C LYS E 636 -49.89 -63.26 -25.53
N ASP E 637 -49.02 -64.27 -25.60
CA ASP E 637 -47.73 -64.20 -24.89
C ASP E 637 -46.81 -63.17 -25.54
N TRP E 638 -46.10 -62.43 -24.69
CA TRP E 638 -45.10 -61.50 -25.20
C TRP E 638 -43.92 -62.24 -25.83
N VAL E 639 -43.57 -63.40 -25.28
CA VAL E 639 -42.55 -64.24 -25.90
C VAL E 639 -43.00 -64.68 -27.29
N HIS E 640 -44.28 -64.98 -27.44
CA HIS E 640 -44.83 -65.28 -28.76
C HIS E 640 -44.65 -64.10 -29.69
N LYS E 641 -44.89 -62.88 -29.20
CA LYS E 641 -44.67 -61.69 -29.99
C LYS E 641 -43.22 -61.56 -30.43
N GLU E 642 -42.29 -61.83 -29.50
CA GLU E 642 -40.86 -61.78 -29.85
C GLU E 642 -40.52 -62.78 -30.93
N ILE E 643 -41.04 -64.01 -30.82
CA ILE E 643 -40.75 -65.04 -31.81
C ILE E 643 -41.30 -64.64 -33.17
N VAL E 644 -42.54 -64.14 -33.20
CA VAL E 644 -43.15 -63.75 -34.46
C VAL E 644 -42.40 -62.59 -35.09
N THR E 645 -41.99 -61.61 -34.28
CA THR E 645 -41.24 -60.47 -34.81
C THR E 645 -39.89 -60.90 -35.36
N ALA E 646 -39.21 -61.82 -34.66
CA ALA E 646 -37.94 -62.33 -35.15
C ALA E 646 -38.11 -63.08 -36.46
N LEU E 647 -39.18 -63.87 -36.57
CA LEU E 647 -39.45 -64.58 -37.82
C LEU E 647 -39.74 -63.62 -38.95
N SER E 648 -40.49 -62.55 -38.67
CA SER E 648 -40.75 -61.54 -39.69
C SER E 648 -39.46 -60.85 -40.12
N CYS E 649 -38.58 -60.55 -39.18
CA CYS E 649 -37.30 -59.94 -39.50
C CYS E 649 -36.33 -60.94 -40.12
N GLY E 650 -36.46 -62.22 -39.77
CA GLY E 650 -35.57 -63.24 -40.31
C GLY E 650 -34.12 -63.11 -39.88
N LYS E 651 -33.88 -62.78 -38.62
CA LYS E 651 -32.52 -62.67 -38.11
C LYS E 651 -31.91 -64.06 -37.91
N ASN E 652 -30.60 -64.07 -37.68
CA ASN E 652 -29.89 -65.33 -37.42
C ASN E 652 -30.41 -65.95 -36.13
N ILE E 653 -30.94 -67.18 -36.23
CA ILE E 653 -31.57 -67.86 -35.11
C ILE E 653 -30.73 -69.08 -34.76
N VAL E 654 -30.20 -69.09 -33.54
CA VAL E 654 -29.41 -70.22 -33.04
C VAL E 654 -29.98 -70.64 -31.69
N PRO E 655 -31.04 -71.44 -31.66
CA PRO E 655 -31.63 -71.85 -30.38
C PRO E 655 -30.66 -72.70 -29.57
N ILE E 656 -30.83 -72.65 -28.25
CA ILE E 656 -30.02 -73.42 -27.31
C ILE E 656 -30.93 -74.43 -26.63
N ILE E 657 -30.55 -75.71 -26.71
CA ILE E 657 -31.39 -76.81 -26.26
C ILE E 657 -31.06 -77.13 -24.80
N ASP E 658 -32.08 -77.20 -23.96
CA ASP E 658 -31.91 -77.60 -22.57
C ASP E 658 -33.26 -78.04 -22.01
N GLY E 659 -33.37 -79.32 -21.67
CA GLY E 659 -34.52 -79.84 -20.96
C GLY E 659 -35.85 -79.72 -21.66
N PHE E 660 -35.84 -79.53 -22.98
CA PHE E 660 -37.08 -79.41 -23.74
C PHE E 660 -36.82 -79.81 -25.18
N GLU E 661 -37.88 -80.23 -25.85
CA GLU E 661 -37.81 -80.71 -27.23
C GLU E 661 -38.56 -79.75 -28.15
N TRP E 662 -38.42 -79.99 -29.45
CA TRP E 662 -39.09 -79.17 -30.45
C TRP E 662 -40.59 -79.47 -30.44
N PRO E 663 -41.44 -78.46 -30.26
CA PRO E 663 -42.88 -78.72 -30.30
C PRO E 663 -43.34 -79.13 -31.70
N GLU E 664 -44.45 -79.86 -31.73
CA GLU E 664 -45.00 -80.34 -33.00
C GLU E 664 -45.48 -79.16 -33.84
N PRO E 665 -45.10 -79.08 -35.12
CA PRO E 665 -45.53 -77.95 -35.94
C PRO E 665 -47.04 -77.83 -36.09
N GLN E 666 -47.77 -78.94 -36.13
CA GLN E 666 -49.20 -78.88 -36.41
C GLN E 666 -49.96 -78.11 -35.34
N VAL E 667 -49.59 -78.29 -34.07
CA VAL E 667 -50.24 -77.55 -33.01
C VAL E 667 -49.76 -76.10 -32.94
N LEU E 668 -48.70 -75.75 -33.66
CA LEU E 668 -48.14 -74.42 -33.65
C LEU E 668 -48.56 -73.64 -34.90
N PRO E 669 -48.60 -72.31 -34.80
CA PRO E 669 -48.85 -71.50 -36.00
C PRO E 669 -47.72 -71.62 -37.00
N GLU E 670 -48.05 -71.35 -38.27
CA GLU E 670 -47.10 -71.55 -39.36
C GLU E 670 -45.84 -70.71 -39.18
N ASP E 671 -45.96 -69.52 -38.58
CA ASP E 671 -44.79 -68.67 -38.38
C ASP E 671 -43.73 -69.39 -37.58
N MET E 672 -44.10 -69.95 -36.42
CA MET E 672 -43.17 -70.74 -35.63
C MET E 672 -43.04 -72.18 -36.14
N GLN E 673 -43.89 -72.59 -37.08
CA GLN E 673 -43.60 -73.81 -37.82
C GLN E 673 -42.33 -73.65 -38.63
N ALA E 674 -42.12 -72.46 -39.19
CA ALA E 674 -40.92 -72.21 -39.99
C ALA E 674 -39.64 -72.32 -39.15
N VAL E 675 -39.67 -71.81 -37.91
CA VAL E 675 -38.45 -71.73 -37.12
C VAL E 675 -38.02 -73.08 -36.56
N LEU E 676 -38.92 -74.05 -36.49
CA LEU E 676 -38.61 -75.32 -35.85
C LEU E 676 -37.53 -76.10 -36.59
N THR E 677 -37.22 -75.74 -37.83
CA THR E 677 -36.23 -76.47 -38.61
C THR E 677 -34.79 -76.10 -38.23
N PHE E 678 -34.59 -75.02 -37.48
CA PHE E 678 -33.24 -74.59 -37.15
C PHE E 678 -32.61 -75.53 -36.12
N ASN E 679 -31.29 -75.72 -36.27
CA ASN E 679 -30.55 -76.58 -35.36
C ASN E 679 -30.33 -75.90 -34.01
N GLY E 680 -30.33 -76.71 -32.96
CA GLY E 680 -30.13 -76.20 -31.61
C GLY E 680 -28.85 -76.74 -31.01
N ILE E 681 -28.34 -76.03 -30.00
CA ILE E 681 -27.10 -76.40 -29.32
C ILE E 681 -27.43 -76.77 -27.88
N LYS E 682 -26.98 -77.94 -27.46
CA LYS E 682 -27.23 -78.39 -26.09
C LYS E 682 -26.42 -77.57 -25.10
N TRP E 683 -27.05 -77.22 -23.99
CA TRP E 683 -26.39 -76.47 -22.92
C TRP E 683 -25.88 -77.44 -21.86
N SER E 684 -24.60 -77.31 -21.51
CA SER E 684 -23.96 -78.17 -20.53
C SER E 684 -23.58 -77.35 -19.31
N HIS E 685 -24.07 -77.77 -18.14
CA HIS E 685 -23.67 -77.11 -16.90
C HIS E 685 -22.23 -77.42 -16.53
N GLU E 686 -21.76 -78.63 -16.85
CA GLU E 686 -20.37 -78.98 -16.59
C GLU E 686 -19.42 -78.11 -17.41
N TYR E 687 -19.76 -77.87 -18.67
CA TYR E 687 -18.97 -77.03 -19.57
C TYR E 687 -19.88 -75.91 -20.07
N GLN E 688 -19.96 -74.83 -19.31
CA GLN E 688 -20.75 -73.67 -19.73
C GLN E 688 -19.96 -72.78 -20.67
N GLU E 689 -18.70 -72.50 -20.32
CA GLU E 689 -17.86 -71.67 -21.18
C GLU E 689 -17.58 -72.36 -22.51
N ALA E 690 -17.40 -73.68 -22.49
CA ALA E 690 -17.21 -74.41 -23.74
C ALA E 690 -18.45 -74.34 -24.63
N THR E 691 -19.64 -74.45 -24.02
CA THR E 691 -20.87 -74.32 -24.78
C THR E 691 -21.00 -72.93 -25.39
N ILE E 692 -20.64 -71.90 -24.61
CA ILE E 692 -20.68 -70.53 -25.12
C ILE E 692 -19.70 -70.36 -26.27
N GLU E 693 -18.51 -70.97 -26.14
CA GLU E 693 -17.53 -70.91 -27.21
C GLU E 693 -18.05 -71.58 -28.48
N LYS E 694 -18.73 -72.72 -28.33
CA LYS E 694 -19.34 -73.37 -29.49
C LYS E 694 -20.40 -72.49 -30.13
N ILE E 695 -21.23 -71.85 -29.31
CA ILE E 695 -22.27 -70.95 -29.84
C ILE E 695 -21.63 -69.80 -30.61
N ILE E 696 -20.57 -69.21 -30.06
CA ILE E 696 -19.87 -68.13 -30.75
C ILE E 696 -19.26 -68.63 -32.05
N ARG E 697 -18.71 -69.85 -32.03
CA ARG E 697 -18.14 -70.42 -33.24
C ARG E 697 -19.20 -70.58 -34.32
N PHE E 698 -20.40 -71.02 -33.95
CA PHE E 698 -21.50 -71.08 -34.91
C PHE E 698 -22.07 -69.71 -35.23
N LEU E 699 -21.77 -68.69 -34.41
CA LEU E 699 -22.24 -67.34 -34.67
C LEU E 699 -21.20 -66.56 -35.47
N GLN E 700 -21.54 -65.32 -35.80
CA GLN E 700 -20.66 -64.44 -36.56
C GLN E 700 -20.02 -63.40 -35.65
N VAL F 61 -26.15 -67.43 33.18
CA VAL F 61 -26.42 -66.94 31.84
C VAL F 61 -25.55 -67.69 30.83
N GLN F 62 -24.53 -68.41 31.33
CA GLN F 62 -23.64 -69.17 30.47
C GLN F 62 -23.47 -70.60 30.95
N ASP F 63 -24.51 -71.16 31.60
CA ASP F 63 -24.45 -72.56 31.99
C ASP F 63 -24.39 -73.46 30.77
N ALA F 64 -24.97 -73.02 29.65
CA ALA F 64 -24.85 -73.76 28.39
C ALA F 64 -23.39 -73.90 27.99
N LEU F 65 -22.64 -72.80 28.03
CA LEU F 65 -21.20 -72.88 27.79
C LEU F 65 -20.52 -73.76 28.85
N GLU F 66 -20.99 -73.67 30.10
CA GLU F 66 -20.37 -74.42 31.18
C GLU F 66 -20.41 -75.91 30.91
N ARG F 67 -21.55 -76.44 30.46
CA ARG F 67 -21.58 -77.88 30.17
C ARG F 67 -21.29 -78.20 28.71
N ALA F 68 -21.06 -77.20 27.86
CA ALA F 68 -20.72 -77.48 26.47
C ALA F 68 -19.22 -77.47 26.21
N LEU F 69 -18.45 -76.69 26.98
CA LEU F 69 -17.01 -76.70 26.83
C LEU F 69 -16.38 -78.07 27.07
N PRO F 70 -16.74 -78.82 28.13
CA PRO F 70 -16.23 -80.19 28.20
C PRO F 70 -16.60 -81.02 26.98
N GLU F 71 -17.81 -80.87 26.47
CA GLU F 71 -18.22 -81.59 25.27
C GLU F 71 -17.32 -81.25 24.10
N LEU F 72 -16.94 -79.98 23.97
CA LEU F 72 -15.93 -79.60 22.99
C LEU F 72 -14.63 -80.36 23.24
N GLN F 73 -14.24 -80.49 24.51
CA GLN F 73 -12.98 -81.15 24.83
C GLN F 73 -12.99 -82.60 24.37
N GLN F 74 -14.02 -83.37 24.73
CA GLN F 74 -14.04 -84.77 24.28
C GLN F 74 -14.20 -84.85 22.76
N ALA F 75 -14.98 -83.95 22.16
CA ALA F 75 -15.14 -84.00 20.70
C ALA F 75 -13.81 -83.81 19.99
N LEU F 76 -13.05 -82.78 20.38
CA LEU F 76 -11.76 -82.53 19.74
C LEU F 76 -10.75 -83.62 20.08
N SER F 77 -10.78 -84.17 21.30
CA SER F 77 -9.86 -85.25 21.64
C SER F 77 -10.14 -86.48 20.79
N ALA F 78 -11.41 -86.84 20.61
CA ALA F 78 -11.75 -87.98 19.77
C ALA F 78 -11.41 -87.70 18.31
N LEU F 79 -11.64 -86.48 17.85
CA LEU F 79 -11.34 -86.13 16.45
C LEU F 79 -9.84 -86.24 16.18
N LYS F 80 -9.02 -85.73 17.10
CA LYS F 80 -7.57 -85.83 16.94
C LYS F 80 -7.10 -87.28 17.06
N GLN F 81 -7.63 -88.02 18.03
CA GLN F 81 -7.22 -89.40 18.21
C GLN F 81 -7.66 -90.29 17.06
N ALA F 82 -8.73 -89.90 16.36
CA ALA F 82 -9.21 -90.69 15.24
C ALA F 82 -8.17 -90.71 14.12
N GLY F 83 -7.90 -91.89 13.60
CA GLY F 83 -6.95 -92.04 12.51
C GLY F 83 -7.64 -92.38 11.21
N GLY F 84 -8.76 -93.09 11.29
CA GLY F 84 -9.51 -93.41 10.09
C GLY F 84 -10.22 -92.19 9.53
N ALA F 85 -10.44 -92.21 8.21
CA ALA F 85 -11.11 -91.09 7.56
C ALA F 85 -12.54 -90.94 8.05
N ARG F 86 -13.26 -92.06 8.18
CA ARG F 86 -14.65 -92.00 8.61
C ARG F 86 -14.79 -91.50 10.05
N ALA F 87 -13.91 -91.94 10.95
CA ALA F 87 -13.97 -91.47 12.33
C ALA F 87 -13.69 -89.96 12.42
N VAL F 88 -12.70 -89.49 11.66
CA VAL F 88 -12.41 -88.06 11.63
C VAL F 88 -13.59 -87.28 11.08
N GLY F 89 -14.21 -87.79 10.01
CA GLY F 89 -15.39 -87.14 9.47
C GLY F 89 -16.54 -87.10 10.46
N ALA F 90 -16.74 -88.19 11.19
CA ALA F 90 -17.79 -88.23 12.20
C ALA F 90 -17.53 -87.22 13.31
N GLY F 91 -16.27 -87.12 13.77
CA GLY F 91 -15.94 -86.13 14.78
C GLY F 91 -16.15 -84.71 14.29
N LEU F 92 -15.74 -84.43 13.05
CA LEU F 92 -15.96 -83.11 12.47
C LEU F 92 -17.44 -82.80 12.36
N ALA F 93 -18.24 -83.79 11.97
CA ALA F 93 -19.68 -83.60 11.89
C ALA F 93 -20.27 -83.32 13.28
N GLU F 94 -19.80 -84.01 14.30
CA GLU F 94 -20.27 -83.75 15.66
C GLU F 94 -19.96 -82.32 16.09
N VAL F 95 -18.73 -81.88 15.83
CA VAL F 95 -18.34 -80.51 16.19
C VAL F 95 -19.18 -79.50 15.42
N PHE F 96 -19.41 -79.74 14.12
CA PHE F 96 -20.19 -78.82 13.31
C PHE F 96 -21.65 -78.75 13.80
N GLN F 97 -22.23 -79.91 14.15
CA GLN F 97 -23.59 -79.91 14.67
C GLN F 97 -23.67 -79.18 16.00
N LEU F 98 -22.68 -79.37 16.88
CA LEU F 98 -22.68 -78.65 18.14
C LEU F 98 -22.57 -77.14 17.91
N VAL F 99 -21.73 -76.73 16.96
CA VAL F 99 -21.61 -75.31 16.63
C VAL F 99 -22.93 -74.76 16.10
N GLU F 100 -23.60 -75.53 15.23
CA GLU F 100 -24.89 -75.09 14.70
C GLU F 100 -25.92 -74.95 15.81
N GLU F 101 -25.98 -75.92 16.72
CA GLU F 101 -26.94 -75.85 17.82
C GLU F 101 -26.66 -74.65 18.71
N ALA F 102 -25.38 -74.37 18.97
CA ALA F 102 -25.02 -73.18 19.73
C ALA F 102 -25.44 -71.90 19.01
N TRP F 103 -25.25 -71.86 17.69
CA TRP F 103 -25.66 -70.71 16.91
C TRP F 103 -27.17 -70.51 16.94
N LEU F 104 -27.94 -71.60 16.98
CA LEU F 104 -29.40 -71.49 16.99
C LEU F 104 -29.93 -70.85 18.27
N LEU F 105 -29.13 -70.80 19.33
CA LEU F 105 -29.57 -70.20 20.57
C LEU F 105 -29.75 -68.69 20.43
N GLY F 109 -26.67 -68.62 19.63
CA GLY F 109 -25.96 -67.88 20.65
C GLY F 109 -24.64 -67.31 20.15
N ARG F 110 -24.58 -65.98 20.03
CA ARG F 110 -23.36 -65.33 19.57
C ARG F 110 -22.21 -65.56 20.55
N GLU F 111 -22.46 -65.30 21.84
CA GLU F 111 -21.42 -65.50 22.85
C GLU F 111 -21.07 -66.98 23.00
N VAL F 112 -22.05 -67.86 22.82
CA VAL F 112 -21.78 -69.29 22.92
C VAL F 112 -20.83 -69.72 21.81
N ALA F 113 -21.09 -69.27 20.58
CA ALA F 113 -20.21 -69.61 19.47
C ALA F 113 -18.84 -68.96 19.62
N GLN F 114 -18.80 -67.74 20.18
CA GLN F 114 -17.52 -67.11 20.46
C GLN F 114 -16.71 -67.94 21.45
N GLY F 115 -17.35 -68.43 22.51
CA GLY F 115 -16.65 -69.30 23.45
C GLY F 115 -16.22 -70.61 22.81
N LEU F 116 -17.04 -71.14 21.90
CA LEU F 116 -16.65 -72.35 21.17
C LEU F 116 -15.38 -72.12 20.37
N CYS F 117 -15.36 -71.06 19.57
CA CYS F 117 -14.23 -70.80 18.69
C CYS F 117 -12.99 -70.39 19.48
N ASP F 118 -13.15 -69.74 20.63
CA ASP F 118 -11.99 -69.44 21.47
C ASP F 118 -11.31 -70.72 21.93
N ALA F 119 -12.09 -71.70 22.38
CA ALA F 119 -11.51 -72.98 22.79
C ALA F 119 -10.88 -73.70 21.60
N ILE F 120 -11.54 -73.66 20.44
CA ILE F 120 -10.98 -74.31 19.26
C ILE F 120 -9.63 -73.69 18.89
N ARG F 121 -9.54 -72.35 18.93
CA ARG F 121 -8.29 -71.69 18.61
C ARG F 121 -7.21 -71.99 19.65
N LEU F 122 -7.59 -71.99 20.93
CA LEU F 122 -6.61 -72.26 21.99
C LEU F 122 -6.06 -73.68 21.88
N ASP F 123 -6.90 -74.65 21.57
CA ASP F 123 -6.46 -76.03 21.43
C ASP F 123 -5.84 -76.32 20.07
N GLY F 124 -5.68 -75.32 19.22
CA GLY F 124 -5.07 -75.54 17.91
C GLY F 124 -5.92 -76.35 16.96
N GLY F 125 -7.25 -76.30 17.12
CA GLY F 125 -8.11 -77.08 16.24
C GLY F 125 -8.04 -76.64 14.80
N LEU F 126 -7.87 -75.33 14.56
CA LEU F 126 -7.85 -74.84 13.19
C LEU F 126 -6.61 -75.31 12.44
N ASP F 127 -5.48 -75.50 13.14
CA ASP F 127 -4.31 -76.11 12.50
C ASP F 127 -4.62 -77.54 12.07
N LEU F 128 -5.33 -78.29 12.91
CA LEU F 128 -5.72 -79.65 12.56
C LEU F 128 -6.66 -79.64 11.35
N LEU F 129 -7.60 -78.68 11.31
CA LEU F 129 -8.45 -78.54 10.14
C LEU F 129 -7.64 -78.21 8.90
N LEU F 130 -6.62 -77.37 9.04
CA LEU F 130 -5.77 -77.03 7.90
C LEU F 130 -5.05 -78.26 7.36
N ARG F 131 -4.47 -79.07 8.25
CA ARG F 131 -3.77 -80.26 7.77
C ARG F 131 -4.73 -81.35 7.30
N LEU F 132 -6.00 -81.30 7.72
CA LEU F 132 -7.01 -82.16 7.11
C LEU F 132 -7.40 -81.67 5.73
N LEU F 133 -7.45 -80.35 5.53
CA LEU F 133 -7.56 -79.79 4.19
C LEU F 133 -6.41 -80.25 3.32
N GLN F 134 -5.22 -80.38 3.91
CA GLN F 134 -4.08 -80.91 3.19
C GLN F 134 -4.13 -82.42 3.00
N ALA F 135 -5.02 -83.11 3.70
CA ALA F 135 -5.10 -84.56 3.60
C ALA F 135 -5.64 -84.99 2.23
N PRO F 136 -5.16 -86.10 1.69
CA PRO F 136 -5.65 -86.54 0.37
C PRO F 136 -7.11 -86.93 0.35
N GLU F 137 -7.67 -87.37 1.48
CA GLU F 137 -9.06 -87.82 1.49
C GLU F 137 -10.00 -86.66 1.24
N LEU F 138 -10.94 -86.85 0.31
CA LEU F 138 -11.84 -85.77 -0.07
C LEU F 138 -12.91 -85.53 1.00
N GLU F 139 -13.49 -86.60 1.54
CA GLU F 139 -14.58 -86.42 2.50
C GLU F 139 -14.09 -85.80 3.80
N THR F 140 -12.91 -86.20 4.26
CA THR F 140 -12.32 -85.52 5.43
C THR F 140 -12.21 -84.03 5.15
N ARG F 141 -11.81 -83.67 3.92
CA ARG F 141 -11.74 -82.27 3.54
C ARG F 141 -13.10 -81.61 3.59
N VAL F 142 -14.16 -82.32 3.16
CA VAL F 142 -15.47 -81.67 3.13
C VAL F 142 -15.98 -81.43 4.55
N GLN F 143 -15.78 -82.37 5.46
CA GLN F 143 -16.20 -82.11 6.84
C GLN F 143 -15.35 -81.02 7.49
N ALA F 144 -14.03 -81.04 7.22
CA ALA F 144 -13.17 -80.01 7.79
C ALA F 144 -13.57 -78.63 7.29
N ALA F 145 -13.90 -78.51 6.01
CA ALA F 145 -14.33 -77.21 5.47
C ALA F 145 -15.72 -76.83 5.95
N ARG F 146 -16.58 -77.82 6.20
CA ARG F 146 -17.88 -77.53 6.81
C ARG F 146 -17.69 -76.91 8.19
N LEU F 147 -16.77 -77.44 8.98
CA LEU F 147 -16.44 -76.80 10.25
C LEU F 147 -15.81 -75.43 10.04
N LEU F 148 -14.95 -75.31 9.03
CA LEU F 148 -14.21 -74.08 8.79
C LEU F 148 -15.14 -72.92 8.47
N GLU F 149 -16.17 -73.17 7.66
CA GLU F 149 -17.11 -72.09 7.33
C GLU F 149 -17.74 -71.47 8.58
N GLN F 150 -17.99 -72.27 9.60
CA GLN F 150 -18.71 -71.80 10.79
C GLN F 150 -17.80 -71.48 11.96
N ILE F 151 -16.50 -71.75 11.86
CA ILE F 151 -15.57 -71.36 12.92
C ILE F 151 -14.72 -70.17 12.55
N LEU F 152 -15.03 -69.46 11.46
CA LEU F 152 -14.23 -68.33 11.01
C LEU F 152 -14.72 -67.03 11.66
N VAL F 153 -14.52 -66.97 12.99
CA VAL F 153 -14.78 -65.75 13.75
C VAL F 153 -13.58 -64.82 13.63
N ALA F 154 -13.72 -63.59 14.12
CA ALA F 154 -12.72 -62.55 13.90
C ALA F 154 -11.33 -63.00 14.36
N GLU F 155 -11.22 -63.57 15.56
CA GLU F 155 -9.93 -64.03 16.04
C GLU F 155 -9.42 -65.21 15.22
N ASN F 156 -10.29 -66.18 14.94
CA ASN F 156 -9.90 -67.27 14.07
C ASN F 156 -9.61 -66.76 12.66
N ARG F 157 -10.30 -65.71 12.23
CA ARG F 157 -10.00 -65.10 10.94
C ARG F 157 -8.59 -64.52 10.93
N ASP F 158 -8.19 -63.86 12.02
CA ASP F 158 -6.83 -63.36 12.13
C ASP F 158 -5.82 -64.50 12.10
N ARG F 159 -6.13 -65.59 12.80
CA ARG F 159 -5.22 -66.74 12.81
C ARG F 159 -5.07 -67.35 11.41
N VAL F 160 -6.19 -67.49 10.69
CA VAL F 160 -6.11 -68.01 9.32
C VAL F 160 -5.36 -67.04 8.41
N ALA F 161 -5.54 -65.74 8.61
CA ALA F 161 -4.79 -64.76 7.82
C ALA F 161 -3.30 -64.89 8.08
N ARG F 162 -2.90 -65.07 9.34
CA ARG F 162 -1.47 -65.08 9.65
C ARG F 162 -0.80 -66.39 9.24
N ILE F 163 -1.43 -67.55 9.47
CA ILE F 163 -0.74 -68.80 9.19
C ILE F 163 -1.53 -69.72 8.28
N GLY F 164 -2.87 -69.61 8.32
CA GLY F 164 -3.70 -70.53 7.57
C GLY F 164 -3.84 -70.21 6.10
N LEU F 165 -3.47 -69.01 5.68
CA LEU F 165 -3.59 -68.63 4.28
C LEU F 165 -2.61 -69.43 3.42
N GLY F 166 -2.96 -69.57 2.15
CA GLY F 166 -2.18 -70.38 1.24
C GLY F 166 -2.76 -71.77 1.06
N VAL F 167 -3.24 -72.35 2.16
CA VAL F 167 -3.93 -73.64 2.08
C VAL F 167 -5.26 -73.49 1.37
N ILE F 168 -5.96 -72.39 1.61
CA ILE F 168 -7.26 -72.16 0.98
C ILE F 168 -7.11 -72.01 -0.53
N LEU F 169 -5.97 -71.49 -1.00
CA LEU F 169 -5.75 -71.38 -2.44
C LEU F 169 -5.70 -72.76 -3.09
N ASN F 170 -5.17 -73.75 -2.39
CA ASN F 170 -5.17 -75.12 -2.93
C ASN F 170 -6.60 -75.63 -3.11
N LEU F 171 -7.47 -75.31 -2.16
CA LEU F 171 -8.89 -75.62 -2.34
C LEU F 171 -9.48 -74.87 -3.53
N ALA F 172 -9.12 -73.58 -3.66
CA ALA F 172 -9.61 -72.79 -4.79
C ALA F 172 -9.16 -73.39 -6.12
N LYS F 173 -8.04 -74.11 -6.13
CA LYS F 173 -7.64 -74.84 -7.32
C LYS F 173 -8.67 -75.91 -7.68
N GLU F 174 -9.20 -76.60 -6.67
CA GLU F 174 -10.29 -77.54 -6.91
C GLU F 174 -11.55 -76.78 -7.28
N ARG F 175 -12.25 -77.26 -8.30
CA ARG F 175 -13.39 -76.52 -8.85
C ARG F 175 -14.62 -77.42 -9.02
N GLU F 176 -14.42 -78.72 -9.17
CA GLU F 176 -15.51 -79.59 -9.61
C GLU F 176 -16.54 -79.86 -8.50
N PRO F 177 -16.17 -80.36 -7.33
CA PRO F 177 -17.21 -80.73 -6.34
C PRO F 177 -18.04 -79.53 -5.91
N VAL F 178 -19.35 -79.77 -5.76
CA VAL F 178 -20.26 -78.71 -5.31
C VAL F 178 -20.02 -78.40 -3.83
N GLU F 179 -19.82 -79.43 -3.02
CA GLU F 179 -19.61 -79.22 -1.58
C GLU F 179 -18.34 -78.42 -1.33
N LEU F 180 -17.25 -78.77 -2.02
CA LEU F 180 -16.03 -77.99 -1.90
C LEU F 180 -16.25 -76.56 -2.38
N ALA F 181 -16.99 -76.39 -3.48
CA ALA F 181 -17.26 -75.04 -3.96
C ALA F 181 -17.96 -74.21 -2.90
N ARG F 182 -19.02 -74.74 -2.31
CA ARG F 182 -19.76 -74.00 -1.28
C ARG F 182 -18.87 -73.69 -0.08
N SER F 183 -18.12 -74.69 0.38
CA SER F 183 -17.31 -74.51 1.58
C SER F 183 -16.22 -73.46 1.37
N VAL F 184 -15.48 -73.57 0.27
CA VAL F 184 -14.42 -72.61 0.01
C VAL F 184 -15.00 -71.24 -0.31
N ALA F 185 -16.20 -71.17 -0.89
CA ALA F 185 -16.83 -69.88 -1.09
C ALA F 185 -17.13 -69.20 0.24
N GLY F 186 -17.66 -69.95 1.21
CA GLY F 186 -17.89 -69.39 2.53
C GLY F 186 -16.61 -68.96 3.21
N ILE F 187 -15.57 -69.80 3.12
CA ILE F 187 -14.29 -69.48 3.74
C ILE F 187 -13.69 -68.22 3.11
N LEU F 188 -13.77 -68.10 1.78
CA LEU F 188 -13.26 -66.92 1.10
C LEU F 188 -14.07 -65.69 1.48
N GLU F 189 -15.38 -65.84 1.66
CA GLU F 189 -16.20 -64.74 2.15
C GLU F 189 -15.69 -64.23 3.48
N HIS F 190 -15.51 -65.14 4.44
CA HIS F 190 -15.05 -64.72 5.76
C HIS F 190 -13.65 -64.10 5.68
N MET F 191 -12.77 -64.69 4.87
CA MET F 191 -11.42 -64.16 4.74
C MET F 191 -11.43 -62.76 4.11
N PHE F 192 -12.33 -62.54 3.14
CA PHE F 192 -12.47 -61.22 2.55
C PHE F 192 -13.04 -60.22 3.55
N LYS F 193 -13.79 -60.69 4.54
CA LYS F 193 -14.27 -59.80 5.60
C LYS F 193 -13.18 -59.47 6.61
N HIS F 194 -11.97 -60.01 6.46
CA HIS F 194 -10.94 -59.85 7.49
C HIS F 194 -10.25 -58.49 7.41
N SER F 195 -9.53 -58.23 6.31
CA SER F 195 -8.73 -57.02 6.22
C SER F 195 -8.35 -56.79 4.76
N GLU F 196 -7.79 -55.60 4.51
CA GLU F 196 -7.44 -55.20 3.15
C GLU F 196 -6.28 -56.03 2.60
N GLU F 197 -5.27 -56.31 3.43
CA GLU F 197 -4.11 -57.04 2.96
C GLU F 197 -4.49 -58.45 2.53
N THR F 198 -5.34 -59.12 3.30
CA THR F 198 -5.79 -60.45 2.93
C THR F 198 -6.61 -60.42 1.65
N CYS F 199 -7.43 -59.39 1.48
CA CYS F 199 -8.19 -59.24 0.24
C CYS F 199 -7.26 -59.08 -0.95
N GLN F 200 -6.23 -58.25 -0.81
CA GLN F 200 -5.28 -58.05 -1.90
C GLN F 200 -4.54 -59.34 -2.22
N ARG F 201 -4.13 -60.08 -1.19
CA ARG F 201 -3.43 -61.35 -1.42
C ARG F 201 -4.32 -62.36 -2.11
N LEU F 202 -5.59 -62.45 -1.70
CA LEU F 202 -6.51 -63.38 -2.34
C LEU F 202 -6.79 -62.98 -3.78
N VAL F 203 -6.92 -61.68 -4.04
CA VAL F 203 -7.12 -61.22 -5.42
C VAL F 203 -5.91 -61.55 -6.27
N ALA F 204 -4.70 -61.37 -5.73
CA ALA F 204 -3.50 -61.77 -6.44
C ALA F 204 -3.49 -63.27 -6.71
N ALA F 205 -4.07 -64.06 -5.82
CA ALA F 205 -4.20 -65.49 -6.03
C ALA F 205 -5.44 -65.77 -6.87
N GLY F 206 -5.85 -67.03 -6.95
CA GLY F 206 -7.00 -67.44 -7.71
C GLY F 206 -8.33 -67.42 -6.98
N GLY F 207 -8.40 -66.76 -5.82
CA GLY F 207 -9.65 -66.73 -5.08
C GLY F 207 -10.76 -66.03 -5.82
N LEU F 208 -10.46 -64.88 -6.43
CA LEU F 208 -11.48 -64.16 -7.20
C LEU F 208 -11.91 -64.98 -8.42
N ASP F 209 -10.97 -65.63 -9.09
CA ASP F 209 -11.33 -66.49 -10.22
C ASP F 209 -12.20 -67.64 -9.77
N ALA F 210 -11.89 -68.23 -8.61
CA ALA F 210 -12.74 -69.28 -8.06
C ALA F 210 -14.13 -68.77 -7.76
N VAL F 211 -14.23 -67.56 -7.22
CA VAL F 211 -15.56 -66.98 -6.94
C VAL F 211 -16.33 -66.79 -8.23
N LEU F 212 -15.66 -66.30 -9.29
CA LEU F 212 -16.34 -66.12 -10.58
C LEU F 212 -16.81 -67.47 -11.15
N TYR F 213 -15.95 -68.49 -11.06
CA TYR F 213 -16.33 -69.80 -11.58
C TYR F 213 -17.52 -70.38 -10.81
N TRP F 214 -17.53 -70.20 -9.49
CA TRP F 214 -18.67 -70.67 -8.70
C TRP F 214 -19.92 -69.84 -8.98
N CYS F 215 -19.74 -68.57 -9.36
CA CYS F 215 -20.87 -67.78 -9.83
C CYS F 215 -21.41 -68.31 -11.15
N ARG F 216 -20.54 -68.88 -11.99
CA ARG F 216 -21.00 -69.56 -13.19
C ARG F 216 -21.88 -70.76 -12.86
N ARG F 217 -21.73 -71.33 -11.67
CA ARG F 217 -22.49 -72.50 -11.27
C ARG F 217 -23.94 -72.13 -10.94
N THR F 218 -24.67 -73.11 -10.41
CA THR F 218 -26.12 -73.00 -10.25
C THR F 218 -26.59 -73.19 -8.81
N ASP F 219 -25.76 -73.78 -7.95
CA ASP F 219 -26.21 -74.13 -6.60
C ASP F 219 -26.67 -72.88 -5.85
N PRO F 220 -27.81 -72.92 -5.17
CA PRO F 220 -28.30 -71.71 -4.48
C PRO F 220 -27.38 -71.25 -3.35
N ALA F 221 -27.02 -72.15 -2.43
CA ALA F 221 -26.17 -71.76 -1.31
C ALA F 221 -24.81 -71.30 -1.79
N LEU F 222 -24.25 -71.97 -2.81
CA LEU F 222 -22.96 -71.54 -3.35
C LEU F 222 -23.05 -70.13 -3.91
N LEU F 223 -24.12 -69.83 -4.65
CA LEU F 223 -24.29 -68.50 -5.20
C LEU F 223 -24.46 -67.46 -4.10
N ARG F 224 -25.19 -67.81 -3.04
CA ARG F 224 -25.36 -66.89 -1.91
C ARG F 224 -24.02 -66.56 -1.26
N HIS F 225 -23.22 -67.60 -0.98
CA HIS F 225 -21.91 -67.36 -0.38
C HIS F 225 -21.01 -66.57 -1.31
N CYS F 226 -21.07 -66.82 -2.62
CA CYS F 226 -20.24 -66.06 -3.56
C CYS F 226 -20.66 -64.60 -3.60
N ALA F 227 -21.97 -64.32 -3.60
CA ALA F 227 -22.44 -62.95 -3.59
C ALA F 227 -22.01 -62.23 -2.32
N LEU F 228 -22.14 -62.89 -1.17
CA LEU F 228 -21.72 -62.27 0.08
C LEU F 228 -20.21 -62.08 0.12
N ALA F 229 -19.45 -63.01 -0.47
CA ALA F 229 -18.00 -62.86 -0.55
C ALA F 229 -17.63 -61.64 -1.40
N LEU F 230 -18.27 -61.48 -2.55
CA LEU F 230 -17.97 -60.33 -3.39
C LEU F 230 -18.35 -59.03 -2.69
N GLY F 231 -19.48 -59.02 -1.99
CA GLY F 231 -19.85 -57.82 -1.23
C GLY F 231 -18.84 -57.50 -0.15
N ASN F 232 -18.41 -58.52 0.61
CA ASN F 232 -17.45 -58.30 1.68
C ASN F 232 -16.11 -57.80 1.14
N CYS F 233 -15.64 -58.40 0.04
CA CYS F 233 -14.36 -57.99 -0.51
C CYS F 233 -14.43 -56.59 -1.11
N ALA F 234 -15.57 -56.24 -1.72
CA ALA F 234 -15.73 -54.88 -2.21
C ALA F 234 -15.75 -53.88 -1.06
N LEU F 235 -16.37 -54.25 0.05
CA LEU F 235 -16.45 -53.34 1.19
C LEU F 235 -15.09 -53.16 1.87
N HIS F 236 -14.32 -54.25 2.00
CA HIS F 236 -13.10 -54.25 2.79
C HIS F 236 -11.83 -54.34 1.95
N GLY F 237 -11.91 -54.06 0.64
CA GLY F 237 -10.75 -54.22 -0.20
C GLY F 237 -9.91 -52.97 -0.40
N GLY F 238 -10.55 -51.88 -0.82
CA GLY F 238 -9.84 -50.66 -1.14
C GLY F 238 -9.88 -50.39 -2.64
N GLN F 239 -9.15 -49.34 -3.04
CA GLN F 239 -9.16 -48.92 -4.44
C GLN F 239 -8.57 -50.00 -5.34
N ALA F 240 -7.42 -50.54 -4.96
CA ALA F 240 -6.74 -51.52 -5.81
C ALA F 240 -7.57 -52.79 -5.97
N VAL F 241 -8.19 -53.25 -4.88
CA VAL F 241 -8.99 -54.48 -4.95
C VAL F 241 -10.17 -54.29 -5.88
N GLN F 242 -10.87 -53.16 -5.78
CA GLN F 242 -12.00 -52.90 -6.66
C GLN F 242 -11.55 -52.75 -8.11
N ARG F 243 -10.41 -52.09 -8.34
CA ARG F 243 -9.90 -51.98 -9.70
C ARG F 243 -9.59 -53.34 -10.29
N ARG F 244 -8.96 -54.22 -9.51
CA ARG F 244 -8.65 -55.56 -9.99
C ARG F 244 -9.92 -56.36 -10.22
N MET F 245 -10.92 -56.17 -9.37
CA MET F 245 -12.20 -56.85 -9.57
C MET F 245 -12.84 -56.45 -10.90
N VAL F 246 -12.89 -55.15 -11.18
CA VAL F 246 -13.51 -54.70 -12.42
C VAL F 246 -12.68 -55.15 -13.63
N GLU F 247 -11.35 -55.13 -13.49
CA GLU F 247 -10.51 -55.65 -14.56
C GLU F 247 -10.80 -57.12 -14.84
N LYS F 248 -11.28 -57.85 -13.84
CA LYS F 248 -11.71 -59.23 -14.02
C LYS F 248 -13.20 -59.34 -14.29
N ARG F 249 -13.87 -58.22 -14.56
CA ARG F 249 -15.30 -58.19 -14.89
C ARG F 249 -16.15 -58.74 -13.75
N ALA F 250 -16.03 -58.08 -12.59
CA ALA F 250 -16.78 -58.52 -11.42
C ALA F 250 -18.28 -58.24 -11.56
N ALA F 251 -18.64 -57.08 -12.11
CA ALA F 251 -20.05 -56.71 -12.21
C ALA F 251 -20.79 -57.63 -13.20
N GLU F 252 -20.13 -58.01 -14.29
CA GLU F 252 -20.77 -58.89 -15.26
C GLU F 252 -21.12 -60.24 -14.63
N TRP F 253 -20.21 -60.80 -13.83
CA TRP F 253 -20.51 -62.04 -13.14
C TRP F 253 -21.43 -61.84 -11.95
N LEU F 254 -21.52 -60.61 -11.44
CA LEU F 254 -22.51 -60.32 -10.40
C LEU F 254 -23.92 -60.25 -10.97
N PHE F 255 -24.04 -59.91 -12.25
CA PHE F 255 -25.35 -59.77 -12.88
C PHE F 255 -26.24 -61.01 -12.77
N PRO F 256 -25.78 -62.22 -13.10
CA PRO F 256 -26.69 -63.39 -13.00
C PRO F 256 -27.18 -63.64 -11.59
N LEU F 257 -26.36 -63.35 -10.57
CA LEU F 257 -26.77 -63.57 -9.20
C LEU F 257 -27.93 -62.65 -8.83
N ALA F 258 -27.91 -61.40 -9.30
CA ALA F 258 -29.02 -60.49 -9.06
C ALA F 258 -30.22 -60.82 -9.94
N PHE F 259 -29.98 -61.36 -11.13
CA PHE F 259 -31.07 -61.63 -12.06
C PHE F 259 -31.86 -62.89 -11.68
N SER F 260 -31.26 -63.79 -10.91
CA SER F 260 -31.90 -65.06 -10.61
C SER F 260 -33.12 -64.85 -9.72
N LYS F 261 -34.29 -65.21 -10.22
CA LYS F 261 -35.54 -65.03 -9.48
C LYS F 261 -35.77 -66.10 -8.43
N GLU F 262 -34.92 -67.11 -8.35
CA GLU F 262 -35.16 -68.22 -7.44
C GLU F 262 -35.11 -67.77 -5.98
N ASP F 263 -34.08 -67.00 -5.61
CA ASP F 263 -33.89 -66.56 -4.24
C ASP F 263 -33.77 -65.05 -4.19
N GLU F 264 -34.49 -64.43 -3.24
CA GLU F 264 -34.45 -62.98 -3.10
C GLU F 264 -33.15 -62.52 -2.42
N LEU F 265 -32.66 -63.29 -1.45
CA LEU F 265 -31.45 -62.90 -0.74
C LEU F 265 -30.23 -62.87 -1.65
N LEU F 266 -30.17 -63.78 -2.62
CA LEU F 266 -29.05 -63.77 -3.57
C LEU F 266 -29.04 -62.48 -4.38
N ARG F 267 -30.20 -62.07 -4.90
CA ARG F 267 -30.28 -60.82 -5.63
C ARG F 267 -29.96 -59.64 -4.73
N LEU F 268 -30.42 -59.67 -3.48
CA LEU F 268 -30.17 -58.58 -2.56
C LEU F 268 -28.68 -58.41 -2.30
N HIS F 269 -27.98 -59.53 -2.07
CA HIS F 269 -26.54 -59.47 -1.85
C HIS F 269 -25.79 -59.03 -3.10
N ALA F 270 -26.21 -59.53 -4.27
CA ALA F 270 -25.57 -59.11 -5.52
C ALA F 270 -25.75 -57.63 -5.77
N CYS F 271 -26.94 -57.10 -5.50
CA CYS F 271 -27.19 -55.68 -5.65
C CYS F 271 -26.40 -54.86 -4.64
N LEU F 272 -26.23 -55.38 -3.41
CA LEU F 272 -25.37 -54.70 -2.45
C LEU F 272 -23.94 -54.61 -2.97
N ALA F 273 -23.43 -55.72 -3.52
CA ALA F 273 -22.07 -55.71 -4.07
C ALA F 273 -21.95 -54.73 -5.23
N VAL F 274 -22.95 -54.71 -6.12
CA VAL F 274 -22.93 -53.79 -7.25
C VAL F 274 -22.95 -52.35 -6.77
N ALA F 275 -23.78 -52.05 -5.76
CA ALA F 275 -23.84 -50.69 -5.23
C ALA F 275 -22.53 -50.28 -4.58
N VAL F 276 -21.89 -51.21 -3.86
CA VAL F 276 -20.60 -50.90 -3.24
C VAL F 276 -19.55 -50.63 -4.30
N LEU F 277 -19.57 -51.42 -5.39
CA LEU F 277 -18.68 -51.14 -6.51
C LEU F 277 -18.98 -49.78 -7.14
N ALA F 278 -20.26 -49.42 -7.22
CA ALA F 278 -20.65 -48.15 -7.83
C ALA F 278 -20.26 -46.96 -6.96
N THR F 279 -20.17 -47.15 -5.64
CA THR F 279 -19.71 -46.07 -4.77
C THR F 279 -18.30 -45.64 -5.14
N ASN F 280 -17.47 -46.56 -5.61
CA ASN F 280 -16.19 -46.24 -6.23
C ASN F 280 -16.49 -45.60 -7.58
N LYS F 281 -16.47 -44.28 -7.64
CA LYS F 281 -16.96 -43.57 -8.81
C LYS F 281 -15.90 -43.37 -9.88
N GLU F 282 -14.68 -43.87 -9.67
CA GLU F 282 -13.68 -43.81 -10.74
C GLU F 282 -13.87 -44.95 -11.74
N VAL F 283 -14.75 -45.89 -11.45
CA VAL F 283 -15.01 -47.03 -12.34
C VAL F 283 -16.51 -47.17 -12.62
N GLU F 284 -17.31 -46.17 -12.25
CA GLU F 284 -18.74 -46.20 -12.54
C GLU F 284 -19.01 -46.35 -14.03
N ARG F 285 -18.12 -45.84 -14.87
CA ARG F 285 -18.31 -45.99 -16.32
C ARG F 285 -18.35 -47.46 -16.72
N GLU F 286 -17.35 -48.23 -16.30
CA GLU F 286 -17.35 -49.65 -16.62
C GLU F 286 -18.45 -50.40 -15.89
N VAL F 287 -18.79 -49.98 -14.67
CA VAL F 287 -19.89 -50.62 -13.95
C VAL F 287 -21.20 -50.46 -14.72
N GLU F 288 -21.44 -49.26 -15.26
CA GLU F 288 -22.61 -49.05 -16.10
C GLU F 288 -22.50 -49.83 -17.41
N ARG F 289 -21.30 -49.92 -17.99
CA ARG F 289 -21.10 -50.73 -19.19
C ARG F 289 -21.51 -52.18 -18.93
N SER F 290 -21.31 -52.67 -17.70
CA SER F 290 -21.79 -54.00 -17.35
C SER F 290 -23.31 -54.06 -17.40
N GLY F 291 -23.98 -52.99 -16.94
CA GLY F 291 -25.43 -52.92 -16.99
C GLY F 291 -26.15 -53.57 -15.83
N THR F 292 -25.42 -54.08 -14.83
CA THR F 292 -26.07 -54.73 -13.70
C THR F 292 -26.70 -53.72 -12.74
N LEU F 293 -26.35 -52.45 -12.85
CA LEU F 293 -26.92 -51.44 -11.96
C LEU F 293 -28.42 -51.22 -12.22
N ALA F 294 -28.90 -51.58 -13.41
CA ALA F 294 -30.29 -51.30 -13.77
C ALA F 294 -31.27 -52.03 -12.86
N LEU F 295 -30.99 -53.30 -12.54
CA LEU F 295 -31.91 -54.11 -11.77
C LEU F 295 -31.98 -53.73 -10.30
N VAL F 296 -31.10 -52.86 -9.83
CA VAL F 296 -31.05 -52.55 -8.40
C VAL F 296 -32.35 -51.89 -7.95
N GLU F 297 -32.77 -50.84 -8.66
CA GLU F 297 -33.97 -50.11 -8.22
C GLU F 297 -35.24 -50.96 -8.27
N PRO F 298 -35.56 -51.67 -9.37
CA PRO F 298 -36.77 -52.50 -9.35
C PRO F 298 -36.77 -53.56 -8.27
N LEU F 299 -35.62 -54.19 -8.02
CA LEU F 299 -35.56 -55.20 -6.97
C LEU F 299 -35.79 -54.59 -5.60
N VAL F 300 -35.20 -53.42 -5.34
CA VAL F 300 -35.41 -52.75 -4.06
C VAL F 300 -36.87 -52.38 -3.90
N ALA F 301 -37.51 -51.90 -4.98
CA ALA F 301 -38.93 -51.56 -4.91
C ALA F 301 -39.78 -52.79 -4.63
N SER F 302 -39.45 -53.92 -5.28
CA SER F 302 -40.26 -55.12 -5.11
C SER F 302 -40.10 -55.73 -3.72
N LEU F 303 -38.88 -55.82 -3.23
CA LEU F 303 -38.62 -56.48 -1.95
C LEU F 303 -39.14 -55.63 -0.79
N ASP F 304 -39.43 -56.31 0.32
CA ASP F 304 -39.93 -55.68 1.54
C ASP F 304 -38.91 -55.82 2.65
N PRO F 305 -38.58 -54.73 3.36
CA PRO F 305 -37.60 -54.82 4.44
C PRO F 305 -38.00 -55.76 5.56
N GLY F 306 -39.29 -55.86 5.86
CA GLY F 306 -39.73 -56.61 7.02
C GLY F 306 -39.43 -58.10 6.93
N ARG F 307 -39.64 -58.68 5.75
CA ARG F 307 -39.45 -60.13 5.59
C ARG F 307 -38.00 -60.52 5.86
N PHE F 308 -37.06 -59.80 5.24
CA PHE F 308 -35.65 -60.14 5.42
C PHE F 308 -35.13 -59.69 6.79
N ALA F 309 -35.73 -58.64 7.37
CA ALA F 309 -35.37 -58.27 8.73
C ALA F 309 -35.77 -59.35 9.72
N ARG F 310 -36.95 -59.95 9.54
CA ARG F 310 -37.38 -61.03 10.42
C ARG F 310 -36.58 -62.29 10.17
N PRO F 324 -21.71 -53.11 14.09
CA PRO F 324 -21.51 -51.66 14.02
C PRO F 324 -20.60 -51.25 12.86
N ASP F 325 -19.56 -52.04 12.60
CA ASP F 325 -18.68 -51.75 11.48
C ASP F 325 -19.41 -51.88 10.16
N ASP F 326 -20.32 -52.86 10.06
CA ASP F 326 -21.10 -53.01 8.85
C ASP F 326 -21.97 -51.78 8.59
N LEU F 327 -22.58 -51.24 9.65
CA LEU F 327 -23.36 -50.01 9.50
C LEU F 327 -22.47 -48.83 9.12
N GLN F 328 -21.27 -48.76 9.71
CA GLN F 328 -20.35 -47.67 9.38
C GLN F 328 -19.89 -47.77 7.93
N ARG F 329 -19.88 -48.98 7.36
CA ARG F 329 -19.52 -49.13 5.96
C ARG F 329 -20.73 -48.92 5.04
N LEU F 330 -21.94 -49.18 5.54
CA LEU F 330 -23.15 -48.93 4.76
C LEU F 330 -23.49 -47.45 4.69
N VAL F 331 -23.07 -46.66 5.69
CA VAL F 331 -23.36 -45.22 5.67
C VAL F 331 -22.83 -44.54 4.42
N PRO F 332 -21.61 -44.81 3.93
CA PRO F 332 -21.19 -44.21 2.65
C PRO F 332 -22.15 -44.48 1.50
N LEU F 333 -22.80 -45.65 1.48
CA LEU F 333 -23.80 -45.90 0.45
C LEU F 333 -24.96 -44.92 0.56
N LEU F 334 -25.35 -44.56 1.79
CA LEU F 334 -26.36 -43.54 1.98
C LEU F 334 -25.90 -42.20 1.43
N ASP F 335 -24.64 -41.84 1.70
CA ASP F 335 -24.07 -40.58 1.22
C ASP F 335 -23.36 -40.73 -0.12
N SER F 336 -23.67 -41.77 -0.89
CA SER F 336 -22.96 -42.03 -2.14
C SER F 336 -23.40 -41.12 -3.27
N ASN F 337 -24.56 -40.48 -3.15
CA ASN F 337 -25.17 -39.64 -4.18
C ASN F 337 -25.44 -40.40 -5.47
N ARG F 338 -25.43 -41.73 -5.42
CA ARG F 338 -25.81 -42.58 -6.55
C ARG F 338 -27.10 -43.29 -6.21
N LEU F 339 -28.09 -43.19 -7.10
CA LEU F 339 -29.45 -43.60 -6.76
C LEU F 339 -29.52 -45.06 -6.34
N GLU F 340 -28.86 -45.94 -7.09
CA GLU F 340 -28.86 -47.36 -6.73
C GLU F 340 -28.17 -47.59 -5.39
N ALA F 341 -27.01 -46.96 -5.19
CA ALA F 341 -26.30 -47.11 -3.93
C ALA F 341 -27.10 -46.54 -2.76
N GLN F 342 -27.74 -45.38 -2.97
CA GLN F 342 -28.55 -44.80 -1.92
C GLN F 342 -29.73 -45.70 -1.57
N CYS F 343 -30.38 -46.29 -2.58
CA CYS F 343 -31.50 -47.19 -2.32
C CYS F 343 -31.04 -48.43 -1.57
N ILE F 344 -29.91 -49.01 -1.96
CA ILE F 344 -29.40 -50.20 -1.28
C ILE F 344 -29.06 -49.87 0.18
N GLY F 345 -28.39 -48.74 0.40
CA GLY F 345 -28.06 -48.33 1.75
C GLY F 345 -29.29 -48.07 2.59
N ALA F 346 -30.30 -47.44 2.01
CA ALA F 346 -31.54 -47.18 2.74
C ALA F 346 -32.24 -48.48 3.11
N PHE F 347 -32.29 -49.44 2.18
CA PHE F 347 -32.90 -50.73 2.48
C PHE F 347 -32.18 -51.44 3.61
N TYR F 348 -30.84 -51.50 3.52
CA TYR F 348 -30.07 -52.17 4.55
C TYR F 348 -30.22 -51.48 5.91
N LEU F 349 -30.18 -50.15 5.92
CA LEU F 349 -30.30 -49.43 7.17
C LEU F 349 -31.69 -49.55 7.77
N CYS F 350 -32.73 -49.60 6.93
CA CYS F 350 -34.07 -49.81 7.43
C CYS F 350 -34.22 -51.19 8.07
N ALA F 351 -33.67 -52.22 7.40
CA ALA F 351 -33.71 -53.56 7.98
C ALA F 351 -32.96 -53.62 9.30
N GLU F 352 -31.77 -53.02 9.34
CA GLU F 352 -30.98 -53.03 10.57
C GLU F 352 -31.65 -52.23 11.67
N ALA F 353 -32.30 -51.11 11.33
CA ALA F 353 -33.01 -50.33 12.32
C ALA F 353 -34.19 -51.10 12.89
N ALA F 354 -34.92 -51.82 12.03
CA ALA F 354 -36.00 -52.67 12.52
C ALA F 354 -35.45 -53.74 13.47
N ILE F 355 -34.35 -54.37 13.10
CA ILE F 355 -33.76 -55.41 13.95
C ILE F 355 -33.33 -54.83 15.30
N LYS F 356 -32.68 -53.66 15.27
CA LYS F 356 -32.22 -53.05 16.51
C LYS F 356 -33.39 -52.60 17.38
N SER F 357 -34.41 -52.01 16.78
CA SER F 357 -35.59 -51.58 17.53
C SER F 357 -36.38 -52.76 18.08
N LEU F 358 -36.25 -53.94 17.46
CA LEU F 358 -36.81 -55.13 18.08
C LEU F 358 -36.19 -55.38 19.45
N GLN F 359 -34.91 -55.02 19.61
CA GLN F 359 -34.26 -55.03 20.91
C GLN F 359 -34.29 -53.62 21.48
N GLY F 360 -33.56 -53.41 22.58
CA GLY F 360 -33.53 -52.10 23.21
C GLY F 360 -32.38 -51.21 22.76
N LYS F 361 -31.41 -51.79 22.08
CA LYS F 361 -30.22 -51.06 21.65
C LYS F 361 -30.49 -50.40 20.30
N THR F 362 -30.62 -49.06 20.31
CA THR F 362 -30.85 -48.28 19.10
C THR F 362 -29.93 -47.08 18.98
N LYS F 363 -28.94 -46.95 19.86
CA LYS F 363 -28.05 -45.79 19.87
C LYS F 363 -26.91 -45.91 18.87
N VAL F 364 -26.76 -47.06 18.20
CA VAL F 364 -25.66 -47.25 17.26
C VAL F 364 -25.78 -46.27 16.11
N PHE F 365 -26.98 -46.11 15.55
CA PHE F 365 -27.18 -45.20 14.43
C PHE F 365 -26.90 -43.76 14.84
N SER F 366 -27.33 -43.36 16.03
CA SER F 366 -27.03 -42.02 16.52
C SER F 366 -25.53 -41.82 16.70
N ASP F 367 -24.84 -42.84 17.22
CA ASP F 367 -23.39 -42.72 17.40
C ASP F 367 -22.67 -42.59 16.07
N ILE F 368 -23.06 -43.38 15.07
CA ILE F 368 -22.45 -43.28 13.76
C ILE F 368 -22.84 -41.96 13.09
N GLY F 369 -24.08 -41.52 13.26
CA GLY F 369 -24.55 -40.32 12.60
C GLY F 369 -25.41 -40.58 11.38
N ALA F 370 -25.89 -41.80 11.19
CA ALA F 370 -26.73 -42.11 10.04
C ALA F 370 -28.08 -41.43 10.10
N ILE F 371 -28.50 -40.94 11.26
CA ILE F 371 -29.77 -40.24 11.37
C ILE F 371 -29.75 -38.95 10.56
N GLN F 372 -28.64 -38.21 10.65
CA GLN F 372 -28.50 -36.98 9.86
C GLN F 372 -28.49 -37.31 8.37
N SER F 373 -27.82 -38.39 7.98
CA SER F 373 -27.81 -38.79 6.58
C SER F 373 -29.21 -39.15 6.11
N LEU F 374 -29.99 -39.85 6.94
CA LEU F 374 -31.36 -40.18 6.57
C LEU F 374 -32.22 -38.93 6.43
N LYS F 375 -32.06 -37.97 7.34
CA LYS F 375 -32.83 -36.73 7.25
C LYS F 375 -32.48 -35.96 5.98
N ARG F 376 -31.18 -35.88 5.66
CA ARG F 376 -30.78 -35.21 4.41
C ARG F 376 -31.31 -35.96 3.20
N LEU F 377 -31.34 -37.30 3.26
CA LEU F 377 -31.89 -38.09 2.18
C LEU F 377 -33.37 -37.80 1.98
N VAL F 378 -34.12 -37.70 3.07
CA VAL F 378 -35.55 -37.43 2.97
C VAL F 378 -35.81 -36.04 2.41
N CYS F 379 -35.07 -35.03 2.90
CA CYS F 379 -35.32 -33.66 2.45
C CYS F 379 -35.06 -33.52 0.95
N TYR F 380 -33.96 -34.07 0.45
CA TYR F 380 -33.58 -33.93 -0.95
C TYR F 380 -33.92 -35.17 -1.77
N SER F 381 -34.90 -35.95 -1.32
CA SER F 381 -35.26 -37.17 -2.02
C SER F 381 -35.90 -36.85 -3.37
N THR F 382 -35.49 -37.60 -4.39
CA THR F 382 -36.10 -37.50 -5.72
C THR F 382 -36.76 -38.79 -6.18
N ASN F 383 -36.49 -39.91 -5.51
CA ASN F 383 -37.07 -41.21 -5.85
C ASN F 383 -38.08 -41.62 -4.80
N GLY F 384 -39.22 -42.15 -5.26
CA GLY F 384 -40.25 -42.56 -4.33
C GLY F 384 -39.83 -43.71 -3.45
N THR F 385 -39.17 -44.71 -4.02
CA THR F 385 -38.75 -45.88 -3.24
C THR F 385 -37.73 -45.49 -2.19
N LYS F 386 -36.72 -44.71 -2.57
CA LYS F 386 -35.69 -44.30 -1.61
C LYS F 386 -36.29 -43.44 -0.50
N SER F 387 -37.17 -42.51 -0.86
CA SER F 387 -37.82 -41.67 0.14
C SER F 387 -38.66 -42.50 1.09
N ALA F 388 -39.41 -43.47 0.56
CA ALA F 388 -40.23 -44.32 1.40
C ALA F 388 -39.37 -45.14 2.37
N LEU F 389 -38.28 -45.71 1.86
CA LEU F 389 -37.39 -46.50 2.72
C LEU F 389 -36.78 -45.63 3.81
N ALA F 390 -36.32 -44.43 3.45
CA ALA F 390 -35.73 -43.54 4.46
C ALA F 390 -36.75 -43.11 5.49
N LYS F 391 -37.99 -42.81 5.06
CA LYS F 391 -39.03 -42.44 6.00
C LYS F 391 -39.36 -43.59 6.93
N ARG F 392 -39.44 -44.81 6.41
CA ARG F 392 -39.70 -45.98 7.25
C ARG F 392 -38.58 -46.18 8.26
N ALA F 393 -37.33 -46.04 7.82
CA ALA F 393 -36.20 -46.21 8.72
C ALA F 393 -36.21 -45.16 9.83
N LEU F 394 -36.51 -43.91 9.48
CA LEU F 394 -36.56 -42.87 10.49
C LEU F 394 -37.72 -43.08 11.46
N ARG F 395 -38.88 -43.51 10.94
CA ARG F 395 -40.04 -43.74 11.79
C ARG F 395 -39.81 -44.93 12.72
N LEU F 396 -39.03 -45.92 12.29
CA LEU F 396 -38.70 -47.03 13.17
C LEU F 396 -37.94 -46.56 14.39
N LEU F 397 -37.11 -45.54 14.24
CA LEU F 397 -36.40 -44.94 15.34
C LEU F 397 -37.21 -43.78 15.91
N GLY F 398 -36.69 -43.15 16.96
CA GLY F 398 -37.37 -42.02 17.57
C GLY F 398 -36.95 -40.69 17.00
N GLU F 399 -37.10 -40.54 15.68
CA GLU F 399 -36.73 -39.32 14.99
C GLU F 399 -37.90 -38.82 14.15
N GLU F 400 -38.14 -37.51 14.20
CA GLU F 400 -39.19 -36.91 13.41
C GLU F 400 -38.80 -36.89 11.93
N VAL F 401 -39.70 -37.35 11.07
CA VAL F 401 -39.42 -37.34 9.63
C VAL F 401 -39.46 -35.90 9.13
N PRO F 402 -38.49 -35.47 8.30
CA PRO F 402 -38.52 -34.11 7.79
C PRO F 402 -39.39 -34.00 6.54
N ARG F 403 -40.18 -32.95 6.48
CA ARG F 403 -41.03 -32.72 5.31
C ARG F 403 -40.16 -32.34 4.12
N PRO F 404 -40.39 -32.93 2.94
CA PRO F 404 -39.53 -32.61 1.79
C PRO F 404 -39.60 -31.13 1.43
N ILE F 405 -38.47 -30.59 1.02
CA ILE F 405 -38.34 -29.17 0.71
C ILE F 405 -38.86 -28.91 -0.69
N LEU F 406 -39.43 -27.73 -0.90
CA LEU F 406 -39.89 -27.34 -2.22
C LEU F 406 -38.68 -26.95 -3.08
N PRO F 407 -38.53 -27.54 -4.26
CA PRO F 407 -37.33 -27.27 -5.07
C PRO F 407 -37.21 -25.82 -5.53
N SER F 408 -38.31 -25.06 -5.55
CA SER F 408 -38.28 -23.67 -6.02
C SER F 408 -37.68 -22.79 -4.93
N VAL F 409 -36.36 -22.92 -4.75
CA VAL F 409 -35.66 -22.14 -3.74
C VAL F 409 -35.79 -20.64 -3.97
N PRO F 410 -35.67 -20.10 -5.19
CA PRO F 410 -35.84 -18.65 -5.36
C PRO F 410 -37.18 -18.12 -4.86
N SER F 411 -38.22 -18.94 -4.91
CA SER F 411 -39.55 -18.53 -4.45
C SER F 411 -39.79 -18.84 -2.99
N TRP F 412 -38.77 -19.31 -2.26
CA TRP F 412 -38.95 -19.65 -0.85
C TRP F 412 -39.29 -18.41 -0.03
N LYS F 413 -40.16 -18.60 0.95
CA LYS F 413 -40.45 -17.59 1.95
C LYS F 413 -39.61 -17.86 3.19
N GLU F 414 -39.88 -17.14 4.27
CA GLU F 414 -39.11 -17.31 5.50
C GLU F 414 -39.32 -18.71 6.09
N ALA F 415 -40.56 -19.22 6.02
CA ALA F 415 -40.85 -20.52 6.62
C ALA F 415 -40.07 -21.64 5.94
N GLU F 416 -39.94 -21.58 4.62
CA GLU F 416 -39.18 -22.60 3.91
C GLU F 416 -37.71 -22.57 4.30
N VAL F 417 -37.15 -21.36 4.47
CA VAL F 417 -35.78 -21.24 4.93
C VAL F 417 -35.63 -21.83 6.32
N GLN F 418 -36.57 -21.54 7.21
CA GLN F 418 -36.53 -22.13 8.54
C GLN F 418 -36.54 -23.65 8.47
N THR F 419 -37.46 -24.21 7.69
CA THR F 419 -37.60 -25.65 7.60
C THR F 419 -36.32 -26.30 7.05
N TRP F 420 -35.72 -25.68 6.03
CA TRP F 420 -34.42 -26.15 5.55
C TRP F 420 -33.38 -26.09 6.66
N LEU F 421 -33.46 -25.06 7.51
CA LEU F 421 -32.49 -24.95 8.61
C LEU F 421 -32.63 -26.09 9.62
N GLN F 422 -33.87 -26.43 10.00
CA GLN F 422 -33.98 -27.58 10.91
C GLN F 422 -33.60 -28.88 10.20
N CYS F 423 -33.83 -28.98 8.89
CA CYS F 423 -33.41 -30.17 8.16
C CYS F 423 -31.90 -30.34 8.19
N ILE F 424 -31.15 -29.26 7.99
CA ILE F 424 -29.70 -29.35 7.90
C ILE F 424 -29.08 -29.27 9.29
N GLY F 425 -29.93 -29.31 10.32
CA GLY F 425 -29.45 -29.32 11.69
C GLY F 425 -28.78 -28.04 12.15
N PHE F 426 -29.29 -26.89 11.73
CA PHE F 426 -28.80 -25.60 12.22
C PHE F 426 -29.89 -24.87 12.98
N SER F 427 -30.61 -25.61 13.85
CA SER F 427 -31.69 -25.02 14.62
C SER F 427 -31.21 -23.92 15.56
N LYS F 428 -29.92 -23.89 15.88
CA LYS F 428 -29.39 -22.81 16.72
C LYS F 428 -29.51 -21.46 16.03
N TYR F 429 -29.31 -21.42 14.71
CA TYR F 429 -29.32 -20.19 13.95
C TYR F 429 -30.69 -19.86 13.36
N CYS F 430 -31.73 -20.65 13.69
CA CYS F 430 -33.06 -20.38 13.16
C CYS F 430 -33.58 -19.03 13.62
N GLU F 431 -33.39 -18.70 14.90
CA GLU F 431 -33.85 -17.41 15.41
C GLU F 431 -33.09 -16.26 14.76
N SER F 432 -31.77 -16.42 14.58
CA SER F 432 -30.99 -15.38 13.93
C SER F 432 -31.44 -15.17 12.49
N PHE F 433 -31.73 -16.26 11.77
CA PHE F 433 -32.25 -16.13 10.42
C PHE F 433 -33.61 -15.46 10.42
N ARG F 434 -34.45 -15.78 11.40
CA ARG F 434 -35.78 -15.17 11.48
C ARG F 434 -35.68 -13.66 11.71
N GLU F 435 -34.77 -13.23 12.58
CA GLU F 435 -34.64 -11.80 12.86
C GLU F 435 -34.21 -11.03 11.62
N GLN F 436 -33.26 -11.59 10.85
CA GLN F 436 -32.86 -10.97 9.60
C GLN F 436 -33.90 -11.13 8.50
N GLN F 437 -34.93 -11.95 8.70
CA GLN F 437 -35.99 -12.17 7.72
C GLN F 437 -35.42 -12.67 6.40
N VAL F 438 -34.53 -13.67 6.49
CA VAL F 438 -33.93 -14.25 5.29
C VAL F 438 -34.97 -15.06 4.54
N ASP F 439 -35.02 -14.88 3.23
CA ASP F 439 -35.93 -15.60 2.35
C ASP F 439 -35.12 -16.30 1.26
N GLY F 440 -35.82 -16.80 0.24
CA GLY F 440 -35.17 -17.60 -0.77
C GLY F 440 -34.03 -16.86 -1.47
N ASP F 441 -34.28 -15.61 -1.87
CA ASP F 441 -33.26 -14.87 -2.60
C ASP F 441 -32.07 -14.54 -1.72
N LEU F 442 -32.32 -14.02 -0.51
CA LEU F 442 -31.22 -13.67 0.39
C LEU F 442 -30.42 -14.91 0.79
N LEU F 443 -31.10 -16.01 1.07
CA LEU F 443 -30.39 -17.25 1.38
C LEU F 443 -29.57 -17.74 0.19
N LEU F 444 -30.13 -17.66 -1.01
CA LEU F 444 -29.45 -18.16 -2.20
C LEU F 444 -28.31 -17.25 -2.64
N ARG F 445 -28.28 -16.00 -2.16
CA ARG F 445 -27.17 -15.10 -2.43
C ARG F 445 -26.39 -14.75 -1.16
N LEU F 446 -26.45 -15.60 -0.15
CA LEU F 446 -25.75 -15.34 1.10
C LEU F 446 -24.25 -15.39 0.91
N THR F 447 -23.54 -14.51 1.62
CA THR F 447 -22.10 -14.37 1.50
C THR F 447 -21.42 -14.72 2.82
N GLU F 448 -20.08 -14.77 2.77
CA GLU F 448 -19.30 -15.13 3.94
C GLU F 448 -19.42 -14.08 5.03
N GLU F 449 -19.27 -12.80 4.68
CA GLU F 449 -19.28 -11.75 5.69
C GLU F 449 -20.65 -11.58 6.32
N GLU F 450 -21.72 -11.78 5.54
CA GLU F 450 -23.06 -11.72 6.12
C GLU F 450 -23.25 -12.78 7.19
N LEU F 451 -22.79 -14.01 6.91
CA LEU F 451 -22.84 -15.06 7.92
C LEU F 451 -21.97 -14.71 9.13
N GLN F 452 -20.79 -14.16 8.88
CA GLN F 452 -19.86 -13.88 9.97
C GLN F 452 -20.40 -12.82 10.91
N THR F 453 -20.96 -11.73 10.36
CA THR F 453 -21.36 -10.58 11.16
C THR F 453 -22.85 -10.59 11.48
N ASP F 454 -23.71 -10.61 10.45
CA ASP F 454 -25.13 -10.42 10.66
C ASP F 454 -25.76 -11.61 11.36
N LEU F 455 -25.45 -12.82 10.91
CA LEU F 455 -26.10 -14.03 11.43
C LEU F 455 -25.35 -14.64 12.60
N GLY F 456 -24.21 -14.06 13.00
CA GLY F 456 -23.49 -14.55 14.16
C GLY F 456 -22.92 -15.93 14.02
N MET F 457 -22.45 -16.29 12.82
CA MET F 457 -21.79 -17.57 12.60
C MET F 457 -20.28 -17.33 12.67
N LYS F 458 -19.79 -17.22 13.90
CA LYS F 458 -18.40 -16.84 14.13
C LYS F 458 -17.43 -17.90 13.61
N SER F 459 -17.74 -19.18 13.83
CA SER F 459 -16.80 -20.23 13.50
C SER F 459 -16.65 -20.38 11.99
N GLY F 460 -15.40 -20.34 11.52
CA GLY F 460 -15.14 -20.55 10.11
C GLY F 460 -15.48 -21.96 9.65
N ILE F 461 -15.26 -22.95 10.51
CA ILE F 461 -15.64 -24.32 10.18
C ILE F 461 -17.15 -24.43 10.04
N THR F 462 -17.90 -23.80 10.95
CA THR F 462 -19.35 -23.79 10.84
C THR F 462 -19.81 -23.09 9.57
N ARG F 463 -19.15 -21.99 9.22
CA ARG F 463 -19.50 -21.30 7.98
C ARG F 463 -19.21 -22.16 6.75
N LYS F 464 -18.09 -22.90 6.77
CA LYS F 464 -17.79 -23.79 5.65
C LYS F 464 -18.81 -24.91 5.55
N ARG F 465 -19.24 -25.45 6.70
CA ARG F 465 -20.28 -26.48 6.68
C ARG F 465 -21.60 -25.92 6.15
N PHE F 466 -21.96 -24.70 6.56
CA PHE F 466 -23.17 -24.08 6.05
C PHE F 466 -23.07 -23.84 4.55
N PHE F 467 -21.90 -23.43 4.06
CA PHE F 467 -21.76 -23.21 2.63
C PHE F 467 -21.78 -24.52 1.85
N ARG F 468 -21.26 -25.60 2.44
CA ARG F 468 -21.41 -26.92 1.80
C ARG F 468 -22.87 -27.31 1.70
N GLU F 469 -23.63 -27.09 2.77
CA GLU F 469 -25.07 -27.37 2.73
C GLU F 469 -25.77 -26.51 1.69
N LEU F 470 -25.39 -25.23 1.61
CA LEU F 470 -25.98 -24.33 0.64
C LEU F 470 -25.65 -24.74 -0.79
N THR F 471 -24.43 -25.21 -1.02
CA THR F 471 -24.07 -25.73 -2.34
C THR F 471 -24.91 -26.96 -2.67
N GLU F 472 -25.10 -27.85 -1.71
CA GLU F 472 -25.96 -29.01 -1.93
C GLU F 472 -27.38 -28.59 -2.27
N LEU F 473 -27.89 -27.56 -1.59
CA LEU F 473 -29.22 -27.04 -1.90
C LEU F 473 -29.28 -26.43 -3.30
N LYS F 474 -28.25 -25.64 -3.65
CA LYS F 474 -28.25 -24.98 -4.96
C LYS F 474 -28.13 -26.00 -6.10
N THR F 475 -27.49 -27.14 -5.85
CA THR F 475 -27.45 -28.18 -6.86
C THR F 475 -28.85 -28.71 -7.15
N PHE F 476 -29.66 -28.90 -6.10
CA PHE F 476 -31.05 -29.37 -6.25
C PHE F 476 -31.97 -28.17 -6.02
N ALA F 477 -32.20 -27.42 -7.08
CA ALA F 477 -33.05 -26.24 -7.02
C ALA F 477 -33.78 -26.06 -8.34
N ASN F 478 -34.96 -25.43 -8.26
CA ASN F 478 -35.76 -25.12 -9.43
C ASN F 478 -35.56 -23.65 -9.77
N TYR F 479 -34.77 -23.40 -10.82
CA TYR F 479 -34.46 -22.04 -11.24
C TYR F 479 -35.34 -21.55 -12.38
N SER F 480 -36.41 -22.28 -12.70
CA SER F 480 -37.25 -21.92 -13.83
C SER F 480 -37.87 -20.54 -13.65
N THR F 481 -38.16 -20.15 -12.41
CA THR F 481 -38.72 -18.83 -12.15
C THR F 481 -37.75 -17.72 -12.48
N CYS F 482 -36.45 -17.99 -12.50
CA CYS F 482 -35.44 -16.99 -12.79
C CYS F 482 -34.60 -17.28 -14.03
N ASP F 483 -34.37 -18.54 -14.36
CA ASP F 483 -33.56 -18.90 -15.52
C ASP F 483 -34.40 -18.74 -16.78
N ARG F 484 -33.85 -18.00 -17.75
CA ARG F 484 -34.54 -17.78 -19.01
C ARG F 484 -33.96 -18.60 -20.16
N SER F 485 -32.65 -18.78 -20.19
CA SER F 485 -31.98 -19.51 -21.25
C SER F 485 -31.61 -20.94 -20.84
N ASN F 486 -32.19 -21.44 -19.75
CA ASN F 486 -31.86 -22.77 -19.23
C ASN F 486 -30.36 -22.90 -18.98
N LEU F 487 -29.79 -21.86 -18.39
CA LEU F 487 -28.35 -21.84 -18.12
C LEU F 487 -27.94 -22.90 -17.11
N ALA F 488 -28.87 -23.35 -16.26
CA ALA F 488 -28.56 -24.42 -15.32
C ALA F 488 -28.20 -25.69 -16.06
N ASP F 489 -28.90 -26.00 -17.16
CA ASP F 489 -28.57 -27.18 -17.94
C ASP F 489 -27.17 -27.08 -18.53
N TRP F 490 -26.79 -25.90 -19.03
CA TRP F 490 -25.46 -25.71 -19.58
C TRP F 490 -24.39 -25.88 -18.50
N LEU F 491 -24.61 -25.28 -17.32
CA LEU F 491 -23.64 -25.41 -16.24
C LEU F 491 -23.52 -26.87 -15.79
N GLY F 492 -24.63 -27.58 -15.71
CA GLY F 492 -24.58 -28.99 -15.35
C GLY F 492 -23.89 -29.83 -16.41
N SER F 493 -24.07 -29.48 -17.67
CA SER F 493 -23.37 -30.17 -18.74
C SER F 493 -21.86 -29.96 -18.63
N LEU F 494 -21.44 -28.75 -18.25
CA LEU F 494 -20.03 -28.52 -17.97
C LEU F 494 -19.55 -29.39 -16.83
N ASP F 495 -20.29 -29.38 -15.72
CA ASP F 495 -19.96 -30.14 -14.52
C ASP F 495 -21.18 -30.15 -13.60
N PRO F 496 -21.55 -31.31 -13.05
CA PRO F 496 -22.70 -31.33 -12.13
C PRO F 496 -22.57 -30.39 -10.95
N ARG F 497 -21.35 -30.14 -10.48
CA ARG F 497 -21.14 -29.21 -9.38
C ARG F 497 -21.16 -27.75 -9.82
N PHE F 498 -21.14 -27.48 -11.12
CA PHE F 498 -21.17 -26.11 -11.61
C PHE F 498 -22.56 -25.49 -11.55
N ARG F 499 -23.61 -26.30 -11.34
CA ARG F 499 -24.97 -25.78 -11.36
C ARG F 499 -25.25 -24.83 -10.20
N GLN F 500 -24.44 -24.86 -9.15
CA GLN F 500 -24.67 -24.01 -7.99
C GLN F 500 -24.54 -22.53 -8.32
N TYR F 501 -23.84 -22.18 -9.39
CA TYR F 501 -23.63 -20.79 -9.77
C TYR F 501 -24.74 -20.25 -10.68
N THR F 502 -25.77 -21.06 -10.94
CA THR F 502 -26.83 -20.62 -11.85
C THR F 502 -27.56 -19.40 -11.31
N TYR F 503 -27.90 -19.38 -10.03
CA TYR F 503 -28.62 -18.24 -9.48
C TYR F 503 -27.76 -16.99 -9.49
N GLY F 504 -26.47 -17.12 -9.19
CA GLY F 504 -25.59 -15.97 -9.28
C GLY F 504 -25.52 -15.42 -10.69
N LEU F 505 -25.36 -16.30 -11.67
CA LEU F 505 -25.27 -15.85 -13.06
C LEU F 505 -26.57 -15.21 -13.52
N VAL F 506 -27.71 -15.73 -13.07
CA VAL F 506 -28.99 -15.15 -13.44
C VAL F 506 -29.19 -13.79 -12.78
N SER F 507 -28.90 -13.69 -11.48
CA SER F 507 -29.05 -12.42 -10.77
C SER F 507 -28.12 -11.36 -11.33
N CYS F 508 -27.00 -11.77 -11.93
CA CYS F 508 -26.15 -10.82 -12.65
C CYS F 508 -26.76 -10.40 -13.98
N GLY F 509 -27.86 -11.02 -14.41
CA GLY F 509 -28.47 -10.73 -15.68
C GLY F 509 -27.92 -11.51 -16.86
N LEU F 510 -26.99 -12.44 -16.61
CA LEU F 510 -26.36 -13.18 -17.68
C LEU F 510 -27.27 -14.30 -18.19
N ASP F 511 -27.09 -14.64 -19.47
CA ASP F 511 -27.74 -15.80 -20.06
C ASP F 511 -26.78 -16.50 -21.00
N ARG F 512 -27.28 -17.40 -21.84
CA ARG F 512 -26.40 -18.12 -22.76
C ARG F 512 -25.72 -17.17 -23.73
N SER F 513 -26.48 -16.20 -24.27
CA SER F 513 -25.90 -15.28 -25.24
C SER F 513 -24.87 -14.35 -24.61
N LEU F 514 -25.07 -13.96 -23.35
CA LEU F 514 -24.21 -12.96 -22.72
C LEU F 514 -22.91 -13.54 -22.18
N LEU F 515 -22.79 -14.86 -22.06
CA LEU F 515 -21.60 -15.45 -21.46
C LEU F 515 -20.36 -15.35 -22.35
N HIS F 516 -20.52 -15.02 -23.63
CA HIS F 516 -19.36 -14.96 -24.51
C HIS F 516 -18.48 -13.74 -24.21
N ARG F 517 -19.04 -12.72 -23.57
CA ARG F 517 -18.32 -11.49 -23.29
C ARG F 517 -17.97 -11.32 -21.82
N VAL F 518 -18.24 -12.32 -20.98
CA VAL F 518 -17.98 -12.20 -19.56
C VAL F 518 -16.48 -12.31 -19.29
N SER F 519 -16.01 -11.57 -18.29
CA SER F 519 -14.62 -11.58 -17.88
C SER F 519 -14.46 -12.25 -16.52
N GLU F 520 -13.20 -12.57 -16.19
CA GLU F 520 -12.90 -13.24 -14.93
C GLU F 520 -13.24 -12.36 -13.74
N GLN F 521 -12.87 -11.09 -13.80
CA GLN F 521 -13.13 -10.18 -12.69
C GLN F 521 -14.62 -10.02 -12.44
N GLN F 522 -15.40 -9.90 -13.52
CA GLN F 522 -16.85 -9.79 -13.37
C GLN F 522 -17.42 -11.03 -12.69
N LEU F 523 -16.98 -12.21 -13.12
CA LEU F 523 -17.43 -13.45 -12.49
C LEU F 523 -17.12 -13.44 -11.00
N LEU F 524 -15.87 -13.17 -10.64
CA LEU F 524 -15.46 -13.22 -9.25
C LEU F 524 -16.23 -12.22 -8.40
N GLU F 525 -16.37 -10.99 -8.89
CA GLU F 525 -16.99 -9.95 -8.08
C GLU F 525 -18.50 -10.12 -7.97
N ASP F 526 -19.18 -10.45 -9.06
CA ASP F 526 -20.64 -10.44 -9.08
C ASP F 526 -21.25 -11.83 -8.93
N CYS F 527 -20.79 -12.80 -9.72
CA CYS F 527 -21.42 -14.12 -9.73
C CYS F 527 -21.05 -14.95 -8.51
N GLY F 528 -20.09 -14.52 -7.70
CA GLY F 528 -19.75 -15.24 -6.49
C GLY F 528 -19.02 -16.54 -6.70
N ILE F 529 -18.38 -16.73 -7.86
CA ILE F 529 -17.60 -17.93 -8.11
C ILE F 529 -16.20 -17.74 -7.55
N HIS F 530 -16.03 -18.08 -6.26
CA HIS F 530 -14.77 -17.77 -5.58
C HIS F 530 -13.63 -18.63 -6.12
N LEU F 531 -13.89 -19.89 -6.45
CA LEU F 531 -12.84 -20.76 -6.94
C LEU F 531 -12.39 -20.33 -8.32
N GLY F 532 -11.08 -20.05 -8.46
CA GLY F 532 -10.55 -19.61 -9.73
C GLY F 532 -10.63 -20.66 -10.81
N VAL F 533 -10.48 -21.94 -10.44
CA VAL F 533 -10.55 -23.02 -11.41
C VAL F 533 -11.93 -23.05 -12.06
N HIS F 534 -12.98 -22.92 -11.25
CA HIS F 534 -14.33 -22.91 -11.80
C HIS F 534 -14.55 -21.73 -12.73
N ARG F 535 -14.04 -20.55 -12.35
CA ARG F 535 -14.17 -19.37 -13.21
C ARG F 535 -13.48 -19.59 -14.54
N ALA F 536 -12.25 -20.12 -14.51
CA ALA F 536 -11.51 -20.35 -15.74
C ALA F 536 -12.21 -21.37 -16.62
N ARG F 537 -12.71 -22.45 -16.02
CA ARG F 537 -13.42 -23.47 -16.80
C ARG F 537 -14.67 -22.89 -17.44
N ILE F 538 -15.44 -22.12 -16.67
CA ILE F 538 -16.67 -21.55 -17.20
C ILE F 538 -16.37 -20.59 -18.35
N LEU F 539 -15.36 -19.73 -18.17
CA LEU F 539 -15.01 -18.78 -19.22
C LEU F 539 -14.55 -19.49 -20.49
N THR F 540 -13.63 -20.45 -20.35
CA THR F 540 -13.11 -21.16 -21.52
C THR F 540 -14.22 -21.92 -22.23
N ALA F 541 -15.06 -22.64 -21.47
CA ALA F 541 -16.12 -23.42 -22.09
C ALA F 541 -17.14 -22.52 -22.78
N ALA F 542 -17.50 -21.39 -22.16
CA ALA F 542 -18.43 -20.47 -22.79
C ALA F 542 -17.85 -19.92 -24.09
N ARG F 543 -16.59 -19.49 -24.07
CA ARG F 543 -15.99 -18.94 -25.27
C ARG F 543 -15.89 -19.97 -26.37
N GLU F 544 -15.62 -21.24 -26.00
CA GLU F 544 -15.47 -22.27 -27.02
C GLU F 544 -16.83 -22.72 -27.57
N MET F 545 -17.86 -22.74 -26.73
CA MET F 545 -19.14 -23.31 -27.15
C MET F 545 -20.02 -22.27 -27.84
N LEU F 546 -20.14 -21.08 -27.25
CA LEU F 546 -21.04 -20.07 -27.82
C LEU F 546 -20.56 -19.58 -29.18
N HIS F 547 -19.27 -19.70 -29.47
CA HIS F 547 -18.74 -19.30 -30.76
C HIS F 547 -17.69 -20.31 -31.25
N THR F 561 -51.21 -10.48 -40.46
CA THR F 561 -51.86 -11.10 -41.61
C THR F 561 -52.20 -12.56 -41.32
N PRO F 562 -53.31 -12.78 -40.63
CA PRO F 562 -53.72 -14.16 -40.32
C PRO F 562 -54.05 -14.93 -41.59
N ASP F 563 -53.73 -16.23 -41.57
CA ASP F 563 -54.06 -17.08 -42.71
C ASP F 563 -55.55 -17.38 -42.76
N VAL F 564 -56.18 -17.60 -41.60
CA VAL F 564 -57.58 -17.95 -41.51
C VAL F 564 -58.25 -17.04 -40.49
N PHE F 565 -59.48 -16.60 -40.80
CA PHE F 565 -60.30 -15.85 -39.88
C PHE F 565 -61.53 -16.69 -39.53
N ILE F 566 -62.00 -16.53 -38.30
CA ILE F 566 -63.08 -17.36 -37.74
C ILE F 566 -64.29 -16.48 -37.48
N SER F 567 -65.44 -16.90 -37.99
CA SER F 567 -66.73 -16.25 -37.73
C SER F 567 -67.60 -17.25 -36.96
N TYR F 568 -67.92 -16.91 -35.72
CA TYR F 568 -68.58 -17.85 -34.81
C TYR F 568 -69.64 -17.13 -34.00
N ARG F 569 -70.58 -17.92 -33.47
CA ARG F 569 -71.62 -17.42 -32.60
C ARG F 569 -71.12 -17.33 -31.16
N ARG F 570 -71.86 -16.59 -30.33
CA ARG F 570 -71.42 -16.33 -28.96
C ARG F 570 -71.32 -17.62 -28.15
N ASN F 571 -72.31 -18.50 -28.25
CA ASN F 571 -72.37 -19.71 -27.44
C ASN F 571 -72.19 -20.98 -28.26
N SER F 572 -73.00 -21.16 -29.31
CA SER F 572 -72.96 -22.41 -30.06
C SER F 572 -71.63 -22.59 -30.79
N GLY F 573 -71.09 -21.51 -31.38
CA GLY F 573 -69.89 -21.64 -32.19
C GLY F 573 -68.58 -21.55 -31.44
N SER F 574 -68.63 -21.28 -30.13
CA SER F 574 -67.40 -21.03 -29.38
C SER F 574 -66.50 -22.27 -29.35
N GLN F 575 -67.07 -23.43 -28.99
CA GLN F 575 -66.28 -24.65 -28.89
C GLN F 575 -65.68 -25.02 -30.24
N LEU F 576 -66.51 -25.00 -31.29
CA LEU F 576 -66.03 -25.38 -32.61
C LEU F 576 -64.96 -24.42 -33.11
N ALA F 577 -65.14 -23.12 -32.87
CA ALA F 577 -64.14 -22.13 -33.27
C ALA F 577 -62.82 -22.36 -32.55
N SER F 578 -62.88 -22.63 -31.24
CA SER F 578 -61.66 -22.88 -30.49
C SER F 578 -60.94 -24.12 -31.02
N LEU F 579 -61.68 -25.20 -31.24
CA LEU F 579 -61.07 -26.42 -31.75
C LEU F 579 -60.47 -26.19 -33.14
N LEU F 580 -61.19 -25.48 -34.01
CA LEU F 580 -60.67 -25.22 -35.35
C LEU F 580 -59.38 -24.41 -35.30
N LYS F 581 -59.36 -23.33 -34.51
CA LYS F 581 -58.19 -22.48 -34.45
C LYS F 581 -57.00 -23.24 -33.86
N VAL F 582 -57.23 -24.00 -32.79
CA VAL F 582 -56.14 -24.73 -32.15
C VAL F 582 -55.58 -25.79 -33.09
N HIS F 583 -56.47 -26.52 -33.78
CA HIS F 583 -56.02 -27.53 -34.71
C HIS F 583 -55.23 -26.91 -35.86
N LEU F 584 -55.69 -25.79 -36.39
CA LEU F 584 -54.98 -25.14 -37.48
C LEU F 584 -53.62 -24.62 -37.03
N GLN F 585 -53.55 -24.08 -35.81
CA GLN F 585 -52.26 -23.63 -35.28
C GLN F 585 -51.31 -24.80 -35.07
N LEU F 586 -51.83 -25.95 -34.64
CA LEU F 586 -50.99 -27.13 -34.46
C LEU F 586 -50.37 -27.58 -35.78
N HIS F 587 -51.08 -27.35 -36.89
CA HIS F 587 -50.60 -27.75 -38.21
C HIS F 587 -49.83 -26.65 -38.92
N GLY F 588 -49.58 -25.52 -38.26
CA GLY F 588 -48.81 -24.45 -38.84
C GLY F 588 -49.60 -23.35 -39.51
N PHE F 589 -50.90 -23.29 -39.32
CA PHE F 589 -51.75 -22.27 -39.92
C PHE F 589 -52.04 -21.19 -38.89
N SER F 590 -51.63 -19.96 -39.18
CA SER F 590 -51.87 -18.84 -38.28
C SER F 590 -53.30 -18.36 -38.41
N VAL F 591 -54.05 -18.41 -37.30
CA VAL F 591 -55.46 -18.06 -37.28
C VAL F 591 -55.68 -17.02 -36.20
N PHE F 592 -56.40 -15.95 -36.54
CA PHE F 592 -56.73 -14.88 -35.60
C PHE F 592 -58.22 -14.95 -35.30
N ILE F 593 -58.55 -15.27 -34.05
CA ILE F 593 -59.93 -15.27 -33.58
C ILE F 593 -60.09 -14.16 -32.55
N ASP F 594 -61.10 -13.32 -32.73
CA ASP F 594 -61.29 -12.13 -31.89
C ASP F 594 -61.95 -12.54 -30.57
N VAL F 595 -61.22 -12.35 -29.48
CA VAL F 595 -61.70 -12.63 -28.12
C VAL F 595 -62.25 -14.05 -28.01
N GLU F 604 -66.05 -2.56 -34.96
CA GLU F 604 -66.56 -2.47 -36.31
C GLU F 604 -65.47 -1.99 -37.27
N ASP F 605 -64.82 -0.88 -36.91
CA ASP F 605 -63.72 -0.38 -37.71
C ASP F 605 -62.56 -1.38 -37.74
N LYS F 606 -62.24 -1.95 -36.57
CA LYS F 606 -61.22 -2.99 -36.52
C LYS F 606 -61.71 -4.29 -37.19
N LEU F 607 -63.03 -4.47 -37.25
CA LEU F 607 -63.58 -5.69 -37.85
C LEU F 607 -63.26 -5.76 -39.34
N ILE F 608 -63.38 -4.64 -40.05
CA ILE F 608 -63.13 -4.63 -41.48
C ILE F 608 -61.67 -4.95 -41.77
N GLN F 609 -60.75 -4.33 -41.02
CA GLN F 609 -59.33 -4.56 -41.24
C GLN F 609 -58.94 -5.99 -40.88
N SER F 610 -59.56 -6.56 -39.85
CA SER F 610 -59.27 -7.94 -39.48
C SER F 610 -59.65 -8.91 -40.59
N VAL F 611 -60.80 -8.70 -41.21
CA VAL F 611 -61.22 -9.55 -42.32
C VAL F 611 -60.35 -9.31 -43.55
N MET F 612 -60.00 -8.05 -43.81
CA MET F 612 -59.16 -7.74 -44.97
C MET F 612 -57.79 -8.38 -44.85
N GLY F 613 -57.21 -8.37 -43.65
CA GLY F 613 -55.90 -8.97 -43.45
C GLY F 613 -55.90 -10.48 -43.45
N ALA F 614 -57.07 -11.09 -43.36
CA ALA F 614 -57.16 -12.54 -43.35
C ALA F 614 -56.90 -13.11 -44.74
N ARG F 615 -55.92 -14.02 -44.83
CA ARG F 615 -55.61 -14.65 -46.11
C ARG F 615 -56.79 -15.47 -46.61
N ASN F 616 -57.41 -16.24 -45.72
CA ASN F 616 -58.60 -17.03 -46.04
C ASN F 616 -59.66 -16.78 -44.99
N PHE F 617 -60.92 -16.84 -45.40
CA PHE F 617 -62.05 -16.66 -44.49
C PHE F 617 -62.79 -17.98 -44.36
N VAL F 618 -62.86 -18.50 -43.13
CA VAL F 618 -63.57 -19.73 -42.84
C VAL F 618 -64.60 -19.41 -41.76
N LEU F 619 -65.86 -19.30 -42.17
CA LEU F 619 -66.93 -19.03 -41.22
C LEU F 619 -67.42 -20.33 -40.61
N VAL F 620 -67.65 -20.31 -39.30
CA VAL F 620 -68.10 -21.50 -38.59
C VAL F 620 -69.62 -21.57 -38.68
N LEU F 621 -70.12 -22.54 -39.45
CA LEU F 621 -71.56 -22.74 -39.60
C LEU F 621 -72.00 -23.69 -38.49
N SER F 622 -72.05 -23.14 -37.28
CA SER F 622 -72.50 -23.86 -36.09
C SER F 622 -74.01 -23.99 -36.12
N PRO F 623 -74.58 -24.90 -35.29
CA PRO F 623 -76.05 -25.00 -35.23
C PRO F 623 -76.71 -23.66 -34.95
N GLY F 624 -77.47 -23.17 -35.92
CA GLY F 624 -78.08 -21.85 -35.80
C GLY F 624 -77.09 -20.71 -35.81
N ALA F 625 -76.03 -20.82 -36.62
CA ALA F 625 -75.03 -19.75 -36.66
C ALA F 625 -75.55 -18.54 -37.43
N LEU F 626 -76.26 -18.77 -38.53
CA LEU F 626 -76.77 -17.68 -39.37
C LEU F 626 -78.19 -17.29 -39.01
N ASP F 627 -78.72 -17.80 -37.88
CA ASP F 627 -80.06 -17.42 -37.46
C ASP F 627 -80.16 -15.92 -37.19
N LYS F 628 -79.15 -15.37 -36.50
CA LYS F 628 -79.12 -13.92 -36.29
C LYS F 628 -78.84 -13.19 -37.60
N CYS F 629 -77.95 -13.74 -38.43
CA CYS F 629 -77.63 -13.15 -39.72
C CYS F 629 -78.72 -13.36 -40.75
N MET F 630 -79.73 -14.17 -40.46
CA MET F 630 -80.85 -14.34 -41.38
C MET F 630 -81.62 -13.05 -41.52
N GLN F 631 -82.05 -12.77 -42.76
CA GLN F 631 -82.78 -11.54 -43.12
C GLN F 631 -82.17 -10.28 -42.50
N ASP F 632 -80.84 -10.28 -42.35
CA ASP F 632 -80.12 -9.15 -41.76
C ASP F 632 -79.67 -8.19 -42.86
N HIS F 633 -80.67 -7.54 -43.47
CA HIS F 633 -80.41 -6.56 -44.52
C HIS F 633 -79.92 -5.24 -43.97
N ASP F 634 -80.10 -4.98 -42.68
CA ASP F 634 -79.63 -3.75 -42.06
C ASP F 634 -78.18 -3.82 -41.61
N CYS F 635 -77.53 -4.97 -41.76
CA CYS F 635 -76.13 -5.15 -41.37
C CYS F 635 -75.91 -4.81 -39.90
N LYS F 636 -76.88 -5.19 -39.06
CA LYS F 636 -76.76 -4.91 -37.63
C LYS F 636 -75.74 -5.83 -36.97
N ASP F 637 -75.76 -7.11 -37.30
CA ASP F 637 -74.86 -8.07 -36.68
C ASP F 637 -73.42 -7.83 -37.10
N TRP F 638 -72.50 -7.96 -36.15
CA TRP F 638 -71.08 -7.88 -36.47
C TRP F 638 -70.64 -9.07 -37.30
N VAL F 639 -71.22 -10.25 -37.07
CA VAL F 639 -70.96 -11.41 -37.91
C VAL F 639 -71.41 -11.14 -39.34
N HIS F 640 -72.54 -10.45 -39.49
CA HIS F 640 -72.98 -10.02 -40.81
C HIS F 640 -71.94 -9.11 -41.46
N LYS F 641 -71.37 -8.20 -40.68
CA LYS F 641 -70.32 -7.33 -41.20
C LYS F 641 -69.11 -8.14 -41.65
N GLU F 642 -68.71 -9.15 -40.87
CA GLU F 642 -67.60 -10.00 -41.26
C GLU F 642 -67.89 -10.73 -42.56
N ILE F 643 -69.10 -11.27 -42.70
CA ILE F 643 -69.45 -12.00 -43.92
C ILE F 643 -69.43 -11.07 -45.13
N VAL F 644 -69.99 -9.87 -44.98
CA VAL F 644 -70.03 -8.92 -46.09
C VAL F 644 -68.62 -8.49 -46.47
N THR F 645 -67.76 -8.23 -45.47
CA THR F 645 -66.40 -7.83 -45.76
C THR F 645 -65.62 -8.94 -46.46
N ALA F 646 -65.82 -10.18 -46.02
CA ALA F 646 -65.17 -11.31 -46.68
C ALA F 646 -65.64 -11.46 -48.12
N LEU F 647 -66.94 -11.28 -48.35
CA LEU F 647 -67.46 -11.34 -49.71
C LEU F 647 -66.88 -10.23 -50.59
N SER F 648 -66.76 -9.02 -50.03
CA SER F 648 -66.15 -7.92 -50.78
C SER F 648 -64.70 -8.23 -51.10
N CYS F 649 -63.96 -8.81 -50.14
CA CYS F 649 -62.58 -9.18 -50.39
C CYS F 649 -62.45 -10.42 -51.27
N GLY F 650 -63.44 -11.30 -51.21
CA GLY F 650 -63.41 -12.51 -52.02
C GLY F 650 -62.31 -13.49 -51.64
N LYS F 651 -62.08 -13.69 -50.34
CA LYS F 651 -61.06 -14.63 -49.90
C LYS F 651 -61.56 -16.06 -50.06
N ASN F 652 -60.64 -17.00 -49.90
CA ASN F 652 -61.00 -18.42 -49.96
C ASN F 652 -61.95 -18.77 -48.83
N ILE F 653 -63.13 -19.27 -49.19
CA ILE F 653 -64.20 -19.55 -48.24
C ILE F 653 -64.44 -21.05 -48.22
N VAL F 654 -64.20 -21.67 -47.06
CA VAL F 654 -64.44 -23.10 -46.86
C VAL F 654 -65.30 -23.27 -45.62
N PRO F 655 -66.63 -23.14 -45.73
CA PRO F 655 -67.48 -23.29 -44.55
C PRO F 655 -67.44 -24.70 -44.00
N ILE F 656 -67.68 -24.82 -42.70
CA ILE F 656 -67.71 -26.10 -42.00
C ILE F 656 -69.15 -26.34 -41.54
N ILE F 657 -69.71 -27.49 -41.92
CA ILE F 657 -71.12 -27.79 -41.70
C ILE F 657 -71.27 -28.53 -40.38
N ASP F 658 -72.17 -28.05 -39.53
CA ASP F 658 -72.48 -28.74 -38.28
C ASP F 658 -73.84 -28.25 -37.77
N GLY F 659 -74.82 -29.15 -37.73
CA GLY F 659 -76.09 -28.88 -37.09
C GLY F 659 -76.90 -27.74 -37.69
N PHE F 660 -76.61 -27.36 -38.92
CA PHE F 660 -77.34 -26.28 -39.57
C PHE F 660 -77.24 -26.45 -41.08
N GLU F 661 -78.23 -25.89 -41.79
CA GLU F 661 -78.32 -25.99 -43.23
C GLU F 661 -78.12 -24.63 -43.87
N TRP F 662 -78.01 -24.64 -45.19
CA TRP F 662 -77.84 -23.40 -45.94
C TRP F 662 -79.14 -22.59 -45.93
N PRO F 663 -79.12 -21.34 -45.49
CA PRO F 663 -80.34 -20.53 -45.52
C PRO F 663 -80.78 -20.23 -46.94
N GLU F 664 -82.08 -19.99 -47.09
CA GLU F 664 -82.64 -19.71 -48.40
C GLU F 664 -82.10 -18.37 -48.92
N PRO F 665 -81.63 -18.32 -50.17
CA PRO F 665 -81.08 -17.06 -50.69
C PRO F 665 -82.08 -15.92 -50.73
N GLN F 666 -83.36 -16.21 -50.99
CA GLN F 666 -84.34 -15.14 -51.19
C GLN F 666 -84.52 -14.30 -49.93
N VAL F 667 -84.51 -14.93 -48.75
CA VAL F 667 -84.63 -14.18 -47.51
C VAL F 667 -83.32 -13.48 -47.15
N LEU F 668 -82.22 -13.82 -47.82
CA LEU F 668 -80.91 -13.25 -47.52
C LEU F 668 -80.55 -12.17 -48.52
N PRO F 669 -79.70 -11.22 -48.13
CA PRO F 669 -79.21 -10.23 -49.09
C PRO F 669 -78.33 -10.88 -50.15
N GLU F 670 -78.24 -10.21 -51.30
CA GLU F 670 -77.54 -10.78 -52.46
C GLU F 670 -76.08 -11.07 -52.15
N ASP F 671 -75.45 -10.27 -51.29
CA ASP F 671 -74.05 -10.50 -50.95
C ASP F 671 -73.85 -11.90 -50.39
N MET F 672 -74.63 -12.27 -49.38
CA MET F 672 -74.56 -13.62 -48.84
C MET F 672 -75.37 -14.62 -49.66
N GLN F 673 -76.16 -14.15 -50.64
CA GLN F 673 -76.67 -15.06 -51.65
C GLN F 673 -75.53 -15.64 -52.47
N ALA F 674 -74.51 -14.82 -52.74
CA ALA F 674 -73.36 -15.30 -53.51
C ALA F 674 -72.61 -16.41 -52.79
N VAL F 675 -72.44 -16.29 -51.47
CA VAL F 675 -71.58 -17.22 -50.74
C VAL F 675 -72.24 -18.57 -50.53
N LEU F 676 -73.56 -18.66 -50.64
CA LEU F 676 -74.26 -19.91 -50.32
C LEU F 676 -73.91 -21.05 -51.28
N THR F 677 -73.28 -20.74 -52.42
CA THR F 677 -72.94 -21.78 -53.39
C THR F 677 -71.69 -22.56 -53.01
N PHE F 678 -70.90 -22.09 -52.04
CA PHE F 678 -69.67 -22.76 -51.67
C PHE F 678 -69.96 -24.07 -50.94
N ASN F 679 -69.10 -25.06 -51.19
CA ASN F 679 -69.24 -26.36 -50.53
C ASN F 679 -68.80 -26.28 -49.08
N GLY F 680 -69.45 -27.08 -48.24
CA GLY F 680 -69.15 -27.13 -46.82
C GLY F 680 -68.64 -28.50 -46.43
N ILE F 681 -67.91 -28.54 -45.31
CA ILE F 681 -67.33 -29.78 -44.78
C ILE F 681 -67.99 -30.11 -43.45
N LYS F 682 -68.50 -31.33 -43.34
CA LYS F 682 -69.14 -31.76 -42.10
C LYS F 682 -68.12 -31.93 -41.00
N TRP F 683 -68.49 -31.47 -39.80
CA TRP F 683 -67.64 -31.61 -38.62
C TRP F 683 -68.04 -32.86 -37.85
N SER F 684 -67.05 -33.69 -37.53
CA SER F 684 -67.27 -34.94 -36.81
C SER F 684 -66.60 -34.85 -35.45
N HIS F 685 -67.37 -35.07 -34.39
CA HIS F 685 -66.80 -35.11 -33.05
C HIS F 685 -66.00 -36.39 -32.83
N GLU F 686 -66.42 -37.49 -33.45
CA GLU F 686 -65.65 -38.74 -33.34
C GLU F 686 -64.28 -38.60 -33.98
N TYR F 687 -64.22 -37.95 -35.14
CA TYR F 687 -62.96 -37.70 -35.86
C TYR F 687 -62.82 -36.19 -36.05
N GLN F 688 -62.25 -35.52 -35.04
CA GLN F 688 -62.01 -34.09 -35.15
C GLN F 688 -60.71 -33.81 -35.90
N GLU F 689 -59.65 -34.54 -35.55
CA GLU F 689 -58.37 -34.34 -36.23
C GLU F 689 -58.46 -34.75 -37.69
N ALA F 690 -59.22 -35.81 -37.99
CA ALA F 690 -59.42 -36.21 -39.39
C ALA F 690 -60.17 -35.13 -40.17
N THR F 691 -61.20 -34.53 -39.55
CA THR F 691 -61.91 -33.45 -40.20
C THR F 691 -61.01 -32.26 -40.46
N ILE F 692 -60.15 -31.92 -39.49
CA ILE F 692 -59.20 -30.83 -39.68
C ILE F 692 -58.22 -31.15 -40.79
N GLU F 693 -57.78 -32.40 -40.87
CA GLU F 693 -56.89 -32.82 -41.94
C GLU F 693 -57.57 -32.67 -43.30
N LYS F 694 -58.85 -33.05 -43.38
CA LYS F 694 -59.58 -32.87 -44.63
C LYS F 694 -59.70 -31.39 -45.00
N ILE F 695 -59.98 -30.54 -44.01
CA ILE F 695 -60.08 -29.10 -44.26
C ILE F 695 -58.75 -28.56 -44.79
N ILE F 696 -57.64 -28.97 -44.17
CA ILE F 696 -56.32 -28.54 -44.62
C ILE F 696 -56.05 -29.05 -46.03
N ARG F 697 -56.46 -30.28 -46.32
CA ARG F 697 -56.28 -30.83 -47.66
C ARG F 697 -57.02 -30.01 -48.69
N PHE F 698 -58.25 -29.59 -48.37
CA PHE F 698 -58.98 -28.69 -49.25
C PHE F 698 -58.44 -27.26 -49.23
N LEU F 699 -57.64 -26.91 -48.22
CA LEU F 699 -57.04 -25.59 -48.13
C LEU F 699 -55.66 -25.58 -48.78
N GLN F 700 -55.05 -24.40 -48.80
CA GLN F 700 -53.72 -24.23 -49.37
C GLN F 700 -52.66 -24.11 -48.29
N VAL G 61 -68.29 -36.64 17.96
CA VAL G 61 -67.99 -35.84 16.77
C VAL G 61 -67.73 -36.76 15.58
N GLN G 62 -67.53 -38.05 15.86
CA GLN G 62 -67.26 -39.02 14.80
C GLN G 62 -68.16 -40.25 14.93
N ASP G 63 -69.37 -40.07 15.48
CA ASP G 63 -70.32 -41.18 15.54
C ASP G 63 -70.72 -41.63 14.15
N ALA G 64 -70.72 -40.69 13.18
CA ALA G 64 -70.96 -41.05 11.79
C ALA G 64 -69.94 -42.05 11.30
N LEU G 65 -68.65 -41.79 11.56
CA LEU G 65 -67.63 -42.78 11.24
C LEU G 65 -67.84 -44.06 12.04
N GLU G 66 -68.28 -43.93 13.29
CA GLU G 66 -68.45 -45.10 14.14
C GLU G 66 -69.45 -46.08 13.54
N ARG G 67 -70.58 -45.59 13.02
CA ARG G 67 -71.53 -46.53 12.43
C ARG G 67 -71.36 -46.66 10.92
N ALA G 68 -70.40 -45.95 10.31
CA ALA G 68 -70.18 -46.10 8.88
C ALA G 68 -69.03 -47.07 8.57
N LEU G 69 -68.05 -47.18 9.46
CA LEU G 69 -66.97 -48.13 9.24
C LEU G 69 -67.45 -49.57 9.14
N PRO G 70 -68.35 -50.07 10.01
CA PRO G 70 -68.90 -51.41 9.75
C PRO G 70 -69.57 -51.51 8.39
N GLU G 71 -70.30 -50.46 7.97
CA GLU G 71 -70.94 -50.47 6.66
C GLU G 71 -69.89 -50.62 5.56
N LEU G 72 -68.75 -49.93 5.71
CA LEU G 72 -67.64 -50.16 4.80
C LEU G 72 -67.22 -51.61 4.82
N GLN G 73 -67.17 -52.23 6.00
CA GLN G 73 -66.74 -53.61 6.09
C GLN G 73 -67.66 -54.55 5.32
N GLN G 74 -68.97 -54.46 5.54
CA GLN G 74 -69.85 -55.35 4.78
C GLN G 74 -69.85 -55.00 3.29
N ALA G 75 -69.74 -53.71 2.94
CA ALA G 75 -69.71 -53.35 1.53
C ALA G 75 -68.52 -53.97 0.82
N LEU G 76 -67.32 -53.84 1.41
CA LEU G 76 -66.13 -54.42 0.78
C LEU G 76 -66.16 -55.94 0.80
N SER G 77 -66.69 -56.54 1.88
CA SER G 77 -66.78 -57.99 1.92
C SER G 77 -67.70 -58.52 0.82
N ALA G 78 -68.85 -57.87 0.63
CA ALA G 78 -69.76 -58.28 -0.44
C ALA G 78 -69.15 -58.03 -1.82
N LEU G 79 -68.44 -56.91 -1.98
CA LEU G 79 -67.82 -56.60 -3.27
C LEU G 79 -66.75 -57.64 -3.62
N LYS G 80 -65.92 -58.00 -2.65
CA LYS G 80 -64.91 -59.03 -2.89
C LYS G 80 -65.55 -60.39 -3.14
N GLN G 81 -66.54 -60.76 -2.33
CA GLN G 81 -67.19 -62.05 -2.49
C GLN G 81 -67.96 -62.15 -3.79
N ALA G 82 -68.41 -61.02 -4.33
CA ALA G 82 -69.14 -61.02 -5.59
C ALA G 82 -68.25 -61.51 -6.72
N GLY G 83 -68.78 -62.44 -7.52
CA GLY G 83 -68.06 -62.97 -8.65
C GLY G 83 -68.62 -62.49 -9.97
N GLY G 84 -69.92 -62.25 -10.00
CA GLY G 84 -70.55 -61.73 -11.20
C GLY G 84 -70.19 -60.28 -11.43
N ALA G 85 -70.19 -59.88 -12.70
CA ALA G 85 -69.86 -58.50 -13.06
C ALA G 85 -70.87 -57.53 -12.49
N ARG G 86 -72.16 -57.85 -12.58
CA ARG G 86 -73.20 -56.96 -12.09
C ARG G 86 -73.15 -56.80 -10.58
N ALA G 87 -72.90 -57.88 -9.83
CA ALA G 87 -72.80 -57.77 -8.38
C ALA G 87 -71.60 -56.92 -7.96
N VAL G 88 -70.47 -57.11 -8.63
CA VAL G 88 -69.29 -56.28 -8.35
C VAL G 88 -69.58 -54.82 -8.66
N GLY G 89 -70.23 -54.55 -9.78
CA GLY G 89 -70.60 -53.18 -10.10
C GLY G 89 -71.54 -52.57 -9.09
N ALA G 90 -72.52 -53.35 -8.61
CA ALA G 90 -73.43 -52.86 -7.58
C ALA G 90 -72.70 -52.54 -6.28
N GLY G 91 -71.77 -53.42 -5.87
CA GLY G 91 -70.98 -53.14 -4.68
C GLY G 91 -70.13 -51.89 -4.82
N LEU G 92 -69.49 -51.73 -5.98
CA LEU G 92 -68.70 -50.54 -6.23
C LEU G 92 -69.57 -49.28 -6.21
N ALA G 93 -70.78 -49.38 -6.78
CA ALA G 93 -71.70 -48.24 -6.74
C ALA G 93 -72.11 -47.91 -5.31
N GLU G 94 -72.35 -48.94 -4.49
CA GLU G 94 -72.70 -48.70 -3.09
C GLU G 94 -71.56 -47.99 -2.36
N VAL G 95 -70.32 -48.45 -2.56
CA VAL G 95 -69.18 -47.81 -1.92
C VAL G 95 -69.03 -46.38 -2.39
N PHE G 96 -69.20 -46.14 -3.70
CA PHE G 96 -69.06 -44.79 -4.24
C PHE G 96 -70.14 -43.86 -3.70
N GLN G 97 -71.38 -44.34 -3.59
CA GLN G 97 -72.45 -43.53 -3.03
C GLN G 97 -72.19 -43.22 -1.55
N LEU G 98 -71.69 -44.20 -0.80
CA LEU G 98 -71.36 -43.95 0.61
C LEU G 98 -70.25 -42.91 0.71
N VAL G 99 -69.25 -42.99 -0.15
CA VAL G 99 -68.17 -42.01 -0.15
C VAL G 99 -68.71 -40.61 -0.48
N GLU G 100 -69.60 -40.54 -1.47
CA GLU G 100 -70.19 -39.25 -1.83
C GLU G 100 -70.99 -38.67 -0.67
N GLU G 101 -71.80 -39.50 -0.01
CA GLU G 101 -72.59 -39.02 1.12
C GLU G 101 -71.69 -38.54 2.26
N ALA G 102 -70.59 -39.25 2.51
CA ALA G 102 -69.63 -38.80 3.51
C ALA G 102 -69.01 -37.47 3.11
N TRP G 103 -68.68 -37.31 1.83
CA TRP G 103 -68.11 -36.05 1.36
C TRP G 103 -69.09 -34.90 1.51
N LEU G 104 -70.39 -35.16 1.33
CA LEU G 104 -71.38 -34.10 1.42
C LEU G 104 -71.51 -33.54 2.84
N LEU G 105 -71.02 -34.25 3.84
CA LEU G 105 -71.09 -33.78 5.22
C LEU G 105 -70.20 -32.55 5.43
N GLY G 109 -67.80 -34.43 4.53
CA GLY G 109 -66.90 -34.59 5.66
C GLY G 109 -65.49 -34.98 5.25
N ARG G 110 -64.55 -34.06 5.43
CA ARG G 110 -63.16 -34.33 5.08
C ARG G 110 -62.59 -35.46 5.92
N GLU G 111 -62.75 -35.36 7.25
CA GLU G 111 -62.25 -36.41 8.14
C GLU G 111 -63.00 -37.73 7.93
N VAL G 112 -64.29 -37.65 7.59
CA VAL G 112 -65.06 -38.88 7.35
C VAL G 112 -64.50 -39.61 6.13
N ALA G 113 -64.25 -38.86 5.06
CA ALA G 113 -63.69 -39.47 3.85
C ALA G 113 -62.27 -39.97 4.09
N GLN G 114 -61.50 -39.25 4.92
CA GLN G 114 -60.17 -39.72 5.28
C GLN G 114 -60.24 -41.05 6.00
N GLY G 115 -61.17 -41.19 6.95
CA GLY G 115 -61.36 -42.46 7.63
C GLY G 115 -61.84 -43.55 6.69
N LEU G 116 -62.67 -43.19 5.72
CA LEU G 116 -63.11 -44.16 4.72
C LEU G 116 -61.92 -44.71 3.95
N CYS G 117 -61.10 -43.80 3.40
CA CYS G 117 -59.99 -44.21 2.56
C CYS G 117 -58.90 -44.92 3.36
N ASP G 118 -58.74 -44.58 4.63
CA ASP G 118 -57.79 -45.31 5.47
C ASP G 118 -58.19 -46.78 5.60
N ALA G 119 -59.48 -47.03 5.85
CA ALA G 119 -59.95 -48.41 5.92
C ALA G 119 -59.82 -49.11 4.57
N ILE G 120 -60.13 -48.41 3.49
CA ILE G 120 -60.02 -49.01 2.16
C ILE G 120 -58.57 -49.40 1.89
N ARG G 121 -57.61 -48.53 2.22
CA ARG G 121 -56.20 -48.85 2.01
C ARG G 121 -55.75 -49.99 2.90
N LEU G 122 -56.18 -50.00 4.17
CA LEU G 122 -55.78 -51.06 5.09
C LEU G 122 -56.30 -52.42 4.63
N ASP G 123 -57.53 -52.47 4.14
CA ASP G 123 -58.11 -53.73 3.67
C ASP G 123 -57.67 -54.08 2.25
N GLY G 124 -56.78 -53.31 1.65
CA GLY G 124 -56.33 -53.61 0.31
C GLY G 124 -57.37 -53.42 -0.77
N GLY G 125 -58.34 -52.53 -0.55
CA GLY G 125 -59.38 -52.32 -1.53
C GLY G 125 -58.85 -51.77 -2.85
N LEU G 126 -57.84 -50.91 -2.78
CA LEU G 126 -57.31 -50.31 -4.00
C LEU G 126 -56.63 -51.33 -4.89
N ASP G 127 -56.01 -52.37 -4.31
CA ASP G 127 -55.49 -53.45 -5.13
C ASP G 127 -56.61 -54.18 -5.86
N LEU G 128 -57.74 -54.39 -5.18
CA LEU G 128 -58.89 -55.02 -5.82
C LEU G 128 -59.42 -54.15 -6.95
N LEU G 129 -59.47 -52.83 -6.72
CA LEU G 129 -59.85 -51.92 -7.79
C LEU G 129 -58.88 -51.97 -8.96
N LEU G 130 -57.58 -52.11 -8.68
CA LEU G 130 -56.60 -52.22 -9.74
C LEU G 130 -56.83 -53.48 -10.59
N ARG G 131 -57.05 -54.61 -9.93
CA ARG G 131 -57.27 -55.84 -10.70
C ARG G 131 -58.65 -55.86 -11.36
N LEU G 132 -59.59 -55.04 -10.88
CA LEU G 132 -60.83 -54.85 -11.63
C LEU G 132 -60.63 -53.96 -12.85
N LEU G 133 -59.76 -52.96 -12.74
CA LEU G 133 -59.30 -52.22 -13.90
C LEU G 133 -58.65 -53.15 -14.92
N GLN G 134 -57.94 -54.16 -14.42
CA GLN G 134 -57.36 -55.18 -15.30
C GLN G 134 -58.39 -56.17 -15.82
N ALA G 135 -59.59 -56.20 -15.26
CA ALA G 135 -60.60 -57.16 -15.69
C ALA G 135 -61.11 -56.81 -17.09
N PRO G 136 -61.44 -57.82 -17.89
CA PRO G 136 -61.92 -57.55 -19.25
C PRO G 136 -63.26 -56.83 -19.29
N GLU G 137 -64.10 -56.98 -18.27
CA GLU G 137 -65.43 -56.37 -18.30
C GLU G 137 -65.31 -54.85 -18.23
N LEU G 138 -66.01 -54.17 -19.14
CA LEU G 138 -65.91 -52.72 -19.23
C LEU G 138 -66.66 -52.04 -18.09
N GLU G 139 -67.87 -52.51 -17.77
CA GLU G 139 -68.68 -51.84 -16.76
C GLU G 139 -68.06 -51.99 -15.36
N THR G 140 -67.51 -53.17 -15.06
CA THR G 140 -66.77 -53.31 -13.80
C THR G 140 -65.66 -52.28 -13.73
N ARG G 141 -64.98 -52.05 -14.87
CA ARG G 141 -63.94 -51.02 -14.91
C ARG G 141 -64.51 -49.64 -14.66
N VAL G 142 -65.71 -49.35 -15.19
CA VAL G 142 -66.23 -48.00 -15.01
C VAL G 142 -66.62 -47.76 -13.55
N GLN G 143 -67.22 -48.75 -12.89
CA GLN G 143 -67.52 -48.55 -11.47
C GLN G 143 -66.25 -48.48 -10.63
N ALA G 144 -65.26 -49.33 -10.94
CA ALA G 144 -64.01 -49.29 -10.21
C ALA G 144 -63.33 -47.94 -10.35
N ALA G 145 -63.32 -47.38 -11.56
CA ALA G 145 -62.71 -46.07 -11.77
C ALA G 145 -63.53 -44.96 -11.14
N ARG G 146 -64.86 -45.12 -11.08
CA ARG G 146 -65.69 -44.16 -10.37
C ARG G 146 -65.31 -44.12 -8.90
N LEU G 147 -65.08 -45.28 -8.29
CA LEU G 147 -64.58 -45.30 -6.92
C LEU G 147 -63.17 -44.72 -6.85
N LEU G 148 -62.34 -45.01 -7.85
CA LEU G 148 -60.94 -44.59 -7.82
C LEU G 148 -60.81 -43.07 -7.82
N GLU G 149 -61.64 -42.38 -8.62
CA GLU G 149 -61.57 -40.92 -8.65
C GLU G 149 -61.77 -40.30 -7.28
N GLN G 150 -62.62 -40.91 -6.44
CA GLN G 150 -62.98 -40.33 -5.16
C GLN G 150 -62.24 -40.95 -3.98
N ILE G 151 -61.45 -41.99 -4.20
CA ILE G 151 -60.64 -42.56 -3.13
C ILE G 151 -59.16 -42.22 -3.25
N LEU G 152 -58.79 -41.28 -4.13
CA LEU G 152 -57.38 -40.94 -4.34
C LEU G 152 -56.97 -39.82 -3.38
N VAL G 153 -56.94 -40.16 -2.10
CA VAL G 153 -56.42 -39.28 -1.06
C VAL G 153 -54.90 -39.41 -1.03
N ALA G 154 -54.24 -38.54 -0.26
CA ALA G 154 -52.79 -38.44 -0.28
C ALA G 154 -52.12 -39.78 -0.01
N GLU G 155 -52.57 -40.50 1.03
CA GLU G 155 -51.98 -41.80 1.34
C GLU G 155 -52.29 -42.82 0.25
N ASN G 156 -53.54 -42.86 -0.20
CA ASN G 156 -53.89 -43.72 -1.34
C ASN G 156 -53.16 -43.28 -2.60
N ARG G 157 -52.90 -41.98 -2.74
CA ARG G 157 -52.12 -41.50 -3.87
C ARG G 157 -50.69 -42.03 -3.81
N ASP G 158 -50.10 -42.06 -2.61
CA ASP G 158 -48.78 -42.64 -2.46
C ASP G 158 -48.80 -44.13 -2.79
N ARG G 159 -49.84 -44.83 -2.35
CA ARG G 159 -49.94 -46.26 -2.64
C ARG G 159 -50.06 -46.52 -4.14
N VAL G 160 -50.88 -45.72 -4.83
CA VAL G 160 -51.01 -45.87 -6.27
C VAL G 160 -49.70 -45.52 -6.97
N ALA G 161 -48.99 -44.51 -6.47
CA ALA G 161 -47.69 -44.17 -7.05
C ALA G 161 -46.70 -45.32 -6.90
N ARG G 162 -46.69 -45.96 -5.73
CA ARG G 162 -45.69 -47.00 -5.50
C ARG G 162 -46.02 -48.30 -6.23
N ILE G 163 -47.27 -48.74 -6.24
CA ILE G 163 -47.57 -50.04 -6.83
C ILE G 163 -48.66 -49.97 -7.90
N GLY G 164 -49.57 -49.00 -7.77
CA GLY G 164 -50.71 -48.95 -8.67
C GLY G 164 -50.41 -48.33 -10.02
N LEU G 165 -49.29 -47.65 -10.17
CA LEU G 165 -48.95 -47.02 -11.44
C LEU G 165 -48.67 -48.08 -12.50
N GLY G 166 -48.85 -47.69 -13.76
CA GLY G 166 -48.71 -48.61 -14.87
C GLY G 166 -50.04 -49.16 -15.33
N VAL G 167 -50.91 -49.47 -14.37
CA VAL G 167 -52.26 -49.91 -14.71
C VAL G 167 -53.06 -48.75 -15.30
N ILE G 168 -52.86 -47.54 -14.79
CA ILE G 168 -53.59 -46.38 -15.29
C ILE G 168 -53.20 -46.07 -16.73
N LEU G 169 -51.95 -46.37 -17.12
CA LEU G 169 -51.54 -46.17 -18.50
C LEU G 169 -52.35 -47.04 -19.46
N ASN G 170 -52.70 -48.26 -19.03
CA ASN G 170 -53.55 -49.12 -19.86
C ASN G 170 -54.91 -48.48 -20.09
N LEU G 171 -55.47 -47.84 -19.05
CA LEU G 171 -56.70 -47.08 -19.24
C LEU G 171 -56.48 -45.91 -20.19
N ALA G 172 -55.35 -45.21 -20.05
CA ALA G 172 -55.03 -44.10 -20.94
C ALA G 172 -54.94 -44.55 -22.39
N LYS G 173 -54.59 -45.82 -22.60
CA LYS G 173 -54.64 -46.38 -23.96
C LYS G 173 -56.06 -46.36 -24.51
N GLU G 174 -57.03 -46.69 -23.67
CA GLU G 174 -58.43 -46.58 -24.05
C GLU G 174 -58.81 -45.10 -24.19
N ARG G 175 -59.52 -44.77 -25.26
CA ARG G 175 -59.80 -43.38 -25.57
C ARG G 175 -61.28 -43.13 -25.88
N GLU G 176 -61.98 -44.17 -26.34
CA GLU G 176 -63.31 -43.96 -26.91
C GLU G 176 -64.38 -43.67 -25.86
N PRO G 177 -64.59 -44.51 -24.84
CA PRO G 177 -65.72 -44.27 -23.93
C PRO G 177 -65.58 -42.94 -23.20
N VAL G 178 -66.71 -42.25 -23.04
CA VAL G 178 -66.74 -40.98 -22.32
C VAL G 178 -66.54 -41.20 -20.82
N GLU G 179 -67.18 -42.24 -20.28
CA GLU G 179 -67.06 -42.52 -18.85
C GLU G 179 -65.63 -42.86 -18.47
N LEU G 180 -64.97 -43.71 -19.27
CA LEU G 180 -63.56 -44.00 -19.04
C LEU G 180 -62.72 -42.75 -19.15
N ALA G 181 -63.01 -41.91 -20.15
CA ALA G 181 -62.26 -40.67 -20.31
C ALA G 181 -62.34 -39.82 -19.06
N ARG G 182 -63.55 -39.60 -18.55
CA ARG G 182 -63.72 -38.78 -17.35
C ARG G 182 -63.02 -39.40 -16.15
N SER G 183 -63.18 -40.70 -15.97
CA SER G 183 -62.62 -41.36 -14.79
C SER G 183 -61.10 -41.32 -14.80
N VAL G 184 -60.49 -41.67 -15.94
CA VAL G 184 -59.04 -41.66 -16.01
C VAL G 184 -58.50 -40.23 -15.98
N ALA G 185 -59.27 -39.26 -16.48
CA ALA G 185 -58.85 -37.87 -16.35
C ALA G 185 -58.78 -37.45 -14.88
N GLY G 186 -59.79 -37.82 -14.09
CA GLY G 186 -59.74 -37.52 -12.67
C GLY G 186 -58.59 -38.23 -11.97
N ILE G 187 -58.39 -39.51 -12.30
CA ILE G 187 -57.31 -40.27 -11.68
C ILE G 187 -55.96 -39.66 -12.03
N LEU G 188 -55.77 -39.27 -13.29
CA LEU G 188 -54.52 -38.62 -13.70
C LEU G 188 -54.34 -37.28 -13.01
N GLU G 189 -55.43 -36.53 -12.82
CA GLU G 189 -55.35 -35.30 -12.05
C GLU G 189 -54.81 -35.54 -10.65
N HIS G 190 -55.41 -36.50 -9.94
CA HIS G 190 -54.94 -36.78 -8.58
C HIS G 190 -53.50 -37.27 -8.59
N MET G 191 -53.14 -38.14 -9.55
CA MET G 191 -51.77 -38.63 -9.62
C MET G 191 -50.78 -37.52 -9.91
N PHE G 192 -51.17 -36.56 -10.75
CA PHE G 192 -50.31 -35.40 -11.02
C PHE G 192 -50.19 -34.51 -9.79
N LYS G 193 -51.18 -34.53 -8.90
CA LYS G 193 -51.06 -33.80 -7.65
C LYS G 193 -50.16 -34.49 -6.63
N HIS G 194 -49.63 -35.67 -6.96
CA HIS G 194 -48.89 -36.46 -5.97
C HIS G 194 -47.47 -35.95 -5.77
N SER G 195 -46.63 -36.03 -6.81
CA SER G 195 -45.22 -35.69 -6.66
C SER G 195 -44.60 -35.50 -8.04
N GLU G 196 -43.37 -34.98 -8.04
CA GLU G 196 -42.68 -34.67 -9.29
C GLU G 196 -42.31 -35.92 -10.06
N GLU G 197 -41.86 -36.96 -9.36
CA GLU G 197 -41.44 -38.19 -10.04
C GLU G 197 -42.60 -38.85 -10.77
N THR G 198 -43.77 -38.89 -10.13
CA THR G 198 -44.95 -39.46 -10.78
C THR G 198 -45.36 -38.62 -11.99
N CYS G 199 -45.27 -37.30 -11.87
CA CYS G 199 -45.57 -36.44 -13.01
C CYS G 199 -44.63 -36.72 -14.17
N GLN G 200 -43.34 -36.86 -13.89
CA GLN G 200 -42.37 -37.15 -14.95
C GLN G 200 -42.65 -38.51 -15.58
N ARG G 201 -42.97 -39.51 -14.77
CA ARG G 201 -43.27 -40.83 -15.31
C ARG G 201 -44.52 -40.80 -16.19
N LEU G 202 -45.56 -40.10 -15.75
CA LEU G 202 -46.78 -40.00 -16.53
C LEU G 202 -46.55 -39.24 -17.84
N VAL G 203 -45.74 -38.18 -17.79
CA VAL G 203 -45.40 -37.44 -19.01
C VAL G 203 -44.63 -38.34 -19.97
N ALA G 204 -43.69 -39.13 -19.45
CA ALA G 204 -42.98 -40.09 -20.29
C ALA G 204 -43.94 -41.11 -20.91
N ALA G 205 -45.01 -41.46 -20.19
CA ALA G 205 -46.04 -42.34 -20.72
C ALA G 205 -47.02 -41.52 -21.55
N GLY G 206 -48.16 -42.13 -21.88
CA GLY G 206 -49.19 -41.48 -22.67
C GLY G 206 -50.23 -40.72 -21.89
N GLY G 207 -49.99 -40.43 -20.61
CA GLY G 207 -50.98 -39.71 -19.82
C GLY G 207 -51.24 -38.31 -20.34
N LEU G 208 -50.18 -37.59 -20.68
CA LEU G 208 -50.35 -36.23 -21.22
C LEU G 208 -51.07 -36.27 -22.57
N ASP G 209 -50.72 -37.24 -23.42
CA ASP G 209 -51.41 -37.38 -24.70
C ASP G 209 -52.89 -37.71 -24.49
N ALA G 210 -53.19 -38.54 -23.50
CA ALA G 210 -54.58 -38.85 -23.17
C ALA G 210 -55.31 -37.59 -22.71
N VAL G 211 -54.65 -36.76 -21.89
CA VAL G 211 -55.26 -35.52 -21.43
C VAL G 211 -55.54 -34.60 -22.62
N LEU G 212 -54.60 -34.50 -23.55
CA LEU G 212 -54.82 -33.67 -24.73
C LEU G 212 -55.98 -34.18 -25.57
N TYR G 213 -56.05 -35.51 -25.77
CA TYR G 213 -57.14 -36.08 -26.55
C TYR G 213 -58.49 -35.83 -25.88
N TRP G 214 -58.55 -35.97 -24.56
CA TRP G 214 -59.79 -35.68 -23.86
C TRP G 214 -60.12 -34.19 -23.88
N CYS G 215 -59.10 -33.34 -23.97
CA CYS G 215 -59.34 -31.92 -24.19
C CYS G 215 -59.94 -31.67 -25.57
N ARG G 216 -59.57 -32.50 -26.55
CA ARG G 216 -60.21 -32.42 -27.86
C ARG G 216 -61.69 -32.74 -27.77
N ARG G 217 -62.11 -33.49 -26.75
CA ARG G 217 -63.50 -33.89 -26.59
C ARG G 217 -64.36 -32.71 -26.12
N THR G 218 -65.62 -33.01 -25.80
CA THR G 218 -66.62 -31.98 -25.55
C THR G 218 -67.27 -32.09 -24.18
N ASP G 219 -67.17 -33.23 -23.51
CA ASP G 219 -67.89 -33.44 -22.26
C ASP G 219 -67.49 -32.40 -21.21
N PRO G 220 -68.45 -31.78 -20.52
CA PRO G 220 -68.08 -30.74 -19.54
C PRO G 220 -67.24 -31.25 -18.39
N ALA G 221 -67.68 -32.33 -17.72
CA ALA G 221 -66.94 -32.85 -16.57
C ALA G 221 -65.57 -33.34 -17.00
N LEU G 222 -65.48 -34.00 -18.15
CA LEU G 222 -64.18 -34.45 -18.66
C LEU G 222 -63.24 -33.28 -18.87
N LEU G 223 -63.73 -32.20 -19.47
CA LEU G 223 -62.90 -31.02 -19.69
C LEU G 223 -62.47 -30.40 -18.37
N ARG G 224 -63.37 -30.37 -17.39
CA ARG G 224 -63.02 -29.81 -16.08
C ARG G 224 -61.91 -30.62 -15.43
N HIS G 225 -62.04 -31.96 -15.43
CA HIS G 225 -60.98 -32.79 -14.85
C HIS G 225 -59.67 -32.65 -15.62
N CYS G 226 -59.74 -32.54 -16.95
CA CYS G 226 -58.52 -32.37 -17.72
C CYS G 226 -57.83 -31.03 -17.41
N ALA G 227 -58.61 -29.96 -17.28
CA ALA G 227 -58.04 -28.67 -16.94
C ALA G 227 -57.40 -28.71 -15.56
N LEU G 228 -58.08 -29.32 -14.59
CA LEU G 228 -57.50 -29.40 -13.25
C LEU G 228 -56.28 -30.30 -13.23
N ALA G 229 -56.27 -31.35 -14.05
CA ALA G 229 -55.09 -32.21 -14.16
C ALA G 229 -53.90 -31.44 -14.72
N LEU G 230 -54.13 -30.66 -15.78
CA LEU G 230 -53.04 -29.87 -16.34
C LEU G 230 -52.53 -28.84 -15.35
N GLY G 231 -53.44 -28.20 -14.61
CA GLY G 231 -53.00 -27.26 -13.59
C GLY G 231 -52.18 -27.92 -12.51
N ASN G 232 -52.64 -29.08 -12.02
CA ASN G 232 -51.92 -29.78 -10.97
C ASN G 232 -50.54 -30.24 -11.45
N CYS G 233 -50.46 -30.76 -12.67
CA CYS G 233 -49.17 -31.24 -13.18
C CYS G 233 -48.22 -30.07 -13.44
N ALA G 234 -48.74 -28.93 -13.89
CA ALA G 234 -47.90 -27.76 -14.06
C ALA G 234 -47.39 -27.27 -12.71
N LEU G 235 -48.23 -27.33 -11.67
CA LEU G 235 -47.82 -26.86 -10.36
C LEU G 235 -46.78 -27.79 -9.73
N HIS G 236 -46.96 -29.10 -9.88
CA HIS G 236 -46.16 -30.08 -9.17
C HIS G 236 -45.18 -30.84 -10.06
N GLY G 237 -44.90 -30.33 -11.26
CA GLY G 237 -44.05 -31.06 -12.18
C GLY G 237 -42.57 -30.71 -12.11
N GLY G 238 -42.26 -29.43 -12.23
CA GLY G 238 -40.89 -28.97 -12.31
C GLY G 238 -40.56 -28.45 -13.71
N GLN G 239 -39.27 -28.12 -13.88
CA GLN G 239 -38.82 -27.54 -15.14
C GLN G 239 -39.00 -28.52 -16.30
N ALA G 240 -38.56 -29.78 -16.11
CA ALA G 240 -38.61 -30.75 -17.18
C ALA G 240 -40.04 -31.06 -17.59
N VAL G 241 -40.94 -31.19 -16.61
CA VAL G 241 -42.33 -31.50 -16.92
C VAL G 241 -42.97 -30.38 -17.74
N GLN G 242 -42.73 -29.13 -17.35
CA GLN G 242 -43.28 -28.00 -18.09
C GLN G 242 -42.69 -27.91 -19.49
N ARG G 243 -41.37 -28.17 -19.61
CA ARG G 243 -40.75 -28.17 -20.93
C ARG G 243 -41.37 -29.23 -21.84
N ARG G 244 -41.58 -30.43 -21.30
CA ARG G 244 -42.19 -31.50 -22.10
C ARG G 244 -43.63 -31.16 -22.44
N MET G 245 -44.35 -30.51 -21.52
CA MET G 245 -45.71 -30.09 -21.81
C MET G 245 -45.75 -29.12 -22.99
N VAL G 246 -44.89 -28.10 -22.96
CA VAL G 246 -44.89 -27.11 -24.04
C VAL G 246 -44.43 -27.75 -25.34
N GLU G 247 -43.46 -28.67 -25.27
CA GLU G 247 -43.05 -29.39 -26.47
C GLU G 247 -44.21 -30.17 -27.07
N LYS G 248 -45.18 -30.57 -26.25
CA LYS G 248 -46.39 -31.22 -26.71
C LYS G 248 -47.53 -30.24 -26.93
N ARG G 249 -47.24 -28.93 -26.92
CA ARG G 249 -48.23 -27.88 -27.16
C ARG G 249 -49.36 -27.94 -26.14
N ALA G 250 -48.98 -27.77 -24.87
CA ALA G 250 -49.96 -27.80 -23.79
C ALA G 250 -50.85 -26.56 -23.79
N ALA G 251 -50.28 -25.38 -24.05
CA ALA G 251 -51.06 -24.15 -24.00
C ALA G 251 -52.09 -24.10 -25.13
N GLU G 252 -51.73 -24.61 -26.32
CA GLU G 252 -52.67 -24.61 -27.43
C GLU G 252 -53.90 -25.45 -27.12
N TRP G 253 -53.70 -26.62 -26.50
CA TRP G 253 -54.83 -27.44 -26.10
C TRP G 253 -55.53 -26.91 -24.85
N LEU G 254 -54.84 -26.07 -24.07
CA LEU G 254 -55.50 -25.41 -22.95
C LEU G 254 -56.42 -24.29 -23.44
N PHE G 255 -56.12 -23.71 -24.59
CA PHE G 255 -56.92 -22.60 -25.11
C PHE G 255 -58.41 -22.90 -25.25
N PRO G 256 -58.84 -24.01 -25.87
CA PRO G 256 -60.29 -24.25 -26.00
C PRO G 256 -61.00 -24.36 -24.66
N LEU G 257 -60.32 -24.91 -23.65
CA LEU G 257 -60.95 -25.06 -22.34
C LEU G 257 -61.23 -23.70 -21.71
N ALA G 258 -60.31 -22.74 -21.89
CA ALA G 258 -60.56 -21.39 -21.39
C ALA G 258 -61.56 -20.64 -22.27
N PHE G 259 -61.59 -20.95 -23.57
CA PHE G 259 -62.46 -20.21 -24.48
C PHE G 259 -63.92 -20.65 -24.38
N SER G 260 -64.18 -21.84 -23.87
CA SER G 260 -65.54 -22.37 -23.82
C SER G 260 -66.39 -21.58 -22.85
N LYS G 261 -67.44 -20.93 -23.37
CA LYS G 261 -68.32 -20.11 -22.55
C LYS G 261 -69.34 -20.92 -21.76
N GLU G 262 -69.40 -22.23 -21.97
CA GLU G 262 -70.43 -23.04 -21.32
C GLU G 262 -70.27 -23.04 -19.80
N ASP G 263 -69.04 -23.26 -19.31
CA ASP G 263 -68.78 -23.36 -17.89
C ASP G 263 -67.70 -22.36 -17.50
N GLU G 264 -67.92 -21.64 -16.40
CA GLU G 264 -66.95 -20.67 -15.92
C GLU G 264 -65.77 -21.35 -15.22
N LEU G 265 -66.04 -22.43 -14.48
CA LEU G 265 -64.97 -23.11 -13.74
C LEU G 265 -63.95 -23.73 -14.68
N LEU G 266 -64.38 -24.22 -15.85
CA LEU G 266 -63.45 -24.77 -16.81
C LEU G 266 -62.48 -23.72 -17.30
N ARG G 267 -63.00 -22.54 -17.66
CA ARG G 267 -62.12 -21.45 -18.08
C ARG G 267 -61.22 -21.00 -16.96
N LEU G 268 -61.74 -20.97 -15.73
CA LEU G 268 -60.93 -20.54 -14.59
C LEU G 268 -59.76 -21.50 -14.37
N HIS G 269 -60.02 -22.79 -14.43
CA HIS G 269 -58.94 -23.78 -14.27
C HIS G 269 -57.95 -23.71 -15.42
N ALA G 270 -58.45 -23.55 -16.65
CA ALA G 270 -57.54 -23.45 -17.79
C ALA G 270 -56.65 -22.22 -17.68
N CYS G 271 -57.22 -21.10 -17.25
CA CYS G 271 -56.43 -19.89 -17.06
C CYS G 271 -55.43 -20.05 -15.92
N LEU G 272 -55.79 -20.77 -14.86
CA LEU G 272 -54.82 -21.06 -13.81
C LEU G 272 -53.65 -21.87 -14.36
N ALA G 273 -53.96 -22.89 -15.17
CA ALA G 273 -52.89 -23.69 -15.76
C ALA G 273 -52.00 -22.85 -16.68
N VAL G 274 -52.61 -21.99 -17.48
CA VAL G 274 -51.84 -21.12 -18.38
C VAL G 274 -50.96 -20.17 -17.58
N ALA G 275 -51.49 -19.61 -16.50
CA ALA G 275 -50.70 -18.71 -15.66
C ALA G 275 -49.54 -19.44 -15.00
N VAL G 276 -49.77 -20.66 -14.53
CA VAL G 276 -48.70 -21.44 -13.92
C VAL G 276 -47.61 -21.75 -14.94
N LEU G 277 -48.01 -22.08 -16.18
CA LEU G 277 -47.03 -22.27 -17.24
C LEU G 277 -46.28 -20.97 -17.52
N ALA G 278 -46.97 -19.84 -17.46
CA ALA G 278 -46.33 -18.55 -17.75
C ALA G 278 -45.35 -18.15 -16.65
N THR G 279 -45.58 -18.60 -15.40
CA THR G 279 -44.63 -18.32 -14.33
C THR G 279 -43.26 -18.89 -14.67
N ASN G 280 -43.21 -20.01 -15.37
CA ASN G 280 -41.98 -20.54 -15.96
C ASN G 280 -41.60 -19.61 -17.11
N LYS G 281 -40.71 -18.67 -16.86
CA LYS G 281 -40.44 -17.61 -17.82
C LYS G 281 -39.39 -17.97 -18.87
N GLU G 282 -38.86 -19.19 -18.84
CA GLU G 282 -37.96 -19.62 -19.90
C GLU G 282 -38.73 -20.09 -21.12
N VAL G 283 -40.05 -20.23 -21.02
CA VAL G 283 -40.89 -20.67 -22.13
C VAL G 283 -42.04 -19.71 -22.37
N GLU G 284 -42.00 -18.53 -21.75
CA GLU G 284 -43.04 -17.53 -21.97
C GLU G 284 -43.16 -17.14 -23.44
N ARG G 285 -42.07 -17.24 -24.18
CA ARG G 285 -42.13 -16.91 -25.61
C ARG G 285 -43.09 -17.84 -26.34
N GLU G 286 -42.92 -19.16 -26.15
CA GLU G 286 -43.83 -20.11 -26.80
C GLU G 286 -45.24 -20.03 -26.20
N VAL G 287 -45.34 -19.75 -24.91
CA VAL G 287 -46.66 -19.60 -24.30
C VAL G 287 -47.42 -18.45 -24.95
N GLU G 288 -46.74 -17.33 -25.19
CA GLU G 288 -47.35 -16.23 -25.92
C GLU G 288 -47.63 -16.59 -27.37
N ARG G 289 -46.74 -17.35 -28.00
CA ARG G 289 -46.99 -17.82 -29.36
C ARG G 289 -48.29 -18.61 -29.43
N SER G 290 -48.61 -19.35 -28.37
CA SER G 290 -49.90 -20.04 -28.30
C SER G 290 -51.05 -19.03 -28.29
N GLY G 291 -50.89 -17.92 -27.58
CA GLY G 291 -51.89 -16.88 -27.54
C GLY G 291 -53.00 -17.08 -26.53
N THR G 292 -52.93 -18.13 -25.71
CA THR G 292 -53.98 -18.38 -24.72
C THR G 292 -53.89 -17.43 -23.52
N LEU G 293 -52.76 -16.74 -23.35
CA LEU G 293 -52.62 -15.81 -22.24
C LEU G 293 -53.54 -14.60 -22.37
N ALA G 294 -54.00 -14.29 -23.59
CA ALA G 294 -54.78 -13.08 -23.80
C ALA G 294 -56.11 -13.12 -23.05
N LEU G 295 -56.78 -14.26 -23.05
CA LEU G 295 -58.10 -14.36 -22.45
C LEU G 295 -58.08 -14.35 -20.93
N VAL G 296 -56.90 -14.41 -20.31
CA VAL G 296 -56.83 -14.51 -18.85
C VAL G 296 -57.41 -13.27 -18.20
N GLU G 297 -56.94 -12.08 -18.63
CA GLU G 297 -57.38 -10.84 -17.99
C GLU G 297 -58.87 -10.58 -18.18
N PRO G 298 -59.44 -10.65 -19.39
CA PRO G 298 -60.90 -10.41 -19.50
C PRO G 298 -61.73 -11.39 -18.70
N LEU G 299 -61.34 -12.67 -18.65
CA LEU G 299 -62.09 -13.64 -17.86
C LEU G 299 -62.03 -13.31 -16.38
N VAL G 300 -60.85 -12.94 -15.88
CA VAL G 300 -60.71 -12.57 -14.48
C VAL G 300 -61.56 -11.34 -14.17
N ALA G 301 -61.57 -10.37 -15.08
CA ALA G 301 -62.39 -9.17 -14.87
C ALA G 301 -63.88 -9.52 -14.85
N SER G 302 -64.31 -10.42 -15.73
CA SER G 302 -65.73 -10.75 -15.82
C SER G 302 -66.18 -11.57 -14.61
N LEU G 303 -65.41 -12.57 -14.21
CA LEU G 303 -65.82 -13.45 -13.14
C LEU G 303 -65.79 -12.73 -11.79
N ASP G 304 -66.58 -13.25 -10.85
CA ASP G 304 -66.68 -12.70 -9.51
C ASP G 304 -66.15 -13.70 -8.50
N PRO G 305 -65.28 -13.28 -7.58
CA PRO G 305 -64.74 -14.24 -6.59
C PRO G 305 -65.80 -14.85 -5.70
N GLY G 306 -66.86 -14.11 -5.38
CA GLY G 306 -67.82 -14.58 -4.39
C GLY G 306 -68.58 -15.82 -4.84
N ARG G 307 -68.99 -15.86 -6.11
CA ARG G 307 -69.79 -16.98 -6.60
C ARG G 307 -69.02 -18.29 -6.50
N PHE G 308 -67.77 -18.30 -6.98
CA PHE G 308 -66.98 -19.53 -6.93
C PHE G 308 -66.47 -19.82 -5.53
N ALA G 309 -66.29 -18.80 -4.70
CA ALA G 309 -65.94 -19.04 -3.31
C ALA G 309 -67.07 -19.74 -2.57
N ARG G 310 -68.32 -19.32 -2.84
CA ARG G 310 -69.46 -19.96 -2.20
C ARG G 310 -69.69 -21.37 -2.78
N CYS G 311 -69.46 -21.53 -4.07
CA CYS G 311 -69.68 -22.82 -4.73
C CYS G 311 -68.60 -23.82 -4.35
N PRO G 324 -53.12 -25.69 2.48
CA PRO G 324 -51.99 -24.78 2.72
C PRO G 324 -50.92 -24.88 1.65
N ASP G 325 -50.64 -26.10 1.18
CA ASP G 325 -49.66 -26.27 0.11
C ASP G 325 -50.13 -25.61 -1.18
N ASP G 326 -51.43 -25.66 -1.46
CA ASP G 326 -51.97 -24.99 -2.63
C ASP G 326 -51.75 -23.49 -2.55
N LEU G 327 -51.96 -22.90 -1.38
CA LEU G 327 -51.70 -21.47 -1.21
C LEU G 327 -50.21 -21.16 -1.35
N GLN G 328 -49.36 -22.03 -0.80
CA GLN G 328 -47.92 -21.82 -0.93
C GLN G 328 -47.46 -21.93 -2.38
N ARG G 329 -48.19 -22.67 -3.20
CA ARG G 329 -47.85 -22.74 -4.62
C ARG G 329 -48.49 -21.59 -5.41
N LEU G 330 -49.61 -21.06 -4.92
CA LEU G 330 -50.24 -19.90 -5.57
C LEU G 330 -49.48 -18.61 -5.30
N VAL G 331 -48.78 -18.54 -4.16
CA VAL G 331 -48.03 -17.31 -3.83
C VAL G 331 -47.03 -16.94 -4.92
N PRO G 332 -46.26 -17.87 -5.51
CA PRO G 332 -45.39 -17.47 -6.63
C PRO G 332 -46.13 -16.78 -7.77
N LEU G 333 -47.39 -17.16 -8.03
CA LEU G 333 -48.18 -16.47 -9.05
C LEU G 333 -48.38 -15.01 -8.66
N LEU G 334 -48.58 -14.73 -7.37
CA LEU G 334 -48.67 -13.36 -6.91
C LEU G 334 -47.36 -12.61 -7.15
N ASP G 335 -46.22 -13.26 -6.86
CA ASP G 335 -44.91 -12.66 -7.06
C ASP G 335 -44.32 -12.99 -8.43
N SER G 336 -45.15 -13.36 -9.40
CA SER G 336 -44.65 -13.78 -10.70
C SER G 336 -44.22 -12.61 -11.58
N ASN G 337 -44.66 -11.39 -11.26
CA ASN G 337 -44.42 -10.18 -12.05
C ASN G 337 -44.98 -10.28 -13.47
N ARG G 338 -45.86 -11.25 -13.73
CA ARG G 338 -46.56 -11.36 -15.00
C ARG G 338 -48.03 -11.07 -14.77
N LEU G 339 -48.58 -10.14 -15.57
CA LEU G 339 -49.90 -9.57 -15.27
C LEU G 339 -50.97 -10.65 -15.19
N GLU G 340 -50.98 -11.57 -16.15
CA GLU G 340 -51.98 -12.64 -16.13
C GLU G 340 -51.79 -13.54 -14.91
N ALA G 341 -50.54 -13.92 -14.63
CA ALA G 341 -50.28 -14.77 -13.47
C ALA G 341 -50.62 -14.04 -12.17
N GLN G 342 -50.29 -12.76 -12.07
CA GLN G 342 -50.63 -11.99 -10.88
C GLN G 342 -52.14 -11.91 -10.69
N CYS G 343 -52.88 -11.68 -11.78
CA CYS G 343 -54.33 -11.62 -11.68
C CYS G 343 -54.93 -12.96 -11.25
N ILE G 344 -54.43 -14.06 -11.83
CA ILE G 344 -54.94 -15.38 -11.45
C ILE G 344 -54.65 -15.66 -9.98
N GLY G 345 -53.42 -15.36 -9.54
CA GLY G 345 -53.08 -15.57 -8.14
C GLY G 345 -53.91 -14.72 -7.21
N ALA G 346 -54.16 -13.45 -7.59
CA ALA G 346 -54.99 -12.59 -6.77
C ALA G 346 -56.41 -13.11 -6.67
N PHE G 347 -56.98 -13.58 -7.79
CA PHE G 347 -58.33 -14.13 -7.77
C PHE G 347 -58.40 -15.35 -6.86
N TYR G 348 -57.46 -16.28 -7.03
CA TYR G 348 -57.46 -17.49 -6.21
C TYR G 348 -57.28 -17.16 -4.74
N LEU G 349 -56.36 -16.25 -4.42
CA LEU G 349 -56.13 -15.91 -3.02
C LEU G 349 -57.31 -15.16 -2.42
N CYS G 350 -57.99 -14.32 -3.19
CA CYS G 350 -59.19 -13.67 -2.68
C CYS G 350 -60.28 -14.68 -2.38
N ALA G 351 -60.49 -15.64 -3.29
CA ALA G 351 -61.49 -16.68 -3.02
C ALA G 351 -61.13 -17.49 -1.79
N GLU G 352 -59.86 -17.87 -1.67
CA GLU G 352 -59.44 -18.68 -0.52
C GLU G 352 -59.53 -17.87 0.77
N ALA G 353 -59.22 -16.57 0.72
CA ALA G 353 -59.35 -15.72 1.89
C ALA G 353 -60.80 -15.58 2.32
N ALA G 354 -61.71 -15.43 1.36
CA ALA G 354 -63.14 -15.41 1.69
C ALA G 354 -63.57 -16.72 2.35
N ILE G 355 -63.13 -17.85 1.79
CA ILE G 355 -63.49 -19.14 2.35
C ILE G 355 -62.95 -19.29 3.77
N LYS G 356 -61.69 -18.90 3.99
CA LYS G 356 -61.09 -19.02 5.31
C LYS G 356 -61.76 -18.09 6.32
N SER G 357 -62.05 -16.85 5.92
CA SER G 357 -62.72 -15.91 6.80
C SER G 357 -64.16 -16.31 7.09
N LEU G 358 -64.76 -17.12 6.21
CA LEU G 358 -66.05 -17.71 6.56
C LEU G 358 -65.93 -18.57 7.81
N GLN G 359 -64.78 -19.21 8.00
CA GLN G 359 -64.46 -19.92 9.23
C GLN G 359 -63.61 -19.01 10.12
N GLY G 360 -63.07 -19.57 11.20
CA GLY G 360 -62.25 -18.79 12.11
C GLY G 360 -60.77 -18.85 11.82
N LYS G 361 -60.35 -19.78 10.97
CA LYS G 361 -58.94 -19.99 10.67
C LYS G 361 -58.53 -19.06 9.54
N THR G 362 -57.72 -18.03 9.85
CA THR G 362 -57.24 -17.08 8.86
C THR G 362 -55.74 -16.83 8.98
N LYS G 363 -55.03 -17.58 9.83
CA LYS G 363 -53.61 -17.37 10.05
C LYS G 363 -52.73 -18.03 9.01
N VAL G 364 -53.30 -18.80 8.09
CA VAL G 364 -52.51 -19.49 7.08
C VAL G 364 -51.79 -18.49 6.18
N PHE G 365 -52.50 -17.46 5.73
CA PHE G 365 -51.90 -16.46 4.86
C PHE G 365 -50.79 -15.70 5.58
N SER G 366 -50.98 -15.37 6.85
CA SER G 366 -49.94 -14.72 7.61
C SER G 366 -48.72 -15.63 7.77
N ASP G 367 -48.94 -16.92 8.01
CA ASP G 367 -47.84 -17.85 8.15
C ASP G 367 -47.05 -17.98 6.85
N ILE G 368 -47.76 -18.08 5.72
CA ILE G 368 -47.07 -18.16 4.43
C ILE G 368 -46.39 -16.84 4.10
N GLY G 369 -47.02 -15.71 4.44
CA GLY G 369 -46.49 -14.42 4.09
C GLY G 369 -47.14 -13.77 2.87
N ALA G 370 -48.30 -14.28 2.44
CA ALA G 370 -48.97 -13.70 1.27
C ALA G 370 -49.52 -12.30 1.55
N ILE G 371 -49.64 -11.91 2.82
CA ILE G 371 -50.12 -10.57 3.15
C ILE G 371 -49.14 -9.52 2.65
N GLN G 372 -47.85 -9.75 2.85
CA GLN G 372 -46.83 -8.83 2.36
C GLN G 372 -46.86 -8.77 0.83
N SER G 373 -47.04 -9.91 0.19
CA SER G 373 -47.13 -9.93 -1.27
C SER G 373 -48.33 -9.14 -1.75
N LEU G 374 -49.48 -9.28 -1.07
CA LEU G 374 -50.66 -8.51 -1.44
C LEU G 374 -50.44 -7.02 -1.26
N LYS G 375 -49.79 -6.62 -0.16
CA LYS G 375 -49.52 -5.21 0.07
C LYS G 375 -48.60 -4.64 -1.00
N ARG G 376 -47.55 -5.39 -1.36
CA ARG G 376 -46.66 -4.96 -2.42
C ARG G 376 -47.40 -4.88 -3.76
N LEU G 377 -48.31 -5.82 -4.00
CA LEU G 377 -49.12 -5.80 -5.21
C LEU G 377 -49.98 -4.55 -5.28
N VAL G 378 -50.60 -4.19 -4.15
CA VAL G 378 -51.47 -3.01 -4.12
C VAL G 378 -50.66 -1.74 -4.34
N CYS G 379 -49.50 -1.63 -3.67
CA CYS G 379 -48.71 -0.40 -3.78
C CYS G 379 -48.24 -0.16 -5.21
N TYR G 380 -47.75 -1.20 -5.87
CA TYR G 380 -47.19 -1.08 -7.22
C TYR G 380 -48.17 -1.56 -8.28
N SER G 381 -49.47 -1.55 -7.98
CA SER G 381 -50.46 -2.02 -8.93
C SER G 381 -50.55 -1.10 -10.13
N THR G 382 -50.63 -1.70 -11.32
CA THR G 382 -50.85 -0.96 -12.56
C THR G 382 -52.14 -1.34 -13.27
N ASN G 383 -52.76 -2.45 -12.89
CA ASN G 383 -54.00 -2.90 -13.50
C ASN G 383 -55.16 -2.72 -12.52
N GLY G 384 -56.29 -2.23 -13.04
CA GLY G 384 -57.44 -2.01 -12.19
C GLY G 384 -58.00 -3.28 -11.61
N THR G 385 -58.12 -4.33 -12.43
CA THR G 385 -58.68 -5.59 -11.96
C THR G 385 -57.80 -6.23 -10.88
N LYS G 386 -56.50 -6.28 -11.12
CA LYS G 386 -55.58 -6.87 -10.14
C LYS G 386 -55.59 -6.07 -8.84
N SER G 387 -55.56 -4.74 -8.94
CA SER G 387 -55.60 -3.92 -7.75
C SER G 387 -56.90 -4.12 -6.98
N ALA G 388 -58.03 -4.20 -7.68
CA ALA G 388 -59.31 -4.42 -7.01
C ALA G 388 -59.34 -5.77 -6.31
N LEU G 389 -58.85 -6.81 -6.98
CA LEU G 389 -58.83 -8.13 -6.36
C LEU G 389 -57.94 -8.16 -5.13
N ALA G 390 -56.75 -7.54 -5.22
CA ALA G 390 -55.85 -7.51 -4.07
C ALA G 390 -56.45 -6.72 -2.92
N LYS G 391 -57.09 -5.59 -3.21
CA LYS G 391 -57.73 -4.80 -2.17
C LYS G 391 -58.86 -5.58 -1.51
N ARG G 392 -59.66 -6.29 -2.30
CA ARG G 392 -60.74 -7.10 -1.73
C ARG G 392 -60.18 -8.20 -0.85
N ALA G 393 -59.11 -8.87 -1.31
CA ALA G 393 -58.50 -9.93 -0.52
C ALA G 393 -57.95 -9.40 0.81
N LEU G 394 -57.29 -8.25 0.77
CA LEU G 394 -56.76 -7.67 2.00
C LEU G 394 -57.88 -7.23 2.93
N ARG G 395 -58.95 -6.64 2.38
CA ARG G 395 -60.05 -6.19 3.21
C ARG G 395 -60.80 -7.37 3.83
N LEU G 396 -60.83 -8.52 3.15
CA LEU G 396 -61.44 -9.70 3.73
C LEU G 396 -60.72 -10.13 5.00
N LEU G 397 -59.40 -9.94 5.04
CA LEU G 397 -58.61 -10.22 6.23
C LEU G 397 -58.52 -8.95 7.08
N GLY G 398 -57.84 -9.06 8.22
CA GLY G 398 -57.66 -7.93 9.11
C GLY G 398 -56.39 -7.15 8.83
N GLU G 399 -56.23 -6.68 7.59
CA GLU G 399 -55.06 -5.93 7.18
C GLU G 399 -55.49 -4.62 6.54
N GLU G 400 -54.80 -3.54 6.89
CA GLU G 400 -55.08 -2.23 6.30
C GLU G 400 -54.59 -2.20 4.86
N VAL G 401 -55.45 -1.75 3.96
CA VAL G 401 -55.06 -1.64 2.55
C VAL G 401 -54.07 -0.49 2.40
N PRO G 402 -52.98 -0.69 1.64
CA PRO G 402 -52.01 0.41 1.45
C PRO G 402 -52.45 1.32 0.31
N ARG G 403 -52.31 2.62 0.53
CA ARG G 403 -52.64 3.58 -0.52
C ARG G 403 -51.60 3.50 -1.63
N PRO G 404 -52.00 3.46 -2.89
CA PRO G 404 -51.03 3.34 -3.98
C PRO G 404 -50.05 4.51 -4.00
N ILE G 405 -48.80 4.21 -4.32
CA ILE G 405 -47.72 5.18 -4.30
C ILE G 405 -47.75 6.00 -5.58
N LEU G 406 -47.36 7.26 -5.49
CA LEU G 406 -47.27 8.11 -6.66
C LEU G 406 -46.03 7.75 -7.46
N PRO G 407 -46.16 7.44 -8.76
CA PRO G 407 -45.00 7.00 -9.53
C PRO G 407 -43.90 8.03 -9.67
N SER G 408 -44.19 9.32 -9.45
CA SER G 408 -43.18 10.37 -9.59
C SER G 408 -42.28 10.38 -8.35
N VAL G 409 -41.43 9.36 -8.27
CA VAL G 409 -40.51 9.24 -7.13
C VAL G 409 -39.59 10.44 -7.01
N PRO G 410 -38.99 10.98 -8.09
CA PRO G 410 -38.12 12.15 -7.90
C PRO G 410 -38.82 13.33 -7.25
N SER G 411 -40.12 13.48 -7.42
CA SER G 411 -40.88 14.57 -6.84
C SER G 411 -41.45 14.23 -5.46
N TRP G 412 -41.10 13.06 -4.91
CA TRP G 412 -41.64 12.66 -3.62
C TRP G 412 -41.16 13.60 -2.52
N LYS G 413 -42.05 13.86 -1.57
CA LYS G 413 -41.69 14.58 -0.35
C LYS G 413 -41.42 13.57 0.75
N GLU G 414 -41.27 14.05 1.99
CA GLU G 414 -40.97 13.16 3.10
C GLU G 414 -42.13 12.20 3.37
N ALA G 415 -43.37 12.68 3.25
CA ALA G 415 -44.53 11.85 3.55
C ALA G 415 -44.62 10.66 2.59
N GLU G 416 -44.32 10.88 1.31
CA GLU G 416 -44.35 9.77 0.36
C GLU G 416 -43.30 8.73 0.68
N VAL G 417 -42.11 9.18 1.09
CA VAL G 417 -41.06 8.24 1.50
C VAL G 417 -41.53 7.44 2.71
N GLN G 418 -42.14 8.11 3.69
CA GLN G 418 -42.65 7.40 4.85
C GLN G 418 -43.68 6.34 4.44
N THR G 419 -44.63 6.73 3.58
CA THR G 419 -45.68 5.81 3.16
C THR G 419 -45.10 4.60 2.44
N TRP G 420 -44.12 4.83 1.56
CA TRP G 420 -43.43 3.72 0.92
C TRP G 420 -42.76 2.83 1.96
N LEU G 421 -42.23 3.44 3.03
CA LEU G 421 -41.59 2.66 4.08
C LEU G 421 -42.57 1.75 4.80
N GLN G 422 -43.76 2.26 5.17
CA GLN G 422 -44.72 1.34 5.77
C GLN G 422 -45.22 0.30 4.77
N CYS G 423 -45.29 0.65 3.49
CA CYS G 423 -45.70 -0.34 2.50
C CYS G 423 -44.70 -1.49 2.41
N ILE G 424 -43.40 -1.18 2.42
CA ILE G 424 -42.39 -2.21 2.26
C ILE G 424 -42.05 -2.85 3.60
N GLY G 425 -42.82 -2.51 4.63
CA GLY G 425 -42.64 -3.12 5.94
C GLY G 425 -41.36 -2.76 6.66
N PHE G 426 -40.91 -1.51 6.52
CA PHE G 426 -39.76 -1.02 7.27
C PHE G 426 -40.17 0.08 8.24
N SER G 427 -41.28 -0.13 8.94
CA SER G 427 -41.78 0.87 9.87
C SER G 427 -40.82 1.14 11.01
N LYS G 428 -39.87 0.23 11.27
CA LYS G 428 -38.88 0.46 12.31
C LYS G 428 -37.97 1.63 11.96
N TYR G 429 -37.64 1.78 10.68
CA TYR G 429 -36.73 2.83 10.22
C TYR G 429 -37.45 4.09 9.79
N CYS G 430 -38.77 4.17 9.97
CA CYS G 430 -39.51 5.38 9.57
C CYS G 430 -39.04 6.59 10.36
N GLU G 431 -38.85 6.44 11.67
CA GLU G 431 -38.39 7.57 12.48
C GLU G 431 -36.99 8.00 12.08
N SER G 432 -36.10 7.03 11.81
CA SER G 432 -34.75 7.36 11.38
C SER G 432 -34.77 8.10 10.05
N PHE G 433 -35.62 7.68 9.12
CA PHE G 433 -35.74 8.38 7.85
C PHE G 433 -36.30 9.78 8.06
N ARG G 434 -37.25 9.93 8.99
CA ARG G 434 -37.83 11.25 9.26
C ARG G 434 -36.78 12.20 9.83
N GLU G 435 -35.93 11.71 10.74
CA GLU G 435 -34.92 12.58 11.33
C GLU G 435 -33.93 13.07 10.27
N GLN G 436 -33.52 12.20 9.36
CA GLN G 436 -32.65 12.62 8.26
C GLN G 436 -33.39 13.42 7.20
N GLN G 437 -34.71 13.50 7.27
CA GLN G 437 -35.52 14.25 6.31
C GLN G 437 -35.27 13.77 4.88
N VAL G 438 -35.30 12.46 4.70
CA VAL G 438 -35.09 11.88 3.38
C VAL G 438 -36.31 12.16 2.51
N ASP G 439 -36.06 12.57 1.28
CA ASP G 439 -37.11 12.85 0.30
C ASP G 439 -36.84 12.02 -0.95
N GLY G 440 -37.57 12.35 -2.03
CA GLY G 440 -37.49 11.54 -3.24
C GLY G 440 -36.08 11.42 -3.79
N ASP G 441 -35.38 12.56 -3.88
CA ASP G 441 -34.04 12.54 -4.47
C ASP G 441 -33.05 11.79 -3.59
N LEU G 442 -33.04 12.08 -2.28
CA LEU G 442 -32.12 11.42 -1.38
C LEU G 442 -32.39 9.92 -1.31
N LEU G 443 -33.67 9.53 -1.27
CA LEU G 443 -34.01 8.12 -1.28
C LEU G 443 -33.59 7.45 -2.58
N LEU G 444 -33.80 8.14 -3.70
CA LEU G 444 -33.49 7.55 -5.00
C LEU G 444 -31.99 7.51 -5.28
N ARG G 445 -31.19 8.28 -4.53
CA ARG G 445 -29.74 8.23 -4.62
C ARG G 445 -29.09 7.70 -3.36
N LEU G 446 -29.83 6.93 -2.56
CA LEU G 446 -29.30 6.40 -1.31
C LEU G 446 -28.20 5.37 -1.58
N THR G 447 -27.18 5.38 -0.73
CA THR G 447 -26.01 4.53 -0.87
C THR G 447 -25.91 3.56 0.30
N GLU G 448 -24.96 2.63 0.17
CA GLU G 448 -24.77 1.61 1.20
C GLU G 448 -24.29 2.21 2.51
N GLU G 449 -23.29 3.10 2.45
CA GLU G 449 -22.70 3.64 3.67
C GLU G 449 -23.68 4.57 4.39
N GLU G 450 -24.51 5.30 3.64
CA GLU G 450 -25.52 6.14 4.28
C GLU G 450 -26.51 5.31 5.08
N LEU G 451 -26.95 4.19 4.51
CA LEU G 451 -27.81 3.27 5.25
C LEU G 451 -27.09 2.70 6.46
N GLN G 452 -25.82 2.32 6.30
CA GLN G 452 -25.08 1.67 7.38
C GLN G 452 -24.88 2.61 8.56
N THR G 453 -24.51 3.87 8.29
CA THR G 453 -24.14 4.80 9.36
C THR G 453 -25.27 5.75 9.73
N ASP G 454 -25.79 6.50 8.76
CA ASP G 454 -26.74 7.57 9.07
C ASP G 454 -28.08 7.01 9.51
N LEU G 455 -28.61 6.04 8.78
CA LEU G 455 -29.95 5.51 9.04
C LEU G 455 -29.95 4.32 10.00
N GLY G 456 -28.78 3.90 10.47
CA GLY G 456 -28.72 2.84 11.47
C GLY G 456 -29.21 1.49 10.98
N MET G 457 -28.95 1.16 9.71
CA MET G 457 -29.29 -0.16 9.17
C MET G 457 -28.04 -1.02 9.23
N LYS G 458 -27.75 -1.52 10.43
CA LYS G 458 -26.50 -2.23 10.68
C LYS G 458 -26.44 -3.54 9.89
N SER G 459 -27.54 -4.27 9.83
CA SER G 459 -27.52 -5.60 9.21
C SER G 459 -27.31 -5.49 7.71
N GLY G 460 -26.31 -6.22 7.20
CA GLY G 460 -26.09 -6.27 5.77
C GLY G 460 -27.21 -6.94 5.01
N ILE G 461 -27.82 -7.97 5.61
CA ILE G 461 -28.98 -8.62 5.00
C ILE G 461 -30.14 -7.64 4.90
N THR G 462 -30.38 -6.88 5.97
CA THR G 462 -31.43 -5.87 5.93
C THR G 462 -31.15 -4.81 4.87
N ARG G 463 -29.88 -4.40 4.75
CA ARG G 463 -29.51 -3.43 3.72
C ARG G 463 -29.73 -3.99 2.32
N LYS G 464 -29.41 -5.27 2.12
CA LYS G 464 -29.65 -5.89 0.82
C LYS G 464 -31.14 -5.97 0.51
N ARG G 465 -31.95 -6.29 1.52
CA ARG G 465 -33.40 -6.31 1.32
C ARG G 465 -33.92 -4.92 0.98
N PHE G 466 -33.43 -3.90 1.67
CA PHE G 466 -33.83 -2.53 1.38
C PHE G 466 -33.43 -2.13 -0.03
N PHE G 467 -32.23 -2.53 -0.47
CA PHE G 467 -31.79 -2.20 -1.82
C PHE G 467 -32.59 -2.95 -2.87
N ARG G 468 -33.02 -4.19 -2.58
CA ARG G 468 -33.91 -4.89 -3.48
C ARG G 468 -35.24 -4.16 -3.61
N GLU G 469 -35.78 -3.70 -2.49
CA GLU G 469 -37.03 -2.93 -2.52
C GLU G 469 -36.83 -1.63 -3.30
N LEU G 470 -35.68 -0.97 -3.10
CA LEU G 470 -35.41 0.28 -3.81
C LEU G 470 -35.26 0.04 -5.31
N THR G 471 -34.65 -1.08 -5.70
CA THR G 471 -34.57 -1.43 -7.12
C THR G 471 -35.96 -1.66 -7.70
N GLU G 472 -36.81 -2.36 -6.94
CA GLU G 472 -38.19 -2.56 -7.39
C GLU G 472 -38.91 -1.22 -7.57
N LEU G 473 -38.68 -0.29 -6.63
CA LEU G 473 -39.27 1.04 -6.76
C LEU G 473 -38.74 1.79 -7.98
N LYS G 474 -37.43 1.73 -8.19
CA LYS G 474 -36.82 2.45 -9.31
C LYS G 474 -37.26 1.88 -10.65
N THR G 475 -37.58 0.59 -10.70
CA THR G 475 -38.13 0.02 -11.93
C THR G 475 -39.48 0.65 -12.26
N PHE G 476 -40.33 0.86 -11.25
CA PHE G 476 -41.64 1.49 -11.43
C PHE G 476 -41.55 2.91 -10.90
N ALA G 477 -41.09 3.83 -11.76
CA ALA G 477 -40.93 5.21 -11.38
C ALA G 477 -41.18 6.10 -12.60
N ASN G 478 -41.63 7.33 -12.32
CA ASN G 478 -41.87 8.32 -13.36
C ASN G 478 -40.71 9.30 -13.36
N TYR G 479 -39.82 9.15 -14.34
CA TYR G 479 -38.63 9.99 -14.46
C TYR G 479 -38.82 11.15 -15.42
N SER G 480 -40.06 11.42 -15.85
CA SER G 480 -40.29 12.47 -16.82
C SER G 480 -39.86 13.83 -16.31
N THR G 481 -39.96 14.06 -15.00
CA THR G 481 -39.52 15.33 -14.42
C THR G 481 -38.02 15.53 -14.54
N CYS G 482 -37.25 14.45 -14.67
CA CYS G 482 -35.80 14.54 -14.77
C CYS G 482 -35.23 14.00 -16.07
N ASP G 483 -35.87 13.01 -16.70
CA ASP G 483 -35.37 12.44 -17.94
C ASP G 483 -35.71 13.39 -19.10
N ARG G 484 -34.70 13.73 -19.90
CA ARG G 484 -34.91 14.60 -21.04
C ARG G 484 -34.89 13.85 -22.36
N SER G 485 -34.03 12.84 -22.49
CA SER G 485 -33.90 12.08 -23.73
C SER G 485 -34.63 10.74 -23.67
N ASN G 486 -35.54 10.56 -22.70
CA ASN G 486 -36.24 9.29 -22.52
C ASN G 486 -35.26 8.13 -22.37
N LEU G 487 -34.20 8.36 -21.59
CA LEU G 487 -33.18 7.36 -21.39
C LEU G 487 -33.71 6.12 -20.65
N ALA G 488 -34.79 6.27 -19.90
CA ALA G 488 -35.40 5.12 -19.24
C ALA G 488 -35.88 4.11 -20.26
N ASP G 489 -36.47 4.59 -21.37
CA ASP G 489 -36.92 3.68 -22.42
C ASP G 489 -35.75 2.92 -23.03
N TRP G 490 -34.63 3.61 -23.27
CA TRP G 490 -33.45 2.94 -23.81
C TRP G 490 -32.91 1.89 -22.85
N LEU G 491 -32.82 2.23 -21.57
CA LEU G 491 -32.33 1.27 -20.58
C LEU G 491 -33.26 0.07 -20.49
N GLY G 492 -34.57 0.29 -20.52
CA GLY G 492 -35.51 -0.81 -20.50
C GLY G 492 -35.43 -1.67 -21.75
N SER G 493 -35.18 -1.04 -22.89
CA SER G 493 -34.99 -1.80 -24.12
C SER G 493 -33.76 -2.70 -24.03
N LEU G 494 -32.69 -2.19 -23.40
CA LEU G 494 -31.53 -3.03 -23.14
C LEU G 494 -31.90 -4.21 -22.25
N ASP G 495 -32.58 -3.92 -21.14
CA ASP G 495 -32.98 -4.92 -20.16
C ASP G 495 -34.01 -4.28 -19.22
N PRO G 496 -35.12 -4.97 -18.93
CA PRO G 496 -36.10 -4.38 -17.99
C PRO G 496 -35.51 -4.04 -16.63
N ARG G 497 -34.50 -4.78 -16.17
CA ARG G 497 -33.87 -4.48 -14.89
C ARG G 497 -32.86 -3.35 -14.99
N PHE G 498 -32.50 -2.91 -16.19
CA PHE G 498 -31.54 -1.82 -16.35
C PHE G 498 -32.17 -0.45 -16.10
N ARG G 499 -33.50 -0.35 -16.03
CA ARG G 499 -34.14 0.95 -15.87
C ARG G 499 -33.86 1.57 -14.51
N GLN G 500 -33.42 0.78 -13.52
CA GLN G 500 -33.17 1.32 -12.20
C GLN G 500 -32.05 2.35 -12.18
N TYR G 501 -31.16 2.33 -13.18
CA TYR G 501 -30.04 3.25 -13.24
C TYR G 501 -30.38 4.56 -13.94
N THR G 502 -31.64 4.75 -14.34
CA THR G 502 -32.01 5.95 -15.07
C THR G 502 -31.79 7.21 -14.24
N TYR G 503 -32.20 7.19 -12.97
CA TYR G 503 -32.03 8.37 -12.14
C TYR G 503 -30.57 8.69 -11.90
N GLY G 504 -29.75 7.66 -11.71
CA GLY G 504 -28.32 7.90 -11.57
C GLY G 504 -27.72 8.52 -12.81
N LEU G 505 -28.08 7.98 -13.99
CA LEU G 505 -27.54 8.51 -15.23
C LEU G 505 -28.01 9.94 -15.47
N VAL G 506 -29.25 10.25 -15.10
CA VAL G 506 -29.76 11.61 -15.27
C VAL G 506 -29.08 12.58 -14.31
N SER G 507 -28.96 12.18 -13.04
CA SER G 507 -28.31 13.06 -12.05
C SER G 507 -26.85 13.28 -12.39
N CYS G 508 -26.23 12.35 -13.12
CA CYS G 508 -24.89 12.60 -13.64
C CYS G 508 -24.89 13.57 -14.81
N GLY G 509 -26.06 13.96 -15.31
CA GLY G 509 -26.15 14.82 -16.46
C GLY G 509 -26.12 14.13 -17.80
N LEU G 510 -26.09 12.81 -17.81
CA LEU G 510 -25.99 12.06 -19.06
C LEU G 510 -27.34 11.98 -19.77
N ASP G 511 -27.28 11.87 -21.10
CA ASP G 511 -28.46 11.62 -21.91
C ASP G 511 -28.10 10.64 -23.03
N ARG G 512 -28.97 10.52 -24.03
CA ARG G 512 -28.69 9.60 -25.13
C ARG G 512 -27.43 10.01 -25.89
N SER G 513 -27.27 11.31 -26.15
CA SER G 513 -26.11 11.76 -26.91
C SER G 513 -24.81 11.61 -26.13
N LEU G 514 -24.87 11.75 -24.81
CA LEU G 514 -23.65 11.76 -24.01
C LEU G 514 -23.13 10.36 -23.67
N LEU G 515 -23.95 9.33 -23.86
CA LEU G 515 -23.54 7.98 -23.46
C LEU G 515 -22.46 7.39 -24.36
N HIS G 516 -22.19 7.98 -25.53
CA HIS G 516 -21.19 7.42 -26.42
C HIS G 516 -19.77 7.62 -25.89
N ARG G 517 -19.58 8.60 -25.00
CA ARG G 517 -18.26 8.93 -24.49
C ARG G 517 -18.07 8.51 -23.03
N VAL G 518 -19.04 7.83 -22.44
CA VAL G 518 -18.95 7.46 -21.04
C VAL G 518 -17.96 6.31 -20.86
N SER G 519 -17.24 6.32 -19.75
CA SER G 519 -16.27 5.29 -19.41
C SER G 519 -16.76 4.44 -18.25
N GLU G 520 -16.10 3.29 -18.07
CA GLU G 520 -16.48 2.36 -17.01
C GLU G 520 -16.29 2.98 -15.63
N GLN G 521 -15.16 3.65 -15.41
CA GLN G 521 -14.89 4.24 -14.11
C GLN G 521 -15.90 5.32 -13.76
N GLN G 522 -16.27 6.15 -14.75
CA GLN G 522 -17.27 7.17 -14.51
C GLN G 522 -18.61 6.55 -14.11
N LEU G 523 -19.02 5.50 -14.83
CA LEU G 523 -20.25 4.81 -14.48
C LEU G 523 -20.20 4.30 -13.05
N LEU G 524 -19.14 3.58 -12.69
CA LEU G 524 -19.05 2.98 -11.36
C LEU G 524 -19.05 4.04 -10.27
N GLU G 525 -18.28 5.11 -10.46
CA GLU G 525 -18.13 6.11 -9.40
C GLU G 525 -19.37 6.99 -9.26
N ASP G 526 -19.96 7.43 -10.38
CA ASP G 526 -21.01 8.43 -10.32
C ASP G 526 -22.40 7.83 -10.48
N CYS G 527 -22.62 6.98 -11.48
CA CYS G 527 -23.96 6.48 -11.76
C CYS G 527 -24.40 5.39 -10.79
N GLY G 528 -23.50 4.89 -9.95
CA GLY G 528 -23.89 3.91 -8.95
C GLY G 528 -24.19 2.53 -9.49
N ILE G 529 -23.70 2.20 -10.68
CA ILE G 529 -23.91 0.86 -11.24
C ILE G 529 -22.82 -0.05 -10.71
N HIS G 530 -23.07 -0.67 -9.54
CA HIS G 530 -22.03 -1.43 -8.87
C HIS G 530 -21.68 -2.71 -9.64
N LEU G 531 -22.68 -3.36 -10.24
CA LEU G 531 -22.43 -4.60 -10.96
C LEU G 531 -21.64 -4.33 -12.23
N GLY G 532 -20.48 -4.97 -12.35
CA GLY G 532 -19.64 -4.77 -13.51
C GLY G 532 -20.26 -5.26 -14.80
N VAL G 533 -21.05 -6.33 -14.73
CA VAL G 533 -21.70 -6.85 -15.93
C VAL G 533 -22.66 -5.82 -16.51
N HIS G 534 -23.45 -5.18 -15.64
CA HIS G 534 -24.37 -4.14 -16.11
C HIS G 534 -23.62 -2.97 -16.74
N ARG G 535 -22.51 -2.56 -16.13
CA ARG G 535 -21.72 -1.47 -16.68
C ARG G 535 -21.17 -1.82 -18.05
N ALA G 536 -20.63 -3.03 -18.20
CA ALA G 536 -20.09 -3.46 -19.48
C ALA G 536 -21.18 -3.53 -20.54
N ARG G 537 -22.35 -4.08 -20.19
CA ARG G 537 -23.45 -4.17 -21.14
C ARG G 537 -23.90 -2.79 -21.58
N ILE G 538 -24.06 -1.86 -20.62
CA ILE G 538 -24.50 -0.52 -20.95
C ILE G 538 -23.51 0.17 -21.86
N LEU G 539 -22.22 0.07 -21.53
CA LEU G 539 -21.19 0.72 -22.35
C LEU G 539 -21.18 0.15 -23.76
N THR G 540 -21.16 -1.18 -23.89
CA THR G 540 -21.10 -1.79 -25.22
C THR G 540 -22.33 -1.44 -26.03
N ALA G 541 -23.52 -1.54 -25.42
CA ALA G 541 -24.76 -1.25 -26.15
C ALA G 541 -24.82 0.21 -26.57
N ALA G 542 -24.40 1.13 -25.69
CA ALA G 542 -24.39 2.54 -26.05
C ALA G 542 -23.45 2.80 -27.22
N ARG G 543 -22.23 2.25 -27.15
CA ARG G 543 -21.27 2.47 -28.22
C ARG G 543 -21.75 1.88 -29.54
N GLU G 544 -22.45 0.74 -29.48
CA GLU G 544 -22.91 0.11 -30.71
C GLU G 544 -24.13 0.81 -31.30
N MET G 545 -25.01 1.33 -30.43
CA MET G 545 -26.28 1.88 -30.91
C MET G 545 -26.14 3.35 -31.31
N LEU G 546 -25.50 4.16 -30.46
CA LEU G 546 -25.42 5.59 -30.73
C LEU G 546 -24.58 5.89 -31.96
N HIS G 547 -23.69 4.98 -32.34
CA HIS G 547 -22.86 5.16 -33.53
C HIS G 547 -22.70 3.84 -34.28
N THR G 561 -39.64 35.31 -39.47
CA THR G 561 -40.38 35.54 -40.70
C THR G 561 -41.64 34.68 -40.74
N PRO G 562 -42.70 35.14 -40.07
CA PRO G 562 -43.96 34.37 -40.07
C PRO G 562 -44.55 34.30 -41.47
N ASP G 563 -45.19 33.16 -41.76
CA ASP G 563 -45.87 33.01 -43.05
C ASP G 563 -47.15 33.82 -43.09
N VAL G 564 -47.90 33.85 -41.99
CA VAL G 564 -49.18 34.54 -41.91
C VAL G 564 -49.18 35.44 -40.69
N PHE G 565 -49.75 36.64 -40.84
CA PHE G 565 -49.98 37.55 -39.73
C PHE G 565 -51.47 37.72 -39.53
N ILE G 566 -51.88 37.90 -38.27
CA ILE G 566 -53.27 37.93 -37.88
C ILE G 566 -53.62 39.33 -37.36
N SER G 567 -54.68 39.91 -37.90
CA SER G 567 -55.23 41.18 -37.44
C SER G 567 -56.62 40.90 -36.89
N TYR G 568 -56.80 41.11 -35.58
CA TYR G 568 -58.01 40.72 -34.89
C TYR G 568 -58.42 41.78 -33.88
N ARG G 569 -59.70 41.76 -33.51
CA ARG G 569 -60.24 42.65 -32.50
C ARG G 569 -59.98 42.09 -31.10
N ARG G 570 -60.14 42.95 -30.10
CA ARG G 570 -59.82 42.57 -28.72
C ARG G 570 -60.69 41.41 -28.23
N ASN G 571 -62.00 41.49 -28.49
CA ASN G 571 -62.95 40.52 -27.97
C ASN G 571 -63.56 39.66 -29.07
N SER G 572 -64.15 40.28 -30.09
CA SER G 572 -64.86 39.51 -31.12
C SER G 572 -63.91 38.64 -31.93
N GLY G 573 -62.72 39.14 -32.27
CA GLY G 573 -61.83 38.41 -33.14
C GLY G 573 -60.90 37.44 -32.45
N SER G 574 -60.91 37.40 -31.12
CA SER G 574 -59.94 36.59 -30.39
C SER G 574 -60.11 35.10 -30.69
N GLN G 575 -61.34 34.59 -30.57
CA GLN G 575 -61.59 33.17 -30.79
C GLN G 575 -61.24 32.77 -32.21
N LEU G 576 -61.70 33.55 -33.19
CA LEU G 576 -61.44 33.23 -34.59
C LEU G 576 -59.95 33.29 -34.90
N ALA G 577 -59.25 34.28 -34.35
CA ALA G 577 -57.81 34.38 -34.57
C ALA G 577 -57.08 33.18 -33.98
N SER G 578 -57.46 32.78 -32.77
CA SER G 578 -56.82 31.61 -32.14
C SER G 578 -57.05 30.36 -32.98
N LEU G 579 -58.30 30.14 -33.41
CA LEU G 579 -58.59 28.96 -34.22
C LEU G 579 -57.82 28.99 -35.53
N LEU G 580 -57.77 30.15 -36.19
CA LEU G 580 -57.04 30.26 -37.46
C LEU G 580 -55.57 29.95 -37.27
N LYS G 581 -54.94 30.55 -36.26
CA LYS G 581 -53.51 30.33 -36.07
C LYS G 581 -53.22 28.88 -35.72
N VAL G 582 -54.02 28.28 -34.84
CA VAL G 582 -53.78 26.90 -34.43
C VAL G 582 -53.97 25.96 -35.62
N HIS G 583 -55.03 26.18 -36.41
CA HIS G 583 -55.26 25.33 -37.58
C HIS G 583 -54.12 25.47 -38.59
N LEU G 584 -53.65 26.70 -38.82
CA LEU G 584 -52.56 26.89 -39.77
C LEU G 584 -51.27 26.25 -39.27
N GLN G 585 -51.00 26.34 -37.97
CA GLN G 585 -49.83 25.67 -37.41
C GLN G 585 -49.93 24.15 -37.50
N LEU G 586 -51.14 23.60 -37.33
CA LEU G 586 -51.32 22.16 -37.47
C LEU G 586 -51.00 21.70 -38.88
N HIS G 587 -51.23 22.56 -39.87
CA HIS G 587 -50.99 22.22 -41.27
C HIS G 587 -49.60 22.61 -41.75
N GLY G 588 -48.75 23.11 -40.86
CA GLY G 588 -47.39 23.46 -41.21
C GLY G 588 -47.15 24.91 -41.57
N PHE G 589 -48.10 25.80 -41.31
CA PHE G 589 -47.97 27.21 -41.62
C PHE G 589 -47.59 27.97 -40.36
N SER G 590 -46.43 28.62 -40.38
CA SER G 590 -45.97 29.40 -39.24
C SER G 590 -46.69 30.74 -39.19
N VAL G 591 -47.41 30.98 -38.10
CA VAL G 591 -48.22 32.19 -37.92
C VAL G 591 -47.81 32.86 -36.62
N PHE G 592 -47.58 34.17 -36.68
CA PHE G 592 -47.23 34.96 -35.50
C PHE G 592 -48.41 35.87 -35.16
N ILE G 593 -49.02 35.63 -34.00
CA ILE G 593 -50.10 36.46 -33.48
C ILE G 593 -49.59 37.15 -32.22
N ASP G 594 -49.75 38.46 -32.16
CA ASP G 594 -49.20 39.26 -31.07
C ASP G 594 -50.12 39.17 -29.84
N VAL G 595 -49.60 38.58 -28.77
CA VAL G 595 -50.30 38.44 -27.50
C VAL G 595 -51.67 37.79 -27.69
N GLU G 604 -45.94 49.89 -31.63
CA GLU G 604 -46.09 50.56 -32.91
C GLU G 604 -44.85 50.36 -33.79
N ASP G 605 -43.67 50.63 -33.21
CA ASP G 605 -42.43 50.40 -33.92
C ASP G 605 -42.25 48.91 -34.23
N LYS G 606 -42.54 48.05 -33.24
CA LYS G 606 -42.49 46.61 -33.48
C LYS G 606 -43.62 46.16 -34.40
N LEU G 607 -44.72 46.93 -34.45
CA LEU G 607 -45.85 46.56 -35.28
C LEU G 607 -45.49 46.59 -36.76
N ILE G 608 -44.73 47.61 -37.18
CA ILE G 608 -44.37 47.74 -38.60
C ILE G 608 -43.48 46.57 -39.01
N GLN G 609 -42.49 46.25 -38.18
CA GLN G 609 -41.56 45.16 -38.51
C GLN G 609 -42.28 43.82 -38.50
N SER G 610 -43.24 43.62 -37.60
CA SER G 610 -43.99 42.37 -37.57
C SER G 610 -44.77 42.17 -38.85
N VAL G 611 -45.41 43.22 -39.37
CA VAL G 611 -46.15 43.12 -40.61
C VAL G 611 -45.20 42.94 -41.79
N MET G 612 -44.07 43.65 -41.77
CA MET G 612 -43.10 43.54 -42.87
C MET G 612 -42.54 42.12 -42.96
N GLY G 613 -42.24 41.50 -41.81
CA GLY G 613 -41.70 40.15 -41.83
C GLY G 613 -42.72 39.08 -42.16
N ALA G 614 -44.00 39.42 -42.17
CA ALA G 614 -45.04 38.45 -42.49
C ALA G 614 -45.04 38.15 -43.97
N ARG G 615 -44.93 36.87 -44.32
CA ARG G 615 -44.96 36.46 -45.72
C ARG G 615 -46.31 36.77 -46.35
N ASN G 616 -47.40 36.48 -45.63
CA ASN G 616 -48.74 36.78 -46.07
C ASN G 616 -49.49 37.46 -44.94
N PHE G 617 -50.40 38.36 -45.29
CA PHE G 617 -51.23 39.08 -44.32
C PHE G 617 -52.67 38.60 -44.45
N VAL G 618 -53.22 38.05 -43.39
CA VAL G 618 -54.60 37.59 -43.34
C VAL G 618 -55.28 38.30 -42.18
N LEU G 619 -56.07 39.32 -42.49
CA LEU G 619 -56.80 40.05 -41.46
C LEU G 619 -58.11 39.33 -41.15
N VAL G 620 -58.43 39.23 -39.86
CA VAL G 620 -59.64 38.56 -39.41
C VAL G 620 -60.79 39.56 -39.47
N LEU G 621 -61.71 39.37 -40.40
CA LEU G 621 -62.88 40.23 -40.52
C LEU G 621 -63.98 39.63 -39.64
N SER G 622 -63.79 39.81 -38.34
CA SER G 622 -64.74 39.37 -37.34
C SER G 622 -65.95 40.31 -37.33
N PRO G 623 -67.06 39.88 -36.70
CA PRO G 623 -68.22 40.79 -36.59
C PRO G 623 -67.85 42.14 -35.99
N GLY G 624 -67.97 43.20 -36.78
CA GLY G 624 -67.55 44.52 -36.34
C GLY G 624 -66.06 44.65 -36.13
N ALA G 625 -65.25 44.02 -36.99
CA ALA G 625 -63.80 44.12 -36.84
C ALA G 625 -63.28 45.48 -37.28
N LEU G 626 -63.80 46.01 -38.37
CA LEU G 626 -63.37 47.28 -38.91
C LEU G 626 -64.20 48.46 -38.40
N ASP G 627 -65.05 48.24 -37.41
CA ASP G 627 -65.84 49.33 -36.85
C ASP G 627 -64.95 50.40 -36.24
N LYS G 628 -63.93 49.98 -35.49
CA LYS G 628 -62.96 50.94 -34.96
C LYS G 628 -62.10 51.52 -36.07
N CYS G 629 -61.72 50.69 -37.05
CA CYS G 629 -60.93 51.16 -38.18
C CYS G 629 -61.74 51.96 -39.19
N MET G 630 -63.06 52.00 -39.03
CA MET G 630 -63.89 52.81 -39.91
C MET G 630 -63.57 54.28 -39.72
N GLN G 631 -63.54 55.03 -40.84
CA GLN G 631 -63.22 56.46 -40.88
C GLN G 631 -62.01 56.80 -40.02
N ASP G 632 -61.04 55.88 -39.94
CA ASP G 632 -59.84 56.08 -39.13
C ASP G 632 -58.73 56.68 -40.00
N HIS G 633 -58.96 57.93 -40.40
CA HIS G 633 -57.98 58.66 -41.21
C HIS G 633 -56.80 59.15 -40.39
N ASP G 634 -56.93 59.21 -39.07
CA ASP G 634 -55.84 59.64 -38.21
C ASP G 634 -54.87 58.52 -37.85
N CYS G 635 -55.14 57.29 -38.28
CA CYS G 635 -54.29 56.14 -38.02
C CYS G 635 -54.08 55.93 -36.52
N LYS G 636 -55.15 56.16 -35.74
CA LYS G 636 -55.05 56.00 -34.30
C LYS G 636 -54.99 54.52 -33.90
N ASP G 637 -55.82 53.69 -34.53
CA ASP G 637 -55.88 52.28 -34.18
C ASP G 637 -54.61 51.55 -34.60
N TRP G 638 -54.14 50.65 -33.74
CA TRP G 638 -53.00 49.81 -34.10
C TRP G 638 -53.37 48.84 -35.21
N VAL G 639 -54.62 48.35 -35.21
CA VAL G 639 -55.09 47.51 -36.32
C VAL G 639 -55.06 48.29 -37.62
N HIS G 640 -55.42 49.58 -37.56
CA HIS G 640 -55.29 50.44 -38.73
C HIS G 640 -53.84 50.51 -39.20
N LYS G 641 -52.90 50.62 -38.25
CA LYS G 641 -51.49 50.62 -38.62
C LYS G 641 -51.08 49.32 -39.30
N GLU G 642 -51.56 48.19 -38.78
CA GLU G 642 -51.26 46.90 -39.40
C GLU G 642 -51.80 46.84 -40.83
N ILE G 643 -53.04 47.30 -41.03
CA ILE G 643 -53.63 47.27 -42.36
C ILE G 643 -52.84 48.15 -43.33
N VAL G 644 -52.48 49.36 -42.88
CA VAL G 644 -51.74 50.28 -43.74
C VAL G 644 -50.36 49.70 -44.07
N THR G 645 -49.69 49.11 -43.09
CA THR G 645 -48.37 48.52 -43.33
C THR G 645 -48.47 47.36 -44.30
N ALA G 646 -49.50 46.51 -44.15
CA ALA G 646 -49.69 45.41 -45.09
C ALA G 646 -49.96 45.91 -46.49
N LEU G 647 -50.76 46.97 -46.62
CA LEU G 647 -51.02 47.53 -47.94
C LEU G 647 -49.75 48.10 -48.56
N SER G 648 -48.92 48.77 -47.74
CA SER G 648 -47.65 49.29 -48.25
C SER G 648 -46.73 48.14 -48.70
N CYS G 649 -46.70 47.05 -47.93
CA CYS G 649 -45.90 45.89 -48.31
C CYS G 649 -46.53 45.11 -49.46
N GLY G 650 -47.85 45.14 -49.57
CA GLY G 650 -48.54 44.43 -50.63
C GLY G 650 -48.44 42.91 -50.54
N LYS G 651 -48.54 42.36 -49.33
CA LYS G 651 -48.48 40.92 -49.16
C LYS G 651 -49.79 40.27 -49.62
N ASN G 652 -49.76 38.95 -49.72
CA ASN G 652 -50.96 38.20 -50.10
C ASN G 652 -52.03 38.37 -49.03
N ILE G 653 -53.18 38.89 -49.44
CA ILE G 653 -54.27 39.22 -48.52
C ILE G 653 -55.45 38.31 -48.83
N VAL G 654 -55.84 37.49 -47.87
CA VAL G 654 -56.98 36.60 -48.00
C VAL G 654 -57.90 36.81 -46.79
N PRO G 655 -58.76 37.82 -46.81
CA PRO G 655 -59.64 38.06 -45.65
C PRO G 655 -60.62 36.92 -45.44
N ILE G 656 -61.03 36.75 -44.20
CA ILE G 656 -62.00 35.73 -43.81
C ILE G 656 -63.27 36.42 -43.35
N ILE G 657 -64.40 36.07 -43.95
CA ILE G 657 -65.66 36.77 -43.74
C ILE G 657 -66.43 36.07 -42.63
N ASP G 658 -66.88 36.86 -41.64
CA ASP G 658 -67.72 36.34 -40.57
C ASP G 658 -68.45 37.49 -39.91
N GLY G 659 -69.78 37.51 -40.03
CA GLY G 659 -70.61 38.45 -39.30
C GLY G 659 -70.38 39.91 -39.57
N PHE G 660 -69.75 40.24 -40.70
CA PHE G 660 -69.49 41.63 -41.05
C PHE G 660 -69.34 41.74 -42.57
N GLU G 661 -69.61 42.94 -43.08
CA GLU G 661 -69.57 43.22 -44.50
C GLU G 661 -68.42 44.18 -44.82
N TRP G 662 -68.20 44.36 -46.11
CA TRP G 662 -67.15 45.27 -46.57
C TRP G 662 -67.57 46.71 -46.32
N PRO G 663 -66.77 47.50 -45.60
CA PRO G 663 -67.12 48.91 -45.38
C PRO G 663 -67.08 49.70 -46.67
N GLU G 664 -67.85 50.79 -46.70
CA GLU G 664 -67.91 51.62 -47.89
C GLU G 664 -66.57 52.31 -48.12
N PRO G 665 -66.02 52.27 -49.34
CA PRO G 665 -64.72 52.90 -49.58
C PRO G 665 -64.69 54.40 -49.31
N GLN G 666 -65.79 55.11 -49.57
CA GLN G 666 -65.77 56.57 -49.48
C GLN G 666 -65.50 57.03 -48.05
N VAL G 667 -66.06 56.34 -47.06
CA VAL G 667 -65.79 56.71 -45.67
C VAL G 667 -64.42 56.24 -45.21
N LEU G 668 -63.74 55.40 -45.99
CA LEU G 668 -62.45 54.85 -45.63
C LEU G 668 -61.33 55.58 -46.38
N PRO G 669 -60.12 55.59 -45.81
CA PRO G 669 -58.98 56.15 -46.55
C PRO G 669 -58.65 55.31 -47.76
N GLU G 670 -57.99 55.95 -48.74
CA GLU G 670 -57.71 55.31 -50.02
C GLU G 670 -56.87 54.04 -49.86
N ASP G 671 -55.98 54.02 -48.86
CA ASP G 671 -55.15 52.84 -48.66
C ASP G 671 -55.99 51.59 -48.44
N MET G 672 -56.94 51.66 -47.49
CA MET G 672 -57.87 50.56 -47.29
C MET G 672 -59.01 50.56 -48.29
N GLN G 673 -59.16 51.62 -49.09
CA GLN G 673 -60.03 51.52 -50.25
C GLN G 673 -59.47 50.50 -51.24
N ALA G 674 -58.14 50.44 -51.36
CA ALA G 674 -57.52 49.48 -52.27
C ALA G 674 -57.81 48.04 -51.86
N VAL G 675 -57.76 47.75 -50.55
CA VAL G 675 -57.83 46.37 -50.09
C VAL G 675 -59.25 45.80 -50.17
N LEU G 676 -60.27 46.66 -50.24
CA LEU G 676 -61.65 46.19 -50.19
C LEU G 676 -62.02 45.33 -51.39
N THR G 677 -61.23 45.35 -52.46
CA THR G 677 -61.55 44.58 -53.66
C THR G 677 -61.20 43.10 -53.52
N PHE G 678 -60.43 42.71 -52.51
CA PHE G 678 -60.01 41.32 -52.36
C PHE G 678 -61.19 40.45 -51.93
N ASN G 679 -61.20 39.21 -52.43
CA ASN G 679 -62.25 38.26 -52.10
C ASN G 679 -62.04 37.72 -50.69
N GLY G 680 -63.16 37.44 -50.02
CA GLY G 680 -63.14 36.91 -48.67
C GLY G 680 -63.74 35.51 -48.61
N ILE G 681 -63.37 34.77 -47.57
CA ILE G 681 -63.82 33.40 -47.37
C ILE G 681 -64.69 33.35 -46.13
N LYS G 682 -65.90 32.81 -46.27
CA LYS G 682 -66.81 32.70 -45.14
C LYS G 682 -66.31 31.66 -44.14
N TRP G 683 -66.42 31.99 -42.86
CA TRP G 683 -66.03 31.10 -41.78
C TRP G 683 -67.24 30.32 -41.30
N SER G 684 -67.12 29.00 -41.23
CA SER G 684 -68.20 28.13 -40.81
C SER G 684 -67.82 27.45 -39.49
N HIS G 685 -68.67 27.62 -38.48
CA HIS G 685 -68.44 26.93 -37.21
C HIS G 685 -68.73 25.44 -37.32
N GLU G 686 -69.69 25.06 -38.16
CA GLU G 686 -69.98 23.65 -38.37
C GLU G 686 -68.80 22.94 -39.04
N TYR G 687 -68.17 23.60 -40.01
CA TYR G 687 -67.01 23.06 -40.71
C TYR G 687 -65.88 24.07 -40.55
N GLN G 688 -65.13 23.96 -39.44
CA GLN G 688 -63.98 24.83 -39.23
C GLN G 688 -62.75 24.30 -39.96
N GLU G 689 -62.49 23.00 -39.83
CA GLU G 689 -61.34 22.41 -40.50
C GLU G 689 -61.50 22.47 -42.02
N ALA G 690 -62.72 22.29 -42.52
CA ALA G 690 -62.96 22.42 -43.96
C ALA G 690 -62.71 23.84 -44.43
N THR G 691 -63.13 24.84 -43.65
CA THR G 691 -62.86 26.22 -44.00
C THR G 691 -61.36 26.51 -44.02
N ILE G 692 -60.63 25.98 -43.04
CA ILE G 692 -59.18 26.15 -43.01
C ILE G 692 -58.54 25.48 -44.21
N GLU G 693 -59.04 24.30 -44.59
CA GLU G 693 -58.52 23.62 -45.78
C GLU G 693 -58.76 24.44 -47.03
N LYS G 694 -59.94 25.07 -47.14
CA LYS G 694 -60.21 25.94 -48.28
C LYS G 694 -59.27 27.14 -48.29
N ILE G 695 -59.03 27.73 -47.13
CA ILE G 695 -58.11 28.86 -47.04
C ILE G 695 -56.71 28.46 -47.48
N ILE G 696 -56.24 27.29 -47.03
CA ILE G 696 -54.93 26.79 -47.43
C ILE G 696 -54.89 26.53 -48.93
N ARG G 697 -55.99 25.99 -49.47
CA ARG G 697 -56.05 25.75 -50.91
C ARG G 697 -55.93 27.04 -51.70
N PHE G 698 -56.58 28.11 -51.22
CA PHE G 698 -56.41 29.41 -51.85
C PHE G 698 -55.06 30.05 -51.53
N LEU G 699 -54.37 29.56 -50.50
CA LEU G 699 -53.06 30.08 -50.13
C LEU G 699 -51.96 29.28 -50.82
N GLN G 700 -50.72 29.70 -50.60
CA GLN G 700 -49.56 29.04 -51.18
C GLN G 700 -48.84 28.19 -50.15
N VAL H 61 -76.83 16.60 12.19
CA VAL H 61 -75.93 17.19 11.21
C VAL H 61 -76.21 16.62 9.82
N GLN H 62 -76.96 15.50 9.78
CA GLN H 62 -77.29 14.86 8.52
C GLN H 62 -78.78 14.56 8.40
N ASP H 63 -79.61 15.39 9.03
CA ASP H 63 -81.06 15.24 8.88
C ASP H 63 -81.48 15.48 7.43
N ALA H 64 -80.74 16.34 6.73
CA ALA H 64 -80.98 16.54 5.30
C ALA H 64 -80.84 15.24 4.53
N LEU H 65 -79.75 14.50 4.79
CA LEU H 65 -79.61 13.17 4.20
C LEU H 65 -80.73 12.26 4.69
N GLU H 66 -81.12 12.38 5.95
CA GLU H 66 -82.13 11.50 6.52
C GLU H 66 -83.45 11.61 5.75
N ARG H 67 -83.89 12.82 5.42
CA ARG H 67 -85.13 12.91 4.65
C ARG H 67 -84.91 13.01 3.15
N ALA H 68 -83.66 13.00 2.68
CA ALA H 68 -83.42 13.03 1.24
C ALA H 68 -83.18 11.64 0.66
N LEU H 69 -82.64 10.71 1.45
CA LEU H 69 -82.46 9.35 0.97
C LEU H 69 -83.77 8.68 0.55
N PRO H 70 -84.87 8.76 1.32
CA PRO H 70 -86.13 8.24 0.79
C PRO H 70 -86.51 8.90 -0.52
N GLU H 71 -86.30 10.22 -0.64
CA GLU H 71 -86.61 10.91 -1.88
C GLU H 71 -85.81 10.34 -3.04
N LEU H 72 -84.53 10.01 -2.78
CA LEU H 72 -83.75 9.28 -3.78
C LEU H 72 -84.43 7.97 -4.13
N GLN H 73 -84.95 7.26 -3.13
CA GLN H 73 -85.56 5.95 -3.38
C GLN H 73 -86.76 6.08 -4.31
N GLN H 74 -87.70 6.98 -4.00
CA GLN H 74 -88.85 7.12 -4.91
C GLN H 74 -88.42 7.66 -6.28
N ALA H 75 -87.44 8.57 -6.32
CA ALA H 75 -87.01 9.10 -7.61
C ALA H 75 -86.45 7.99 -8.49
N LEU H 76 -85.56 7.15 -7.95
CA LEU H 76 -84.99 6.08 -8.76
C LEU H 76 -86.03 5.01 -9.09
N SER H 77 -86.95 4.73 -8.17
CA SER H 77 -88.00 3.75 -8.46
C SER H 77 -88.89 4.23 -9.60
N ALA H 78 -89.28 5.50 -9.58
CA ALA H 78 -90.08 6.05 -10.67
C ALA H 78 -89.30 6.09 -11.97
N LEU H 79 -88.01 6.44 -11.91
CA LEU H 79 -87.19 6.49 -13.11
C LEU H 79 -87.05 5.12 -13.75
N LYS H 80 -86.81 4.09 -12.93
CA LYS H 80 -86.72 2.74 -13.46
C LYS H 80 -88.07 2.25 -13.98
N GLN H 81 -89.14 2.50 -13.24
CA GLN H 81 -90.46 2.05 -13.67
C GLN H 81 -90.93 2.78 -14.92
N ALA H 82 -90.43 3.99 -15.14
CA ALA H 82 -90.82 4.74 -16.34
C ALA H 82 -90.36 4.02 -17.59
N GLY H 83 -91.26 3.89 -18.56
CA GLY H 83 -90.95 3.25 -19.82
C GLY H 83 -90.87 4.24 -20.96
N GLY H 84 -91.67 5.30 -20.87
CA GLY H 84 -91.63 6.34 -21.88
C GLY H 84 -90.37 7.18 -21.78
N ALA H 85 -89.95 7.72 -22.93
CA ALA H 85 -88.74 8.54 -22.97
C ALA H 85 -88.90 9.80 -22.13
N ARG H 86 -90.06 10.45 -22.24
CA ARG H 86 -90.29 11.70 -21.50
C ARG H 86 -90.32 11.46 -20.00
N ALA H 87 -90.96 10.37 -19.54
CA ALA H 87 -91.00 10.09 -18.11
C ALA H 87 -89.59 9.79 -17.57
N VAL H 88 -88.80 9.03 -18.32
CA VAL H 88 -87.42 8.76 -17.91
C VAL H 88 -86.62 10.05 -17.85
N GLY H 89 -86.79 10.92 -18.83
CA GLY H 89 -86.10 12.19 -18.82
C GLY H 89 -86.52 13.05 -17.63
N ALA H 90 -87.80 13.06 -17.31
CA ALA H 90 -88.28 13.82 -16.16
C ALA H 90 -87.69 13.28 -14.86
N GLY H 91 -87.64 11.95 -14.72
CA GLY H 91 -87.03 11.37 -13.53
C GLY H 91 -85.55 11.71 -13.41
N LEU H 92 -84.83 11.63 -14.53
CA LEU H 92 -83.42 11.99 -14.53
C LEU H 92 -83.23 13.46 -14.17
N ALA H 93 -84.10 14.32 -14.69
CA ALA H 93 -84.03 15.74 -14.35
C ALA H 93 -84.29 15.96 -12.86
N GLU H 94 -85.25 15.23 -12.29
CA GLU H 94 -85.52 15.35 -10.86
C GLU H 94 -84.30 14.94 -10.04
N VAL H 95 -83.67 13.81 -10.40
CA VAL H 95 -82.49 13.36 -9.68
C VAL H 95 -81.36 14.37 -9.81
N PHE H 96 -81.16 14.90 -11.02
CA PHE H 96 -80.10 15.88 -11.24
C PHE H 96 -80.33 17.16 -10.44
N GLN H 97 -81.59 17.63 -10.39
CA GLN H 97 -81.89 18.82 -9.59
C GLN H 97 -81.68 18.56 -8.11
N LEU H 98 -82.06 17.38 -7.63
CA LEU H 98 -81.82 17.05 -6.22
C LEU H 98 -80.32 17.02 -5.92
N VAL H 99 -79.53 16.45 -6.83
CA VAL H 99 -78.09 16.42 -6.66
C VAL H 99 -77.51 17.82 -6.63
N GLU H 100 -77.99 18.69 -7.52
CA GLU H 100 -77.52 20.08 -7.54
C GLU H 100 -77.87 20.80 -6.25
N GLU H 101 -79.09 20.62 -5.75
CA GLU H 101 -79.49 21.26 -4.50
C GLU H 101 -78.65 20.76 -3.33
N ALA H 102 -78.36 19.46 -3.31
CA ALA H 102 -77.48 18.92 -2.28
C ALA H 102 -76.08 19.51 -2.38
N TRP H 103 -75.57 19.67 -3.60
CA TRP H 103 -74.26 20.28 -3.80
C TRP H 103 -74.22 21.72 -3.34
N LEU H 104 -75.33 22.45 -3.51
CA LEU H 104 -75.37 23.85 -3.12
C LEU H 104 -75.26 24.05 -1.61
N LEU H 105 -75.50 23.01 -0.82
CA LEU H 105 -75.41 23.11 0.63
C LEU H 105 -73.95 23.33 1.08
N GLY H 109 -73.34 20.56 -0.36
CA GLY H 109 -72.92 19.60 0.65
C GLY H 109 -72.10 18.46 0.09
N ARG H 110 -70.81 18.43 0.44
CA ARG H 110 -69.93 17.38 -0.03
C ARG H 110 -70.37 16.01 0.50
N GLU H 111 -70.60 15.93 1.81
CA GLU H 111 -71.04 14.66 2.41
C GLU H 111 -72.44 14.29 1.93
N VAL H 112 -73.30 15.28 1.70
CA VAL H 112 -74.64 14.98 1.21
C VAL H 112 -74.57 14.34 -0.18
N ALA H 113 -73.76 14.92 -1.06
CA ALA H 113 -73.60 14.36 -2.40
C ALA H 113 -72.92 12.99 -2.34
N GLN H 114 -71.98 12.81 -1.42
CA GLN H 114 -71.36 11.50 -1.24
C GLN H 114 -72.40 10.46 -0.85
N GLY H 115 -73.28 10.80 0.09
CA GLY H 115 -74.35 9.89 0.46
C GLY H 115 -75.31 9.63 -0.68
N LEU H 116 -75.58 10.66 -1.50
CA LEU H 116 -76.42 10.47 -2.69
C LEU H 116 -75.81 9.44 -3.62
N CYS H 117 -74.54 9.63 -3.97
CA CYS H 117 -73.88 8.76 -4.94
C CYS H 117 -73.67 7.36 -4.38
N ASP H 118 -73.47 7.24 -3.07
CA ASP H 118 -73.37 5.90 -2.48
C ASP H 118 -74.66 5.11 -2.68
N ALA H 119 -75.80 5.74 -2.43
CA ALA H 119 -77.09 5.08 -2.66
C ALA H 119 -77.30 4.77 -4.14
N ILE H 120 -76.91 5.70 -5.02
CA ILE H 120 -77.05 5.47 -6.45
C ILE H 120 -76.24 4.26 -6.89
N ARG H 121 -75.00 4.17 -6.40
CA ARG H 121 -74.14 3.03 -6.74
C ARG H 121 -74.68 1.74 -6.17
N LEU H 122 -75.16 1.76 -4.93
CA LEU H 122 -75.68 0.55 -4.30
C LEU H 122 -76.91 0.03 -5.04
N ASP H 123 -77.79 0.94 -5.46
CA ASP H 123 -79.00 0.54 -6.19
C ASP H 123 -78.75 0.28 -7.66
N GLY H 124 -77.49 0.34 -8.11
CA GLY H 124 -77.20 0.10 -9.51
C GLY H 124 -77.70 1.16 -10.45
N GLY H 125 -77.85 2.40 -9.98
CA GLY H 125 -78.35 3.45 -10.84
C GLY H 125 -77.44 3.76 -12.02
N LEU H 126 -76.12 3.66 -11.80
CA LEU H 126 -75.19 3.98 -12.87
C LEU H 126 -75.25 2.98 -14.01
N ASP H 127 -75.56 1.71 -13.72
CA ASP H 127 -75.81 0.75 -14.79
C ASP H 127 -77.02 1.15 -15.62
N LEU H 128 -78.08 1.62 -14.95
CA LEU H 128 -79.27 2.09 -15.66
C LEU H 128 -78.93 3.30 -16.52
N LEU H 129 -78.12 4.21 -16.00
CA LEU H 129 -77.65 5.34 -16.80
C LEU H 129 -76.83 4.87 -18.00
N LEU H 130 -76.00 3.85 -17.82
CA LEU H 130 -75.23 3.32 -18.93
C LEU H 130 -76.13 2.76 -20.03
N ARG H 131 -77.13 1.97 -19.65
CA ARG H 131 -78.01 1.42 -20.67
C ARG H 131 -78.95 2.47 -21.25
N LEU H 132 -79.17 3.58 -20.55
CA LEU H 132 -79.86 4.71 -21.17
C LEU H 132 -78.96 5.45 -22.15
N LEU H 133 -77.67 5.54 -21.85
CA LEU H 133 -76.70 6.00 -22.83
C LEU H 133 -76.70 5.11 -24.06
N GLN H 134 -76.93 3.80 -23.86
CA GLN H 134 -77.07 2.88 -24.98
C GLN H 134 -78.42 2.97 -25.66
N ALA H 135 -79.39 3.66 -25.06
CA ALA H 135 -80.72 3.76 -25.65
C ALA H 135 -80.70 4.63 -26.91
N PRO H 136 -81.51 4.29 -27.91
CA PRO H 136 -81.51 5.10 -29.15
C PRO H 136 -82.00 6.52 -28.96
N GLU H 137 -82.85 6.78 -27.96
CA GLU H 137 -83.41 8.11 -27.77
C GLU H 137 -82.32 9.10 -27.36
N LEU H 138 -82.27 10.24 -28.05
CA LEU H 138 -81.22 11.21 -27.80
C LEU H 138 -81.45 11.97 -26.50
N GLU H 139 -82.70 12.39 -26.24
CA GLU H 139 -82.96 13.20 -25.05
C GLU H 139 -82.79 12.40 -23.77
N THR H 140 -83.20 11.13 -23.77
CA THR H 140 -82.92 10.27 -22.63
C THR H 140 -81.41 10.23 -22.37
N ARG H 141 -80.63 10.16 -23.45
CA ARG H 141 -79.18 10.20 -23.31
C ARG H 141 -78.71 11.51 -22.71
N VAL H 142 -79.31 12.63 -23.10
CA VAL H 142 -78.82 13.91 -22.58
C VAL H 142 -79.13 14.04 -21.09
N GLN H 143 -80.32 13.61 -20.65
CA GLN H 143 -80.58 13.66 -19.21
C GLN H 143 -79.70 12.67 -18.44
N ALA H 144 -79.50 11.47 -19.00
CA ALA H 144 -78.65 10.50 -18.33
C ALA H 144 -77.23 11.02 -18.19
N ALA H 145 -76.70 11.66 -19.23
CA ALA H 145 -75.35 12.22 -19.15
C ALA H 145 -75.29 13.44 -18.25
N ARG H 146 -76.38 14.21 -18.17
CA ARG H 146 -76.44 15.31 -17.21
C ARG H 146 -76.32 14.78 -15.78
N LEU H 147 -77.00 13.68 -15.48
CA LEU H 147 -76.81 13.03 -14.18
C LEU H 147 -75.40 12.49 -14.04
N LEU H 148 -74.85 11.91 -15.12
CA LEU H 148 -73.55 11.26 -15.06
C LEU H 148 -72.44 12.25 -14.72
N GLU H 149 -72.50 13.45 -15.29
CA GLU H 149 -71.47 14.45 -14.98
C GLU H 149 -71.37 14.74 -13.49
N GLN H 150 -72.49 14.72 -12.78
CA GLN H 150 -72.53 15.11 -11.39
C GLN H 150 -72.55 13.94 -10.42
N ILE H 151 -72.65 12.70 -10.92
CA ILE H 151 -72.56 11.54 -10.05
C ILE H 151 -71.24 10.79 -10.16
N LEU H 152 -70.24 11.39 -10.81
CA LEU H 152 -68.94 10.72 -11.01
C LEU H 152 -68.00 11.03 -9.84
N VAL H 153 -68.37 10.51 -8.67
CA VAL H 153 -67.52 10.56 -7.48
C VAL H 153 -66.51 9.45 -7.54
N ALA H 154 -65.54 9.46 -6.63
CA ALA H 154 -64.40 8.54 -6.70
C ALA H 154 -64.84 7.08 -6.78
N GLU H 155 -65.78 6.68 -5.92
CA GLU H 155 -66.24 5.30 -5.95
C GLU H 155 -67.02 5.01 -7.24
N ASN H 156 -67.91 5.91 -7.63
CA ASN H 156 -68.60 5.77 -8.90
C ASN H 156 -67.62 5.85 -10.06
N ARG H 157 -66.55 6.63 -9.90
CA ARG H 157 -65.51 6.67 -10.94
C ARG H 157 -64.83 5.31 -11.07
N ASP H 158 -64.55 4.65 -9.95
CA ASP H 158 -64.00 3.30 -9.99
C ASP H 158 -64.95 2.33 -10.66
N ARG H 159 -66.24 2.45 -10.35
CA ARG H 159 -67.24 1.57 -10.95
C ARG H 159 -67.31 1.78 -12.47
N VAL H 160 -67.29 3.04 -12.92
CA VAL H 160 -67.31 3.32 -14.35
C VAL H 160 -66.02 2.82 -15.00
N ALA H 161 -64.89 2.96 -14.32
CA ALA H 161 -63.64 2.42 -14.86
C ALA H 161 -63.71 0.92 -15.03
N ARG H 162 -64.27 0.21 -14.05
CA ARG H 162 -64.25 -1.25 -14.12
C ARG H 162 -65.26 -1.80 -15.12
N ILE H 163 -66.49 -1.25 -15.16
CA ILE H 163 -67.50 -1.85 -16.03
C ILE H 163 -68.12 -0.85 -16.99
N GLY H 164 -68.16 0.42 -16.60
CA GLY H 164 -68.84 1.43 -17.40
C GLY H 164 -68.05 1.93 -18.59
N LEU H 165 -66.75 1.69 -18.62
CA LEU H 165 -65.93 2.16 -19.73
C LEU H 165 -66.29 1.43 -21.01
N GLY H 166 -66.02 2.09 -22.14
CA GLY H 166 -66.38 1.57 -23.44
C GLY H 166 -67.67 2.17 -23.95
N VAL H 167 -68.65 2.36 -23.05
CA VAL H 167 -69.88 3.04 -23.42
C VAL H 167 -69.63 4.51 -23.69
N ILE H 168 -68.73 5.12 -22.91
CA ILE H 168 -68.43 6.54 -23.09
C ILE H 168 -67.75 6.79 -24.43
N LEU H 169 -67.00 5.81 -24.95
CA LEU H 169 -66.39 5.95 -26.26
C LEU H 169 -67.44 6.08 -27.35
N ASN H 170 -68.56 5.37 -27.20
CA ASN H 170 -69.66 5.51 -28.17
C ASN H 170 -70.20 6.93 -28.18
N LEU H 171 -70.31 7.56 -27.00
CA LEU H 171 -70.69 8.97 -26.94
C LEU H 171 -69.62 9.84 -27.59
N ALA H 172 -68.35 9.53 -27.36
CA ALA H 172 -67.27 10.29 -27.98
C ALA H 172 -67.32 10.20 -29.49
N LYS H 173 -67.88 9.10 -30.02
CA LYS H 173 -68.11 9.03 -31.46
C LYS H 173 -69.08 10.11 -31.92
N GLU H 174 -70.14 10.36 -31.13
CA GLU H 174 -71.03 11.48 -31.41
C GLU H 174 -70.30 12.79 -31.18
N ARG H 175 -70.47 13.74 -32.12
CA ARG H 175 -69.71 14.97 -32.08
C ARG H 175 -70.59 16.21 -32.25
N GLU H 176 -71.74 16.04 -32.90
CA GLU H 176 -72.50 17.22 -33.34
C GLU H 176 -73.23 17.92 -32.19
N PRO H 177 -74.07 17.26 -31.40
CA PRO H 177 -74.85 18.01 -30.40
C PRO H 177 -73.96 18.71 -29.38
N VAL H 178 -74.35 19.94 -29.01
CA VAL H 178 -73.61 20.70 -28.01
C VAL H 178 -73.79 20.10 -26.63
N GLU H 179 -75.03 19.69 -26.30
CA GLU H 179 -75.30 19.12 -24.99
C GLU H 179 -74.52 17.83 -24.77
N LEU H 180 -74.51 16.95 -25.78
CA LEU H 180 -73.70 15.74 -25.68
C LEU H 180 -72.23 16.08 -25.55
N ALA H 181 -71.76 17.07 -26.31
CA ALA H 181 -70.36 17.47 -26.21
C ALA H 181 -70.00 17.87 -24.79
N ARG H 182 -70.81 18.74 -24.18
CA ARG H 182 -70.54 19.20 -22.82
C ARG H 182 -70.58 18.04 -21.83
N SER H 183 -71.60 17.18 -21.95
CA SER H 183 -71.77 16.10 -20.99
C SER H 183 -70.62 15.11 -21.07
N VAL H 184 -70.27 14.67 -22.28
CA VAL H 184 -69.19 13.72 -22.42
C VAL H 184 -67.84 14.36 -22.09
N ALA H 185 -67.69 15.67 -22.31
CA ALA H 185 -66.47 16.34 -21.88
C ALA H 185 -66.33 16.28 -20.36
N GLY H 186 -67.42 16.55 -19.63
CA GLY H 186 -67.36 16.43 -18.18
C GLY H 186 -67.07 15.02 -17.72
N ILE H 187 -67.73 14.04 -18.35
CA ILE H 187 -67.52 12.64 -17.98
C ILE H 187 -66.08 12.23 -18.24
N LEU H 188 -65.53 12.65 -19.38
CA LEU H 188 -64.14 12.33 -19.69
C LEU H 188 -63.19 13.02 -18.72
N GLU H 189 -63.52 14.24 -18.30
CA GLU H 189 -62.73 14.91 -17.27
C GLU H 189 -62.66 14.08 -16.00
N HIS H 190 -63.83 13.66 -15.50
CA HIS H 190 -63.84 12.88 -14.27
C HIS H 190 -63.12 11.55 -14.46
N MET H 191 -63.31 10.89 -15.61
CA MET H 191 -62.63 9.62 -15.86
C MET H 191 -61.11 9.81 -15.93
N PHE H 192 -60.65 10.92 -16.51
CA PHE H 192 -59.23 11.21 -16.54
C PHE H 192 -58.69 11.51 -15.15
N LYS H 193 -59.54 11.98 -14.24
CA LYS H 193 -59.12 12.17 -12.87
C LYS H 193 -59.05 10.86 -12.08
N HIS H 194 -59.40 9.73 -12.69
CA HIS H 194 -59.51 8.47 -11.95
C HIS H 194 -58.14 7.82 -11.71
N SER H 195 -57.46 7.41 -12.77
CA SER H 195 -56.22 6.66 -12.62
C SER H 195 -55.46 6.66 -13.95
N GLU H 196 -54.21 6.20 -13.89
CA GLU H 196 -53.35 6.21 -15.06
C GLU H 196 -53.81 5.22 -16.12
N GLU H 197 -54.26 4.03 -15.71
CA GLU H 197 -54.69 3.02 -16.67
C GLU H 197 -55.89 3.50 -17.47
N THR H 198 -56.87 4.13 -16.81
CA THR H 198 -58.02 4.66 -17.52
C THR H 198 -57.62 5.77 -18.47
N CYS H 199 -56.68 6.62 -18.06
CA CYS H 199 -56.19 7.67 -18.95
C CYS H 199 -55.54 7.08 -20.19
N GLN H 200 -54.72 6.04 -20.01
CA GLN H 200 -54.07 5.40 -21.15
C GLN H 200 -55.10 4.76 -22.07
N ARG H 201 -56.11 4.10 -21.50
CA ARG H 201 -57.14 3.48 -22.32
C ARG H 201 -57.94 4.52 -23.10
N LEU H 202 -58.29 5.64 -22.45
CA LEU H 202 -59.02 6.69 -23.15
C LEU H 202 -58.18 7.33 -24.24
N VAL H 203 -56.87 7.53 -23.99
CA VAL H 203 -55.99 8.07 -25.01
C VAL H 203 -55.90 7.12 -26.20
N ALA H 204 -55.81 5.81 -25.92
CA ALA H 204 -55.83 4.83 -26.99
C ALA H 204 -57.13 4.88 -27.78
N ALA H 205 -58.23 5.21 -27.12
CA ALA H 205 -59.51 5.39 -27.79
C ALA H 205 -59.59 6.81 -28.36
N GLY H 206 -60.79 7.22 -28.76
CA GLY H 206 -61.01 8.53 -29.33
C GLY H 206 -61.36 9.62 -28.35
N GLY H 207 -61.15 9.39 -27.05
CA GLY H 207 -61.50 10.41 -26.07
C GLY H 207 -60.69 11.69 -26.23
N LEU H 208 -59.38 11.55 -26.44
CA LEU H 208 -58.54 12.73 -26.64
C LEU H 208 -58.92 13.47 -27.91
N ASP H 209 -59.21 12.73 -28.99
CA ASP H 209 -59.66 13.35 -30.23
C ASP H 209 -60.98 14.08 -30.03
N ALA H 210 -61.89 13.49 -29.26
CA ALA H 210 -63.15 14.15 -28.94
C ALA H 210 -62.91 15.44 -28.16
N VAL H 211 -61.96 15.40 -27.20
CA VAL H 211 -61.64 16.60 -26.44
C VAL H 211 -61.09 17.68 -27.36
N LEU H 212 -60.22 17.30 -28.28
CA LEU H 212 -59.68 18.29 -29.23
C LEU H 212 -60.77 18.88 -30.11
N TYR H 213 -61.68 18.03 -30.60
CA TYR H 213 -62.77 18.53 -31.44
C TYR H 213 -63.67 19.48 -30.67
N TRP H 214 -63.97 19.15 -29.41
CA TRP H 214 -64.78 20.06 -28.61
C TRP H 214 -64.02 21.33 -28.26
N CYS H 215 -62.69 21.26 -28.20
CA CYS H 215 -61.90 22.48 -28.07
C CYS H 215 -61.99 23.33 -29.32
N ARG H 216 -62.15 22.70 -30.49
CA ARG H 216 -62.41 23.45 -31.71
C ARG H 216 -63.72 24.22 -31.63
N ARG H 217 -64.65 23.77 -30.79
CA ARG H 217 -65.97 24.40 -30.67
C ARG H 217 -65.86 25.72 -29.88
N THR H 218 -67.02 26.29 -29.59
CA THR H 218 -67.11 27.64 -29.06
C THR H 218 -67.83 27.73 -27.72
N ASP H 219 -68.60 26.71 -27.33
CA ASP H 219 -69.43 26.80 -26.14
C ASP H 219 -68.57 27.04 -24.90
N PRO H 220 -68.94 27.99 -24.03
CA PRO H 220 -68.10 28.27 -22.86
C PRO H 220 -67.97 27.11 -21.89
N ALA H 221 -69.09 26.51 -21.48
CA ALA H 221 -69.04 25.42 -20.53
C ALA H 221 -68.31 24.22 -21.11
N LEU H 222 -68.53 23.93 -22.40
CA LEU H 222 -67.82 22.84 -23.06
C LEU H 222 -66.32 23.06 -23.04
N LEU H 223 -65.89 24.29 -23.35
CA LEU H 223 -64.46 24.60 -23.33
C LEU H 223 -63.90 24.48 -21.92
N ARG H 224 -64.66 24.91 -20.90
CA ARG H 224 -64.19 24.79 -19.53
C ARG H 224 -63.99 23.34 -19.14
N HIS H 225 -64.98 22.49 -19.44
CA HIS H 225 -64.84 21.07 -19.12
C HIS H 225 -63.70 20.43 -19.90
N CYS H 226 -63.50 20.83 -21.16
CA CYS H 226 -62.39 20.27 -21.93
C CYS H 226 -61.04 20.69 -21.35
N ALA H 227 -60.91 21.96 -20.94
CA ALA H 227 -59.67 22.41 -20.33
C ALA H 227 -59.39 21.67 -19.04
N LEU H 228 -60.42 21.50 -18.20
CA LEU H 228 -60.22 20.78 -16.95
C LEU H 228 -59.92 19.30 -17.21
N ALA H 229 -60.52 18.72 -18.25
CA ALA H 229 -60.21 17.34 -18.61
C ALA H 229 -58.76 17.19 -19.04
N LEU H 230 -58.27 18.12 -19.87
CA LEU H 230 -56.87 18.05 -20.29
C LEU H 230 -55.93 18.24 -19.10
N GLY H 231 -56.26 19.15 -18.20
CA GLY H 231 -55.45 19.31 -17.00
C GLY H 231 -55.42 18.07 -16.14
N ASN H 232 -56.59 17.46 -15.92
CA ASN H 232 -56.66 16.26 -15.10
C ASN H 232 -55.89 15.10 -15.74
N CYS H 233 -56.02 14.92 -17.05
CA CYS H 233 -55.34 13.82 -17.71
C CYS H 233 -53.83 14.05 -17.74
N ALA H 234 -53.40 15.31 -17.89
CA ALA H 234 -51.97 15.60 -17.82
C ALA H 234 -51.43 15.32 -16.42
N LEU H 235 -52.22 15.64 -15.39
CA LEU H 235 -51.77 15.42 -14.02
C LEU H 235 -51.71 13.93 -13.67
N HIS H 236 -52.70 13.16 -14.12
CA HIS H 236 -52.85 11.78 -13.70
C HIS H 236 -52.53 10.77 -14.79
N GLY H 237 -51.84 11.17 -15.86
CA GLY H 237 -51.59 10.27 -16.95
C GLY H 237 -50.27 9.51 -16.89
N GLY H 238 -49.17 10.22 -16.71
CA GLY H 238 -47.84 9.64 -16.75
C GLY H 238 -47.09 10.06 -18.00
N GLN H 239 -45.90 9.46 -18.15
CA GLN H 239 -45.03 9.83 -19.26
C GLN H 239 -45.67 9.49 -20.61
N ALA H 240 -46.20 8.27 -20.73
CA ALA H 240 -46.76 7.83 -22.01
C ALA H 240 -47.97 8.67 -22.40
N VAL H 241 -48.83 9.00 -21.44
CA VAL H 241 -50.03 9.77 -21.74
C VAL H 241 -49.65 11.16 -22.25
N GLN H 242 -48.69 11.81 -21.59
CA GLN H 242 -48.25 13.13 -22.02
C GLN H 242 -47.57 13.06 -23.38
N ARG H 243 -46.77 12.02 -23.62
CA ARG H 243 -46.15 11.87 -24.94
C ARG H 243 -47.20 11.73 -26.03
N ARG H 244 -48.22 10.91 -25.78
CA ARG H 244 -49.27 10.73 -26.78
C ARG H 244 -50.07 12.02 -26.97
N MET H 245 -50.28 12.78 -25.89
CA MET H 245 -50.96 14.06 -26.00
C MET H 245 -50.19 15.01 -26.91
N VAL H 246 -48.88 15.13 -26.69
CA VAL H 246 -48.09 16.05 -27.51
C VAL H 246 -48.02 15.56 -28.95
N GLU H 247 -47.93 14.24 -29.14
CA GLU H 247 -47.96 13.70 -30.49
C GLU H 247 -49.27 14.05 -31.20
N LYS H 248 -50.34 14.25 -30.45
CA LYS H 248 -51.61 14.72 -30.99
C LYS H 248 -51.77 16.23 -30.93
N ARG H 249 -50.69 16.95 -30.61
CA ARG H 249 -50.67 18.41 -30.56
C ARG H 249 -51.66 18.93 -29.52
N ALA H 250 -51.43 18.52 -28.27
CA ALA H 250 -52.30 18.95 -27.18
C ALA H 250 -52.14 20.44 -26.85
N ALA H 251 -50.90 20.94 -26.85
CA ALA H 251 -50.66 22.32 -26.48
C ALA H 251 -51.24 23.29 -27.51
N GLU H 252 -51.16 22.92 -28.79
CA GLU H 252 -51.71 23.80 -29.83
C GLU H 252 -53.21 23.97 -29.66
N TRP H 253 -53.93 22.87 -29.35
CA TRP H 253 -55.36 22.99 -29.10
C TRP H 253 -55.67 23.57 -27.73
N LEU H 254 -54.70 23.54 -26.81
CA LEU H 254 -54.88 24.23 -25.54
C LEU H 254 -54.75 25.74 -25.70
N PHE H 255 -54.00 26.19 -26.70
CA PHE H 255 -53.78 27.62 -26.91
C PHE H 255 -55.06 28.43 -27.04
N PRO H 256 -56.04 28.07 -27.88
CA PRO H 256 -57.25 28.92 -27.98
C PRO H 256 -58.01 29.04 -26.68
N LEU H 257 -58.01 27.98 -25.86
CA LEU H 257 -58.72 28.04 -24.59
C LEU H 257 -58.10 29.06 -23.66
N ALA H 258 -56.77 29.15 -23.64
CA ALA H 258 -56.11 30.17 -22.84
C ALA H 258 -56.23 31.56 -23.46
N PHE H 259 -56.29 31.63 -24.79
CA PHE H 259 -56.34 32.92 -25.46
C PHE H 259 -57.70 33.58 -25.39
N SER H 260 -58.76 32.81 -25.16
CA SER H 260 -60.11 33.35 -25.18
C SER H 260 -60.34 34.29 -24.01
N LYS H 261 -60.60 35.56 -24.31
CA LYS H 261 -60.80 36.57 -23.28
C LYS H 261 -62.19 36.53 -22.65
N GLU H 262 -63.09 35.68 -23.15
CA GLU H 262 -64.46 35.67 -22.66
C GLU H 262 -64.54 35.25 -21.20
N ASP H 263 -63.84 34.17 -20.83
CA ASP H 263 -63.89 33.63 -19.48
C ASP H 263 -62.47 33.52 -18.93
N GLU H 264 -62.29 33.96 -17.69
CA GLU H 264 -60.99 33.89 -17.04
C GLU H 264 -60.67 32.47 -16.58
N LEU H 265 -61.68 31.75 -16.09
CA LEU H 265 -61.45 30.39 -15.59
C LEU H 265 -60.98 29.45 -16.70
N LEU H 266 -61.49 29.63 -17.92
CA LEU H 266 -61.06 28.80 -19.04
C LEU H 266 -59.57 28.99 -19.32
N ARG H 267 -59.13 30.25 -19.36
CA ARG H 267 -57.71 30.52 -19.56
C ARG H 267 -56.88 29.98 -18.39
N LEU H 268 -57.39 30.11 -17.18
CA LEU H 268 -56.66 29.64 -16.01
C LEU H 268 -56.46 28.12 -16.07
N HIS H 269 -57.51 27.39 -16.43
CA HIS H 269 -57.40 25.94 -16.56
C HIS H 269 -56.48 25.54 -17.71
N ALA H 270 -56.59 26.24 -18.84
CA ALA H 270 -55.71 25.93 -19.97
C ALA H 270 -54.25 26.18 -19.62
N CYS H 271 -53.97 27.28 -18.91
CA CYS H 271 -52.61 27.55 -18.47
C CYS H 271 -52.12 26.53 -17.46
N LEU H 272 -53.00 26.05 -16.58
CA LEU H 272 -52.62 24.97 -15.67
C LEU H 272 -52.23 23.72 -16.45
N ALA H 273 -53.02 23.37 -17.47
CA ALA H 273 -52.71 22.20 -18.28
C ALA H 273 -51.38 22.38 -19.01
N VAL H 274 -51.15 23.57 -19.56
CA VAL H 274 -49.90 23.84 -20.26
C VAL H 274 -48.71 23.75 -19.31
N ALA H 275 -48.87 24.29 -18.10
CA ALA H 275 -47.79 24.22 -17.12
C ALA H 275 -47.51 22.78 -16.70
N VAL H 276 -48.55 21.97 -16.53
CA VAL H 276 -48.35 20.57 -16.17
C VAL H 276 -47.65 19.82 -17.29
N LEU H 277 -48.00 20.13 -18.54
CA LEU H 277 -47.27 19.55 -19.67
C LEU H 277 -45.82 20.01 -19.68
N ALA H 278 -45.57 21.27 -19.32
CA ALA H 278 -44.21 21.80 -19.31
C ALA H 278 -43.37 21.20 -18.21
N THR H 279 -43.99 20.78 -17.10
CA THR H 279 -43.23 20.11 -16.04
C THR H 279 -42.57 18.85 -16.56
N ASN H 280 -43.20 18.17 -17.51
CA ASN H 280 -42.57 17.08 -18.26
C ASN H 280 -41.54 17.72 -19.18
N LYS H 281 -40.27 17.72 -18.76
CA LYS H 281 -39.25 18.49 -19.46
C LYS H 281 -38.60 17.74 -20.61
N GLU H 282 -39.02 16.51 -20.89
CA GLU H 282 -38.51 15.82 -22.07
C GLU H 282 -39.25 16.25 -23.33
N VAL H 283 -40.31 17.03 -23.20
CA VAL H 283 -41.10 17.50 -24.34
C VAL H 283 -41.27 19.02 -24.29
N GLU H 284 -40.53 19.71 -23.41
CA GLU H 284 -40.59 21.16 -23.34
C GLU H 284 -40.25 21.80 -24.67
N ARG H 285 -39.40 21.15 -25.47
CA ARG H 285 -39.06 21.71 -26.78
C ARG H 285 -40.29 21.85 -27.66
N GLU H 286 -41.07 20.78 -27.80
CA GLU H 286 -42.30 20.86 -28.59
C GLU H 286 -43.35 21.74 -27.93
N VAL H 287 -43.40 21.74 -26.60
CA VAL H 287 -44.35 22.62 -25.92
C VAL H 287 -44.06 24.08 -26.25
N GLU H 288 -42.78 24.46 -26.25
CA GLU H 288 -42.40 25.80 -26.66
C GLU H 288 -42.66 26.04 -28.14
N ARG H 289 -42.44 25.02 -28.98
CA ARG H 289 -42.77 25.14 -30.40
C ARG H 289 -44.25 25.47 -30.59
N SER H 290 -45.10 24.95 -29.70
CA SER H 290 -46.51 25.33 -29.75
C SER H 290 -46.69 26.81 -29.44
N GLY H 291 -45.92 27.34 -28.49
CA GLY H 291 -45.98 28.75 -28.17
C GLY H 291 -47.04 29.15 -27.18
N THR H 292 -47.80 28.19 -26.63
CA THR H 292 -48.86 28.53 -25.68
C THR H 292 -48.30 28.89 -24.31
N LEU H 293 -47.04 28.57 -24.03
CA LEU H 293 -46.46 28.92 -22.74
C LEU H 293 -46.30 30.42 -22.54
N ALA H 294 -46.28 31.19 -23.63
CA ALA H 294 -46.01 32.63 -23.51
C ALA H 294 -47.11 33.34 -22.72
N LEU H 295 -48.37 32.98 -22.96
CA LEU H 295 -49.48 33.69 -22.34
C LEU H 295 -49.65 33.38 -20.86
N VAL H 296 -48.90 32.40 -20.32
CA VAL H 296 -49.10 31.99 -18.93
C VAL H 296 -48.76 33.13 -17.98
N GLU H 297 -47.58 33.73 -18.14
CA GLU H 297 -47.16 34.77 -17.21
C GLU H 297 -48.05 36.01 -17.26
N PRO H 298 -48.37 36.60 -18.43
CA PRO H 298 -49.26 37.78 -18.41
C PRO H 298 -50.63 37.48 -17.82
N LEU H 299 -51.19 36.31 -18.09
CA LEU H 299 -52.49 35.97 -17.52
C LEU H 299 -52.42 35.86 -16.01
N VAL H 300 -51.36 35.22 -15.49
CA VAL H 300 -51.18 35.10 -14.05
C VAL H 300 -51.03 36.47 -13.42
N ALA H 301 -50.26 37.36 -14.07
CA ALA H 301 -50.10 38.72 -13.56
C ALA H 301 -51.43 39.46 -13.54
N SER H 302 -52.23 39.31 -14.60
CA SER H 302 -53.49 40.05 -14.68
C SER H 302 -54.52 39.54 -13.68
N LEU H 303 -54.66 38.22 -13.56
CA LEU H 303 -55.69 37.65 -12.70
C LEU H 303 -55.35 37.87 -11.23
N ASP H 304 -56.39 37.86 -10.39
CA ASP H 304 -56.26 38.03 -8.96
C ASP H 304 -56.68 36.76 -8.23
N PRO H 305 -55.87 36.27 -7.29
CA PRO H 305 -56.23 35.03 -6.58
C PRO H 305 -57.54 35.13 -5.81
N GLY H 306 -57.86 36.31 -5.26
CA GLY H 306 -59.00 36.43 -4.38
C GLY H 306 -60.33 36.16 -5.06
N ARG H 307 -60.49 36.67 -6.29
CA ARG H 307 -61.77 36.52 -6.98
C ARG H 307 -62.10 35.05 -7.23
N PHE H 308 -61.12 34.30 -7.76
CA PHE H 308 -61.37 32.89 -8.05
C PHE H 308 -61.37 32.04 -6.77
N ALA H 309 -60.64 32.48 -5.74
CA ALA H 309 -60.73 31.78 -4.46
C ALA H 309 -62.12 31.90 -3.85
N ARG H 310 -62.72 33.10 -3.95
CA ARG H 310 -64.07 33.29 -3.44
C ARG H 310 -65.10 32.57 -4.31
N CYS H 311 -64.89 32.55 -5.62
CA CYS H 311 -65.79 31.85 -6.53
C CYS H 311 -65.82 30.36 -6.26
N GLY H 323 -58.53 19.17 -3.36
CA GLY H 323 -58.24 18.05 -2.47
C GLY H 323 -56.78 17.96 -2.10
N PRO H 324 -56.48 17.22 -1.02
CA PRO H 324 -55.08 17.05 -0.63
C PRO H 324 -54.21 16.46 -1.75
N ASP H 325 -54.77 15.51 -2.50
CA ASP H 325 -54.03 14.95 -3.62
C ASP H 325 -53.76 16.00 -4.69
N ASP H 326 -54.73 16.89 -4.91
CA ASP H 326 -54.53 17.97 -5.88
C ASP H 326 -53.37 18.87 -5.46
N LEU H 327 -53.28 19.19 -4.17
CA LEU H 327 -52.16 19.99 -3.68
C LEU H 327 -50.84 19.23 -3.82
N GLN H 328 -50.86 17.93 -3.54
CA GLN H 328 -49.66 17.12 -3.68
C GLN H 328 -49.20 17.03 -5.13
N ARG H 329 -50.13 17.16 -6.07
CA ARG H 329 -49.76 17.20 -7.49
C ARG H 329 -49.36 18.58 -7.94
N LEU H 330 -49.88 19.63 -7.30
CA LEU H 330 -49.49 21.00 -7.63
C LEU H 330 -48.11 21.35 -7.09
N VAL H 331 -47.69 20.69 -6.01
CA VAL H 331 -46.36 20.97 -5.44
C VAL H 331 -45.25 20.79 -6.45
N PRO H 332 -45.23 19.74 -7.29
CA PRO H 332 -44.18 19.66 -8.33
C PRO H 332 -44.13 20.87 -9.23
N LEU H 333 -45.27 21.51 -9.51
CA LEU H 333 -45.26 22.74 -10.30
C LEU H 333 -44.48 23.84 -9.56
N LEU H 334 -44.61 23.90 -8.24
CA LEU H 334 -43.80 24.84 -7.47
C LEU H 334 -42.32 24.52 -7.59
N ASP H 335 -41.96 23.25 -7.52
CA ASP H 335 -40.57 22.82 -7.64
C ASP H 335 -40.19 22.47 -9.07
N SER H 336 -40.92 22.97 -10.06
CA SER H 336 -40.66 22.60 -11.45
C SER H 336 -39.47 23.32 -12.05
N ASN H 337 -39.01 24.41 -11.43
CA ASN H 337 -37.94 25.25 -11.93
C ASN H 337 -38.23 25.85 -13.30
N ARG H 338 -39.49 25.82 -13.73
CA ARG H 338 -39.93 26.47 -14.96
C ARG H 338 -40.84 27.63 -14.59
N LEU H 339 -40.53 28.82 -15.13
CA LEU H 339 -41.15 30.05 -14.64
C LEU H 339 -42.67 30.01 -14.76
N GLU H 340 -43.17 29.56 -15.92
CA GLU H 340 -44.62 29.47 -16.10
C GLU H 340 -45.23 28.46 -15.13
N ALA H 341 -44.60 27.29 -15.00
CA ALA H 341 -45.11 26.27 -14.09
C ALA H 341 -45.05 26.75 -12.65
N GLN H 342 -43.96 27.41 -12.27
CA GLN H 342 -43.85 27.94 -10.91
C GLN H 342 -44.92 28.99 -10.63
N CYS H 343 -45.18 29.87 -11.60
CA CYS H 343 -46.22 30.87 -11.42
C CYS H 343 -47.60 30.24 -11.29
N ILE H 344 -47.90 29.25 -12.13
CA ILE H 344 -49.19 28.58 -12.05
C ILE H 344 -49.35 27.89 -10.70
N GLY H 345 -48.31 27.17 -10.26
CA GLY H 345 -48.38 26.51 -8.97
C GLY H 345 -48.53 27.49 -7.82
N ALA H 346 -47.82 28.62 -7.89
CA ALA H 346 -47.95 29.64 -6.85
C ALA H 346 -49.36 30.21 -6.81
N PHE H 347 -49.94 30.49 -7.97
CA PHE H 347 -51.30 31.01 -8.01
C PHE H 347 -52.29 30.01 -7.41
N TYR H 348 -52.21 28.75 -7.84
CA TYR H 348 -53.11 27.72 -7.33
C TYR H 348 -52.95 27.54 -5.83
N LEU H 349 -51.69 27.50 -5.34
CA LEU H 349 -51.47 27.29 -3.92
C LEU H 349 -51.91 28.49 -3.10
N CYS H 350 -51.76 29.71 -3.64
CA CYS H 350 -52.26 30.88 -2.93
C CYS H 350 -53.78 30.84 -2.81
N ALA H 351 -54.46 30.49 -3.91
CA ALA H 351 -55.92 30.38 -3.85
C ALA H 351 -56.36 29.31 -2.86
N GLU H 352 -55.69 28.15 -2.89
CA GLU H 352 -56.06 27.07 -1.98
C GLU H 352 -55.75 27.44 -0.53
N ALA H 353 -54.64 28.16 -0.30
CA ALA H 353 -54.32 28.60 1.05
C ALA H 353 -55.34 29.60 1.56
N ALA H 354 -55.81 30.51 0.71
CA ALA H 354 -56.86 31.43 1.11
C ALA H 354 -58.13 30.67 1.45
N ILE H 355 -58.50 29.68 0.63
CA ILE H 355 -59.71 28.90 0.89
C ILE H 355 -59.58 28.13 2.21
N LYS H 356 -58.42 27.52 2.45
CA LYS H 356 -58.23 26.75 3.68
C LYS H 356 -58.22 27.66 4.91
N SER H 357 -57.55 28.82 4.82
CA SER H 357 -57.52 29.75 5.93
C SER H 357 -58.89 30.38 6.19
N LEU H 358 -59.76 30.40 5.19
CA LEU H 358 -61.14 30.78 5.45
C LEU H 358 -61.79 29.83 6.45
N GLN H 359 -61.39 28.56 6.42
CA GLN H 359 -61.78 27.60 7.43
C GLN H 359 -60.66 27.48 8.47
N GLY H 360 -60.77 26.50 9.36
CA GLY H 360 -59.76 26.31 10.39
C GLY H 360 -58.68 25.32 10.03
N LYS H 361 -58.89 24.55 8.96
CA LYS H 361 -57.95 23.51 8.55
C LYS H 361 -56.89 24.12 7.65
N THR H 362 -55.66 24.25 8.16
CA THR H 362 -54.54 24.78 7.40
C THR H 362 -53.29 23.93 7.49
N LYS H 363 -53.37 22.74 8.11
CA LYS H 363 -52.21 21.89 8.31
C LYS H 363 -51.88 21.03 7.09
N VAL H 364 -52.71 21.06 6.04
CA VAL H 364 -52.46 20.23 4.86
C VAL H 364 -51.15 20.65 4.19
N PHE H 365 -50.93 21.95 4.04
CA PHE H 365 -49.71 22.44 3.39
C PHE H 365 -48.48 22.06 4.21
N SER H 366 -48.56 22.18 5.53
CA SER H 366 -47.44 21.76 6.38
C SER H 366 -47.17 20.27 6.26
N ASP H 367 -48.24 19.46 6.20
CA ASP H 367 -48.06 18.01 6.06
C ASP H 367 -47.41 17.66 4.74
N ILE H 368 -47.85 18.30 3.64
CA ILE H 368 -47.24 18.04 2.34
C ILE H 368 -45.82 18.59 2.29
N GLY H 369 -45.58 19.74 2.92
CA GLY H 369 -44.28 20.38 2.85
C GLY H 369 -44.17 21.51 1.86
N ALA H 370 -45.31 22.03 1.37
CA ALA H 370 -45.28 23.13 0.41
C ALA H 370 -44.78 24.42 1.03
N ILE H 371 -44.76 24.52 2.36
CA ILE H 371 -44.26 25.75 3.01
C ILE H 371 -42.78 25.92 2.73
N GLN H 372 -42.01 24.83 2.82
CA GLN H 372 -40.58 24.90 2.50
C GLN H 372 -40.37 25.27 1.04
N SER H 373 -41.20 24.72 0.14
CA SER H 373 -41.09 25.07 -1.27
C SER H 373 -41.39 26.54 -1.49
N LEU H 374 -42.40 27.08 -0.81
CA LEU H 374 -42.72 28.50 -0.93
C LEU H 374 -41.58 29.37 -0.41
N LYS H 375 -40.98 28.98 0.72
CA LYS H 375 -39.85 29.75 1.26
C LYS H 375 -38.67 29.75 0.30
N ARG H 376 -38.35 28.58 -0.27
CA ARG H 376 -37.28 28.50 -1.25
C ARG H 376 -37.60 29.32 -2.49
N LEU H 377 -38.88 29.33 -2.90
CA LEU H 377 -39.29 30.14 -4.03
C LEU H 377 -39.09 31.62 -3.76
N VAL H 378 -39.45 32.06 -2.55
CA VAL H 378 -39.30 33.48 -2.20
C VAL H 378 -37.82 33.87 -2.16
N CYS H 379 -36.99 33.04 -1.53
CA CYS H 379 -35.58 33.40 -1.39
C CYS H 379 -34.90 33.53 -2.75
N TYR H 380 -35.15 32.59 -3.66
CA TYR H 380 -34.50 32.57 -4.98
C TYR H 380 -35.40 33.12 -6.07
N SER H 381 -36.38 33.94 -5.71
CA SER H 381 -37.31 34.48 -6.69
C SER H 381 -36.61 35.44 -7.64
N THR H 382 -36.92 35.31 -8.94
CA THR H 382 -36.43 36.23 -9.95
C THR H 382 -37.55 36.98 -10.67
N ASN H 383 -38.79 36.55 -10.53
CA ASN H 383 -39.93 37.19 -11.16
C ASN H 383 -40.77 37.90 -10.12
N GLY H 384 -41.22 39.11 -10.45
CA GLY H 384 -42.01 39.87 -9.51
C GLY H 384 -43.36 39.24 -9.22
N THR H 385 -44.03 38.74 -10.26
CA THR H 385 -45.36 38.14 -10.07
C THR H 385 -45.27 36.88 -9.21
N LYS H 386 -44.30 36.00 -9.53
CA LYS H 386 -44.15 34.77 -8.76
C LYS H 386 -43.79 35.07 -7.31
N SER H 387 -42.87 36.01 -7.09
CA SER H 387 -42.49 36.38 -5.74
C SER H 387 -43.67 36.96 -4.97
N ALA H 388 -44.47 37.81 -5.62
CA ALA H 388 -45.64 38.39 -4.96
C ALA H 388 -46.65 37.31 -4.59
N LEU H 389 -46.91 36.37 -5.51
CA LEU H 389 -47.85 35.30 -5.22
C LEU H 389 -47.36 34.42 -4.07
N ALA H 390 -46.07 34.08 -4.08
CA ALA H 390 -45.53 33.25 -2.99
C ALA H 390 -45.58 33.99 -1.66
N LYS H 391 -45.26 35.28 -1.65
CA LYS H 391 -45.34 36.06 -0.43
C LYS H 391 -46.77 36.13 0.10
N ARG H 392 -47.74 36.34 -0.80
CA ARG H 392 -49.13 36.38 -0.39
C ARG H 392 -49.57 35.04 0.18
N ALA H 393 -49.17 33.93 -0.47
CA ALA H 393 -49.54 32.61 0.03
C ALA H 393 -48.95 32.34 1.40
N LEU H 394 -47.67 32.72 1.60
CA LEU H 394 -47.05 32.52 2.90
C LEU H 394 -47.70 33.39 3.97
N ARG H 395 -48.02 34.64 3.63
CA ARG H 395 -48.64 35.54 4.59
C ARG H 395 -50.05 35.09 4.95
N LEU H 396 -50.76 34.44 4.02
CA LEU H 396 -52.07 33.89 4.34
C LEU H 396 -51.97 32.84 5.44
N LEU H 397 -50.89 32.08 5.45
CA LEU H 397 -50.64 31.11 6.51
C LEU H 397 -49.82 31.75 7.63
N GLY H 398 -49.54 30.99 8.68
CA GLY H 398 -48.77 31.49 9.79
C GLY H 398 -47.29 31.24 9.64
N GLU H 399 -46.70 31.71 8.55
CA GLU H 399 -45.29 31.54 8.26
C GLU H 399 -44.65 32.88 7.96
N GLU H 400 -43.47 33.11 8.52
CA GLU H 400 -42.73 34.33 8.27
C GLU H 400 -42.17 34.33 6.85
N VAL H 401 -42.39 35.42 6.13
CA VAL H 401 -41.86 35.52 4.77
C VAL H 401 -40.34 35.68 4.83
N PRO H 402 -39.57 34.96 4.01
CA PRO H 402 -38.12 35.12 4.03
C PRO H 402 -37.68 36.29 3.16
N ARG H 403 -36.74 37.07 3.67
CA ARG H 403 -36.22 38.19 2.89
C ARG H 403 -35.36 37.65 1.74
N PRO H 404 -35.53 38.16 0.52
CA PRO H 404 -34.75 37.63 -0.61
C PRO H 404 -33.25 37.81 -0.39
N ILE H 405 -32.51 36.81 -0.84
CA ILE H 405 -31.06 36.76 -0.64
C ILE H 405 -30.37 37.62 -1.70
N LEU H 406 -29.26 38.23 -1.33
CA LEU H 406 -28.49 39.02 -2.28
C LEU H 406 -27.71 38.08 -3.20
N PRO H 407 -27.85 38.23 -4.52
CA PRO H 407 -27.19 37.28 -5.44
C PRO H 407 -25.68 37.28 -5.37
N SER H 408 -25.06 38.35 -4.85
CA SER H 408 -23.61 38.45 -4.78
C SER H 408 -23.09 37.60 -3.62
N VAL H 409 -23.16 36.27 -3.83
CA VAL H 409 -22.71 35.33 -2.80
C VAL H 409 -21.23 35.52 -2.45
N PRO H 410 -20.31 35.72 -3.39
CA PRO H 410 -18.91 35.93 -2.98
C PRO H 410 -18.71 37.10 -2.03
N SER H 411 -19.56 38.12 -2.11
CA SER H 411 -19.45 39.29 -1.24
C SER H 411 -20.27 39.15 0.04
N TRP H 412 -20.86 37.98 0.28
CA TRP H 412 -21.68 37.79 1.47
C TRP H 412 -20.84 37.90 2.74
N LYS H 413 -21.44 38.50 3.76
CA LYS H 413 -20.85 38.52 5.09
C LYS H 413 -21.46 37.39 5.92
N GLU H 414 -21.18 37.38 7.22
CA GLU H 414 -21.70 36.32 8.08
C GLU H 414 -23.22 36.37 8.18
N ALA H 415 -23.80 37.58 8.23
CA ALA H 415 -25.24 37.71 8.38
C ALA H 415 -25.98 37.13 7.17
N GLU H 416 -25.45 37.34 5.96
CA GLU H 416 -26.10 36.78 4.78
C GLU H 416 -26.06 35.26 4.81
N VAL H 417 -24.94 34.69 5.25
CA VAL H 417 -24.85 33.23 5.38
C VAL H 417 -25.87 32.74 6.39
N GLN H 418 -25.99 33.42 7.52
CA GLN H 418 -26.99 33.04 8.51
C GLN H 418 -28.40 33.06 7.91
N THR H 419 -28.74 34.15 7.22
CA THR H 419 -30.07 34.31 6.65
C THR H 419 -30.36 33.20 5.63
N TRP H 420 -29.38 32.89 4.78
CA TRP H 420 -29.54 31.75 3.87
C TRP H 420 -29.76 30.46 4.65
N LEU H 421 -29.10 30.31 5.79
CA LEU H 421 -29.28 29.11 6.61
C LEU H 421 -30.70 28.99 7.13
N GLN H 422 -31.27 30.08 7.67
CA GLN H 422 -32.68 29.96 8.08
C GLN H 422 -33.60 29.77 6.90
N CYS H 423 -33.27 30.32 5.74
CA CYS H 423 -34.10 30.10 4.56
C CYS H 423 -34.12 28.63 4.16
N ILE H 424 -32.97 27.97 4.19
CA ILE H 424 -32.90 26.58 3.73
C ILE H 424 -33.23 25.63 4.88
N GLY H 425 -33.71 26.18 5.99
CA GLY H 425 -34.14 25.37 7.12
C GLY H 425 -33.05 24.60 7.82
N PHE H 426 -31.87 25.22 7.97
CA PHE H 426 -30.79 24.62 8.75
C PHE H 426 -30.48 25.48 9.97
N SER H 427 -31.52 25.94 10.66
CA SER H 427 -31.34 26.80 11.83
C SER H 427 -30.59 26.10 12.95
N LYS H 428 -30.53 24.76 12.94
CA LYS H 428 -29.78 24.05 13.95
C LYS H 428 -28.29 24.33 13.84
N TYR H 429 -27.79 24.48 12.61
CA TYR H 429 -26.36 24.70 12.36
C TYR H 429 -25.99 26.17 12.29
N CYS H 430 -26.93 27.08 12.54
CA CYS H 430 -26.63 28.51 12.48
C CYS H 430 -25.56 28.89 13.50
N GLU H 431 -25.69 28.38 14.73
CA GLU H 431 -24.69 28.70 15.76
C GLU H 431 -23.33 28.14 15.40
N SER H 432 -23.29 26.92 14.87
CA SER H 432 -22.02 26.32 14.46
C SER H 432 -21.37 27.12 13.34
N PHE H 433 -22.17 27.59 12.37
CA PHE H 433 -21.64 28.43 11.32
C PHE H 433 -21.13 29.76 11.88
N ARG H 434 -21.85 30.32 12.86
CA ARG H 434 -21.43 31.58 13.46
C ARG H 434 -20.10 31.44 14.18
N GLU H 435 -19.91 30.32 14.91
CA GLU H 435 -18.65 30.13 15.63
C GLU H 435 -17.48 30.03 14.68
N GLN H 436 -17.64 29.32 13.56
CA GLN H 436 -16.60 29.25 12.56
C GLN H 436 -16.46 30.54 11.75
N GLN H 437 -17.40 31.47 11.90
CA GLN H 437 -17.36 32.75 11.19
C GLN H 437 -17.32 32.53 9.68
N VAL H 438 -18.20 31.65 9.19
CA VAL H 438 -18.28 31.38 7.76
C VAL H 438 -18.87 32.57 7.04
N ASP H 439 -18.26 32.95 5.92
CA ASP H 439 -18.71 34.05 5.09
C ASP H 439 -18.92 33.54 3.67
N GLY H 440 -19.10 34.48 2.74
CA GLY H 440 -19.44 34.11 1.38
C GLY H 440 -18.40 33.20 0.74
N ASP H 441 -17.12 33.54 0.88
CA ASP H 441 -16.08 32.73 0.24
C ASP H 441 -15.96 31.36 0.87
N LEU H 442 -15.93 31.30 2.21
CA LEU H 442 -15.81 30.01 2.89
C LEU H 442 -17.01 29.12 2.61
N LEU H 443 -18.22 29.71 2.64
CA LEU H 443 -19.41 28.94 2.31
C LEU H 443 -19.37 28.45 0.87
N LEU H 444 -18.95 29.30 -0.06
CA LEU H 444 -18.94 28.95 -1.47
C LEU H 444 -17.83 27.97 -1.81
N ARG H 445 -16.83 27.81 -0.95
CA ARG H 445 -15.79 26.80 -1.13
C ARG H 445 -15.82 25.73 -0.05
N LEU H 446 -16.98 25.53 0.58
CA LEU H 446 -17.10 24.54 1.64
C LEU H 446 -16.93 23.13 1.08
N THR H 447 -16.29 22.27 1.86
CA THR H 447 -15.99 20.90 1.46
C THR H 447 -16.70 19.91 2.37
N GLU H 448 -16.60 18.63 1.99
CA GLU H 448 -17.27 17.57 2.74
C GLU H 448 -16.68 17.41 4.14
N GLU H 449 -15.35 17.36 4.22
CA GLU H 449 -14.71 17.12 5.51
C GLU H 449 -14.89 18.27 6.47
N GLU H 450 -14.93 19.51 5.96
CA GLU H 450 -15.18 20.66 6.82
C GLU H 450 -16.56 20.57 7.46
N LEU H 451 -17.56 20.19 6.66
CA LEU H 451 -18.90 19.98 7.21
C LEU H 451 -18.91 18.84 8.21
N GLN H 452 -18.20 17.74 7.90
CA GLN H 452 -18.23 16.57 8.76
C GLN H 452 -17.61 16.86 10.13
N THR H 453 -16.46 17.54 10.14
CA THR H 453 -15.70 17.73 11.38
C THR H 453 -15.94 19.10 12.01
N ASP H 454 -15.70 20.18 11.27
CA ASP H 454 -15.72 21.51 11.87
C ASP H 454 -17.13 21.94 12.24
N LEU H 455 -18.08 21.75 11.32
CA LEU H 455 -19.45 22.23 11.52
C LEU H 455 -20.35 21.21 12.18
N GLY H 456 -19.84 20.01 12.48
CA GLY H 456 -20.63 19.02 13.19
C GLY H 456 -21.82 18.49 12.43
N MET H 457 -21.70 18.34 11.11
CA MET H 457 -22.76 17.75 10.28
C MET H 457 -22.42 16.29 10.09
N LYS H 458 -22.70 15.50 11.12
CA LYS H 458 -22.29 14.09 11.14
C LYS H 458 -23.01 13.29 10.05
N SER H 459 -24.30 13.53 9.87
CA SER H 459 -25.10 12.70 8.96
C SER H 459 -24.68 12.94 7.52
N GLY H 460 -24.38 11.86 6.81
CA GLY H 460 -24.07 11.96 5.39
C GLY H 460 -25.26 12.40 4.56
N ILE H 461 -26.46 11.97 4.94
CA ILE H 461 -27.66 12.42 4.24
C ILE H 461 -27.86 13.91 4.43
N THR H 462 -27.64 14.40 5.65
CA THR H 462 -27.75 15.83 5.91
C THR H 462 -26.70 16.60 5.12
N ARG H 463 -25.47 16.06 5.03
CA ARG H 463 -24.43 16.71 4.24
C ARG H 463 -24.80 16.74 2.76
N LYS H 464 -25.39 15.66 2.25
CA LYS H 464 -25.81 15.66 0.85
C LYS H 464 -26.92 16.66 0.60
N ARG H 465 -27.86 16.78 1.55
CA ARG H 465 -28.91 17.80 1.42
C ARG H 465 -28.33 19.20 1.44
N PHE H 466 -27.37 19.45 2.33
CA PHE H 466 -26.71 20.75 2.39
C PHE H 466 -25.98 21.04 1.08
N PHE H 467 -25.31 20.04 0.51
CA PHE H 467 -24.60 20.26 -0.74
C PHE H 467 -25.56 20.48 -1.91
N ARG H 468 -26.73 19.83 -1.88
CA ARG H 468 -27.75 20.13 -2.89
C ARG H 468 -28.22 21.58 -2.77
N GLU H 469 -28.46 22.04 -1.55
CA GLU H 469 -28.84 23.42 -1.34
C GLU H 469 -27.74 24.37 -1.80
N LEU H 470 -26.48 24.03 -1.51
CA LEU H 470 -25.36 24.85 -1.92
C LEU H 470 -25.22 24.90 -3.44
N THR H 471 -25.47 23.77 -4.11
CA THR H 471 -25.47 23.77 -5.58
C THR H 471 -26.58 24.66 -6.12
N GLU H 472 -27.76 24.59 -5.51
CA GLU H 472 -28.85 25.48 -5.92
C GLU H 472 -28.46 26.94 -5.74
N LEU H 473 -27.79 27.25 -4.64
CA LEU H 473 -27.32 28.62 -4.41
C LEU H 473 -26.28 29.03 -5.45
N LYS H 474 -25.32 28.15 -5.73
CA LYS H 474 -24.26 28.48 -6.68
C LYS H 474 -24.79 28.65 -8.10
N THR H 475 -25.89 27.96 -8.43
CA THR H 475 -26.52 28.18 -9.73
C THR H 475 -27.05 29.61 -9.84
N PHE H 476 -27.66 30.12 -8.77
CA PHE H 476 -28.17 31.49 -8.74
C PHE H 476 -27.23 32.33 -7.88
N ALA H 477 -26.17 32.83 -8.53
CA ALA H 477 -25.17 33.64 -7.84
C ALA H 477 -24.61 34.69 -8.81
N ASN H 478 -24.17 35.79 -8.23
CA ASN H 478 -23.56 36.88 -8.99
C ASN H 478 -22.04 36.78 -8.82
N TYR H 479 -21.37 36.28 -9.85
CA TYR H 479 -19.93 36.08 -9.83
C TYR H 479 -19.16 37.23 -10.48
N SER H 480 -19.84 38.34 -10.78
CA SER H 480 -19.18 39.45 -11.46
C SER H 480 -18.02 40.01 -10.66
N THR H 481 -18.11 39.98 -9.33
CA THR H 481 -17.01 40.46 -8.50
C THR H 481 -15.76 39.60 -8.64
N CYS H 482 -15.90 38.35 -9.06
CA CYS H 482 -14.76 37.45 -9.21
C CYS H 482 -14.54 36.95 -10.62
N ASP H 483 -15.59 36.80 -11.43
CA ASP H 483 -15.44 36.32 -12.80
C ASP H 483 -14.93 37.46 -13.68
N ARG H 484 -13.86 37.18 -14.42
CA ARG H 484 -13.29 38.17 -15.32
C ARG H 484 -13.62 37.89 -16.78
N SER H 485 -13.64 36.63 -17.19
CA SER H 485 -13.90 36.26 -18.57
C SER H 485 -15.34 35.79 -18.80
N ASN H 486 -16.24 36.08 -17.85
CA ASN H 486 -17.63 35.62 -17.94
C ASN H 486 -17.70 34.10 -18.11
N LEU H 487 -16.87 33.39 -17.34
CA LEU H 487 -16.81 31.94 -17.43
C LEU H 487 -18.11 31.29 -16.99
N ALA H 488 -18.90 31.96 -16.16
CA ALA H 488 -20.20 31.43 -15.77
C ALA H 488 -21.10 31.26 -16.97
N ASP H 489 -21.08 32.21 -17.90
CA ASP H 489 -21.88 32.09 -19.12
C ASP H 489 -21.45 30.89 -19.95
N TRP H 490 -20.15 30.66 -20.07
CA TRP H 490 -19.66 29.51 -20.82
C TRP H 490 -20.09 28.20 -20.16
N LEU H 491 -19.95 28.12 -18.83
CA LEU H 491 -20.36 26.91 -18.12
C LEU H 491 -21.86 26.66 -18.26
N GLY H 492 -22.66 27.72 -18.18
CA GLY H 492 -24.09 27.57 -18.37
C GLY H 492 -24.45 27.16 -19.79
N SER H 493 -23.71 27.67 -20.77
CA SER H 493 -23.92 27.26 -22.14
C SER H 493 -23.62 25.77 -22.33
N LEU H 494 -22.58 25.28 -21.66
CA LEU H 494 -22.33 23.84 -21.66
C LEU H 494 -23.48 23.08 -21.04
N ASP H 495 -23.93 23.52 -19.87
CA ASP H 495 -25.02 22.89 -19.13
C ASP H 495 -25.46 23.84 -18.02
N PRO H 496 -26.76 24.05 -17.83
CA PRO H 496 -27.21 24.93 -16.74
C PRO H 496 -26.72 24.50 -15.37
N ARG H 497 -26.53 23.19 -15.15
CA ARG H 497 -26.03 22.72 -13.87
C ARG H 497 -24.52 22.86 -13.74
N PHE H 498 -23.81 23.17 -14.83
CA PHE H 498 -22.36 23.33 -14.77
C PHE H 498 -21.93 24.66 -14.18
N ARG H 499 -22.86 25.61 -14.02
CA ARG H 499 -22.49 26.94 -13.53
C ARG H 499 -22.03 26.92 -12.07
N GLN H 500 -22.36 25.86 -11.33
CA GLN H 500 -21.98 25.79 -9.92
C GLN H 500 -20.46 25.75 -9.73
N TYR H 501 -19.70 25.35 -10.74
CA TYR H 501 -18.25 25.26 -10.63
C TYR H 501 -17.55 26.55 -11.00
N THR H 502 -18.30 27.62 -11.28
CA THR H 502 -17.68 28.88 -11.69
C THR H 502 -16.79 29.45 -10.61
N TYR H 503 -17.26 29.44 -9.36
CA TYR H 503 -16.45 30.01 -8.28
C TYR H 503 -15.19 29.18 -8.05
N GLY H 504 -15.29 27.86 -8.13
CA GLY H 504 -14.10 27.03 -8.01
C GLY H 504 -13.10 27.32 -9.11
N LEU H 505 -13.57 27.42 -10.35
CA LEU H 505 -12.66 27.68 -11.46
C LEU H 505 -12.03 29.06 -11.35
N VAL H 506 -12.78 30.05 -10.85
CA VAL H 506 -12.22 31.39 -10.67
C VAL H 506 -11.19 31.41 -9.55
N SER H 507 -11.53 30.79 -8.40
CA SER H 507 -10.60 30.77 -7.28
C SER H 507 -9.33 30.01 -7.63
N CYS H 508 -9.40 29.08 -8.58
CA CYS H 508 -8.19 28.45 -9.09
C CYS H 508 -7.39 29.37 -10.00
N GLY H 509 -7.94 30.55 -10.35
CA GLY H 509 -7.28 31.46 -11.25
C GLY H 509 -7.55 31.22 -12.71
N LEU H 510 -8.42 30.27 -13.04
CA LEU H 510 -8.69 29.93 -14.44
C LEU H 510 -9.64 30.93 -15.07
N ASP H 511 -9.50 31.08 -16.38
CA ASP H 511 -10.44 31.87 -17.18
C ASP H 511 -10.70 31.17 -18.51
N ARG H 512 -11.29 31.88 -19.47
CA ARG H 512 -11.56 31.26 -20.77
C ARG H 512 -10.27 30.85 -21.48
N SER H 513 -9.25 31.71 -21.43
CA SER H 513 -8.01 31.41 -22.12
C SER H 513 -7.26 30.26 -21.46
N LEU H 514 -7.35 30.13 -20.14
CA LEU H 514 -6.56 29.14 -19.42
C LEU H 514 -7.15 27.74 -19.45
N LEU H 515 -8.41 27.59 -19.83
CA LEU H 515 -9.06 26.28 -19.78
C LEU H 515 -8.55 25.31 -20.84
N HIS H 516 -7.82 25.80 -21.85
CA HIS H 516 -7.35 24.90 -22.90
C HIS H 516 -6.24 23.98 -22.40
N ARG H 517 -5.55 24.36 -21.33
CA ARG H 517 -4.43 23.59 -20.81
C ARG H 517 -4.74 22.87 -19.50
N VAL H 518 -5.99 22.93 -19.03
CA VAL H 518 -6.34 22.31 -17.77
C VAL H 518 -6.40 20.79 -17.92
N SER H 519 -6.01 20.09 -16.86
CA SER H 519 -6.03 18.63 -16.83
C SER H 519 -7.09 18.12 -15.88
N GLU H 520 -7.39 16.83 -16.00
CA GLU H 520 -8.43 16.21 -15.17
C GLU H 520 -8.06 16.24 -13.70
N GLN H 521 -6.80 15.90 -13.38
CA GLN H 521 -6.37 15.87 -12.00
C GLN H 521 -6.43 17.24 -11.36
N GLN H 522 -6.03 18.28 -12.10
CA GLN H 522 -6.11 19.65 -11.58
C GLN H 522 -7.55 20.02 -11.27
N LEU H 523 -8.46 19.70 -12.19
CA LEU H 523 -9.88 19.97 -11.96
C LEU H 523 -10.35 19.29 -10.68
N LEU H 524 -10.11 17.98 -10.56
CA LEU H 524 -10.60 17.24 -9.42
C LEU H 524 -10.03 17.76 -8.10
N GLU H 525 -8.72 18.04 -8.08
CA GLU H 525 -8.09 18.42 -6.83
C GLU H 525 -8.43 19.85 -6.42
N ASP H 526 -8.42 20.79 -7.37
CA ASP H 526 -8.54 22.20 -7.04
C ASP H 526 -9.94 22.76 -7.26
N CYS H 527 -10.54 22.51 -8.43
CA CYS H 527 -11.82 23.11 -8.75
C CYS H 527 -13.00 22.45 -8.04
N GLY H 528 -12.78 21.31 -7.39
CA GLY H 528 -13.83 20.67 -6.63
C GLY H 528 -14.91 20.02 -7.45
N ILE H 529 -14.63 19.69 -8.71
CA ILE H 529 -15.61 19.01 -9.56
C ILE H 529 -15.47 17.51 -9.30
N HIS H 530 -16.22 17.01 -8.31
CA HIS H 530 -16.05 15.62 -7.89
C HIS H 530 -16.56 14.65 -8.94
N LEU H 531 -17.64 15.00 -9.63
CA LEU H 531 -18.20 14.09 -10.63
C LEU H 531 -17.28 14.01 -11.84
N GLY H 532 -16.85 12.78 -12.16
CA GLY H 532 -15.94 12.60 -13.29
C GLY H 532 -16.57 12.94 -14.63
N VAL H 533 -17.87 12.70 -14.77
CA VAL H 533 -18.55 13.02 -16.03
C VAL H 533 -18.50 14.51 -16.29
N HIS H 534 -18.74 15.33 -15.27
CA HIS H 534 -18.67 16.78 -15.43
C HIS H 534 -17.28 17.22 -15.81
N ARG H 535 -16.25 16.64 -15.17
CA ARG H 535 -14.88 16.99 -15.49
C ARG H 535 -14.55 16.64 -16.94
N ALA H 536 -14.94 15.45 -17.39
CA ALA H 536 -14.66 15.04 -18.76
C ALA H 536 -15.39 15.95 -19.75
N ARG H 537 -16.65 16.28 -19.48
CA ARG H 537 -17.40 17.15 -20.37
C ARG H 537 -16.75 18.53 -20.45
N ILE H 538 -16.37 19.09 -19.29
CA ILE H 538 -15.76 20.42 -19.28
C ILE H 538 -14.45 20.42 -20.06
N LEU H 539 -13.61 19.41 -19.82
CA LEU H 539 -12.32 19.33 -20.51
C LEU H 539 -12.52 19.22 -22.02
N THR H 540 -13.38 18.29 -22.45
CA THR H 540 -13.58 18.08 -23.88
C THR H 540 -14.16 19.33 -24.54
N ALA H 541 -15.16 19.95 -23.91
CA ALA H 541 -15.78 21.13 -24.49
C ALA H 541 -14.80 22.29 -24.55
N ALA H 542 -13.99 22.48 -23.51
CA ALA H 542 -13.00 23.55 -23.53
C ALA H 542 -11.98 23.32 -24.64
N ARG H 543 -11.48 22.10 -24.77
CA ARG H 543 -10.49 21.82 -25.80
C ARG H 543 -11.08 22.01 -27.19
N GLU H 544 -12.36 21.65 -27.37
CA GLU H 544 -12.96 21.77 -28.70
C GLU H 544 -13.31 23.21 -29.03
N MET H 545 -13.71 24.00 -28.03
CA MET H 545 -14.22 25.35 -28.30
C MET H 545 -13.10 26.38 -28.35
N LEU H 546 -12.19 26.34 -27.37
CA LEU H 546 -11.14 27.36 -27.30
C LEU H 546 -10.17 27.25 -28.48
N HIS H 547 -10.07 26.07 -29.10
CA HIS H 547 -9.21 25.89 -30.25
C HIS H 547 -9.88 25.00 -31.30
N THR H 561 -0.64 59.77 -28.15
CA THR H 561 -0.90 60.69 -29.25
C THR H 561 -2.39 60.96 -29.43
N PRO H 562 -2.95 61.85 -28.62
CA PRO H 562 -4.37 62.16 -28.73
C PRO H 562 -4.70 62.79 -30.07
N ASP H 563 -5.88 62.48 -30.59
CA ASP H 563 -6.32 63.10 -31.84
C ASP H 563 -6.72 64.55 -31.64
N VAL H 564 -7.38 64.85 -30.52
CA VAL H 564 -7.87 66.19 -30.23
C VAL H 564 -7.42 66.58 -28.83
N PHE H 565 -7.02 67.83 -28.67
CA PHE H 565 -6.72 68.41 -27.37
C PHE H 565 -7.73 69.51 -27.05
N ILE H 566 -8.06 69.64 -25.77
CA ILE H 566 -9.12 70.54 -25.31
C ILE H 566 -8.50 71.65 -24.47
N SER H 567 -8.82 72.89 -24.81
CA SER H 567 -8.43 74.06 -24.04
C SER H 567 -9.71 74.71 -23.50
N TYR H 568 -9.85 74.70 -22.17
CA TYR H 568 -11.09 75.11 -21.53
C TYR H 568 -10.82 75.93 -20.28
N ARG H 569 -11.82 76.70 -19.87
CA ARG H 569 -11.74 77.49 -18.66
C ARG H 569 -12.10 76.63 -17.44
N ARG H 570 -11.77 77.15 -16.25
CA ARG H 570 -11.96 76.38 -15.02
C ARG H 570 -13.43 76.05 -14.77
N ASN H 571 -14.31 77.05 -14.94
CA ASN H 571 -15.72 76.89 -14.62
C ASN H 571 -16.60 76.93 -15.86
N SER H 572 -16.50 77.97 -16.68
CA SER H 572 -17.39 78.12 -17.82
C SER H 572 -17.19 77.02 -18.85
N GLY H 573 -15.94 76.65 -19.13
CA GLY H 573 -15.66 75.71 -20.19
C GLY H 573 -15.71 74.24 -19.79
N SER H 574 -15.92 73.95 -18.50
CA SER H 574 -15.83 72.56 -18.04
C SER H 574 -16.91 71.70 -18.67
N GLN H 575 -18.16 72.15 -18.60
CA GLN H 575 -19.27 71.35 -19.14
C GLN H 575 -19.11 71.12 -20.63
N LEU H 576 -18.80 72.18 -21.38
CA LEU H 576 -18.66 72.06 -22.82
C LEU H 576 -17.49 71.17 -23.19
N ALA H 577 -16.37 71.28 -22.46
CA ALA H 577 -15.22 70.41 -22.72
C ALA H 577 -15.56 68.96 -22.45
N SER H 578 -16.26 68.68 -21.36
CA SER H 578 -16.65 67.30 -21.06
C SER H 578 -17.55 66.74 -22.15
N LEU H 579 -18.56 67.51 -22.56
CA LEU H 579 -19.46 67.04 -23.60
C LEU H 579 -18.71 66.81 -24.91
N LEU H 580 -17.82 67.74 -25.28
CA LEU H 580 -17.06 67.58 -26.52
C LEU H 580 -16.21 66.32 -26.49
N LYS H 581 -15.46 66.11 -25.40
CA LYS H 581 -14.58 64.95 -25.33
C LYS H 581 -15.38 63.66 -25.35
N VAL H 582 -16.49 63.61 -24.60
CA VAL H 582 -17.28 62.39 -24.53
C VAL H 582 -17.90 62.08 -25.89
N HIS H 583 -18.43 63.11 -26.56
CA HIS H 583 -19.02 62.91 -27.88
C HIS H 583 -17.97 62.45 -28.88
N LEU H 584 -16.77 63.04 -28.84
CA LEU H 584 -15.72 62.63 -29.78
C LEU H 584 -15.27 61.20 -29.50
N GLN H 585 -15.17 60.81 -28.22
CA GLN H 585 -14.83 59.44 -27.89
C GLN H 585 -15.90 58.45 -28.34
N LEU H 586 -17.17 58.86 -28.24
CA LEU H 586 -18.26 57.99 -28.70
C LEU H 586 -18.16 57.74 -30.20
N HIS H 587 -17.62 58.69 -30.94
CA HIS H 587 -17.50 58.58 -32.39
C HIS H 587 -16.16 58.01 -32.83
N GLY H 588 -15.31 57.61 -31.90
CA GLY H 588 -14.03 57.01 -32.22
C GLY H 588 -12.85 57.95 -32.25
N PHE H 589 -12.99 59.16 -31.73
CA PHE H 589 -11.90 60.13 -31.72
C PHE H 589 -11.28 60.16 -30.34
N SER H 590 -9.99 59.83 -30.26
CA SER H 590 -9.28 59.84 -28.99
C SER H 590 -8.92 61.26 -28.60
N VAL H 591 -9.41 61.70 -27.43
CA VAL H 591 -9.22 63.06 -26.95
C VAL H 591 -8.64 63.00 -25.54
N PHE H 592 -7.59 63.78 -25.30
CA PHE H 592 -6.94 63.87 -24.01
C PHE H 592 -7.25 65.23 -23.39
N ILE H 593 -8.01 65.23 -22.31
CA ILE H 593 -8.31 66.44 -21.55
C ILE H 593 -7.63 66.32 -20.19
N ASP H 594 -6.88 67.36 -19.82
CA ASP H 594 -6.08 67.33 -18.59
C ASP H 594 -6.96 67.63 -17.38
N VAL H 595 -7.11 66.64 -16.51
CA VAL H 595 -7.88 66.76 -15.27
C VAL H 595 -9.30 67.25 -15.53
N GLU H 604 3.48 72.74 -16.81
CA GLU H 604 3.98 73.59 -17.90
C GLU H 604 4.86 72.78 -18.84
N ASP H 605 5.84 72.06 -18.28
CA ASP H 605 6.68 71.19 -19.10
C ASP H 605 5.87 70.08 -19.74
N LYS H 606 4.95 69.47 -18.98
CA LYS H 606 4.06 68.47 -19.54
C LYS H 606 3.04 69.11 -20.47
N LEU H 607 2.75 70.40 -20.29
CA LEU H 607 1.77 71.08 -21.14
C LEU H 607 2.25 71.15 -22.59
N ILE H 608 3.53 71.45 -22.79
CA ILE H 608 4.06 71.58 -24.15
C ILE H 608 3.99 70.24 -24.87
N GLN H 609 4.40 69.17 -24.18
CA GLN H 609 4.39 67.85 -24.81
C GLN H 609 2.97 67.37 -25.09
N SER H 610 2.02 67.71 -24.20
CA SER H 610 0.63 67.33 -24.43
C SER H 610 0.07 67.97 -25.70
N VAL H 611 0.38 69.25 -25.91
CA VAL H 611 -0.09 69.94 -27.11
C VAL H 611 0.64 69.40 -28.34
N MET H 612 1.95 69.14 -28.21
CA MET H 612 2.72 68.63 -29.34
C MET H 612 2.20 67.27 -29.80
N GLY H 613 1.86 66.39 -28.84
CA GLY H 613 1.35 65.08 -29.19
C GLY H 613 -0.06 65.08 -29.72
N ALA H 614 -0.78 66.19 -29.58
CA ALA H 614 -2.15 66.27 -30.07
C ALA H 614 -2.17 66.36 -31.59
N ARG H 615 -2.90 65.44 -32.23
CA ARG H 615 -3.02 65.47 -33.68
C ARG H 615 -3.73 66.74 -34.15
N ASN H 616 -4.81 67.11 -33.48
CA ASN H 616 -5.54 68.34 -33.76
C ASN H 616 -5.77 69.09 -32.46
N PHE H 617 -5.80 70.41 -32.55
CA PHE H 617 -6.04 71.27 -31.40
C PHE H 617 -7.40 71.95 -31.58
N VAL H 618 -8.31 71.71 -30.64
CA VAL H 618 -9.64 72.31 -30.64
C VAL H 618 -9.80 73.03 -29.31
N LEU H 619 -9.67 74.35 -29.33
CA LEU H 619 -9.85 75.15 -28.13
C LEU H 619 -11.32 75.47 -27.93
N VAL H 620 -11.77 75.35 -26.69
CA VAL H 620 -13.18 75.61 -26.35
C VAL H 620 -13.34 77.10 -26.11
N LEU H 621 -14.03 77.78 -27.02
CA LEU H 621 -14.30 79.21 -26.88
C LEU H 621 -15.62 79.34 -26.11
N SER H 622 -15.52 79.08 -24.82
CA SER H 622 -16.64 79.21 -23.89
C SER H 622 -16.90 80.68 -23.60
N PRO H 623 -18.08 81.01 -23.05
CA PRO H 623 -18.34 82.41 -22.67
C PRO H 623 -17.24 82.99 -21.78
N GLY H 624 -16.52 83.98 -22.30
CA GLY H 624 -15.39 84.55 -21.59
C GLY H 624 -14.23 83.59 -21.43
N ALA H 625 -13.95 82.77 -22.44
CA ALA H 625 -12.84 81.82 -22.35
C ALA H 625 -11.49 82.52 -22.48
N LEU H 626 -11.39 83.48 -23.39
CA LEU H 626 -10.15 84.19 -23.64
C LEU H 626 -10.03 85.48 -22.84
N ASP H 627 -10.94 85.70 -21.88
CA ASP H 627 -10.86 86.89 -21.03
C ASP H 627 -9.57 86.91 -20.23
N LYS H 628 -9.18 85.77 -19.66
CA LYS H 628 -7.90 85.69 -18.97
C LYS H 628 -6.74 85.74 -19.95
N CYS H 629 -6.90 85.10 -21.11
CA CYS H 629 -5.86 85.13 -22.14
C CYS H 629 -5.80 86.45 -22.89
N MET H 630 -6.76 87.35 -22.67
CA MET H 630 -6.72 88.66 -23.30
C MET H 630 -5.52 89.45 -22.78
N GLN H 631 -4.87 90.17 -23.69
CA GLN H 631 -3.67 90.98 -23.41
C GLN H 631 -2.66 90.22 -22.55
N ASP H 632 -2.57 88.91 -22.74
CA ASP H 632 -1.66 88.07 -21.96
C ASP H 632 -0.34 87.92 -22.73
N HIS H 633 0.38 89.04 -22.80
CA HIS H 633 1.67 89.05 -23.47
C HIS H 633 2.78 88.43 -22.62
N ASP H 634 2.55 88.29 -21.32
CA ASP H 634 3.54 87.69 -20.43
C ASP H 634 3.46 86.17 -20.39
N CYS H 635 2.48 85.57 -21.09
CA CYS H 635 2.31 84.12 -21.14
C CYS H 635 2.14 83.53 -19.74
N LYS H 636 1.42 84.24 -18.89
CA LYS H 636 1.20 83.77 -17.52
C LYS H 636 0.21 82.61 -17.49
N ASP H 637 -0.88 82.71 -18.25
CA ASP H 637 -1.91 81.69 -18.24
C ASP H 637 -1.40 80.40 -18.88
N TRP H 638 -1.77 79.27 -18.28
CA TRP H 638 -1.45 77.98 -18.89
C TRP H 638 -2.23 77.76 -20.17
N VAL H 639 -3.47 78.26 -20.23
CA VAL H 639 -4.23 78.22 -21.47
C VAL H 639 -3.54 79.02 -22.55
N HIS H 640 -2.95 80.16 -22.18
CA HIS H 640 -2.14 80.92 -23.11
C HIS H 640 -0.96 80.09 -23.63
N LYS H 641 -0.32 79.32 -22.74
CA LYS H 641 0.76 78.45 -23.15
C LYS H 641 0.28 77.39 -24.13
N GLU H 642 -0.90 76.81 -23.87
CA GLU H 642 -1.46 75.82 -24.80
C GLU H 642 -1.72 76.44 -26.17
N ILE H 643 -2.29 77.64 -26.20
CA ILE H 643 -2.58 78.29 -27.48
C ILE H 643 -1.30 78.58 -28.24
N VAL H 644 -0.28 79.09 -27.54
CA VAL H 644 0.99 79.42 -28.20
C VAL H 644 1.65 78.15 -28.72
N THR H 645 1.62 77.07 -27.94
CA THR H 645 2.23 75.82 -28.38
C THR H 645 1.51 75.25 -29.59
N ALA H 646 0.17 75.33 -29.59
CA ALA H 646 -0.60 74.86 -30.74
C ALA H 646 -0.28 75.68 -31.98
N LEU H 647 -0.16 77.00 -31.82
CA LEU H 647 0.20 77.85 -32.95
C LEU H 647 1.59 77.52 -33.47
N SER H 648 2.54 77.26 -32.58
CA SER H 648 3.89 76.87 -33.01
C SER H 648 3.85 75.54 -33.75
N CYS H 649 3.05 74.58 -33.26
CA CYS H 649 2.92 73.31 -33.95
C CYS H 649 2.07 73.41 -35.21
N GLY H 650 1.13 74.34 -35.24
CA GLY H 650 0.28 74.52 -36.41
C GLY H 650 -0.66 73.37 -36.68
N LYS H 651 -1.27 72.80 -35.63
CA LYS H 651 -2.20 71.71 -35.81
C LYS H 651 -3.53 72.23 -36.34
N ASN H 652 -4.39 71.30 -36.75
CA ASN H 652 -5.72 71.65 -37.23
C ASN H 652 -6.52 72.28 -36.10
N ILE H 653 -6.97 73.52 -36.33
CA ILE H 653 -7.67 74.30 -35.30
C ILE H 653 -9.10 74.52 -35.76
N VAL H 654 -10.05 74.00 -35.00
CA VAL H 654 -11.48 74.17 -35.28
C VAL H 654 -12.15 74.69 -34.01
N PRO H 655 -12.11 76.00 -33.74
CA PRO H 655 -12.73 76.52 -32.52
C PRO H 655 -14.24 76.34 -32.54
N ILE H 656 -14.82 76.24 -31.34
CA ILE H 656 -16.26 76.10 -31.17
C ILE H 656 -16.77 77.36 -30.49
N ILE H 657 -17.77 77.99 -31.12
CA ILE H 657 -18.26 79.29 -30.67
C ILE H 657 -19.42 79.11 -29.72
N ASP H 658 -19.35 79.76 -28.56
CA ASP H 658 -20.45 79.74 -27.60
C ASP H 658 -20.29 80.92 -26.65
N GLY H 659 -21.24 81.86 -26.71
CA GLY H 659 -21.32 82.93 -25.73
C GLY H 659 -20.13 83.87 -25.66
N PHE H 660 -19.32 83.90 -26.72
CA PHE H 660 -18.16 84.78 -26.74
C PHE H 660 -17.79 85.06 -28.20
N GLU H 661 -17.11 86.20 -28.39
CA GLU H 661 -16.73 86.67 -29.71
C GLU H 661 -15.21 86.63 -29.86
N TRP H 662 -14.76 86.87 -31.08
CA TRP H 662 -13.32 86.89 -31.36
C TRP H 662 -12.70 88.14 -30.75
N PRO H 663 -11.68 88.02 -29.91
CA PRO H 663 -11.03 89.21 -29.36
C PRO H 663 -10.30 90.01 -30.43
N GLU H 664 -10.14 91.30 -30.17
CA GLU H 664 -9.47 92.18 -31.12
C GLU H 664 -8.00 91.80 -31.25
N PRO H 665 -7.48 91.64 -32.47
CA PRO H 665 -6.07 91.25 -32.62
C PRO H 665 -5.08 92.23 -32.01
N GLN H 666 -5.38 93.55 -32.05
CA GLN H 666 -4.41 94.54 -31.62
C GLN H 666 -4.08 94.39 -30.13
N VAL H 667 -5.07 94.08 -29.30
CA VAL H 667 -4.80 93.87 -27.87
C VAL H 667 -4.15 92.52 -27.61
N LEU H 668 -4.14 91.63 -28.60
CA LEU H 668 -3.59 90.29 -28.45
C LEU H 668 -2.19 90.20 -29.05
N PRO H 669 -1.37 89.28 -28.55
CA PRO H 669 -0.06 89.05 -29.19
C PRO H 669 -0.23 88.47 -30.59
N GLU H 670 0.81 88.69 -31.42
CA GLU H 670 0.73 88.30 -32.82
C GLU H 670 0.49 86.80 -33.00
N ASP H 671 1.01 85.98 -32.09
CA ASP H 671 0.80 84.54 -32.20
C ASP H 671 -0.68 84.19 -32.23
N MET H 672 -1.44 84.69 -31.27
CA MET H 672 -2.89 84.49 -31.28
C MET H 672 -3.61 85.48 -32.19
N GLN H 673 -2.91 86.49 -32.71
CA GLN H 673 -3.47 87.24 -33.83
C GLN H 673 -3.62 86.34 -35.05
N ALA H 674 -2.67 85.43 -35.25
CA ALA H 674 -2.74 84.51 -36.38
C ALA H 674 -3.96 83.60 -36.30
N VAL H 675 -4.28 83.11 -35.11
CA VAL H 675 -5.31 82.09 -34.98
C VAL H 675 -6.72 82.66 -35.12
N LEU H 676 -6.89 83.97 -34.94
CA LEU H 676 -8.23 84.56 -34.93
C LEU H 676 -8.92 84.45 -36.28
N THR H 677 -8.20 84.15 -37.35
CA THR H 677 -8.80 84.06 -38.67
C THR H 677 -9.54 82.75 -38.91
N PHE H 678 -9.36 81.75 -38.05
CA PHE H 678 -10.00 80.46 -38.26
C PHE H 678 -11.50 80.55 -37.99
N ASN H 679 -12.26 79.78 -38.77
CA ASN H 679 -13.71 79.75 -38.61
C ASN H 679 -14.10 78.94 -37.37
N GLY H 680 -15.19 79.37 -36.73
CA GLY H 680 -15.70 78.70 -35.55
C GLY H 680 -17.07 78.11 -35.80
N ILE H 681 -17.43 77.12 -34.98
CA ILE H 681 -18.70 76.42 -35.08
C ILE H 681 -19.53 76.72 -33.84
N LYS H 682 -20.76 77.18 -34.05
CA LYS H 682 -21.65 77.49 -32.94
C LYS H 682 -22.10 76.21 -32.23
N TRP H 683 -22.11 76.26 -30.90
CA TRP H 683 -22.56 75.14 -30.09
C TRP H 683 -24.03 75.32 -29.74
N SER H 684 -24.82 74.29 -29.99
CA SER H 684 -26.26 74.31 -29.73
C SER H 684 -26.59 73.32 -28.63
N HIS H 685 -27.23 73.79 -27.56
CA HIS H 685 -27.67 72.90 -26.50
C HIS H 685 -28.86 72.06 -26.94
N GLU H 686 -29.72 72.62 -27.80
CA GLU H 686 -30.85 71.85 -28.32
C GLU H 686 -30.38 70.70 -29.18
N TYR H 687 -29.36 70.92 -30.02
CA TYR H 687 -28.77 69.90 -30.87
C TYR H 687 -27.28 69.82 -30.54
N GLN H 688 -26.95 69.01 -29.53
CA GLN H 688 -25.56 68.80 -29.17
C GLN H 688 -24.91 67.75 -30.06
N GLU H 689 -25.60 66.62 -30.26
CA GLU H 689 -25.07 65.56 -31.10
C GLU H 689 -24.96 66.03 -32.56
N ALA H 690 -25.91 66.83 -33.02
CA ALA H 690 -25.83 67.38 -34.37
C ALA H 690 -24.62 68.31 -34.52
N THR H 691 -24.38 69.14 -33.50
CA THR H 691 -23.20 70.01 -33.54
C THR H 691 -21.92 69.20 -33.56
N ILE H 692 -21.86 68.13 -32.76
CA ILE H 692 -20.68 67.26 -32.77
C ILE H 692 -20.50 66.60 -34.12
N GLU H 693 -21.61 66.18 -34.75
CA GLU H 693 -21.54 65.60 -36.08
C GLU H 693 -21.01 66.59 -37.09
N LYS H 694 -21.45 67.85 -37.00
CA LYS H 694 -20.92 68.89 -37.89
C LYS H 694 -19.43 69.09 -37.66
N ILE H 695 -19.00 69.11 -36.40
CA ILE H 695 -17.57 69.28 -36.10
C ILE H 695 -16.77 68.13 -36.69
N ILE H 696 -17.26 66.90 -36.55
CA ILE H 696 -16.58 65.74 -37.11
C ILE H 696 -16.54 65.84 -38.63
N ARG H 697 -17.64 66.30 -39.23
CA ARG H 697 -17.68 66.47 -40.69
C ARG H 697 -16.61 67.46 -41.15
N PHE H 698 -16.44 68.56 -40.42
CA PHE H 698 -15.37 69.49 -40.72
C PHE H 698 -14.00 68.96 -40.32
N LEU H 699 -13.94 67.94 -39.47
CA LEU H 699 -12.68 67.35 -39.07
C LEU H 699 -12.32 66.18 -39.98
N GLN H 700 -11.15 65.59 -39.72
CA GLN H 700 -10.67 64.46 -40.49
C GLN H 700 -10.83 63.15 -39.72
C15 A1EIV I . -37.08 61.52 0.04
C17 A1EIV I . -37.14 63.87 0.59
C20 A1EIV I . -38.56 62.94 -1.12
O01 A1EIV I . -38.78 58.27 -4.05
C02 A1EIV I . -37.77 58.59 -3.14
C03 A1EIV I . -37.70 60.16 -3.03
O04 A1EIV I . -38.39 60.75 -4.08
C05 A1EIV I . -38.58 60.43 -1.77
O06 A1EIV I . -38.50 59.33 -0.98
C07 A1EIV I . -38.17 58.14 -1.72
C08 A1EIV I . -36.95 57.38 -1.03
O09 A1EIV I . -37.15 56.07 -1.18
P10 A1EIV I . -36.79 54.89 0.24
O11 A1EIV I . -36.30 53.76 -0.62
O12 A1EIV I . -38.21 54.77 0.75
O13 A1EIV I . -35.80 55.68 1.04
N14 A1EIV I . -38.06 61.68 -0.91
C16 A1EIV I . -36.63 62.59 0.79
C18 A1EIV I . -38.13 64.03 -0.39
S19 A1EIV I . -38.83 65.60 -0.70
C15 A1EIV J . 13.81 68.63 16.03
C17 A1EIV J . 15.27 70.21 17.12
C20 A1EIV J . 13.82 70.87 15.31
O01 A1EIV J . 10.92 68.31 11.39
C02 A1EIV J . 11.76 67.67 12.29
C03 A1EIV J . 12.84 68.71 12.76
O04 A1EIV J . 12.87 69.81 11.91
C05 A1EIV J . 12.22 69.23 14.09
O06 A1EIV J . 11.45 68.24 14.60
C07 A1EIV J . 10.99 67.34 13.59
C08 A1EIV J . 11.29 65.83 14.02
O09 A1EIV J . 10.29 65.07 13.59
P10 A1EIV J . 9.59 63.71 14.67
O11 A1EIV J . 9.29 62.75 13.54
O12 A1EIV J . 8.39 64.48 15.21
O13 A1EIV J . 10.74 63.43 15.59
N14 A1EIV J . 13.33 69.59 15.18
C16 A1EIV J . 14.78 68.93 16.99
C18 A1EIV J . 14.79 71.20 16.25
S19 A1EIV J . 15.36 72.85 16.34
C15 A1EIV K . 54.02 36.01 30.75
C17 A1EIV K . 56.03 35.93 32.10
C20 A1EIV K . 55.62 37.74 30.57
O01 A1EIV K . 52.25 38.68 26.31
C02 A1EIV K . 52.33 37.48 27.00
C03 A1EIV K . 53.76 37.40 27.64
O04 A1EIV K . 54.62 38.32 27.07
C05 A1EIV K . 53.50 37.91 29.08
O06 A1EIV K . 52.21 37.63 29.38
C07 A1EIV K . 51.39 37.50 28.21
C08 A1EIV K . 50.54 36.15 28.28
O09 A1EIV K . 49.36 36.37 27.73
P10 A1EIV K . 47.80 35.66 28.51
O11 A1EIV K . 47.08 35.40 27.21
O12 A1EIV K . 47.38 36.90 29.26
O13 A1EIV K . 48.36 34.50 29.28
N14 A1EIV K . 54.43 37.20 30.18
C16 A1EIV K . 54.82 35.38 31.70
C18 A1EIV K . 56.43 37.13 31.51
S19 A1EIV K . 57.94 37.90 31.96
C15 A1EIV L . 60.00 -17.21 35.58
C17 A1EIV L . 61.25 -18.90 36.78
C20 A1EIV L . 62.33 -17.04 35.73
O01 A1EIV L . 61.02 -13.24 31.96
C02 A1EIV L . 60.19 -14.28 32.35
C03 A1EIV L . 61.09 -15.43 32.89
O04 A1EIV L . 62.42 -15.25 32.51
C05 A1EIV L . 61.07 -15.18 34.42
O06 A1EIV L . 59.91 -14.56 34.71
C07 A1EIV L . 59.36 -13.87 33.58
C08 A1EIV L . 57.83 -14.27 33.38
O09 A1EIV L . 57.18 -13.20 32.95
P10 A1EIV L . 55.46 -12.80 33.61
O11 A1EIV L . 54.91 -12.23 32.33
O12 A1EIV L . 55.89 -11.78 34.65
O13 A1EIV L . 55.01 -14.15 34.07
N14 A1EIV L . 61.14 -16.53 35.28
C16 A1EIV L . 60.03 -18.39 36.33
C18 A1EIV L . 62.41 -18.20 36.47
S19 A1EIV L . 63.98 -18.77 37.00
C15 A1EIV M . 28.20 -59.96 27.78
C17 A1EIV M . 27.84 -62.25 28.50
C20 A1EIV M . 30.03 -61.46 27.85
O01 A1EIV M . 32.06 -57.11 25.14
C02 A1EIV M . 30.70 -57.36 25.31
C03 A1EIV M . 30.53 -58.91 25.52
O04 A1EIV M . 31.67 -59.58 25.13
C05 A1EIV M . 30.49 -59.02 27.07
O06 A1EIV M . 30.01 -57.86 27.56
C07 A1EIV M . 30.21 -56.76 26.65
C08 A1EIV M . 28.84 -55.97 26.43
O09 A1EIV M . 29.14 -54.69 26.28
P10 A1EIV M . 28.06 -53.37 27.10
O11 A1EIV M . 28.20 -52.35 26.00
O12 A1EIV M . 28.91 -53.15 28.33
O13 A1EIV M . 26.77 -54.11 27.25
N14 A1EIV M . 29.54 -60.20 27.59
C16 A1EIV M . 27.35 -60.98 28.24
C18 A1EIV M . 29.21 -62.48 28.30
S19 A1EIV M . 29.91 -64.05 28.61
C15 A1EIV N . -22.72 -67.15 11.80
C17 A1EIV N . -24.59 -68.66 11.99
C20 A1EIV N . -22.38 -69.45 11.44
O01 A1EIV N . -17.66 -67.20 9.70
C02 A1EIV N . -18.85 -66.50 9.88
C03 A1EIV N . -20.03 -67.52 9.74
O04 A1EIV N . -19.59 -68.70 9.15
C05 A1EIV N . -20.32 -67.89 11.22
O06 A1EIV N . -19.95 -66.84 11.98
C07 A1EIV N . -18.96 -66.02 11.34
C08 A1EIV N . -19.42 -64.49 11.38
O09 A1EIV N . -18.33 -63.74 11.52
P10 A1EIV N . -18.33 -62.25 12.67
O11 A1EIV N . -17.42 -61.40 11.84
O12 A1EIV N . -17.71 -62.92 13.87
O13 A1EIV N . -19.80 -61.93 12.72
N14 A1EIV N . -21.87 -68.18 11.50
C16 A1EIV N . -24.07 -67.38 12.05
C18 A1EIV N . -23.72 -69.71 11.68
S19 A1EIV N . -24.30 -71.37 11.59
C15 A1EIV O . -62.94 -34.51 -2.92
C17 A1EIV O . -65.36 -34.37 -3.00
C20 A1EIV O . -64.19 -36.30 -3.82
O01 A1EIV O . -59.00 -37.56 -5.21
C02 A1EIV O . -59.43 -36.29 -4.81
C03 A1EIV O . -60.96 -36.19 -5.13
O04 A1EIV O . -61.36 -37.21 -6.00
C05 A1EIV O . -61.60 -36.55 -3.76
O06 A1EIV O . -60.72 -36.20 -2.80
C07 A1EIV O . -59.37 -36.16 -3.28
C08 A1EIV O . -58.68 -34.78 -2.87
O09 A1EIV O . -57.41 -35.02 -2.62
P10 A1EIV O . -56.57 -34.18 -1.15
O11 A1EIV O . -55.22 -34.02 -1.81
O12 A1EIV O . -56.70 -35.32 -0.16
O13 A1EIV O . -57.42 -32.96 -0.97
N14 A1EIV O . -62.97 -35.76 -3.49
C16 A1EIV O . -64.13 -33.81 -2.68
C18 A1EIV O . -65.37 -35.63 -3.59
S19 A1EIV O . -66.89 -36.39 -4.03
C15 A1EIV P . -68.91 18.74 -7.85
C17 A1EIV P . -70.57 20.49 -7.78
C20 A1EIV P . -70.90 18.49 -9.08
O01 A1EIV P . -67.76 14.38 -10.97
C02 A1EIV P . -67.28 15.48 -10.28
C03 A1EIV P . -68.29 16.67 -10.49
O04 A1EIV P . -69.15 16.40 -11.55
C05 A1EIV P . -69.18 16.56 -9.21
O06 A1EIV P . -68.42 16.02 -8.23
C07 A1EIV P . -67.34 15.22 -8.76
C08 A1EIV P . -65.96 15.65 -8.07
O09 A1EIV P . -65.22 14.56 -7.94
P10 A1EIV P . -64.22 14.30 -6.37
O11 A1EIV P . -63.05 13.62 -7.04
O12 A1EIV P . -65.19 13.38 -5.67
O13 A1EIV P . -64.07 15.70 -5.86
N14 A1EIV P . -69.68 17.99 -8.70
C16 A1EIV P . -69.34 19.99 -7.39
C18 A1EIV P . -71.36 19.73 -8.64
S19 A1EIV P . -72.92 20.31 -9.17
#